data_6ERQ
#
_entry.id   6ERQ
#
_cell.length_a   103.620
_cell.length_b   197.730
_cell.length_c   134.340
_cell.angle_alpha   90.00
_cell.angle_beta   99.39
_cell.angle_gamma   90.00
#
_symmetry.space_group_name_H-M   'P 1 21 1'
#
loop_
_entity.id
_entity.type
_entity.pdbx_description
1 polymer 'Transcription factor A, mitochondrial'
2 polymer 'Non-Template DNA'
3 polymer 'Template DNA'
4 polymer 'DNA-directed RNA polymerase, mitochondrial'
5 polymer 'Dimethyladenosine transferase 2, mitochondrial'
#
loop_
_entity_poly.entity_id
_entity_poly.type
_entity_poly.pdbx_seq_one_letter_code
_entity_poly.pdbx_strand_id
1 'polypeptide(L)'
;NASSVLASSPKKPVSSYLRFSKEQLPIFKAQNPDAKTTELIRRIAQRWRELPDSKKKIYQDAYRAEWQVYKEEISRFKEQ
LTPSQIMSLEKEIMDKHLKRKAMTKKKELTLLGKPKRPRSAYNVYVAERFQEAKGDSPQEKLKTVKENWKNLSDSEKELY
IQHAKEDETRYHNEMKSWEEQMIEVGRKDLLRRTIKKQRKYGAEE
;
C,G
2 'polydeoxyribonucleotide'
;(DC)(DA)(DC)(DC)(DG)(DC)(DT)(DG)(DC)(DT)(DA)(DA)(DC)(DC)(DC)(DC)(DA)(DT)(DA)(DC)
(DC)(DC)(DC)(DG)(DA)(DA)(DC)(DC)(DA)(DA)(DC)(DC)(DA)(DA)(DA)(DT)(DT)(DA)(DT)(DC)
(DC)(DC)(DG)(DA)(DC)(DA)(DG)(DG)(DC)(DC)
;
D,H
3 'polydeoxyribonucleotide'
;(DG)(DG)(DC)(DC)(DT)(DG)(DT)(DC)(DT)(DT)(DT)(DG)(DG)(DG)(DG)(DT)(DT)(DT)(DG)(DG)
(DT)(DT)(DG)(DG)(DT)(DT)(DC)(DG)(DG)(DG)(DG)(DT)(DA)(DT)(DG)(DG)(DG)(DG)(DT)(DT)
(DA)(DG)(DC)(DA)(DG)(DC)(DG)(DG)(DT)(DG)
;
E,I
4 'polypeptide(L)'
;NARKVQMGAKDATPVPCGRWAKILEKDKRTQQMRMQRLKAKLQMPFQSGEFKALTRRLQVEPRLLSKQMAGCLEDCTRQA
PESPWEEQLARLLQEAPGKLSLDVEQAPSGQHSQAQLSGQQQRLLAFFKCCLLTDQLPLAHHLLVVHHGQRQKRKLLTLD
MYNAVMLGWARQGAFKELVYVLFMVKDAGLTPDLLSYAAALQCMGRQDQDAGTIERCLEQMSQEGLKLQALFTAVLLSEE
DRATVLKAVHKVKPTFSLPPQLPPPVNTSKLLRDVYAKDGRVSYPKLHLPLKTLQCLFEKQLHMELASRVCVVSVEKPTL
PSKEVKHARKTLKTLRDQWEKALCRALRETKNRLEREVYEGRFSLYPFLCLLDEREVVRMLLQVLQALPAQGESFTTLAR
ELSARTFSRHVVQRQRVSGQVQALQNHYRKYLCLLASDAEVPEPCLPRQYWEALGAPEALREQPWPLPVQMELGKLLAEM
LVQATQMPCSLDKPHRSSRLVPVLYHVYSFRNVQQIGILKPHPAYVQLLEKAAEPTLTFEAVDVPMLCPPLPWTSPHSGA
FLLSPTKLMRTVEGATQHQELLETCPPTALHGALDALTQLGNCAWRVNGRVLDLVLQLFQAKGCPQLGVPAPPSEAPQPP
EAHLPHSAAPARKAELRRELAHCQKVAREMHSLRAEALYRLSLAQHLRDRVFWLPHNMDFRGRTYPCPPHFNHLGSDVAR
ALLEFAQGRPLGPHGLDWLKIHLVNLTGLKKREPLRKRLAFAEEVMDDILDSADQPLTGRKWWMGAEEPWQTLACCMEVA
NAVRASDPAAYVSHLPVHQDGSCNGLQHYAALGRDSVGAASVNLEPSDVPQDVYSGVAAQVEVFRRQDAQRGMRVAQVLE
GFITRKVVKQTVMTVVYGVTRYGGRLQIEKRLRELSDFPQEFVWEASHYLVRQVFKSLQEMFSGTRAIQHWLTESARLIS
HMGSVVEWVTPLGVPVIQPYRLDSKVKQIGGGIQSITYTHNGDISRKPNTRKQKNGFPPNFIHSLDSSHMMLTALHCYRK
GLTFVSVHDCYWTHAADVSVMNQVCREQFVRLHSEPILQDLSRFLVKRFCSEPQKILEASQLKETLQAVPKPGAFDLEQV
KRSTYFFS
;
A,B
5 'polypeptide(L)'
;NARFCILGSEAATRKHLPARNHCGLSDSSPQLWPEPDFRNPPRKASKASLDFKRYVTDRRLAETLAQIYLGKPSRPPHLL
LECNPGPGILTQALLEAGAKVVALESDKTFIPHLESLGKNLDGKLRVIHCDFFKLDPRSGGVIKPPAMSSRGLFKNLGIE
AVPWTADIPLKVVGMFPSRGEKRALWKLAYDLYSCTSIYKFGRIEVNMFIGEKEFQKLMADPGNPDLYHVLSVIWQLACE
IKVLHMEPWSSFDIYTRKGPLENPKRRELLDQLQQKLYLIQMIPRQNLFTKNLTPMNYNIFFHLLKHCFGRRSATVIDHL
RSLTPLDARDILMQIGKQEDEKVVNMHPQDFKTLFETIERSKDCAYKWLYDETLEDR
;
F,J
#
loop_
_chem_comp.id
_chem_comp.type
_chem_comp.name
_chem_comp.formula
DA DNA linking 2'-DEOXYADENOSINE-5'-MONOPHOSPHATE 'C10 H14 N5 O6 P'
DC DNA linking 2'-DEOXYCYTIDINE-5'-MONOPHOSPHATE 'C9 H14 N3 O7 P'
DG DNA linking 2'-DEOXYGUANOSINE-5'-MONOPHOSPHATE 'C10 H14 N5 O7 P'
DT DNA linking THYMIDINE-5'-MONOPHOSPHATE 'C10 H15 N2 O8 P'
#
# COMPACT_ATOMS: atom_id res chain seq x y z
N SER A 3 45.66 -58.04 45.15
CA SER A 3 45.90 -57.62 43.77
C SER A 3 45.36 -56.22 43.52
N SER A 4 45.59 -55.32 44.47
CA SER A 4 45.13 -53.94 44.40
C SER A 4 46.33 -53.01 44.54
N VAL A 5 46.72 -52.38 43.43
CA VAL A 5 47.85 -51.46 43.46
C VAL A 5 47.54 -50.25 44.32
N LEU A 6 46.28 -49.80 44.31
CA LEU A 6 45.91 -48.61 45.07
C LEU A 6 46.15 -48.79 46.55
N ALA A 7 45.91 -50.01 47.08
CA ALA A 7 46.06 -50.24 48.50
C ALA A 7 47.52 -50.14 48.95
N SER A 8 48.45 -50.53 48.08
CA SER A 8 49.88 -50.47 48.40
C SER A 8 50.53 -49.15 48.03
N SER A 9 49.79 -48.25 47.38
CA SER A 9 50.37 -46.97 46.99
C SER A 9 50.62 -46.11 48.23
N PRO A 10 51.79 -45.49 48.35
CA PRO A 10 52.06 -44.62 49.50
C PRO A 10 51.02 -43.52 49.62
N LYS A 11 50.46 -43.36 50.80
CA LYS A 11 49.42 -42.38 51.08
C LYS A 11 50.01 -41.11 51.66
N LYS A 12 49.27 -40.01 51.48
CA LYS A 12 49.74 -38.71 51.94
C LYS A 12 49.92 -38.72 53.46
N PRO A 13 50.93 -38.03 53.98
CA PRO A 13 51.08 -37.95 55.44
C PRO A 13 50.01 -37.07 56.06
N VAL A 14 49.70 -37.37 57.33
CA VAL A 14 48.69 -36.60 58.05
C VAL A 14 49.21 -35.20 58.32
N SER A 15 48.36 -34.20 58.10
CA SER A 15 48.75 -32.81 58.30
C SER A 15 48.86 -32.52 59.80
N SER A 16 49.29 -31.29 60.11
CA SER A 16 49.53 -30.91 61.49
C SER A 16 48.27 -31.06 62.34
N TYR A 17 47.22 -30.29 62.01
CA TYR A 17 45.98 -30.36 62.79
C TYR A 17 45.45 -31.78 62.87
N LEU A 18 45.38 -32.48 61.73
CA LEU A 18 44.87 -33.84 61.74
C LEU A 18 45.72 -34.76 62.60
N ARG A 19 47.03 -34.48 62.71
CA ARG A 19 47.87 -35.24 63.62
C ARG A 19 47.52 -34.95 65.08
N PHE A 20 47.38 -33.67 65.41
CA PHE A 20 46.99 -33.29 66.76
C PHE A 20 45.68 -33.95 67.16
N SER A 21 44.69 -33.95 66.26
CA SER A 21 43.43 -34.61 66.56
C SER A 21 43.60 -36.13 66.67
N LYS A 22 44.43 -36.71 65.80
CA LYS A 22 44.65 -38.15 65.84
C LYS A 22 45.28 -38.58 67.15
N GLU A 23 46.09 -37.71 67.77
CA GLU A 23 46.71 -38.05 69.05
C GLU A 23 45.85 -37.68 70.25
N GLN A 24 45.04 -36.63 70.12
CA GLN A 24 44.20 -36.19 71.24
C GLN A 24 42.92 -37.01 71.38
N LEU A 25 42.38 -37.50 70.27
CA LEU A 25 41.09 -38.20 70.31
C LEU A 25 41.05 -39.33 71.33
N PRO A 26 42.03 -40.23 71.39
CA PRO A 26 41.95 -41.31 72.40
C PRO A 26 41.88 -40.81 73.82
N ILE A 27 42.57 -39.70 74.12
CA ILE A 27 42.54 -39.17 75.50
C ILE A 27 41.16 -38.61 75.81
N PHE A 28 40.62 -37.77 74.92
CA PHE A 28 39.27 -37.25 75.13
C PHE A 28 38.26 -38.38 75.24
N LYS A 29 38.46 -39.46 74.49
CA LYS A 29 37.56 -40.61 74.58
C LYS A 29 37.70 -41.32 75.92
N ALA A 30 38.92 -41.37 76.47
CA ALA A 30 39.11 -42.00 77.76
C ALA A 30 38.51 -41.17 78.88
N GLN A 31 38.59 -39.84 78.78
CA GLN A 31 38.06 -38.96 79.81
C GLN A 31 36.56 -38.74 79.69
N ASN A 32 36.00 -38.92 78.50
CA ASN A 32 34.57 -38.75 78.26
C ASN A 32 34.05 -39.94 77.46
N PRO A 33 33.94 -41.11 78.09
CA PRO A 33 33.57 -42.32 77.34
C PRO A 33 32.18 -42.25 76.73
N ASP A 34 31.27 -41.46 77.30
CA ASP A 34 29.88 -41.43 76.86
C ASP A 34 29.56 -40.28 75.92
N ALA A 35 30.43 -39.28 75.82
CA ALA A 35 30.17 -38.16 74.93
C ALA A 35 30.23 -38.61 73.47
N LYS A 36 29.39 -38.00 72.64
CA LYS A 36 29.35 -38.34 71.23
C LYS A 36 30.59 -37.81 70.52
N THR A 37 31.06 -38.57 69.52
CA THR A 37 32.29 -38.20 68.82
C THR A 37 32.21 -36.78 68.27
N THR A 38 31.01 -36.37 67.83
CA THR A 38 30.82 -34.99 67.38
C THR A 38 31.40 -34.00 68.39
N GLU A 39 30.89 -34.03 69.62
CA GLU A 39 31.30 -33.06 70.62
C GLU A 39 32.80 -33.16 70.92
N LEU A 40 33.35 -34.38 70.92
CA LEU A 40 34.77 -34.54 71.20
C LEU A 40 35.63 -33.93 70.11
N ILE A 41 35.26 -34.15 68.84
CA ILE A 41 36.01 -33.55 67.74
C ILE A 41 35.87 -32.02 67.78
N ARG A 42 34.69 -31.53 68.14
CA ARG A 42 34.50 -30.09 68.29
C ARG A 42 35.44 -29.51 69.34
N ARG A 43 35.40 -30.07 70.56
CA ARG A 43 36.28 -29.57 71.62
C ARG A 43 37.75 -29.74 71.27
N ILE A 44 38.09 -30.76 70.47
CA ILE A 44 39.48 -30.93 70.05
C ILE A 44 39.87 -29.84 69.07
N ALA A 45 38.95 -29.46 68.18
CA ALA A 45 39.22 -28.36 67.26
C ALA A 45 39.38 -27.05 68.03
N GLN A 46 38.54 -26.82 69.04
CA GLN A 46 38.72 -25.64 69.87
C GLN A 46 40.06 -25.67 70.60
N ARG A 47 40.46 -26.84 71.10
CA ARG A 47 41.78 -26.99 71.70
C ARG A 47 42.87 -26.60 70.70
N TRP A 48 42.73 -27.03 69.45
CA TRP A 48 43.73 -26.69 68.45
C TRP A 48 43.76 -25.19 68.18
N ARG A 49 42.58 -24.56 68.09
CA ARG A 49 42.54 -23.11 67.89
C ARG A 49 43.21 -22.38 69.05
N GLU A 50 42.99 -22.86 70.28
CA GLU A 50 43.59 -22.23 71.45
C GLU A 50 45.08 -22.58 71.60
N LEU A 51 45.55 -23.61 70.91
CA LEU A 51 46.94 -24.01 71.04
C LEU A 51 47.85 -22.92 70.46
N PRO A 52 48.90 -22.51 71.17
CA PRO A 52 49.79 -21.48 70.64
C PRO A 52 50.42 -21.91 69.33
N ASP A 53 50.64 -20.93 68.44
CA ASP A 53 51.25 -21.23 67.15
C ASP A 53 52.59 -21.92 67.30
N SER A 54 53.34 -21.59 68.36
CA SER A 54 54.63 -22.23 68.59
C SER A 54 54.47 -23.75 68.75
N LYS A 55 53.34 -24.18 69.30
CA LYS A 55 53.10 -25.61 69.45
C LYS A 55 52.66 -26.24 68.13
N LYS A 56 51.80 -25.54 67.37
CA LYS A 56 51.43 -26.03 66.04
C LYS A 56 52.65 -26.20 65.15
N LYS A 57 53.66 -25.34 65.33
CA LYS A 57 54.84 -25.39 64.48
C LYS A 57 55.50 -26.77 64.53
N ILE A 58 55.47 -27.42 65.68
CA ILE A 58 56.07 -28.75 65.80
C ILE A 58 55.35 -29.73 64.88
N TYR A 59 54.02 -29.80 64.99
CA TYR A 59 53.25 -30.66 64.11
C TYR A 59 53.47 -30.31 62.65
N GLN A 60 53.60 -29.02 62.34
CA GLN A 60 53.83 -28.62 60.95
C GLN A 60 55.17 -29.14 60.45
N ASP A 61 56.22 -29.01 61.25
CA ASP A 61 57.53 -29.52 60.84
C ASP A 61 57.48 -31.03 60.64
N ALA A 62 56.90 -31.76 61.60
CA ALA A 62 56.74 -33.20 61.43
C ALA A 62 56.02 -33.52 60.13
N TYR A 63 54.94 -32.79 59.84
CA TYR A 63 54.23 -33.01 58.58
C TYR A 63 55.13 -32.76 57.38
N ARG A 64 56.01 -31.76 57.46
CA ARG A 64 56.86 -31.45 56.33
C ARG A 64 57.88 -32.55 56.09
N ALA A 65 58.51 -33.06 57.14
CA ALA A 65 59.41 -34.19 56.98
C ALA A 65 58.67 -35.40 56.43
N GLU A 66 57.49 -35.69 56.99
CA GLU A 66 56.68 -36.79 56.46
C GLU A 66 56.34 -36.58 55.00
N TRP A 67 56.23 -35.32 54.56
CA TRP A 67 55.95 -35.03 53.16
C TRP A 67 57.18 -35.22 52.28
N GLN A 68 58.38 -34.98 52.81
CA GLN A 68 59.58 -35.29 52.08
C GLN A 68 59.72 -36.81 51.90
N VAL A 69 59.62 -37.56 53.00
CA VAL A 69 59.69 -39.01 52.90
C VAL A 69 58.59 -39.54 52.01
N TYR A 70 57.42 -38.90 52.01
CA TYR A 70 56.35 -39.29 51.10
C TYR A 70 56.71 -39.00 49.66
N LYS A 71 57.42 -37.90 49.42
CA LYS A 71 57.89 -37.61 48.07
C LYS A 71 58.82 -38.71 47.57
N GLU A 72 59.81 -39.07 48.39
CA GLU A 72 60.73 -40.13 48.00
C GLU A 72 59.98 -41.44 47.77
N GLU A 73 59.09 -41.81 48.69
CA GLU A 73 58.39 -43.08 48.58
C GLU A 73 57.52 -43.13 47.32
N ILE A 74 56.76 -42.06 47.07
CA ILE A 74 55.87 -42.06 45.92
C ILE A 74 56.68 -42.06 44.62
N SER A 75 57.82 -41.36 44.61
CA SER A 75 58.67 -41.39 43.44
C SER A 75 59.19 -42.81 43.18
N ARG A 76 59.70 -43.46 44.23
CA ARG A 76 60.23 -44.81 44.08
C ARG A 76 59.15 -45.78 43.60
N PHE A 77 57.93 -45.66 44.15
CA PHE A 77 56.85 -46.53 43.73
C PHE A 77 56.51 -46.30 42.27
N LYS A 78 56.40 -45.04 41.86
CA LYS A 78 56.13 -44.74 40.47
C LYS A 78 57.21 -45.33 39.56
N GLU A 79 58.47 -45.25 40.00
CA GLU A 79 59.57 -45.82 39.21
C GLU A 79 59.54 -47.34 39.18
N GLN A 80 58.94 -47.98 40.18
CA GLN A 80 59.03 -49.44 40.29
C GLN A 80 58.10 -50.17 39.35
N LEU A 81 57.01 -49.56 38.91
CA LEU A 81 56.01 -50.28 38.12
C LEU A 81 56.53 -50.60 36.73
N THR A 82 55.86 -51.55 36.08
CA THR A 82 56.22 -52.08 34.77
C THR A 82 56.29 -50.96 33.74
N PRO A 83 56.65 -51.25 32.48
CA PRO A 83 56.81 -50.16 31.50
C PRO A 83 55.59 -49.26 31.39
N SER A 84 54.40 -49.84 31.38
CA SER A 84 53.17 -49.05 31.32
C SER A 84 52.77 -48.51 32.69
N GLN A 85 53.72 -48.05 33.50
CA GLN A 85 53.40 -47.53 34.82
C GLN A 85 52.48 -46.32 34.73
N ILE A 86 52.78 -45.40 33.81
CA ILE A 86 51.93 -44.22 33.65
C ILE A 86 50.55 -44.62 33.15
N MET A 87 50.49 -45.62 32.26
CA MET A 87 49.19 -46.07 31.76
C MET A 87 48.36 -46.71 32.85
N SER A 88 48.97 -47.55 33.68
CA SER A 88 48.24 -48.17 34.78
C SER A 88 47.81 -47.12 35.81
N LEU A 89 48.66 -46.15 36.09
CA LEU A 89 48.27 -45.07 36.99
C LEU A 89 47.10 -44.28 36.43
N GLU A 90 47.11 -44.03 35.12
CA GLU A 90 46.00 -43.33 34.50
C GLU A 90 44.71 -44.15 34.56
N LYS A 91 44.82 -45.47 34.35
CA LYS A 91 43.65 -46.33 34.41
C LYS A 91 43.06 -46.34 35.83
N GLU A 92 43.91 -46.53 36.83
CA GLU A 92 43.43 -46.60 38.21
C GLU A 92 42.89 -45.25 38.67
N ILE A 93 43.56 -44.16 38.31
CA ILE A 93 43.10 -42.83 38.72
C ILE A 93 41.78 -42.48 38.03
N MET A 94 41.71 -42.70 36.71
CA MET A 94 40.47 -42.45 35.99
C MET A 94 39.32 -43.26 36.58
N ASP A 95 39.52 -44.57 36.75
CA ASP A 95 38.46 -45.40 37.32
C ASP A 95 38.07 -44.91 38.71
N LYS A 96 39.05 -44.50 39.52
CA LYS A 96 38.75 -44.00 40.86
C LYS A 96 37.89 -42.74 40.80
N HIS A 97 38.23 -41.81 39.90
CA HIS A 97 37.47 -40.57 39.79
C HIS A 97 36.05 -40.85 39.31
N LEU A 98 35.91 -41.62 38.23
CA LEU A 98 34.58 -41.92 37.70
C LEU A 98 33.73 -42.63 38.74
N LYS A 99 34.31 -43.61 39.43
CA LYS A 99 33.57 -44.31 40.48
C LYS A 99 33.15 -43.36 41.59
N ARG A 100 34.05 -42.46 41.99
CA ARG A 100 33.74 -41.51 43.05
C ARG A 100 32.58 -40.61 42.65
N LYS A 101 32.62 -40.05 41.44
CA LYS A 101 31.53 -39.21 40.96
C LYS A 101 30.23 -40.01 40.90
N ALA A 102 30.29 -41.24 40.39
CA ALA A 102 29.11 -42.07 40.32
C ALA A 102 28.49 -42.27 41.70
N MET A 103 29.29 -42.69 42.67
CA MET A 103 28.78 -42.87 44.03
C MET A 103 28.16 -41.59 44.56
N THR A 104 28.80 -40.44 44.33
CA THR A 104 28.23 -39.18 44.78
C THR A 104 26.85 -38.95 44.15
N LYS A 105 26.72 -39.24 42.86
CA LYS A 105 25.45 -39.02 42.18
C LYS A 105 24.38 -39.97 42.71
N LYS A 106 24.74 -41.23 42.97
CA LYS A 106 23.79 -42.18 43.52
C LYS A 106 23.30 -41.72 44.89
N LYS A 107 24.22 -41.31 45.76
CA LYS A 107 23.81 -40.78 47.06
C LYS A 107 22.90 -39.56 46.90
N GLU A 108 23.17 -38.73 45.89
CA GLU A 108 22.30 -37.58 45.65
C GLU A 108 20.89 -38.03 45.27
N LEU A 109 20.78 -38.88 44.26
CA LEU A 109 19.47 -39.36 43.80
C LEU A 109 18.74 -40.07 44.93
N THR A 110 19.46 -40.77 45.80
CA THR A 110 18.81 -41.42 46.93
C THR A 110 18.30 -40.40 47.95
N LEU A 111 19.04 -39.30 48.15
CA LEU A 111 18.62 -38.32 49.15
C LEU A 111 17.31 -37.63 48.78
N LEU A 112 16.99 -37.53 47.49
CA LEU A 112 15.77 -36.84 47.09
C LEU A 112 14.53 -37.56 47.62
N GLY A 113 13.42 -36.83 47.66
CA GLY A 113 12.19 -37.26 48.28
C GLY A 113 10.96 -37.26 47.38
N LYS A 114 10.91 -38.18 46.42
CA LYS A 114 9.79 -38.28 45.50
C LYS A 114 8.63 -39.07 46.13
N PRO A 115 7.39 -38.60 45.96
CA PRO A 115 6.25 -39.30 46.55
C PRO A 115 6.15 -40.74 46.09
N LYS A 116 5.86 -41.63 47.04
CA LYS A 116 5.74 -43.05 46.74
C LYS A 116 4.71 -43.32 45.65
N ARG A 117 4.98 -44.32 44.83
CA ARG A 117 4.08 -44.73 43.76
C ARG A 117 2.79 -45.30 44.34
N PRO A 118 1.78 -45.50 43.50
CA PRO A 118 0.52 -46.05 44.01
C PRO A 118 0.68 -47.48 44.49
N ARG A 119 -0.02 -47.81 45.58
CA ARG A 119 -0.03 -49.16 46.12
C ARG A 119 -1.15 -49.97 45.48
N SER A 120 -0.82 -51.18 45.04
CA SER A 120 -1.80 -52.06 44.42
C SER A 120 -2.65 -52.77 45.48
N ALA A 121 -3.74 -53.36 45.02
CA ALA A 121 -4.60 -54.11 45.93
C ALA A 121 -3.83 -55.24 46.61
N TYR A 122 -2.89 -55.86 45.89
CA TYR A 122 -2.06 -56.90 46.50
C TYR A 122 -1.18 -56.32 47.59
N ASN A 123 -0.59 -55.14 47.35
CA ASN A 123 0.19 -54.48 48.38
C ASN A 123 -0.66 -54.18 49.61
N VAL A 124 -1.89 -53.70 49.41
CA VAL A 124 -2.78 -53.39 50.52
C VAL A 124 -3.10 -54.66 51.30
N TYR A 125 -3.42 -55.75 50.59
CA TYR A 125 -3.75 -57.00 51.27
C TYR A 125 -2.56 -57.50 52.08
N VAL A 126 -1.36 -57.43 51.51
CA VAL A 126 -0.16 -57.84 52.25
C VAL A 126 0.00 -56.98 53.49
N ALA A 127 -0.22 -55.67 53.36
CA ALA A 127 -0.05 -54.77 54.49
C ALA A 127 -1.08 -55.05 55.59
N GLU A 128 -2.26 -55.53 55.22
CA GLU A 128 -3.32 -55.78 56.20
C GLU A 128 -3.23 -57.17 56.83
N ARG A 129 -2.71 -58.17 56.12
CA ARG A 129 -2.79 -59.55 56.57
C ARG A 129 -1.44 -60.18 56.88
N PHE A 130 -0.33 -59.53 56.52
CA PHE A 130 0.98 -60.15 56.76
C PHE A 130 1.19 -60.46 58.24
N GLN A 131 0.86 -59.50 59.11
CA GLN A 131 1.16 -59.66 60.54
C GLN A 131 0.51 -60.92 61.11
N GLU A 132 -0.74 -61.18 60.72
CA GLU A 132 -1.47 -62.35 61.24
C GLU A 132 -1.25 -63.61 60.41
N ALA A 133 -0.51 -63.51 59.30
CA ALA A 133 -0.23 -64.68 58.47
C ALA A 133 0.81 -65.56 59.14
N LYS A 134 0.53 -66.85 59.21
CA LYS A 134 1.46 -67.79 59.84
C LYS A 134 2.67 -68.02 58.94
N GLY A 135 3.82 -68.24 59.58
CA GLY A 135 5.05 -68.43 58.85
C GLY A 135 6.28 -68.15 59.71
N ASP A 136 7.31 -68.97 59.56
CA ASP A 136 8.51 -68.83 60.38
C ASP A 136 9.41 -67.69 59.95
N SER A 137 9.25 -67.16 58.74
CA SER A 137 10.12 -66.12 58.24
C SER A 137 9.32 -65.18 57.36
N PRO A 138 9.85 -64.00 57.05
CA PRO A 138 9.12 -63.07 56.16
C PRO A 138 8.82 -63.68 54.80
N GLN A 139 9.73 -64.49 54.27
CA GLN A 139 9.47 -65.14 52.98
C GLN A 139 8.31 -66.13 53.08
N GLU A 140 8.27 -66.92 54.16
CA GLU A 140 7.21 -67.90 54.32
C GLU A 140 5.87 -67.24 54.60
N LYS A 141 5.88 -66.18 55.42
CA LYS A 141 4.65 -65.43 55.66
C LYS A 141 4.18 -64.73 54.39
N LEU A 142 5.11 -64.28 53.56
CA LEU A 142 4.74 -63.64 52.30
C LEU A 142 4.15 -64.66 51.32
N LYS A 143 4.70 -65.88 51.30
CA LYS A 143 4.08 -66.91 50.47
C LYS A 143 2.70 -67.28 51.01
N THR A 144 2.55 -67.32 52.33
CA THR A 144 1.23 -67.58 52.91
C THR A 144 0.23 -66.52 52.48
N VAL A 145 0.59 -65.25 52.65
CA VAL A 145 -0.29 -64.17 52.20
C VAL A 145 -0.58 -64.29 50.72
N LYS A 146 0.41 -64.73 49.94
CA LYS A 146 0.19 -64.91 48.51
C LYS A 146 -0.83 -66.01 48.23
N GLU A 147 -0.75 -67.12 48.97
CA GLU A 147 -1.68 -68.22 48.76
C GLU A 147 -3.09 -67.81 49.18
N ASN A 148 -3.24 -67.21 50.36
CA ASN A 148 -4.55 -66.75 50.81
C ASN A 148 -5.12 -65.71 49.86
N TRP A 149 -4.25 -64.88 49.27
CA TRP A 149 -4.72 -63.92 48.27
C TRP A 149 -5.22 -64.63 47.02
N LYS A 150 -4.46 -65.61 46.54
CA LYS A 150 -4.91 -66.40 45.39
C LYS A 150 -6.19 -67.16 45.68
N ASN A 151 -6.48 -67.44 46.95
CA ASN A 151 -7.70 -68.12 47.34
C ASN A 151 -8.84 -67.16 47.66
N LEU A 152 -8.58 -65.85 47.61
CA LEU A 152 -9.61 -64.87 47.92
C LEU A 152 -10.64 -64.81 46.78
N SER A 153 -11.88 -64.52 47.16
CA SER A 153 -12.94 -64.31 46.20
C SER A 153 -12.96 -62.86 45.72
N ASP A 154 -13.82 -62.58 44.74
CA ASP A 154 -13.91 -61.23 44.20
C ASP A 154 -14.55 -60.28 45.20
N SER A 155 -15.44 -60.78 46.06
CA SER A 155 -16.10 -59.91 47.03
C SER A 155 -15.18 -59.56 48.19
N GLU A 156 -14.35 -60.51 48.64
CA GLU A 156 -13.46 -60.25 49.76
C GLU A 156 -12.40 -59.20 49.44
N LYS A 157 -12.19 -58.88 48.17
CA LYS A 157 -11.15 -57.95 47.74
C LYS A 157 -11.66 -56.53 47.50
N GLU A 158 -12.95 -56.28 47.69
CA GLU A 158 -13.53 -55.00 47.29
C GLU A 158 -12.90 -53.84 48.05
N LEU A 159 -12.72 -53.99 49.37
CA LEU A 159 -12.14 -52.91 50.16
C LEU A 159 -10.71 -52.61 49.74
N TYR A 160 -9.91 -53.66 49.52
CA TYR A 160 -8.52 -53.46 49.14
C TYR A 160 -8.41 -52.77 47.78
N ILE A 161 -9.28 -53.14 46.84
CA ILE A 161 -9.26 -52.52 45.52
C ILE A 161 -9.73 -51.07 45.60
N GLN A 162 -10.73 -50.81 46.44
CA GLN A 162 -11.20 -49.43 46.61
C GLN A 162 -10.10 -48.55 47.18
N HIS A 163 -9.50 -48.97 48.30
CA HIS A 163 -8.38 -48.22 48.86
C HIS A 163 -7.25 -48.08 47.86
N ALA A 164 -7.03 -49.10 47.03
CA ALA A 164 -5.98 -49.01 46.00
C ALA A 164 -6.29 -47.89 45.03
N LYS A 165 -7.53 -47.82 44.55
CA LYS A 165 -7.92 -46.72 43.67
C LYS A 165 -7.72 -45.37 44.36
N GLU A 166 -8.18 -45.27 45.61
CA GLU A 166 -8.01 -44.03 46.36
C GLU A 166 -6.54 -43.61 46.43
N ASP A 167 -5.65 -44.58 46.66
CA ASP A 167 -4.22 -44.28 46.64
C ASP A 167 -3.74 -43.94 45.24
N GLU A 168 -4.44 -44.39 44.20
CA GLU A 168 -4.08 -43.96 42.85
C GLU A 168 -4.39 -42.48 42.65
N THR A 169 -5.58 -42.04 43.09
CA THR A 169 -5.90 -40.62 43.02
C THR A 169 -4.94 -39.80 43.87
N ARG A 170 -4.72 -40.24 45.11
CA ARG A 170 -3.77 -39.55 45.99
C ARG A 170 -2.41 -39.40 45.32
N TYR A 171 -1.88 -40.51 44.79
CA TYR A 171 -0.59 -40.45 44.10
C TYR A 171 -0.64 -39.48 42.92
N HIS A 172 -1.77 -39.44 42.22
CA HIS A 172 -1.93 -38.51 41.11
C HIS A 172 -1.76 -37.07 41.58
N ASN A 173 -2.58 -36.66 42.55
CA ASN A 173 -2.52 -35.28 43.04
C ASN A 173 -1.12 -34.95 43.57
N GLU A 174 -0.61 -35.78 44.49
CA GLU A 174 0.71 -35.51 45.05
C GLU A 174 1.77 -35.43 43.96
N MET A 175 1.64 -36.23 42.91
CA MET A 175 2.58 -36.14 41.79
C MET A 175 2.44 -34.81 41.07
N LYS A 176 1.20 -34.34 40.86
CA LYS A 176 1.00 -33.03 40.26
C LYS A 176 1.71 -31.95 41.07
N SER A 177 1.36 -31.82 42.35
CA SER A 177 1.93 -30.74 43.17
C SER A 177 3.45 -30.87 43.26
N TRP A 178 3.94 -32.05 43.62
CA TRP A 178 5.38 -32.25 43.79
C TRP A 178 6.13 -31.92 42.50
N GLU A 179 5.67 -32.47 41.37
CA GLU A 179 6.32 -32.17 40.10
C GLU A 179 6.30 -30.67 39.80
N GLU A 180 5.20 -30.00 40.15
CA GLU A 180 5.17 -28.55 39.99
C GLU A 180 6.29 -27.89 40.79
N GLN A 181 6.42 -28.27 42.07
CA GLN A 181 7.48 -27.70 42.89
C GLN A 181 8.85 -27.99 42.28
N MET A 182 9.02 -29.16 41.68
CA MET A 182 10.27 -29.46 40.99
C MET A 182 10.47 -28.55 39.79
N ILE A 183 9.39 -28.17 39.10
CA ILE A 183 9.48 -27.16 38.06
C ILE A 183 9.98 -25.85 38.65
N GLU A 184 9.49 -25.50 39.84
CA GLU A 184 10.00 -24.31 40.52
C GLU A 184 11.51 -24.41 40.74
N VAL A 185 11.99 -25.60 41.14
CA VAL A 185 13.43 -25.80 41.34
C VAL A 185 14.18 -26.01 40.03
N GLY A 186 13.49 -25.94 38.89
CA GLY A 186 14.16 -26.10 37.61
C GLY A 186 14.63 -27.50 37.31
N ARG A 187 13.82 -28.51 37.64
CA ARG A 187 14.18 -29.91 37.42
C ARG A 187 13.03 -30.59 36.67
N LYS A 188 12.70 -30.06 35.50
CA LYS A 188 11.64 -30.62 34.68
C LYS A 188 11.97 -32.00 34.12
N ASP A 189 13.21 -32.47 34.28
CA ASP A 189 13.56 -33.80 33.82
C ASP A 189 12.89 -34.90 34.63
N LEU A 190 12.52 -34.60 35.88
CA LEU A 190 11.88 -35.58 36.76
C LEU A 190 10.38 -35.72 36.51
N LEU A 191 9.79 -34.86 35.67
CA LEU A 191 8.37 -34.98 35.39
C LEU A 191 8.09 -36.24 34.58
N ARG A 192 6.83 -36.67 34.63
CA ARG A 192 6.44 -37.82 33.82
C ARG A 192 6.56 -37.51 32.34
N ARG A 193 7.00 -38.51 31.57
CA ARG A 193 7.45 -38.26 30.21
C ARG A 193 6.31 -37.78 29.31
N THR A 194 5.13 -38.35 29.47
CA THR A 194 4.00 -38.01 28.60
C THR A 194 2.71 -37.83 29.39
N SER D 3 -86.79 -2.67 22.74
CA SER D 3 -85.34 -2.73 22.74
C SER D 3 -84.75 -1.78 21.68
N SER D 4 -85.30 -0.59 21.60
CA SER D 4 -84.88 0.43 20.64
C SER D 4 -84.47 1.68 21.41
N VAL D 5 -83.17 1.94 21.50
CA VAL D 5 -82.69 3.12 22.21
C VAL D 5 -83.13 4.39 21.50
N LEU D 6 -83.17 4.38 20.17
CA LEU D 6 -83.52 5.58 19.42
C LEU D 6 -84.93 6.06 19.76
N ALA D 7 -85.86 5.13 19.97
CA ALA D 7 -87.24 5.52 20.24
C ALA D 7 -87.37 6.25 21.57
N SER D 8 -86.56 5.85 22.56
CA SER D 8 -86.61 6.49 23.88
C SER D 8 -85.65 7.66 24.00
N SER D 9 -84.83 7.91 22.98
CA SER D 9 -83.88 9.02 23.05
C SER D 9 -84.63 10.35 22.98
N PRO D 10 -84.30 11.31 23.84
CA PRO D 10 -84.97 12.61 23.76
C PRO D 10 -84.80 13.24 22.39
N LYS D 11 -85.92 13.69 21.82
CA LYS D 11 -85.92 14.28 20.48
C LYS D 11 -85.87 15.79 20.57
N LYS D 12 -85.36 16.40 19.51
CA LYS D 12 -85.20 17.85 19.49
C LYS D 12 -86.56 18.52 19.60
N PRO D 13 -86.67 19.66 20.29
CA PRO D 13 -87.95 20.36 20.36
C PRO D 13 -88.31 21.00 19.03
N VAL D 14 -89.62 21.16 18.80
CA VAL D 14 -90.10 21.75 17.58
C VAL D 14 -89.73 23.23 17.54
N SER D 15 -89.26 23.69 16.39
CA SER D 15 -88.86 25.08 16.24
C SER D 15 -90.09 25.98 16.19
N SER D 16 -89.86 27.29 16.14
CA SER D 16 -90.96 28.26 16.17
C SER D 16 -91.93 28.02 15.03
N TYR D 17 -91.46 28.22 13.79
CA TYR D 17 -92.33 28.04 12.63
C TYR D 17 -92.97 26.65 12.64
N LEU D 18 -92.17 25.62 12.87
CA LEU D 18 -92.71 24.27 12.87
C LEU D 18 -93.79 24.10 13.92
N ARG D 19 -93.68 24.83 15.04
CA ARG D 19 -94.75 24.81 16.04
C ARG D 19 -96.00 25.50 15.51
N PHE D 20 -95.83 26.67 14.89
CA PHE D 20 -96.96 27.37 14.31
C PHE D 20 -97.71 26.49 13.31
N SER D 21 -96.97 25.81 12.43
CA SER D 21 -97.60 24.91 11.47
C SER D 21 -98.23 23.71 12.17
N LYS D 22 -97.55 23.17 13.19
CA LYS D 22 -98.08 22.03 13.92
C LYS D 22 -99.41 22.37 14.58
N GLU D 23 -99.62 23.64 14.95
CA GLU D 23 -100.87 24.07 15.54
C GLU D 23 -101.90 24.48 14.51
N GLN D 24 -101.47 24.99 13.36
CA GLN D 24 -102.40 25.44 12.33
C GLN D 24 -102.96 24.30 11.50
N LEU D 25 -102.18 23.25 11.26
CA LEU D 25 -102.60 22.17 10.37
C LEU D 25 -103.96 21.59 10.73
N PRO D 26 -104.23 21.22 11.99
CA PRO D 26 -105.56 20.67 12.31
C PRO D 26 -106.69 21.62 12.02
N ILE D 27 -106.49 22.93 12.23
CA ILE D 27 -107.56 23.89 12.00
C ILE D 27 -107.83 24.03 10.50
N PHE D 28 -106.77 24.23 9.70
CA PHE D 28 -106.95 24.30 8.26
C PHE D 28 -107.57 23.02 7.71
N LYS D 29 -107.21 21.88 8.29
CA LYS D 29 -107.78 20.61 7.85
C LYS D 29 -109.25 20.52 8.23
N ALA D 30 -109.64 21.08 9.37
CA ALA D 30 -111.05 21.08 9.76
C ALA D 30 -111.86 22.01 8.88
N GLN D 31 -111.27 23.13 8.47
CA GLN D 31 -111.98 24.11 7.65
C GLN D 31 -111.99 23.73 6.17
N ASN D 32 -111.08 22.88 5.74
CA ASN D 32 -110.99 22.42 4.35
C ASN D 32 -110.83 20.90 4.35
N PRO D 33 -111.90 20.18 4.66
CA PRO D 33 -111.77 18.72 4.83
C PRO D 33 -111.33 17.99 3.56
N ASP D 34 -111.63 18.53 2.39
CA ASP D 34 -111.34 17.83 1.14
C ASP D 34 -110.06 18.32 0.46
N ALA D 35 -109.54 19.48 0.86
CA ALA D 35 -108.31 19.99 0.27
C ALA D 35 -107.12 19.14 0.72
N LYS D 36 -106.14 19.00 -0.18
CA LYS D 36 -104.96 18.22 0.14
C LYS D 36 -104.09 18.97 1.15
N THR D 37 -103.47 18.22 2.04
CA THR D 37 -102.64 18.83 3.08
C THR D 37 -101.57 19.74 2.50
N THR D 38 -101.05 19.40 1.31
CA THR D 38 -100.07 20.24 0.64
C THR D 38 -100.48 21.70 0.64
N GLU D 39 -101.63 22.01 0.04
CA GLU D 39 -102.04 23.41 -0.10
C GLU D 39 -102.22 24.06 1.27
N LEU D 40 -102.72 23.31 2.25
CA LEU D 40 -102.91 23.88 3.58
C LEU D 40 -101.59 24.25 4.23
N ILE D 41 -100.58 23.39 4.09
CA ILE D 41 -99.24 23.70 4.60
C ILE D 41 -98.67 24.89 3.86
N ARG D 42 -98.93 25.00 2.57
CA ARG D 42 -98.49 26.17 1.81
C ARG D 42 -99.08 27.44 2.40
N ARG D 43 -100.42 27.47 2.54
CA ARG D 43 -101.08 28.65 3.10
C ARG D 43 -100.62 28.94 4.52
N ILE D 44 -100.24 27.90 5.27
CA ILE D 44 -99.74 28.11 6.62
C ILE D 44 -98.35 28.75 6.58
N ALA D 45 -97.52 28.34 5.62
CA ALA D 45 -96.20 28.96 5.46
C ALA D 45 -96.34 30.42 5.06
N GLN D 46 -97.27 30.71 4.16
CA GLN D 46 -97.53 32.11 3.80
C GLN D 46 -98.03 32.88 5.02
N ARG D 47 -98.90 32.26 5.82
CA ARG D 47 -99.34 32.88 7.07
C ARG D 47 -98.17 33.23 7.96
N TRP D 48 -97.19 32.31 8.07
CA TRP D 48 -96.02 32.57 8.90
C TRP D 48 -95.18 33.71 8.34
N ARG D 49 -94.99 33.72 7.01
CA ARG D 49 -94.22 34.81 6.40
C ARG D 49 -94.88 36.16 6.65
N GLU D 50 -96.21 36.21 6.56
CA GLU D 50 -96.92 37.46 6.83
C GLU D 50 -97.03 37.76 8.32
N LEU D 51 -96.78 36.78 9.18
CA LEU D 51 -96.91 37.00 10.61
C LEU D 51 -95.85 37.98 11.10
N PRO D 52 -96.22 38.99 11.89
CA PRO D 52 -95.22 39.95 12.37
C PRO D 52 -94.14 39.26 13.20
N ASP D 53 -92.92 39.79 13.09
CA ASP D 53 -91.79 39.22 13.82
C ASP D 53 -92.07 39.15 15.32
N SER D 54 -92.80 40.12 15.86
CA SER D 54 -93.10 40.09 17.29
C SER D 54 -93.85 38.83 17.69
N LYS D 55 -94.66 38.28 16.78
CA LYS D 55 -95.37 37.04 17.08
C LYS D 55 -94.45 35.83 16.96
N LYS D 56 -93.59 35.80 15.93
CA LYS D 56 -92.61 34.73 15.82
C LYS D 56 -91.69 34.66 17.04
N LYS D 57 -91.38 35.83 17.63
CA LYS D 57 -90.47 35.85 18.76
C LYS D 57 -90.96 34.97 19.90
N ILE D 58 -92.29 34.91 20.10
CA ILE D 58 -92.84 34.06 21.16
C ILE D 58 -92.51 32.60 20.89
N TYR D 59 -92.82 32.13 19.67
CA TYR D 59 -92.50 30.75 19.32
C TYR D 59 -91.01 30.49 19.46
N GLN D 60 -90.18 31.48 19.12
CA GLN D 60 -88.73 31.30 19.24
C GLN D 60 -88.33 31.12 20.71
N ASP D 61 -88.89 31.92 21.61
CA ASP D 61 -88.59 31.79 23.02
C ASP D 61 -89.03 30.42 23.54
N ALA D 62 -90.26 30.01 23.22
CA ALA D 62 -90.73 28.69 23.61
C ALA D 62 -89.77 27.61 23.12
N TYR D 63 -89.33 27.71 21.87
CA TYR D 63 -88.37 26.74 21.34
C TYR D 63 -87.08 26.76 22.13
N ARG D 64 -86.63 27.94 22.57
CA ARG D 64 -85.37 28.02 23.30
C ARG D 64 -85.48 27.36 24.66
N ALA D 65 -86.58 27.61 25.39
CA ALA D 65 -86.78 26.91 26.66
C ALA D 65 -86.87 25.41 26.43
N GLU D 66 -87.63 24.99 25.42
CA GLU D 66 -87.69 23.57 25.07
C GLU D 66 -86.31 23.02 24.75
N TRP D 67 -85.40 23.86 24.25
CA TRP D 67 -84.05 23.41 23.98
C TRP D 67 -83.22 23.29 25.24
N GLN D 68 -83.49 24.12 26.25
CA GLN D 68 -82.84 23.95 27.54
C GLN D 68 -83.28 22.63 28.18
N VAL D 69 -84.60 22.41 28.27
CA VAL D 69 -85.09 21.16 28.83
C VAL D 69 -84.60 19.98 28.01
N TYR D 70 -84.47 20.16 26.70
CA TYR D 70 -83.93 19.09 25.87
C TYR D 70 -82.46 18.85 26.16
N LYS D 71 -81.71 19.91 26.47
CA LYS D 71 -80.32 19.72 26.87
C LYS D 71 -80.22 18.89 28.13
N GLU D 72 -81.02 19.23 29.15
CA GLU D 72 -81.01 18.46 30.38
C GLU D 72 -81.40 17.00 30.12
N GLU D 73 -82.49 16.79 29.38
CA GLU D 73 -82.99 15.45 29.13
C GLU D 73 -81.97 14.61 28.36
N ILE D 74 -81.41 15.19 27.30
CA ILE D 74 -80.46 14.46 26.47
C ILE D 74 -79.18 14.17 27.25
N SER D 75 -78.76 15.10 28.10
CA SER D 75 -77.57 14.85 28.91
C SER D 75 -77.79 13.68 29.86
N ARG D 76 -78.89 13.71 30.62
CA ARG D 76 -79.14 12.62 31.56
C ARG D 76 -79.34 11.30 30.82
N PHE D 77 -80.04 11.33 29.69
CA PHE D 77 -80.27 10.10 28.93
C PHE D 77 -78.97 9.52 28.39
N LYS D 78 -78.13 10.36 27.77
CA LYS D 78 -76.86 9.86 27.26
C LYS D 78 -75.99 9.32 28.39
N GLU D 79 -75.99 9.98 29.54
CA GLU D 79 -75.22 9.45 30.66
C GLU D 79 -75.83 8.14 31.17
N GLN D 80 -77.14 7.95 30.95
CA GLN D 80 -77.83 6.78 31.47
C GLN D 80 -77.60 5.52 30.63
N LEU D 81 -77.30 5.68 29.34
CA LEU D 81 -77.25 4.53 28.45
C LEU D 81 -76.02 3.67 28.75
N THR D 82 -76.11 2.41 28.33
CA THR D 82 -75.07 1.42 28.55
C THR D 82 -74.25 1.20 27.29
N PRO D 83 -73.19 0.39 27.36
CA PRO D 83 -72.34 0.16 26.19
C PRO D 83 -73.07 -0.46 25.00
N SER D 84 -73.98 -1.39 25.24
CA SER D 84 -74.64 -2.10 24.13
C SER D 84 -75.72 -1.25 23.47
N GLN D 85 -76.35 -0.34 24.21
CA GLN D 85 -77.36 0.52 23.61
C GLN D 85 -76.75 1.36 22.49
N ILE D 86 -75.52 1.84 22.69
CA ILE D 86 -74.84 2.60 21.64
C ILE D 86 -74.62 1.73 20.42
N MET D 87 -74.29 0.45 20.63
CA MET D 87 -74.11 -0.45 19.50
C MET D 87 -75.41 -0.66 18.74
N SER D 88 -76.53 -0.82 19.46
CA SER D 88 -77.82 -0.96 18.80
C SER D 88 -78.16 0.30 18.02
N LEU D 89 -77.82 1.47 18.58
CA LEU D 89 -78.04 2.72 17.85
C LEU D 89 -77.20 2.75 16.57
N GLU D 90 -75.97 2.24 16.63
CA GLU D 90 -75.13 2.19 15.44
C GLU D 90 -75.73 1.27 14.39
N LYS D 91 -76.26 0.11 14.82
CA LYS D 91 -76.92 -0.79 13.87
C LYS D 91 -78.12 -0.13 13.23
N GLU D 92 -78.95 0.54 14.03
CA GLU D 92 -80.15 1.19 13.49
C GLU D 92 -79.78 2.30 12.51
N ILE D 93 -78.70 3.04 12.81
CA ILE D 93 -78.27 4.10 11.90
C ILE D 93 -77.78 3.51 10.59
N MET D 94 -76.92 2.49 10.67
CA MET D 94 -76.44 1.83 9.46
C MET D 94 -77.61 1.32 8.61
N ASP D 95 -78.53 0.57 9.22
CA ASP D 95 -79.67 0.04 8.48
C ASP D 95 -80.48 1.17 7.86
N LYS D 96 -80.67 2.27 8.60
CA LYS D 96 -81.41 3.41 8.06
C LYS D 96 -80.74 3.98 6.81
N HIS D 97 -79.41 4.14 6.87
CA HIS D 97 -78.70 4.69 5.71
C HIS D 97 -78.79 3.75 4.52
N LEU D 98 -78.51 2.46 4.73
CA LEU D 98 -78.56 1.51 3.62
C LEU D 98 -79.95 1.45 2.99
N LYS D 99 -80.99 1.37 3.83
CA LYS D 99 -82.35 1.35 3.30
C LYS D 99 -82.67 2.63 2.54
N ARG D 100 -82.26 3.77 3.07
CA ARG D 100 -82.52 5.05 2.41
C ARG D 100 -81.86 5.08 1.03
N LYS D 101 -80.59 4.68 0.96
CA LYS D 101 -79.89 4.65 -0.32
C LYS D 101 -80.56 3.71 -1.30
N ALA D 102 -80.95 2.51 -0.84
CA ALA D 102 -81.62 1.57 -1.72
C ALA D 102 -82.90 2.16 -2.30
N MET D 103 -83.77 2.66 -1.42
CA MET D 103 -85.01 3.30 -1.90
C MET D 103 -84.70 4.41 -2.88
N THR D 104 -83.65 5.19 -2.60
CA THR D 104 -83.26 6.26 -3.53
C THR D 104 -82.91 5.68 -4.90
N LYS D 105 -82.20 4.55 -4.93
CA LYS D 105 -81.82 3.97 -6.21
C LYS D 105 -83.02 3.43 -6.98
N LYS D 106 -83.92 2.73 -6.30
CA LYS D 106 -85.11 2.22 -6.99
C LYS D 106 -85.96 3.38 -7.51
N LYS D 107 -86.21 4.38 -6.66
CA LYS D 107 -86.94 5.55 -7.10
C LYS D 107 -86.24 6.23 -8.26
N GLU D 108 -84.91 6.18 -8.32
CA GLU D 108 -84.19 6.70 -9.47
C GLU D 108 -84.52 5.91 -10.73
N LEU D 109 -84.37 4.58 -10.66
CA LEU D 109 -84.59 3.75 -11.85
C LEU D 109 -86.02 3.91 -12.37
N THR D 110 -87.00 4.03 -11.47
CA THR D 110 -88.36 4.26 -11.93
C THR D 110 -88.53 5.69 -12.44
N LEU D 111 -87.85 6.64 -11.81
CA LEU D 111 -87.94 8.06 -12.18
C LEU D 111 -87.36 8.34 -13.56
N LEU D 112 -86.46 7.49 -14.06
CA LEU D 112 -85.84 7.74 -15.36
C LEU D 112 -86.87 7.85 -16.48
N GLY D 113 -88.12 7.52 -16.20
CA GLY D 113 -89.19 7.44 -17.18
C GLY D 113 -88.74 6.85 -18.50
N LYS D 114 -88.27 5.61 -18.45
CA LYS D 114 -87.94 4.86 -19.66
C LYS D 114 -89.19 4.13 -20.15
N PRO D 115 -89.48 4.14 -21.44
CA PRO D 115 -90.69 3.46 -21.91
C PRO D 115 -90.72 2.01 -21.46
N LYS D 116 -91.89 1.58 -20.98
CA LYS D 116 -92.02 0.20 -20.51
C LYS D 116 -91.57 -0.77 -21.61
N ARG D 117 -91.00 -1.87 -21.18
CA ARG D 117 -90.50 -2.85 -22.14
C ARG D 117 -91.65 -3.44 -22.95
N PRO D 118 -91.35 -4.16 -24.03
CA PRO D 118 -92.43 -4.72 -24.85
C PRO D 118 -93.23 -5.77 -24.10
N ARG D 119 -94.53 -5.80 -24.36
CA ARG D 119 -95.41 -6.80 -23.79
C ARG D 119 -95.45 -8.02 -24.69
N SER D 120 -95.28 -9.20 -24.10
CA SER D 120 -95.29 -10.43 -24.86
C SER D 120 -96.73 -10.87 -25.15
N ALA D 121 -96.86 -11.84 -26.06
CA ALA D 121 -98.18 -12.36 -26.39
C ALA D 121 -98.84 -12.95 -25.16
N TYR D 122 -98.07 -13.57 -24.28
CA TYR D 122 -98.63 -14.08 -23.03
C TYR D 122 -99.11 -12.94 -22.14
N ASN D 123 -98.34 -11.84 -22.08
CA ASN D 123 -98.80 -10.67 -21.36
C ASN D 123 -100.13 -10.17 -21.91
N VAL D 124 -100.26 -10.15 -23.24
CA VAL D 124 -101.51 -9.71 -23.86
C VAL D 124 -102.65 -10.64 -23.46
N TYR D 125 -102.42 -11.94 -23.50
CA TYR D 125 -103.46 -12.89 -23.13
C TYR D 125 -103.90 -12.70 -21.68
N VAL D 126 -102.93 -12.51 -20.77
CA VAL D 126 -103.27 -12.28 -19.37
C VAL D 126 -104.07 -10.99 -19.23
N ALA D 127 -103.67 -9.94 -19.95
CA ALA D 127 -104.37 -8.67 -19.86
C ALA D 127 -105.79 -8.77 -20.41
N GLU D 128 -106.02 -9.65 -21.39
CA GLU D 128 -107.33 -9.76 -22.01
C GLU D 128 -108.26 -10.72 -21.28
N ARG D 129 -107.71 -11.75 -20.62
CA ARG D 129 -108.53 -12.83 -20.06
C ARG D 129 -108.49 -12.92 -18.54
N PHE D 130 -107.59 -12.21 -17.87
CA PHE D 130 -107.48 -12.35 -16.41
C PHE D 130 -108.78 -12.01 -15.72
N GLN D 131 -109.42 -10.92 -16.13
CA GLN D 131 -110.61 -10.45 -15.42
C GLN D 131 -111.69 -11.52 -15.34
N GLU D 132 -111.90 -12.24 -16.44
CA GLU D 132 -112.93 -13.28 -16.49
C GLU D 132 -112.44 -14.64 -16.01
N ALA D 133 -111.16 -14.76 -15.66
CA ALA D 133 -110.62 -16.03 -15.17
C ALA D 133 -111.07 -16.26 -13.74
N LYS D 134 -111.60 -17.45 -13.47
CA LYS D 134 -112.10 -17.77 -12.14
C LYS D 134 -110.94 -17.99 -11.16
N GLY D 135 -111.18 -17.64 -9.91
CA GLY D 135 -110.17 -17.75 -8.88
C GLY D 135 -110.46 -16.86 -7.68
N ASP D 136 -110.21 -17.37 -6.47
CA ASP D 136 -110.50 -16.61 -5.26
C ASP D 136 -109.48 -15.53 -4.98
N SER D 137 -108.31 -15.59 -5.61
CA SER D 137 -107.24 -14.64 -5.36
C SER D 137 -106.49 -14.42 -6.66
N PRO D 138 -105.67 -13.37 -6.73
CA PRO D 138 -104.90 -13.12 -7.96
C PRO D 138 -104.02 -14.29 -8.37
N GLN D 139 -103.46 -15.03 -7.41
CA GLN D 139 -102.62 -16.17 -7.76
C GLN D 139 -103.43 -17.24 -8.48
N GLU D 140 -104.64 -17.52 -7.98
CA GLU D 140 -105.46 -18.56 -8.59
C GLU D 140 -106.00 -18.13 -9.95
N LYS D 141 -106.39 -16.86 -10.08
CA LYS D 141 -106.85 -16.37 -11.37
C LYS D 141 -105.72 -16.35 -12.40
N LEU D 142 -104.50 -16.03 -11.96
CA LEU D 142 -103.38 -16.08 -12.90
C LEU D 142 -103.04 -17.51 -13.26
N LYS D 143 -103.20 -18.45 -12.32
CA LYS D 143 -103.00 -19.85 -12.66
C LYS D 143 -104.04 -20.32 -13.67
N THR D 144 -105.28 -19.84 -13.53
CA THR D 144 -106.32 -20.15 -14.51
C THR D 144 -105.94 -19.61 -15.89
N VAL D 145 -105.59 -18.32 -15.95
CA VAL D 145 -105.20 -17.72 -17.22
C VAL D 145 -104.00 -18.47 -17.81
N LYS D 146 -103.09 -18.93 -16.95
CA LYS D 146 -101.93 -19.67 -17.42
C LYS D 146 -102.34 -21.01 -18.02
N GLU D 147 -103.28 -21.70 -17.41
CA GLU D 147 -103.74 -22.98 -17.95
C GLU D 147 -104.46 -22.79 -19.27
N ASN D 148 -105.40 -21.83 -19.31
CA ASN D 148 -106.12 -21.57 -20.56
C ASN D 148 -105.18 -21.12 -21.67
N TRP D 149 -104.12 -20.38 -21.31
CA TRP D 149 -103.12 -20.01 -22.31
C TRP D 149 -102.36 -21.23 -22.81
N LYS D 150 -101.91 -22.09 -21.88
CA LYS D 150 -101.22 -23.31 -22.28
C LYS D 150 -102.10 -24.21 -23.13
N ASN D 151 -103.42 -24.09 -23.01
CA ASN D 151 -104.35 -24.88 -23.81
C ASN D 151 -104.75 -24.20 -25.11
N LEU D 152 -104.26 -22.98 -25.37
CA LEU D 152 -104.63 -22.27 -26.59
C LEU D 152 -103.97 -22.90 -27.81
N SER D 153 -104.68 -22.82 -28.93
CA SER D 153 -104.15 -23.27 -30.21
C SER D 153 -103.37 -22.15 -30.90
N ASP D 154 -102.76 -22.49 -32.04
CA ASP D 154 -101.97 -21.50 -32.77
C ASP D 154 -102.85 -20.45 -33.43
N SER D 155 -104.07 -20.81 -33.82
CA SER D 155 -104.95 -19.86 -34.47
C SER D 155 -105.57 -18.89 -33.47
N GLU D 156 -105.92 -19.37 -32.28
CA GLU D 156 -106.52 -18.54 -31.26
C GLU D 156 -105.58 -17.45 -30.76
N LYS D 157 -104.28 -17.54 -31.04
CA LYS D 157 -103.28 -16.62 -30.53
C LYS D 157 -102.93 -15.51 -31.50
N GLU D 158 -103.56 -15.47 -32.68
CA GLU D 158 -103.14 -14.54 -33.72
C GLU D 158 -103.31 -13.09 -33.28
N LEU D 159 -104.45 -12.76 -32.66
CA LEU D 159 -104.68 -11.38 -32.25
C LEU D 159 -103.69 -10.95 -31.18
N TYR D 160 -103.43 -11.81 -30.19
CA TYR D 160 -102.49 -11.46 -29.14
C TYR D 160 -101.09 -11.25 -29.69
N ILE D 161 -100.69 -12.09 -30.66
CA ILE D 161 -99.38 -11.94 -31.26
C ILE D 161 -99.31 -10.64 -32.08
N GLN D 162 -100.41 -10.30 -32.75
CA GLN D 162 -100.44 -9.05 -33.52
C GLN D 162 -100.28 -7.85 -32.60
N HIS D 163 -101.10 -7.77 -31.55
CA HIS D 163 -100.97 -6.69 -30.59
C HIS D 163 -99.58 -6.66 -29.97
N ALA D 164 -98.99 -7.84 -29.76
CA ALA D 164 -97.64 -7.91 -29.22
C ALA D 164 -96.64 -7.26 -30.19
N LYS D 165 -96.75 -7.58 -31.47
CA LYS D 165 -95.89 -6.94 -32.47
C LYS D 165 -96.07 -5.42 -32.47
N GLU D 166 -97.33 -4.97 -32.45
CA GLU D 166 -97.59 -3.53 -32.43
C GLU D 166 -96.91 -2.88 -31.23
N ASP D 167 -96.99 -3.52 -30.06
CA ASP D 167 -96.28 -3.01 -28.90
C ASP D 167 -94.77 -3.10 -29.05
N GLU D 168 -94.29 -4.01 -29.88
CA GLU D 168 -92.86 -4.06 -30.18
C GLU D 168 -92.43 -2.82 -30.98
N THR D 169 -93.20 -2.46 -32.00
CA THR D 169 -92.90 -1.24 -32.74
C THR D 169 -92.98 -0.03 -31.84
N ARG D 170 -94.05 0.06 -31.05
CA ARG D 170 -94.20 1.15 -30.09
C ARG D 170 -92.97 1.25 -29.19
N TYR D 171 -92.55 0.12 -28.61
CA TYR D 171 -91.38 0.11 -27.76
C TYR D 171 -90.14 0.57 -28.52
N HIS D 172 -90.01 0.20 -29.79
CA HIS D 172 -88.88 0.64 -30.59
C HIS D 172 -88.85 2.15 -30.70
N ASN D 173 -89.93 2.75 -31.20
CA ASN D 173 -89.97 4.20 -31.37
C ASN D 173 -89.73 4.91 -30.04
N GLU D 174 -90.51 4.54 -29.01
CA GLU D 174 -90.35 5.18 -27.71
C GLU D 174 -88.92 5.05 -27.19
N MET D 175 -88.26 3.92 -27.48
CA MET D 175 -86.88 3.75 -27.07
C MET D 175 -85.97 4.73 -27.81
N LYS D 176 -86.17 4.89 -29.12
CA LYS D 176 -85.42 5.88 -29.87
C LYS D 176 -85.57 7.27 -29.25
N SER D 177 -86.82 7.74 -29.14
CA SER D 177 -87.05 9.09 -28.64
C SER D 177 -86.48 9.26 -27.23
N TRP D 178 -86.81 8.34 -26.33
CA TRP D 178 -86.35 8.45 -24.95
C TRP D 178 -84.81 8.49 -24.89
N GLU D 179 -84.15 7.57 -25.60
CA GLU D 179 -82.70 7.57 -25.59
C GLU D 179 -82.15 8.90 -26.11
N GLU D 180 -82.78 9.46 -27.14
CA GLU D 180 -82.36 10.79 -27.61
C GLU D 180 -82.48 11.82 -26.50
N GLN D 181 -83.63 11.87 -25.83
CA GLN D 181 -83.82 12.85 -24.76
C GLN D 181 -82.80 12.65 -23.65
N MET D 182 -82.44 11.40 -23.35
CA MET D 182 -81.40 11.15 -22.36
C MET D 182 -80.05 11.67 -22.86
N ILE D 183 -79.80 11.58 -24.17
CA ILE D 183 -78.61 12.21 -24.73
C ILE D 183 -78.66 13.71 -24.48
N GLU D 184 -79.84 14.32 -24.63
CA GLU D 184 -79.98 15.74 -24.35
C GLU D 184 -79.57 16.07 -22.93
N VAL D 185 -80.00 15.25 -21.95
CA VAL D 185 -79.62 15.48 -20.55
C VAL D 185 -78.22 15.00 -20.24
N GLY D 186 -77.50 14.46 -21.22
CA GLY D 186 -76.13 14.02 -20.99
C GLY D 186 -76.04 12.78 -20.12
N ARG D 187 -76.95 11.83 -20.30
CA ARG D 187 -76.95 10.59 -19.52
C ARG D 187 -77.03 9.39 -20.46
N LYS D 188 -76.05 9.30 -21.36
CA LYS D 188 -75.99 8.16 -22.27
C LYS D 188 -75.70 6.85 -21.56
N ASP D 189 -75.37 6.89 -20.26
CA ASP D 189 -75.12 5.66 -19.53
C ASP D 189 -76.39 4.84 -19.35
N LEU D 190 -77.56 5.50 -19.33
CA LEU D 190 -78.82 4.79 -19.20
C LEU D 190 -79.33 4.25 -20.53
N LEU D 191 -78.71 4.63 -21.64
CA LEU D 191 -79.11 4.13 -22.94
C LEU D 191 -78.71 2.66 -23.11
N ARG D 192 -79.36 2.02 -24.08
CA ARG D 192 -78.99 0.66 -24.43
C ARG D 192 -77.57 0.66 -25.00
N ARG D 193 -76.83 -0.42 -24.71
CA ARG D 193 -75.38 -0.39 -24.93
C ARG D 193 -75.04 -0.17 -26.39
N THR D 194 -75.76 -0.79 -27.30
CA THR D 194 -75.46 -0.67 -28.73
C THR D 194 -76.74 -0.50 -29.55
N TRP G 20 -5.84 -48.29 59.16
CA TRP G 20 -5.00 -47.92 58.02
C TRP G 20 -4.57 -46.46 58.12
N ALA G 21 -5.31 -45.71 58.95
CA ALA G 21 -4.90 -44.35 59.26
C ALA G 21 -3.51 -44.28 59.86
N LYS G 22 -3.02 -45.38 60.42
CA LYS G 22 -1.64 -45.41 60.90
C LYS G 22 -0.65 -45.28 59.75
N ILE G 23 -0.80 -46.11 58.72
CA ILE G 23 0.11 -46.07 57.57
C ILE G 23 -0.10 -44.78 56.78
N LEU G 24 -1.36 -44.43 56.51
CA LEU G 24 -1.63 -43.21 55.77
C LEU G 24 -1.08 -41.99 56.49
N GLU G 25 -1.32 -41.91 57.80
CA GLU G 25 -0.80 -40.80 58.59
C GLU G 25 0.73 -40.80 58.63
N LYS G 26 1.35 -41.98 58.64
CA LYS G 26 2.80 -42.04 58.56
C LYS G 26 3.31 -41.46 57.25
N ASP G 27 2.68 -41.84 56.13
CA ASP G 27 3.05 -41.26 54.84
C ASP G 27 2.86 -39.75 54.85
N LYS G 28 1.74 -39.27 55.39
CA LYS G 28 1.50 -37.83 55.44
C LYS G 28 2.57 -37.12 56.25
N ARG G 29 2.93 -37.67 57.41
CA ARG G 29 3.94 -37.05 58.26
C ARG G 29 5.29 -37.01 57.56
N THR G 30 5.71 -38.13 56.98
CA THR G 30 6.95 -38.15 56.21
C THR G 30 6.92 -37.13 55.09
N GLN G 31 5.75 -36.97 54.44
CA GLN G 31 5.63 -35.96 53.39
C GLN G 31 5.85 -34.56 53.95
N GLN G 32 5.26 -34.25 55.10
CA GLN G 32 5.43 -32.92 55.67
C GLN G 32 6.88 -32.67 56.08
N MET G 33 7.52 -33.68 56.67
CA MET G 33 8.94 -33.55 57.00
C MET G 33 9.75 -33.30 55.74
N ARG G 34 9.45 -34.04 54.66
CA ARG G 34 10.10 -33.78 53.39
C ARG G 34 9.87 -32.34 52.92
N MET G 35 8.70 -31.79 53.23
CA MET G 35 8.44 -30.38 52.91
C MET G 35 9.37 -29.46 53.70
N GLN G 36 9.56 -29.76 54.98
CA GLN G 36 10.52 -28.99 55.78
C GLN G 36 11.91 -29.09 55.17
N ARG G 37 12.32 -30.30 54.79
CA ARG G 37 13.61 -30.49 54.13
C ARG G 37 13.71 -29.63 52.88
N LEU G 38 12.62 -29.53 52.13
CA LEU G 38 12.60 -28.67 50.95
C LEU G 38 12.77 -27.21 51.33
N LYS G 39 12.20 -26.80 52.47
CA LYS G 39 12.41 -25.43 52.94
C LYS G 39 13.88 -25.19 53.27
N ALA G 40 14.52 -26.16 53.93
CA ALA G 40 15.95 -26.03 54.22
C ALA G 40 16.76 -25.94 52.93
N LYS G 41 16.45 -26.80 51.96
CA LYS G 41 17.18 -26.76 50.69
C LYS G 41 16.99 -25.42 50.00
N LEU G 42 15.77 -24.85 50.08
CA LEU G 42 15.57 -23.51 49.54
C LEU G 42 16.36 -22.47 50.31
N GLN G 43 16.60 -22.71 51.61
CA GLN G 43 17.40 -21.77 52.39
C GLN G 43 18.87 -21.81 51.96
N MET G 44 19.41 -23.01 51.76
CA MET G 44 20.79 -23.14 51.29
C MET G 44 20.86 -23.37 49.79
N GLN G 116 38.53 1.10 30.73
CA GLN G 116 39.36 -0.10 30.59
C GLN G 116 38.51 -1.31 30.21
N LEU G 117 38.50 -1.62 28.92
CA LEU G 117 37.76 -2.77 28.42
C LEU G 117 38.59 -4.05 28.56
N SER G 118 37.90 -5.16 28.79
CA SER G 118 38.54 -6.47 28.96
C SER G 118 37.80 -7.51 28.14
N GLY G 119 38.54 -8.56 27.74
CA GLY G 119 37.93 -9.63 26.98
C GLY G 119 36.83 -10.33 27.75
N GLN G 120 37.11 -10.70 29.01
CA GLN G 120 36.08 -11.33 29.83
C GLN G 120 34.93 -10.36 30.09
N GLN G 121 35.24 -9.10 30.36
CA GLN G 121 34.19 -8.11 30.56
C GLN G 121 33.34 -7.97 29.30
N GLN G 122 33.98 -7.93 28.13
CA GLN G 122 33.23 -7.90 26.87
C GLN G 122 32.31 -9.12 26.76
N ARG G 123 32.83 -10.30 27.13
CA ARG G 123 32.02 -11.51 27.07
C ARG G 123 30.79 -11.39 27.96
N LEU G 124 30.96 -10.93 29.19
CA LEU G 124 29.83 -10.82 30.11
C LEU G 124 28.82 -9.80 29.62
N LEU G 125 29.28 -8.59 29.28
CA LEU G 125 28.37 -7.56 28.81
C LEU G 125 27.59 -8.04 27.59
N ALA G 126 28.29 -8.60 26.60
CA ALA G 126 27.60 -9.17 25.45
C ALA G 126 26.61 -10.25 25.87
N PHE G 127 26.92 -10.98 26.94
CA PHE G 127 25.98 -11.99 27.43
C PHE G 127 24.69 -11.34 27.91
N PHE G 128 24.80 -10.29 28.73
CA PHE G 128 23.61 -9.62 29.24
C PHE G 128 22.80 -8.98 28.11
N LYS G 129 23.46 -8.12 27.32
CA LYS G 129 22.78 -7.50 26.19
C LYS G 129 22.10 -8.55 25.31
N CYS G 130 22.75 -9.70 25.13
CA CYS G 130 22.14 -10.78 24.36
C CYS G 130 20.90 -11.32 25.08
N CYS G 131 20.98 -11.47 26.40
CA CYS G 131 19.84 -11.97 27.16
C CYS G 131 18.65 -11.03 27.12
N LEU G 132 18.87 -9.73 26.89
CA LEU G 132 17.72 -8.84 26.73
C LEU G 132 16.90 -9.18 25.49
N LEU G 133 17.55 -9.68 24.43
CA LEU G 133 16.82 -9.97 23.20
C LEU G 133 16.03 -11.27 23.28
N THR G 134 16.54 -12.28 23.98
CA THR G 134 15.83 -13.54 24.14
C THR G 134 14.82 -13.52 25.27
N ASP G 135 14.78 -12.44 26.05
CA ASP G 135 13.85 -12.32 27.17
C ASP G 135 14.10 -13.40 28.22
N GLN G 136 15.37 -13.70 28.46
CA GLN G 136 15.76 -14.63 29.51
C GLN G 136 16.33 -13.87 30.71
N LEU G 137 15.51 -12.93 31.21
CA LEU G 137 15.96 -12.07 32.30
C LEU G 137 16.36 -12.84 33.55
N PRO G 138 15.62 -13.88 33.99
CA PRO G 138 16.05 -14.61 35.18
C PRO G 138 17.46 -15.16 35.08
N LEU G 139 17.88 -15.58 33.89
CA LEU G 139 19.22 -16.12 33.71
C LEU G 139 20.28 -15.05 33.93
N ALA G 140 20.19 -13.96 33.17
CA ALA G 140 21.16 -12.87 33.30
C ALA G 140 21.18 -12.32 34.72
N HIS G 141 20.00 -12.17 35.34
CA HIS G 141 19.95 -11.69 36.71
C HIS G 141 20.64 -12.68 37.65
N HIS G 142 20.46 -13.98 37.41
CA HIS G 142 21.13 -14.97 38.24
C HIS G 142 22.65 -14.84 38.14
N LEU G 143 23.17 -14.80 36.91
CA LEU G 143 24.61 -14.68 36.74
C LEU G 143 25.14 -13.38 37.36
N LEU G 144 24.41 -12.27 37.14
CA LEU G 144 24.83 -11.00 37.70
C LEU G 144 24.88 -11.05 39.23
N VAL G 145 23.85 -11.64 39.85
CA VAL G 145 23.83 -11.75 41.30
C VAL G 145 24.99 -12.61 41.79
N VAL G 146 25.26 -13.72 41.10
CA VAL G 146 26.35 -14.60 41.51
C VAL G 146 27.67 -13.84 41.46
N HIS G 147 27.92 -13.12 40.37
CA HIS G 147 29.16 -12.35 40.26
C HIS G 147 29.24 -11.27 41.33
N HIS G 148 28.13 -10.58 41.59
CA HIS G 148 28.14 -9.52 42.59
C HIS G 148 28.44 -10.08 43.98
N GLY G 149 27.94 -11.28 44.28
CA GLY G 149 28.12 -11.87 45.59
C GLY G 149 29.53 -12.35 45.89
N GLN G 150 30.39 -12.47 44.88
CA GLN G 150 31.75 -12.96 45.06
C GLN G 150 32.72 -11.79 45.04
N ARG G 151 33.63 -11.76 46.02
CA ARG G 151 34.56 -10.65 46.16
C ARG G 151 35.33 -10.38 44.87
N GLN G 152 35.94 -11.42 44.30
CA GLN G 152 36.78 -11.23 43.12
C GLN G 152 35.97 -11.02 41.85
N LYS G 153 34.71 -11.45 41.82
CA LYS G 153 33.88 -11.27 40.64
C LYS G 153 33.18 -9.92 40.57
N ARG G 154 32.79 -9.37 41.72
CA ARG G 154 32.12 -8.07 41.72
C ARG G 154 32.90 -7.02 40.95
N LYS G 155 34.23 -7.05 41.05
CA LYS G 155 35.05 -6.07 40.36
C LYS G 155 34.90 -6.18 38.85
N LEU G 156 34.62 -7.39 38.34
CA LEU G 156 34.50 -7.57 36.90
C LEU G 156 33.22 -6.94 36.34
N LEU G 157 32.21 -6.75 37.18
CA LEU G 157 30.96 -6.15 36.71
C LEU G 157 31.16 -4.67 36.42
N THR G 158 30.29 -4.14 35.57
CA THR G 158 30.36 -2.74 35.16
C THR G 158 28.98 -2.10 35.25
N LEU G 159 28.97 -0.78 35.44
CA LEU G 159 27.71 -0.05 35.50
C LEU G 159 26.83 -0.35 34.30
N ASP G 160 27.43 -0.55 33.13
CA ASP G 160 26.65 -0.84 31.93
C ASP G 160 25.89 -2.16 32.05
N MET G 161 26.48 -3.15 32.73
CA MET G 161 25.81 -4.43 32.90
C MET G 161 24.60 -4.29 33.82
N TYR G 162 24.81 -3.73 35.02
CA TYR G 162 23.68 -3.43 35.91
C TYR G 162 22.60 -2.66 35.17
N ASN G 163 23.00 -1.70 34.33
CA ASN G 163 22.02 -0.97 33.55
C ASN G 163 21.30 -1.88 32.56
N ALA G 164 22.01 -2.89 32.02
CA ALA G 164 21.38 -3.84 31.12
C ALA G 164 20.28 -4.63 31.83
N VAL G 165 20.65 -5.30 32.93
CA VAL G 165 19.65 -6.08 33.67
C VAL G 165 18.51 -5.17 34.12
N MET G 166 18.83 -3.99 34.64
CA MET G 166 17.80 -3.06 35.08
C MET G 166 16.84 -2.72 33.94
N LEU G 167 17.37 -2.46 32.74
CA LEU G 167 16.51 -2.18 31.61
C LEU G 167 15.66 -3.38 31.24
N GLY G 168 16.20 -4.59 31.42
CA GLY G 168 15.39 -5.78 31.20
C GLY G 168 14.20 -5.86 32.13
N TRP G 169 14.45 -5.66 33.43
CA TRP G 169 13.36 -5.72 34.40
C TRP G 169 12.35 -4.60 34.15
N ALA G 170 12.84 -3.39 33.85
CA ALA G 170 11.94 -2.30 33.52
C ALA G 170 11.05 -2.66 32.33
N ARG G 171 11.64 -3.26 31.29
CA ARG G 171 10.83 -3.72 30.16
C ARG G 171 9.85 -4.80 30.59
N GLN G 172 10.18 -5.56 31.63
CA GLN G 172 9.26 -6.56 32.15
C GLN G 172 8.37 -6.04 33.26
N GLY G 173 8.67 -4.87 33.81
CA GLY G 173 7.88 -4.32 34.90
C GLY G 173 8.14 -4.92 36.25
N ALA G 174 9.28 -5.57 36.45
CA ALA G 174 9.63 -6.17 37.74
C ALA G 174 10.20 -5.07 38.63
N PHE G 175 9.29 -4.35 39.29
CA PHE G 175 9.71 -3.22 40.12
C PHE G 175 10.59 -3.70 41.28
N LYS G 176 10.23 -4.81 41.91
CA LYS G 176 11.01 -5.31 43.03
C LYS G 176 12.40 -5.74 42.59
N GLU G 177 12.49 -6.47 41.47
CA GLU G 177 13.79 -6.92 40.98
C GLU G 177 14.65 -5.74 40.54
N LEU G 178 14.03 -4.76 39.85
CA LEU G 178 14.77 -3.56 39.48
C LEU G 178 15.31 -2.86 40.72
N VAL G 179 14.49 -2.74 41.76
CA VAL G 179 14.97 -2.14 43.01
C VAL G 179 16.11 -2.95 43.59
N TYR G 180 16.06 -4.28 43.44
CA TYR G 180 17.16 -5.12 43.92
C TYR G 180 18.44 -4.83 43.16
N VAL G 181 18.34 -4.67 41.84
CA VAL G 181 19.52 -4.35 41.04
C VAL G 181 20.08 -3.00 41.46
N LEU G 182 19.21 -2.01 41.67
CA LEU G 182 19.66 -0.72 42.18
C LEU G 182 20.38 -0.89 43.51
N PHE G 183 19.87 -1.80 44.36
CA PHE G 183 20.55 -2.08 45.62
C PHE G 183 21.95 -2.62 45.38
N MET G 184 22.12 -3.51 44.41
CA MET G 184 23.47 -3.97 44.07
C MET G 184 24.35 -2.81 43.59
N VAL G 185 23.80 -1.92 42.78
CA VAL G 185 24.59 -0.79 42.28
C VAL G 185 25.06 0.09 43.41
N LYS G 186 24.18 0.40 44.37
CA LYS G 186 24.60 1.23 45.49
C LYS G 186 25.53 0.46 46.41
N ASP G 187 25.31 -0.85 46.54
CA ASP G 187 26.16 -1.68 47.41
C ASP G 187 27.59 -1.69 46.91
N ALA G 188 27.78 -1.71 45.59
CA ALA G 188 29.11 -1.66 45.01
C ALA G 188 29.54 -0.24 44.66
N GLY G 189 29.18 0.72 45.50
CA GLY G 189 29.57 2.11 45.25
C GLY G 189 29.15 2.57 43.87
N LEU G 190 30.03 3.34 43.23
CA LEU G 190 29.78 3.75 41.85
C LEU G 190 28.56 4.65 41.77
N THR G 191 28.28 5.20 40.59
CA THR G 191 27.22 6.18 40.45
C THR G 191 26.19 5.73 39.42
N PRO G 192 24.91 5.74 39.75
CA PRO G 192 23.88 5.49 38.74
C PRO G 192 23.87 6.59 37.71
N ASP G 193 23.31 6.29 36.54
CA ASP G 193 23.39 7.22 35.42
C ASP G 193 22.04 7.42 34.76
N LEU G 194 22.07 8.22 33.68
CA LEU G 194 20.88 8.54 32.90
C LEU G 194 20.14 7.29 32.47
N LEU G 195 20.88 6.25 32.06
CA LEU G 195 20.23 5.00 31.67
C LEU G 195 19.54 4.35 32.86
N SER G 196 20.14 4.45 34.04
CA SER G 196 19.50 3.91 35.25
C SER G 196 18.18 4.61 35.51
N TYR G 197 18.20 5.95 35.59
CA TYR G 197 16.96 6.67 35.85
C TYR G 197 15.93 6.48 34.74
N ALA G 198 16.39 6.28 33.51
CA ALA G 198 15.48 6.00 32.41
C ALA G 198 14.83 4.63 32.58
N ALA G 199 15.59 3.64 33.04
CA ALA G 199 15.01 2.33 33.33
C ALA G 199 13.98 2.43 34.45
N ALA G 200 14.31 3.14 35.52
CA ALA G 200 13.36 3.35 36.60
C ALA G 200 12.08 3.99 36.08
N LEU G 201 12.21 5.08 35.33
CA LEU G 201 11.03 5.75 34.78
C LEU G 201 10.23 4.81 33.88
N GLN G 202 10.92 3.93 33.15
CA GLN G 202 10.22 2.97 32.30
C GLN G 202 9.42 1.99 33.14
N CYS G 203 10.00 1.48 34.23
CA CYS G 203 9.28 0.54 35.08
C CYS G 203 8.08 1.21 35.75
N MET G 204 8.24 2.46 36.21
CA MET G 204 7.14 3.14 36.85
C MET G 204 6.03 3.45 35.85
N GLY G 205 6.38 3.90 34.65
CA GLY G 205 5.37 4.16 33.64
C GLY G 205 4.62 2.91 33.23
N ARG G 206 5.37 1.85 32.93
CA ARG G 206 4.73 0.58 32.57
C ARG G 206 3.85 0.06 33.69
N GLN G 207 4.30 0.21 34.94
CA GLN G 207 3.52 -0.23 36.10
C GLN G 207 2.54 0.83 36.58
N ASP G 208 2.59 2.04 36.03
CA ASP G 208 1.68 3.12 36.41
C ASP G 208 1.76 3.41 37.91
N GLN G 209 2.96 3.78 38.36
CA GLN G 209 3.17 4.14 39.75
C GLN G 209 2.48 5.47 40.07
N ASP G 210 2.48 5.82 41.35
CA ASP G 210 1.81 7.02 41.80
C ASP G 210 2.63 8.26 41.47
N ALA G 211 1.92 9.38 41.29
CA ALA G 211 2.58 10.66 41.02
C ALA G 211 3.48 11.08 42.18
N GLY G 212 3.27 10.54 43.38
CA GLY G 212 4.19 10.82 44.47
C GLY G 212 5.56 10.20 44.25
N THR G 213 5.56 8.93 43.85
CA THR G 213 6.83 8.25 43.59
C THR G 213 7.48 8.77 42.31
N ILE G 214 6.68 9.03 41.27
CA ILE G 214 7.24 9.59 40.04
C ILE G 214 7.84 10.96 40.31
N GLU G 215 7.08 11.84 40.97
CA GLU G 215 7.59 13.15 41.33
C GLU G 215 8.84 13.06 42.17
N ARG G 216 8.82 12.20 43.20
CA ARG G 216 10.00 12.03 44.04
C ARG G 216 11.20 11.57 43.23
N CYS G 217 10.98 10.73 42.23
CA CYS G 217 12.07 10.29 41.37
C CYS G 217 12.60 11.42 40.51
N LEU G 218 11.70 12.26 39.99
CA LEU G 218 12.15 13.38 39.16
C LEU G 218 12.90 14.43 39.97
N GLU G 219 12.54 14.60 41.23
CA GLU G 219 13.22 15.59 42.07
C GLU G 219 14.53 15.04 42.65
N GLN G 220 14.60 13.72 42.88
CA GLN G 220 15.89 13.12 43.20
C GLN G 220 16.82 13.18 42.00
N MET G 221 16.27 13.01 40.80
CA MET G 221 17.06 13.17 39.59
C MET G 221 17.52 14.61 39.43
N SER G 222 16.67 15.57 39.80
CA SER G 222 17.06 16.97 39.74
C SER G 222 18.16 17.27 40.74
N GLN G 223 18.03 16.76 41.98
CA GLN G 223 19.06 17.00 42.97
C GLN G 223 20.38 16.34 42.60
N GLU G 224 20.33 15.21 41.88
CA GLU G 224 21.55 14.56 41.44
C GLU G 224 22.28 15.31 40.33
N GLY G 225 21.65 16.32 39.71
CA GLY G 225 22.31 17.10 38.70
C GLY G 225 22.13 16.60 37.28
N LEU G 226 21.40 15.50 37.09
CA LEU G 226 21.15 14.94 35.77
C LEU G 226 20.12 15.77 35.01
N LYS G 227 20.15 15.64 33.69
CA LYS G 227 19.37 16.48 32.79
C LYS G 227 18.20 15.68 32.22
N LEU G 228 17.03 16.31 32.20
CA LEU G 228 15.84 15.62 31.69
C LEU G 228 15.94 15.39 30.20
N GLN G 229 16.37 16.41 29.44
CA GLN G 229 16.44 16.32 27.99
C GLN G 229 17.63 15.49 27.52
N ALA G 230 18.68 15.35 28.34
CA ALA G 230 19.82 14.52 27.95
C ALA G 230 19.45 13.04 27.92
N LEU G 231 18.35 12.64 28.57
CA LEU G 231 17.98 11.24 28.61
C LEU G 231 17.53 10.76 27.24
N PHE G 232 16.63 11.50 26.60
CA PHE G 232 16.10 11.09 25.30
C PHE G 232 17.13 11.20 24.18
N THR G 233 18.19 11.97 24.37
CA THR G 233 19.18 12.21 23.32
C THR G 233 20.44 11.35 23.48
N ALA G 234 20.98 11.25 24.69
CA ALA G 234 22.23 10.54 24.91
C ALA G 234 22.05 9.05 25.15
N VAL G 235 20.84 8.60 25.46
CA VAL G 235 20.59 7.20 25.80
C VAL G 235 20.01 6.48 24.58
N LEU G 236 20.53 5.29 24.30
CA LEU G 236 20.02 4.45 23.22
C LEU G 236 18.89 3.58 23.76
N LEU G 237 17.66 3.88 23.34
CA LEU G 237 16.48 3.17 23.81
C LEU G 237 15.62 2.78 22.61
N SER G 238 14.88 1.69 22.75
CA SER G 238 13.99 1.26 21.70
C SER G 238 12.75 2.16 21.64
N GLU G 239 11.99 2.01 20.56
CA GLU G 239 10.76 2.81 20.41
C GLU G 239 9.76 2.49 21.52
N GLU G 240 9.81 1.28 22.08
CA GLU G 240 8.92 0.94 23.18
C GLU G 240 9.36 1.64 24.46
N ASP G 241 10.67 1.66 24.72
CA ASP G 241 11.19 2.40 25.87
C ASP G 241 10.85 3.89 25.76
N ARG G 242 11.05 4.47 24.57
CA ARG G 242 10.70 5.86 24.36
C ARG G 242 9.21 6.09 24.57
N ALA G 243 8.37 5.20 24.05
CA ALA G 243 6.92 5.36 24.21
C ALA G 243 6.52 5.31 25.67
N THR G 244 7.06 4.35 26.42
CA THR G 244 6.70 4.23 27.84
C THR G 244 7.20 5.43 28.64
N VAL G 245 8.42 5.88 28.38
CA VAL G 245 8.95 7.04 29.09
C VAL G 245 8.11 8.27 28.79
N LEU G 246 7.70 8.43 27.53
CA LEU G 246 6.84 9.55 27.17
C LEU G 246 5.49 9.46 27.88
N LYS G 247 4.93 8.25 27.98
CA LYS G 247 3.68 8.07 28.69
C LYS G 247 3.83 8.44 30.17
N ALA G 248 4.98 8.11 30.76
CA ALA G 248 5.22 8.47 32.15
C ALA G 248 5.36 9.98 32.31
N VAL G 249 6.05 10.63 31.38
CA VAL G 249 6.28 12.07 31.49
C VAL G 249 4.97 12.85 31.33
N HIS G 250 4.15 12.47 30.34
CA HIS G 250 2.90 13.17 30.03
C HIS G 250 1.90 13.10 31.18
N LYS G 251 2.23 12.32 32.20
CA LYS G 251 1.35 12.23 33.37
C LYS G 251 1.56 13.39 34.33
N VAL G 252 2.79 13.89 34.44
CA VAL G 252 3.10 15.02 35.32
C VAL G 252 3.24 16.32 34.53
N LYS G 253 3.99 16.27 33.42
CA LYS G 253 4.17 17.39 32.50
C LYS G 253 3.46 17.06 31.19
N PRO G 254 2.15 17.30 31.09
CA PRO G 254 1.47 16.97 29.82
C PRO G 254 1.93 17.86 28.69
N THR G 255 2.39 19.07 28.99
CA THR G 255 2.94 19.97 27.99
C THR G 255 4.45 19.86 27.89
N PHE G 256 5.02 18.74 28.33
CA PHE G 256 6.44 18.47 28.17
C PHE G 256 6.67 17.97 26.76
N SER G 257 7.48 18.69 25.99
CA SER G 257 7.67 18.40 24.59
C SER G 257 9.15 18.22 24.28
N LEU G 258 9.46 17.21 23.49
CA LEU G 258 10.83 17.01 23.04
C LEU G 258 11.24 18.14 22.12
N PRO G 259 12.54 18.33 21.90
CA PRO G 259 13.00 19.41 21.03
C PRO G 259 12.33 19.33 19.67
N PRO G 260 12.01 20.47 19.06
CA PRO G 260 11.35 20.45 17.75
C PRO G 260 12.28 19.87 16.68
N GLN G 261 11.83 18.82 16.03
CA GLN G 261 12.61 18.12 15.01
C GLN G 261 11.67 17.67 13.90
N LEU G 262 12.25 17.24 12.78
CA LEU G 262 13.70 17.17 12.62
C LEU G 262 14.14 17.96 11.38
N PRO G 263 14.62 19.18 11.59
CA PRO G 263 15.08 19.99 10.46
C PRO G 263 16.49 19.60 10.06
N PRO G 264 16.67 19.05 8.86
CA PRO G 264 17.99 18.58 8.45
C PRO G 264 18.85 19.72 7.95
N PRO G 265 20.15 19.71 8.24
CA PRO G 265 21.03 20.76 7.76
C PRO G 265 21.68 20.39 6.43
N VAL G 266 21.91 21.42 5.62
CA VAL G 266 22.49 21.26 4.30
C VAL G 266 23.99 21.45 4.37
N ASN G 267 24.72 20.70 3.55
CA ASN G 267 26.17 20.82 3.50
C ASN G 267 26.57 22.09 2.78
N THR G 268 27.47 22.86 3.40
CA THR G 268 27.94 24.12 2.84
C THR G 268 29.34 24.01 2.26
N SER G 269 29.80 22.79 1.99
CA SER G 269 31.14 22.59 1.45
C SER G 269 31.34 23.44 0.20
N LYS G 270 32.59 23.87 -0.03
CA LYS G 270 32.91 24.68 -1.19
C LYS G 270 32.45 24.01 -2.48
N LEU G 271 32.74 22.73 -2.63
CA LEU G 271 32.44 22.01 -3.87
C LEU G 271 31.02 21.45 -3.92
N LEU G 272 30.36 21.27 -2.78
CA LEU G 272 29.01 20.74 -2.75
C LEU G 272 27.94 21.82 -2.66
N ARG G 273 28.34 23.07 -2.44
CA ARG G 273 27.37 24.16 -2.33
C ARG G 273 26.43 24.20 -3.53
N ASP G 274 26.99 24.21 -4.75
CA ASP G 274 26.15 24.22 -5.94
C ASP G 274 25.47 22.88 -6.19
N VAL G 275 25.82 21.84 -5.44
CA VAL G 275 25.14 20.55 -5.55
C VAL G 275 23.90 20.50 -4.68
N TYR G 276 23.93 21.14 -3.51
CA TYR G 276 22.78 21.14 -2.61
C TYR G 276 21.99 22.43 -2.64
N ALA G 277 22.53 23.51 -3.18
CA ALA G 277 21.82 24.77 -3.23
C ALA G 277 20.57 24.65 -4.10
N LYS G 278 19.45 25.18 -3.60
CA LYS G 278 18.20 25.12 -4.36
C LYS G 278 18.25 25.97 -5.63
N ASP G 279 19.10 26.99 -5.65
CA ASP G 279 19.19 27.89 -6.81
C ASP G 279 19.74 27.12 -8.00
N GLY G 280 18.90 26.80 -8.95
CA GLY G 280 19.29 26.07 -10.14
C GLY G 280 18.18 25.16 -10.63
N ARG G 281 18.15 24.94 -11.94
CA ARG G 281 17.14 24.08 -12.58
C ARG G 281 17.63 22.64 -12.52
N VAL G 282 16.95 21.81 -11.73
CA VAL G 282 17.29 20.40 -11.59
C VAL G 282 16.38 19.60 -12.52
N SER G 283 16.94 18.53 -13.09
CA SER G 283 16.21 17.64 -13.98
C SER G 283 16.56 16.19 -13.64
N TYR G 284 16.42 15.84 -12.36
CA TYR G 284 16.76 14.51 -11.90
C TYR G 284 16.03 13.46 -12.72
N PRO G 285 16.71 12.41 -13.18
CA PRO G 285 16.06 11.42 -14.03
C PRO G 285 15.16 10.48 -13.22
N LYS G 286 14.24 9.85 -13.94
CA LYS G 286 13.32 8.89 -13.37
C LYS G 286 13.48 7.54 -14.06
N LEU G 287 13.06 6.49 -13.36
CA LEU G 287 13.16 5.14 -13.90
C LEU G 287 12.03 4.88 -14.90
N HIS G 288 12.21 3.84 -15.70
CA HIS G 288 11.22 3.46 -16.69
C HIS G 288 10.11 2.58 -16.12
N LEU G 289 10.24 2.14 -14.87
CA LEU G 289 9.26 1.26 -14.27
C LEU G 289 8.20 2.07 -13.52
N PRO G 290 6.94 1.65 -13.57
CA PRO G 290 5.88 2.36 -12.85
C PRO G 290 5.95 2.09 -11.36
N LEU G 291 5.17 2.89 -10.61
CA LEU G 291 5.17 2.78 -9.17
C LEU G 291 4.82 1.37 -8.72
N LYS G 292 3.73 0.81 -9.25
CA LYS G 292 3.31 -0.53 -8.84
C LYS G 292 4.38 -1.57 -9.17
N THR G 293 5.04 -1.42 -10.33
CA THR G 293 6.13 -2.32 -10.68
C THR G 293 7.26 -2.24 -9.67
N LEU G 294 7.67 -1.01 -9.32
CA LEU G 294 8.73 -0.85 -8.33
C LEU G 294 8.32 -1.44 -6.98
N GLN G 295 7.02 -1.41 -6.65
CA GLN G 295 6.57 -2.01 -5.41
C GLN G 295 6.62 -3.52 -5.48
N CYS G 296 6.26 -4.10 -6.63
CA CYS G 296 6.36 -5.55 -6.78
C CYS G 296 7.82 -6.01 -6.67
N LEU G 297 8.73 -5.32 -7.36
CA LEU G 297 10.14 -5.66 -7.25
C LEU G 297 10.63 -5.49 -5.81
N PHE G 298 10.21 -4.41 -5.15
CA PHE G 298 10.58 -4.22 -3.74
C PHE G 298 10.10 -5.39 -2.89
N GLU G 299 8.91 -5.90 -3.20
CA GLU G 299 8.40 -7.05 -2.45
C GLU G 299 9.23 -8.30 -2.73
N LYS G 300 9.63 -8.50 -3.99
CA LYS G 300 10.47 -9.65 -4.31
C LYS G 300 11.81 -9.58 -3.58
N GLN G 301 12.44 -8.41 -3.57
CA GLN G 301 13.71 -8.25 -2.87
C GLN G 301 13.54 -8.46 -1.38
N LEU G 302 12.50 -7.86 -0.79
CA LEU G 302 12.24 -8.05 0.63
C LEU G 302 12.06 -9.52 0.97
N HIS G 303 11.31 -10.25 0.14
CA HIS G 303 11.15 -11.69 0.36
C HIS G 303 12.49 -12.41 0.27
N MET G 304 13.30 -12.06 -0.73
CA MET G 304 14.59 -12.73 -0.89
C MET G 304 15.47 -12.50 0.33
N GLU G 305 15.54 -11.27 0.82
CA GLU G 305 16.35 -10.99 2.00
C GLU G 305 15.79 -11.68 3.24
N LEU G 306 14.47 -11.75 3.35
CA LEU G 306 13.87 -12.44 4.49
C LEU G 306 14.21 -13.92 4.47
N ALA G 307 14.26 -14.53 3.29
CA ALA G 307 14.66 -15.93 3.20
C ALA G 307 16.16 -16.10 3.41
N SER G 308 16.95 -15.06 3.14
CA SER G 308 18.40 -15.05 3.27
C SER G 308 19.09 -15.94 2.25
N ARG G 309 18.34 -16.66 1.42
CA ARG G 309 18.91 -17.57 0.43
C ARG G 309 18.32 -17.26 -0.94
N VAL G 310 19.08 -17.61 -1.97
CA VAL G 310 18.67 -17.42 -3.35
C VAL G 310 18.98 -18.71 -4.12
N CYS G 311 17.97 -19.30 -4.73
CA CYS G 311 18.15 -20.52 -5.51
C CYS G 311 18.17 -20.15 -6.99
N VAL G 312 19.33 -20.39 -7.63
CA VAL G 312 19.52 -20.10 -9.05
C VAL G 312 19.71 -21.42 -9.77
N VAL G 313 19.22 -21.50 -10.99
CA VAL G 313 19.34 -22.71 -11.79
C VAL G 313 20.73 -22.79 -12.39
N SER G 314 21.32 -23.98 -12.35
CA SER G 314 22.63 -24.18 -12.93
C SER G 314 22.54 -23.96 -14.45
N VAL G 315 23.57 -23.35 -15.01
CA VAL G 315 23.51 -23.02 -16.43
C VAL G 315 23.54 -24.29 -17.27
N GLU G 316 24.44 -25.21 -16.98
CA GLU G 316 24.84 -26.19 -17.99
C GLU G 316 25.07 -27.57 -17.41
N LYS G 317 25.28 -28.52 -18.32
CA LYS G 317 25.38 -29.94 -18.00
C LYS G 317 24.26 -30.42 -17.08
N PRO G 318 23.00 -30.26 -17.49
CA PRO G 318 21.91 -30.93 -16.74
C PRO G 318 21.86 -32.42 -17.00
N THR G 319 22.12 -32.85 -18.24
CA THR G 319 21.99 -34.26 -18.57
C THR G 319 23.13 -35.05 -17.94
N LEU G 320 22.87 -36.32 -17.69
CA LEU G 320 23.84 -37.23 -17.07
C LEU G 320 23.31 -38.65 -17.22
N PRO G 321 24.14 -39.68 -17.02
CA PRO G 321 23.60 -41.05 -17.04
C PRO G 321 22.38 -41.16 -16.14
N SER G 322 21.36 -41.88 -16.64
CA SER G 322 20.08 -41.89 -15.95
C SER G 322 20.16 -42.57 -14.60
N LYS G 323 20.87 -43.70 -14.53
CA LYS G 323 20.94 -44.44 -13.27
C LYS G 323 21.84 -43.75 -12.26
N GLU G 324 23.02 -43.29 -12.69
CA GLU G 324 24.00 -42.73 -11.76
C GLU G 324 23.45 -41.50 -11.03
N VAL G 325 23.04 -40.48 -11.77
CA VAL G 325 22.50 -39.28 -11.13
C VAL G 325 21.32 -39.62 -10.24
N LYS G 326 20.46 -40.53 -10.70
CA LYS G 326 19.32 -40.95 -9.88
C LYS G 326 19.80 -41.47 -8.51
N HIS G 327 20.62 -42.51 -8.53
CA HIS G 327 21.07 -43.13 -7.28
C HIS G 327 21.81 -42.13 -6.39
N ALA G 328 22.72 -41.36 -6.98
CA ALA G 328 23.48 -40.39 -6.19
C ALA G 328 22.56 -39.35 -5.57
N ARG G 329 21.50 -38.96 -6.30
CA ARG G 329 20.56 -37.98 -5.76
C ARG G 329 19.75 -38.56 -4.61
N LYS G 330 19.26 -39.79 -4.77
CA LYS G 330 18.53 -40.44 -3.69
C LYS G 330 19.40 -40.55 -2.45
N THR G 331 20.62 -41.06 -2.61
CA THR G 331 21.54 -41.17 -1.48
C THR G 331 21.81 -39.82 -0.84
N LEU G 332 22.01 -38.78 -1.66
CA LEU G 332 22.28 -37.46 -1.12
C LEU G 332 21.10 -36.92 -0.34
N LYS G 333 19.88 -37.17 -0.82
CA LYS G 333 18.69 -36.72 -0.12
C LYS G 333 18.56 -37.42 1.23
N THR G 334 18.67 -38.75 1.23
CA THR G 334 18.60 -39.48 2.50
C THR G 334 19.66 -38.99 3.47
N LEU G 335 20.91 -38.88 3.01
CA LEU G 335 21.98 -38.40 3.88
C LEU G 335 21.69 -37.01 4.40
N ARG G 336 21.05 -36.17 3.58
CA ARG G 336 20.75 -34.80 4.03
C ARG G 336 19.66 -34.79 5.08
N ASP G 337 18.68 -35.70 4.97
CA ASP G 337 17.69 -35.84 6.03
C ASP G 337 18.35 -36.31 7.33
N GLN G 338 19.20 -37.34 7.24
CA GLN G 338 19.89 -37.82 8.43
C GLN G 338 20.73 -36.72 9.07
N TRP G 339 21.44 -35.95 8.27
CA TRP G 339 22.24 -34.84 8.80
C TRP G 339 21.33 -33.78 9.43
N GLU G 340 20.17 -33.55 8.82
CA GLU G 340 19.24 -32.57 9.39
C GLU G 340 18.78 -33.00 10.78
N LYS G 341 18.29 -34.24 10.91
CA LYS G 341 17.85 -34.72 12.21
C LYS G 341 18.99 -34.71 13.23
N ALA G 342 20.12 -35.34 12.88
CA ALA G 342 21.25 -35.40 13.80
C ALA G 342 21.68 -34.01 14.22
N LEU G 343 21.61 -33.04 13.30
CA LEU G 343 22.00 -31.67 13.63
C LEU G 343 21.00 -31.03 14.57
N CYS G 344 19.70 -31.31 14.39
CA CYS G 344 18.71 -30.80 15.33
C CYS G 344 18.97 -31.37 16.72
N ARG G 345 19.11 -32.69 16.83
CA ARG G 345 19.36 -33.31 18.13
C ARG G 345 20.63 -32.73 18.77
N ALA G 346 21.73 -32.70 18.02
CA ALA G 346 22.97 -32.17 18.56
C ALA G 346 22.81 -30.72 19.00
N LEU G 347 22.03 -29.93 18.25
CA LEU G 347 21.80 -28.55 18.62
C LEU G 347 21.06 -28.45 19.95
N ARG G 348 19.98 -29.21 20.10
CA ARG G 348 19.22 -29.17 21.35
C ARG G 348 20.07 -29.64 22.52
N GLU G 349 20.83 -30.71 22.33
CA GLU G 349 21.70 -31.21 23.39
C GLU G 349 22.75 -30.18 23.77
N THR G 350 23.31 -29.49 22.77
CA THR G 350 24.31 -28.45 23.06
C THR G 350 23.68 -27.28 23.81
N LYS G 351 22.50 -26.82 23.38
CA LYS G 351 21.80 -25.77 24.10
C LYS G 351 21.53 -26.19 25.54
N ASN G 352 21.20 -27.46 25.76
CA ASN G 352 21.01 -27.95 27.12
C ASN G 352 22.31 -27.89 27.91
N ARG G 353 23.41 -28.36 27.30
CA ARG G 353 24.71 -28.32 27.97
C ARG G 353 25.06 -26.91 28.40
N LEU G 354 25.00 -25.96 27.46
CA LEU G 354 25.31 -24.58 27.80
C LEU G 354 24.34 -24.04 28.85
N GLU G 355 23.08 -24.45 28.77
CA GLU G 355 22.10 -24.01 29.78
C GLU G 355 22.53 -24.44 31.17
N ARG G 356 22.91 -25.71 31.33
CA ARG G 356 23.40 -26.18 32.62
C ARG G 356 24.70 -25.47 33.00
N GLU G 357 25.53 -25.13 32.00
CA GLU G 357 26.74 -24.36 32.28
C GLU G 357 26.40 -22.98 32.83
N VAL G 358 25.25 -22.43 32.44
CA VAL G 358 24.81 -21.16 33.01
C VAL G 358 24.23 -21.40 34.40
N TYR G 359 23.56 -22.53 34.61
CA TYR G 359 23.16 -22.89 35.96
C TYR G 359 24.37 -22.97 36.87
N GLU G 360 25.53 -23.34 36.32
CA GLU G 360 26.80 -23.19 37.01
C GLU G 360 27.32 -21.77 36.81
N GLY G 361 28.31 -21.40 37.62
CA GLY G 361 28.84 -20.05 37.60
C GLY G 361 29.69 -19.67 36.40
N ARG G 362 29.50 -20.34 35.27
CA ARG G 362 30.31 -20.12 34.09
C ARG G 362 29.48 -19.45 32.98
N PHE G 363 30.15 -18.63 32.19
CA PHE G 363 29.55 -18.01 31.02
C PHE G 363 29.46 -19.02 29.88
N SER G 364 28.45 -18.84 29.03
CA SER G 364 28.29 -19.71 27.87
C SER G 364 27.45 -18.97 26.82
N LEU G 365 27.52 -19.47 25.59
CA LEU G 365 26.83 -18.88 24.46
C LEU G 365 25.38 -19.35 24.33
N TYR G 366 24.79 -19.85 25.41
CA TYR G 366 23.43 -20.38 25.40
C TYR G 366 22.47 -19.37 24.77
N PRO G 367 22.35 -18.16 25.32
CA PRO G 367 21.38 -17.21 24.78
C PRO G 367 21.64 -16.89 23.31
N PHE G 368 22.89 -16.84 22.89
CA PHE G 368 23.19 -16.60 21.49
C PHE G 368 22.60 -17.70 20.60
N LEU G 369 22.69 -18.95 21.06
CA LEU G 369 22.03 -20.04 20.35
C LEU G 369 20.52 -19.96 20.48
N CYS G 370 20.00 -19.31 21.51
CA CYS G 370 18.57 -19.06 21.65
C CYS G 370 18.14 -17.78 20.95
N LEU G 371 19.04 -17.15 20.19
CA LEU G 371 18.69 -15.91 19.49
C LEU G 371 18.00 -16.18 18.17
N LEU G 372 18.31 -17.31 17.52
CA LEU G 372 17.77 -17.64 16.21
C LEU G 372 17.03 -18.96 16.29
N ASP G 373 15.99 -19.09 15.46
CA ASP G 373 15.19 -20.30 15.43
C ASP G 373 16.07 -21.50 15.12
N GLU G 374 15.85 -22.61 15.84
CA GLU G 374 16.65 -23.80 15.64
C GLU G 374 16.55 -24.30 14.21
N ARG G 375 15.36 -24.19 13.61
CA ARG G 375 15.20 -24.61 12.21
C ARG G 375 16.04 -23.74 11.29
N GLU G 376 16.12 -22.43 11.56
CA GLU G 376 16.98 -21.56 10.76
C GLU G 376 18.44 -21.91 10.95
N VAL G 377 18.85 -22.24 12.18
CA VAL G 377 20.23 -22.64 12.42
C VAL G 377 20.56 -23.91 11.63
N VAL G 378 19.68 -24.90 11.69
CA VAL G 378 19.92 -26.16 10.98
C VAL G 378 19.99 -25.91 9.47
N ARG G 379 19.04 -25.14 8.94
CA ARG G 379 19.05 -24.84 7.51
C ARG G 379 20.32 -24.11 7.10
N MET G 380 20.81 -23.21 7.97
CA MET G 380 22.03 -22.48 7.66
C MET G 380 23.23 -23.42 7.61
N LEU G 381 23.38 -24.26 8.64
CA LEU G 381 24.51 -25.19 8.66
C LEU G 381 24.44 -26.14 7.48
N LEU G 382 23.24 -26.63 7.14
CA LEU G 382 23.11 -27.51 5.98
C LEU G 382 23.46 -26.79 4.69
N GLN G 383 23.12 -25.50 4.59
CA GLN G 383 23.51 -24.73 3.41
C GLN G 383 25.02 -24.63 3.31
N VAL G 384 25.68 -24.25 4.42
CA VAL G 384 27.13 -24.16 4.42
C VAL G 384 27.75 -25.49 4.02
N LEU G 385 27.20 -26.59 4.53
CA LEU G 385 27.72 -27.91 4.17
C LEU G 385 27.54 -28.17 2.68
N GLN G 386 26.40 -27.80 2.12
CA GLN G 386 26.16 -28.02 0.70
C GLN G 386 27.10 -27.18 -0.16
N ALA G 387 27.46 -25.98 0.30
CA ALA G 387 28.29 -25.08 -0.48
C ALA G 387 29.77 -25.17 -0.14
N LEU G 388 30.16 -26.01 0.80
CA LEU G 388 31.57 -26.11 1.19
C LEU G 388 32.42 -26.52 0.00
N PRO G 389 33.53 -25.85 -0.26
CA PRO G 389 34.38 -26.23 -1.40
C PRO G 389 35.02 -27.59 -1.17
N ALA G 390 35.16 -28.33 -2.27
CA ALA G 390 35.74 -29.67 -2.18
C ALA G 390 37.13 -29.64 -1.57
N GLN G 391 37.94 -28.64 -1.91
CA GLN G 391 39.30 -28.58 -1.40
C GLN G 391 39.35 -28.27 0.10
N GLY G 392 38.30 -27.68 0.65
CA GLY G 392 38.25 -27.34 2.06
C GLY G 392 38.25 -25.83 2.27
N GLU G 393 38.14 -25.46 3.54
CA GLU G 393 38.12 -24.06 3.93
C GLU G 393 38.78 -23.91 5.29
N SER G 394 39.45 -22.77 5.50
CA SER G 394 40.12 -22.51 6.76
C SER G 394 39.12 -22.54 7.91
N PHE G 395 39.48 -23.29 8.95
CA PHE G 395 38.62 -23.39 10.13
C PHE G 395 38.21 -22.01 10.64
N THR G 396 39.19 -21.14 10.86
CA THR G 396 38.90 -19.79 11.34
C THR G 396 37.96 -19.06 10.39
N THR G 397 38.27 -19.10 9.09
CA THR G 397 37.42 -18.43 8.11
C THR G 397 35.99 -18.95 8.17
N LEU G 398 35.83 -20.27 8.23
CA LEU G 398 34.49 -20.84 8.35
C LEU G 398 33.78 -20.33 9.60
N ALA G 399 34.49 -20.28 10.72
CA ALA G 399 33.90 -19.72 11.93
C ALA G 399 33.42 -18.29 11.70
N ARG G 400 34.25 -17.47 11.05
CA ARG G 400 33.86 -16.10 10.77
C ARG G 400 32.60 -16.05 9.92
N GLU G 401 32.53 -16.86 8.86
CA GLU G 401 31.36 -16.85 8.00
C GLU G 401 30.10 -17.23 8.78
N LEU G 402 30.18 -18.32 9.56
CA LEU G 402 29.04 -18.72 10.37
C LEU G 402 28.61 -17.60 11.31
N SER G 403 29.58 -16.93 11.93
CA SER G 403 29.24 -15.82 12.82
C SER G 403 28.53 -14.71 12.07
N ALA G 404 29.00 -14.39 10.86
CA ALA G 404 28.40 -13.31 10.10
C ALA G 404 26.97 -13.65 9.71
N ARG G 405 26.73 -14.87 9.22
CA ARG G 405 25.37 -15.25 8.84
C ARG G 405 24.46 -15.34 10.06
N THR G 406 24.98 -15.77 11.20
CA THR G 406 24.19 -15.79 12.42
C THR G 406 23.77 -14.38 12.81
N PHE G 407 24.73 -13.46 12.87
CA PHE G 407 24.40 -12.08 13.21
C PHE G 407 23.38 -11.50 12.23
N SER G 408 23.60 -11.72 10.94
CA SER G 408 22.69 -11.20 9.92
C SER G 408 21.27 -11.73 10.14
N ARG G 409 21.11 -13.05 10.23
CA ARG G 409 19.79 -13.62 10.42
C ARG G 409 19.16 -13.17 11.72
N HIS G 410 19.99 -12.89 12.75
CA HIS G 410 19.45 -12.39 14.01
C HIS G 410 18.91 -10.97 13.84
N VAL G 411 19.64 -10.10 13.14
CA VAL G 411 19.15 -8.76 12.85
C VAL G 411 17.85 -8.84 12.06
N VAL G 412 17.82 -9.68 11.02
CA VAL G 412 16.61 -9.85 10.22
C VAL G 412 15.44 -10.26 11.11
N GLN G 413 15.67 -11.22 12.01
CA GLN G 413 14.60 -11.67 12.89
C GLN G 413 14.14 -10.53 13.80
N ARG G 414 15.08 -9.79 14.39
CA ARG G 414 14.72 -8.71 15.31
C ARG G 414 13.87 -7.65 14.62
N GLN G 415 14.29 -7.23 13.42
CA GLN G 415 13.49 -6.28 12.68
C GLN G 415 12.14 -6.87 12.30
N ARG G 416 12.12 -8.16 11.95
CA ARG G 416 10.87 -8.83 11.60
C ARG G 416 9.87 -8.77 12.74
N VAL G 417 10.32 -9.04 13.97
CA VAL G 417 9.41 -9.12 15.11
C VAL G 417 9.23 -7.81 15.85
N SER G 418 10.01 -6.78 15.51
CA SER G 418 9.97 -5.50 16.20
C SER G 418 9.17 -4.44 15.45
N GLY G 419 8.51 -4.81 14.35
CA GLY G 419 7.75 -3.86 13.57
C GLY G 419 8.55 -2.98 12.64
N GLN G 420 9.88 -3.08 12.66
CA GLN G 420 10.70 -2.30 11.74
C GLN G 420 10.38 -2.65 10.28
N VAL G 421 9.90 -3.87 10.03
CA VAL G 421 9.62 -4.30 8.66
C VAL G 421 8.47 -3.50 8.08
N GLN G 422 7.39 -3.33 8.85
CA GLN G 422 6.24 -2.60 8.33
C GLN G 422 6.56 -1.13 8.12
N ALA G 423 7.27 -0.52 9.08
CA ALA G 423 7.69 0.87 8.92
C ALA G 423 8.60 1.03 7.71
N LEU G 424 9.45 0.04 7.43
CA LEU G 424 10.26 0.09 6.23
C LEU G 424 9.42 -0.06 4.97
N GLN G 425 8.36 -0.87 5.04
CA GLN G 425 7.46 -1.01 3.89
C GLN G 425 6.77 0.30 3.58
N ASN G 426 6.22 0.95 4.60
CA ASN G 426 5.54 2.22 4.38
C ASN G 426 6.52 3.30 3.93
N HIS G 427 7.65 3.42 4.62
CA HIS G 427 8.63 4.45 4.29
C HIS G 427 9.15 4.29 2.87
N TYR G 428 9.52 3.06 2.51
CA TYR G 428 10.01 2.82 1.16
C TYR G 428 8.91 3.02 0.12
N ARG G 429 7.69 2.57 0.43
CA ARG G 429 6.58 2.76 -0.50
C ARG G 429 6.30 4.23 -0.76
N LYS G 430 6.57 5.10 0.23
CA LYS G 430 6.49 6.52 -0.02
C LYS G 430 7.71 7.04 -0.77
N TYR G 431 8.89 6.46 -0.49
CA TYR G 431 10.11 6.88 -1.17
C TYR G 431 10.05 6.61 -2.67
N LEU G 432 9.36 5.54 -3.08
CA LEU G 432 9.32 5.16 -4.49
C LEU G 432 8.71 6.24 -5.38
N CYS G 433 8.06 7.26 -4.80
CA CYS G 433 7.47 8.32 -5.62
C CYS G 433 8.52 9.14 -6.34
N LEU G 434 9.72 9.27 -5.75
CA LEU G 434 10.76 10.08 -6.37
C LEU G 434 11.33 9.40 -7.62
N LEU G 435 11.37 8.08 -7.64
CA LEU G 435 11.96 7.34 -8.76
C LEU G 435 10.92 6.94 -9.80
N ALA G 436 9.74 6.52 -9.35
CA ALA G 436 8.72 6.04 -10.28
C ALA G 436 8.44 7.07 -11.36
N SER G 437 8.14 6.57 -12.56
CA SER G 437 7.88 7.47 -13.68
C SER G 437 6.51 8.12 -13.56
N ASP G 438 5.50 7.37 -13.14
CA ASP G 438 4.14 7.86 -13.01
C ASP G 438 3.85 8.47 -11.64
N ALA G 439 4.85 9.08 -11.01
CA ALA G 439 4.66 9.68 -9.70
C ALA G 439 5.55 10.92 -9.59
N GLU G 440 5.04 11.93 -8.90
CA GLU G 440 5.74 13.19 -8.69
C GLU G 440 5.89 13.47 -7.20
N VAL G 441 6.87 14.30 -6.88
CA VAL G 441 7.11 14.71 -5.50
C VAL G 441 6.88 16.20 -5.40
N PRO G 442 6.64 16.72 -4.19
CA PRO G 442 6.42 18.17 -4.06
C PRO G 442 7.58 19.00 -4.58
N GLU G 443 8.79 18.73 -4.12
CA GLU G 443 9.97 19.46 -4.54
C GLU G 443 11.08 18.50 -4.96
N PRO G 444 11.89 18.88 -5.94
CA PRO G 444 12.99 18.02 -6.35
C PRO G 444 14.02 17.87 -5.24
N CYS G 445 14.58 16.66 -5.11
CA CYS G 445 15.56 16.39 -4.08
C CYS G 445 16.26 15.07 -4.42
N LEU G 446 17.36 14.82 -3.72
CA LEU G 446 18.12 13.60 -3.89
C LEU G 446 17.48 12.45 -3.11
N PRO G 447 17.74 11.20 -3.51
CA PRO G 447 17.14 10.07 -2.79
C PRO G 447 17.36 10.11 -1.28
N ARG G 448 18.56 10.48 -0.83
CA ARG G 448 18.81 10.57 0.60
C ARG G 448 17.97 11.69 1.22
N GLN G 449 17.90 12.85 0.57
CA GLN G 449 17.12 13.95 1.10
C GLN G 449 15.65 13.56 1.25
N TYR G 450 15.07 12.98 0.20
CA TYR G 450 13.67 12.55 0.28
C TYR G 450 13.47 11.50 1.36
N TRP G 451 14.39 10.53 1.44
CA TRP G 451 14.27 9.46 2.43
C TRP G 451 14.25 10.03 3.84
N GLU G 452 15.21 10.90 4.16
CA GLU G 452 15.22 11.52 5.48
C GLU G 452 14.02 12.43 5.69
N ALA G 453 13.51 13.04 4.61
CA ALA G 453 12.37 13.94 4.74
C ALA G 453 11.10 13.19 5.11
N LEU G 454 10.89 12.02 4.51
CA LEU G 454 9.67 11.26 4.81
C LEU G 454 9.59 10.92 6.29
N GLY G 455 10.68 10.48 6.89
CA GLY G 455 10.70 10.12 8.29
C GLY G 455 11.42 11.11 9.18
N ALA G 456 12.62 10.74 9.61
CA ALA G 456 13.19 9.46 9.23
C ALA G 456 13.65 8.65 10.44
N PRO G 457 12.78 7.76 10.91
CA PRO G 457 13.17 6.94 12.07
C PRO G 457 14.37 6.05 11.82
N GLU G 458 14.50 5.53 10.59
CA GLU G 458 15.61 4.66 10.22
C GLU G 458 15.66 3.38 11.05
N ALA G 459 14.51 2.98 11.61
CA ALA G 459 14.39 1.75 12.39
C ALA G 459 15.37 1.85 13.55
N LEU G 460 16.16 0.82 13.84
CA LEU G 460 17.07 0.84 14.98
C LEU G 460 18.41 0.24 14.56
N ARG G 461 19.48 0.73 15.18
CA ARG G 461 20.83 0.27 14.90
C ARG G 461 21.26 -0.70 15.99
N GLU G 462 21.74 -1.87 15.57
CA GLU G 462 22.18 -2.91 16.49
C GLU G 462 23.69 -3.06 16.39
N GLN G 463 24.38 -2.95 17.53
CA GLN G 463 25.82 -3.09 17.50
C GLN G 463 26.21 -4.56 17.44
N PRO G 464 27.24 -4.90 16.66
CA PRO G 464 27.64 -6.31 16.54
C PRO G 464 28.23 -6.82 17.84
N TRP G 465 28.42 -8.14 17.89
CA TRP G 465 28.97 -8.79 19.06
C TRP G 465 30.47 -8.59 19.13
N PRO G 466 31.05 -8.67 20.33
CA PRO G 466 32.52 -8.61 20.43
C PRO G 466 33.16 -9.78 19.70
N LEU G 467 34.37 -9.55 19.21
CA LEU G 467 35.05 -10.58 18.44
C LEU G 467 35.18 -11.91 19.18
N PRO G 468 35.54 -11.95 20.47
CA PRO G 468 35.63 -13.25 21.14
C PRO G 468 34.33 -14.04 21.10
N VAL G 469 33.19 -13.36 21.19
CA VAL G 469 31.90 -14.05 21.10
C VAL G 469 31.69 -14.61 19.70
N GLN G 470 32.02 -13.83 18.67
CA GLN G 470 31.90 -14.32 17.30
C GLN G 470 32.77 -15.55 17.08
N MET G 471 34.02 -15.51 17.56
CA MET G 471 34.92 -16.64 17.38
C MET G 471 34.42 -17.87 18.12
N GLU G 472 34.11 -17.72 19.40
CA GLU G 472 33.61 -18.86 20.17
C GLU G 472 32.35 -19.45 19.56
N LEU G 473 31.45 -18.59 19.06
CA LEU G 473 30.24 -19.07 18.42
C LEU G 473 30.56 -19.84 17.14
N GLY G 474 31.47 -19.30 16.32
CA GLY G 474 31.86 -20.00 15.11
C GLY G 474 32.45 -21.37 15.40
N LYS G 475 33.37 -21.42 16.37
CA LYS G 475 33.96 -22.71 16.74
C LYS G 475 32.89 -23.67 17.24
N LEU G 476 31.92 -23.17 18.01
CA LEU G 476 30.83 -24.02 18.48
C LEU G 476 30.06 -24.61 17.30
N LEU G 477 29.58 -23.75 16.40
CA LEU G 477 28.78 -24.23 15.28
C LEU G 477 29.57 -25.22 14.42
N ALA G 478 30.81 -24.86 14.08
CA ALA G 478 31.62 -25.74 13.23
C ALA G 478 31.83 -27.09 13.90
N GLU G 479 32.29 -27.08 15.16
CA GLU G 479 32.54 -28.33 15.86
C GLU G 479 31.27 -29.18 15.96
N MET G 480 30.13 -28.54 16.21
CA MET G 480 28.87 -29.27 16.28
C MET G 480 28.53 -29.90 14.94
N LEU G 481 28.78 -29.18 13.85
CA LEU G 481 28.52 -29.73 12.52
C LEU G 481 29.40 -30.95 12.26
N VAL G 482 30.70 -30.82 12.54
CA VAL G 482 31.63 -31.94 12.31
C VAL G 482 31.21 -33.14 13.14
N GLN G 483 30.98 -32.93 14.44
CA GLN G 483 30.64 -34.04 15.32
C GLN G 483 29.31 -34.70 14.95
N ALA G 484 28.36 -33.91 14.46
CA ALA G 484 27.01 -34.41 14.19
C ALA G 484 26.88 -35.07 12.82
N THR G 485 27.65 -34.62 11.84
CA THR G 485 27.52 -35.12 10.47
C THR G 485 28.35 -36.38 10.31
N GLN G 486 27.67 -37.52 10.14
CA GLN G 486 28.31 -38.80 9.89
C GLN G 486 27.76 -39.39 8.59
N MET G 487 28.54 -40.27 7.97
CA MET G 487 28.17 -40.88 6.71
C MET G 487 28.89 -42.21 6.56
N PRO G 488 28.33 -43.15 5.82
CA PRO G 488 29.00 -44.43 5.59
C PRO G 488 30.11 -44.30 4.55
N CYS G 489 31.18 -45.08 4.76
CA CYS G 489 32.37 -45.03 3.93
C CYS G 489 32.23 -45.84 2.64
N SER G 490 31.17 -46.64 2.50
CA SER G 490 31.06 -47.52 1.35
C SER G 490 30.84 -46.75 0.05
N LEU G 491 30.21 -45.58 0.12
CA LEU G 491 29.89 -44.75 -1.05
C LEU G 491 29.20 -45.64 -2.08
N ASP G 492 29.63 -45.66 -3.34
CA ASP G 492 29.00 -46.48 -4.36
C ASP G 492 29.10 -47.96 -4.01
N ARG G 496 24.58 -52.24 2.96
CA ARG G 496 25.82 -52.88 3.37
C ARG G 496 26.85 -51.84 3.81
N SER G 497 26.35 -50.69 4.28
CA SER G 497 27.19 -49.61 4.77
C SER G 497 27.11 -49.55 6.30
N SER G 498 27.61 -50.60 6.95
CA SER G 498 27.54 -50.67 8.40
C SER G 498 28.45 -49.64 9.07
N ARG G 499 29.66 -49.47 8.56
CA ARG G 499 30.61 -48.55 9.19
C ARG G 499 30.19 -47.10 8.98
N LEU G 500 30.44 -46.28 9.99
CA LEU G 500 30.13 -44.86 9.94
C LEU G 500 31.39 -44.05 10.22
N VAL G 501 31.67 -43.07 9.38
CA VAL G 501 32.81 -42.18 9.55
C VAL G 501 32.31 -40.74 9.50
N PRO G 502 33.00 -39.79 10.13
CA PRO G 502 32.55 -38.40 10.08
C PRO G 502 32.57 -37.88 8.65
N VAL G 503 31.59 -37.05 8.31
CA VAL G 503 31.54 -36.50 6.96
C VAL G 503 32.65 -35.47 6.77
N LEU G 504 32.92 -34.68 7.79
CA LEU G 504 33.97 -33.66 7.76
C LEU G 504 35.12 -34.10 8.65
N TYR G 505 36.34 -33.95 8.15
CA TYR G 505 37.55 -34.24 8.91
C TYR G 505 38.54 -33.11 8.72
N HIS G 506 39.09 -32.60 9.81
CA HIS G 506 40.03 -31.49 9.77
C HIS G 506 41.46 -32.01 9.74
N VAL G 507 42.22 -31.56 8.75
CA VAL G 507 43.63 -31.90 8.60
C VAL G 507 44.45 -30.61 8.70
N TYR G 508 45.76 -30.71 8.55
CA TYR G 508 46.65 -29.59 8.84
C TYR G 508 47.59 -29.35 7.67
N SER G 509 47.81 -28.07 7.37
CA SER G 509 48.75 -27.63 6.34
C SER G 509 49.95 -26.99 7.02
N PHE G 510 51.15 -27.45 6.67
CA PHE G 510 52.38 -26.95 7.26
C PHE G 510 53.19 -26.10 6.28
N ARG G 511 52.64 -25.77 5.11
CA ARG G 511 53.36 -24.90 4.19
C ARG G 511 53.85 -23.64 4.90
N ASN G 512 52.92 -22.93 5.54
CA ASN G 512 53.31 -21.90 6.48
C ASN G 512 53.99 -22.55 7.67
N VAL G 513 55.13 -21.99 8.10
CA VAL G 513 55.91 -22.53 9.20
C VAL G 513 55.01 -22.83 10.40
N GLN G 514 53.85 -22.22 10.43
CA GLN G 514 52.88 -22.34 11.51
C GLN G 514 51.72 -23.21 11.04
N GLN G 515 51.51 -24.33 11.73
CA GLN G 515 50.43 -25.23 11.31
C GLN G 515 49.09 -24.53 11.42
N ILE G 516 48.27 -24.67 10.38
CA ILE G 516 46.97 -24.02 10.29
C ILE G 516 45.90 -25.09 10.16
N GLY G 517 44.79 -24.90 10.89
CA GLY G 517 43.72 -25.87 10.86
C GLY G 517 42.91 -25.75 9.59
N ILE G 518 42.69 -26.88 8.92
CA ILE G 518 41.93 -26.94 7.67
C ILE G 518 40.78 -27.91 7.86
N LEU G 519 39.60 -27.52 7.39
CA LEU G 519 38.43 -28.40 7.40
C LEU G 519 38.27 -29.01 6.01
N LYS G 520 38.35 -30.33 5.92
CA LYS G 520 38.24 -30.98 4.62
C LYS G 520 37.07 -31.96 4.59
N PRO G 521 36.32 -31.99 3.50
CA PRO G 521 35.22 -32.95 3.38
C PRO G 521 35.68 -34.32 2.92
N HIS G 522 34.90 -35.32 3.27
CA HIS G 522 35.24 -36.70 2.90
C HIS G 522 35.28 -36.83 1.38
N PRO G 523 36.32 -37.45 0.82
CA PRO G 523 36.36 -37.62 -0.64
C PRO G 523 35.15 -38.36 -1.20
N ALA G 524 34.64 -39.36 -0.48
CA ALA G 524 33.44 -40.05 -0.94
C ALA G 524 32.26 -39.09 -1.02
N TYR G 525 32.17 -38.15 -0.09
CA TYR G 525 31.14 -37.11 -0.17
C TYR G 525 31.32 -36.26 -1.42
N VAL G 526 32.56 -35.90 -1.74
CA VAL G 526 32.83 -35.09 -2.93
C VAL G 526 32.40 -35.84 -4.18
N GLN G 527 32.82 -37.10 -4.31
CA GLN G 527 32.40 -37.89 -5.46
C GLN G 527 30.90 -38.05 -5.53
N LEU G 528 30.23 -38.15 -4.37
CA LEU G 528 28.78 -38.26 -4.35
C LEU G 528 28.14 -37.00 -4.92
N LEU G 529 28.59 -35.83 -4.46
CA LEU G 529 28.04 -34.58 -5.00
C LEU G 529 28.38 -34.40 -6.47
N GLU G 530 29.51 -34.92 -6.91
CA GLU G 530 29.88 -34.81 -8.32
C GLU G 530 28.97 -35.68 -9.18
N LYS G 531 28.77 -36.95 -8.77
CA LYS G 531 27.90 -37.83 -9.54
C LYS G 531 26.46 -37.32 -9.52
N ALA G 532 26.00 -36.80 -8.39
CA ALA G 532 24.63 -36.31 -8.30
C ALA G 532 24.36 -35.20 -9.30
N ALA G 533 25.35 -34.36 -9.56
CA ALA G 533 25.23 -33.24 -10.50
C ALA G 533 23.98 -32.41 -10.17
N GLU G 534 23.98 -31.84 -8.98
CA GLU G 534 22.84 -31.03 -8.54
C GLU G 534 22.61 -29.90 -9.53
N PRO G 535 21.38 -29.69 -10.00
CA PRO G 535 21.12 -28.64 -10.99
C PRO G 535 20.72 -27.30 -10.39
N THR G 536 21.01 -27.09 -9.11
CA THR G 536 20.66 -25.83 -8.44
C THR G 536 21.84 -25.35 -7.61
N LEU G 537 22.05 -24.04 -7.64
CA LEU G 537 23.07 -23.38 -6.82
C LEU G 537 22.38 -22.41 -5.86
N THR G 538 23.02 -22.20 -4.71
CA THR G 538 22.49 -21.32 -3.67
C THR G 538 23.46 -20.18 -3.40
N PHE G 539 22.91 -18.98 -3.26
CA PHE G 539 23.69 -17.79 -2.97
C PHE G 539 23.09 -17.07 -1.77
N GLU G 540 23.92 -16.31 -1.06
CA GLU G 540 23.42 -15.43 -0.01
C GLU G 540 22.73 -14.23 -0.65
N ALA G 541 21.63 -13.79 -0.02
CA ALA G 541 20.92 -12.62 -0.52
C ALA G 541 21.85 -11.42 -0.68
N VAL G 542 22.93 -11.38 0.11
CA VAL G 542 23.88 -10.27 0.05
C VAL G 542 24.90 -10.42 -1.08
N ASP G 543 24.97 -11.58 -1.73
CA ASP G 543 25.95 -11.83 -2.78
C ASP G 543 25.38 -11.69 -4.18
N VAL G 544 24.10 -11.37 -4.31
CA VAL G 544 23.47 -11.25 -5.62
C VAL G 544 22.92 -9.83 -5.74
N PRO G 545 22.71 -9.34 -6.96
CA PRO G 545 22.17 -8.00 -7.15
C PRO G 545 20.78 -7.88 -6.54
N MET G 546 20.41 -6.64 -6.23
CA MET G 546 19.10 -6.35 -5.66
C MET G 546 18.05 -6.26 -6.76
N LEU G 547 16.86 -6.76 -6.48
CA LEU G 547 15.76 -6.73 -7.45
C LEU G 547 15.03 -5.39 -7.46
N CYS G 548 15.44 -4.44 -6.62
CA CYS G 548 14.81 -3.12 -6.58
C CYS G 548 15.90 -2.11 -6.26
N PRO G 549 15.60 -0.82 -6.46
CA PRO G 549 16.59 0.21 -6.13
C PRO G 549 17.04 0.08 -4.69
N PRO G 550 18.36 0.11 -4.44
CA PRO G 550 18.86 -0.07 -3.07
C PRO G 550 18.39 1.05 -2.16
N LEU G 551 18.68 0.88 -0.87
CA LEU G 551 18.35 1.91 0.11
C LEU G 551 19.32 3.07 -0.01
N PRO G 552 18.84 4.31 -0.03
CA PRO G 552 19.75 5.46 -0.04
C PRO G 552 20.63 5.48 1.20
N TRP G 553 21.90 5.83 1.00
CA TRP G 553 22.86 5.89 2.09
C TRP G 553 22.58 7.12 2.94
N THR G 554 22.01 6.92 4.13
CA THR G 554 21.71 8.01 5.03
C THR G 554 22.74 8.17 6.14
N SER G 555 23.53 7.15 6.42
CA SER G 555 24.55 7.20 7.46
C SER G 555 25.53 6.06 7.24
N PRO G 556 26.65 6.05 7.96
CA PRO G 556 27.63 4.96 7.78
C PRO G 556 27.11 3.59 8.18
N HIS G 557 25.90 3.50 8.75
CA HIS G 557 25.34 2.22 9.17
C HIS G 557 24.04 1.86 8.49
N SER G 558 23.51 2.73 7.62
CA SER G 558 22.27 2.47 6.90
C SER G 558 22.55 2.53 5.40
N GLY G 559 22.41 1.40 4.72
CA GLY G 559 22.65 1.37 3.29
C GLY G 559 22.53 -0.02 2.73
N ALA G 560 22.70 -0.10 1.43
CA ALA G 560 22.77 -1.37 0.67
C ALA G 560 21.44 -2.11 0.84
N PHE G 561 21.46 -3.41 1.09
CA PHE G 561 20.25 -4.21 1.13
C PHE G 561 19.31 -3.71 2.23
N LEU G 562 18.01 -3.86 1.96
CA LEU G 562 16.98 -3.27 2.82
C LEU G 562 17.19 -3.63 4.29
N LEU G 563 17.25 -4.93 4.59
CA LEU G 563 17.33 -5.39 5.97
C LEU G 563 18.75 -5.70 6.41
N SER G 564 19.50 -6.45 5.61
CA SER G 564 20.84 -6.86 6.01
C SER G 564 21.71 -5.63 6.28
N PRO G 565 22.43 -5.60 7.40
CA PRO G 565 23.33 -4.46 7.65
C PRO G 565 24.56 -4.53 6.77
N THR G 566 24.96 -3.36 6.26
CA THR G 566 26.11 -3.26 5.37
C THR G 566 27.01 -2.13 5.84
N LYS G 567 28.30 -2.42 5.96
CA LYS G 567 29.26 -1.41 6.36
C LYS G 567 29.44 -0.38 5.24
N LEU G 568 29.60 0.88 5.65
CA LEU G 568 29.83 1.95 4.67
C LEU G 568 31.22 1.85 4.05
N MET G 569 32.19 1.32 4.79
CA MET G 569 33.55 1.17 4.30
C MET G 569 33.98 -0.29 4.38
N ARG G 570 34.47 -0.83 3.26
CA ARG G 570 34.85 -2.24 3.20
C ARG G 570 35.99 -2.55 4.16
N THR G 571 37.04 -1.72 4.15
CA THR G 571 38.27 -1.99 4.87
C THR G 571 38.03 -2.56 6.25
N VAL G 572 38.42 -3.83 6.46
CA VAL G 572 38.25 -4.47 7.76
C VAL G 572 39.35 -4.02 8.72
N GLU G 573 40.59 -3.93 8.24
CA GLU G 573 41.67 -3.44 9.09
C GLU G 573 41.42 -1.98 9.47
N GLY G 574 41.48 -1.71 10.78
CA GLY G 574 41.15 -0.37 11.25
C GLY G 574 39.70 -0.01 11.13
N ALA G 575 38.81 -0.99 10.99
CA ALA G 575 37.38 -0.71 10.85
C ALA G 575 36.88 0.12 12.03
N THR G 576 37.40 -0.14 13.22
CA THR G 576 36.98 0.65 14.39
C THR G 576 37.37 2.11 14.23
N GLN G 577 38.61 2.38 13.83
CA GLN G 577 39.06 3.75 13.67
C GLN G 577 38.29 4.46 12.57
N HIS G 578 38.23 3.86 11.38
CA HIS G 578 37.60 4.54 10.26
C HIS G 578 36.10 4.72 10.48
N GLN G 579 35.44 3.71 11.05
CA GLN G 579 34.02 3.83 11.35
C GLN G 579 33.78 4.92 12.40
N GLU G 580 34.54 4.88 13.49
CA GLU G 580 34.35 5.85 14.56
C GLU G 580 34.61 7.26 14.09
N LEU G 581 35.56 7.44 13.15
CA LEU G 581 35.80 8.77 12.60
C LEU G 581 34.73 9.17 11.59
N LEU G 582 34.17 8.20 10.86
CA LEU G 582 33.05 8.49 9.98
C LEU G 582 31.84 8.96 10.77
N GLU G 583 31.62 8.41 11.96
CA GLU G 583 30.57 8.88 12.83
C GLU G 583 30.95 10.14 13.58
N THR G 584 32.25 10.38 13.78
CA THR G 584 32.69 11.58 14.49
C THR G 584 32.56 12.82 13.62
N CYS G 585 32.95 12.73 12.35
CA CYS G 585 32.86 13.86 11.46
C CYS G 585 31.42 14.38 11.39
N PRO G 586 31.23 15.64 11.05
CA PRO G 586 29.88 16.19 10.95
C PRO G 586 29.04 15.39 9.98
N PRO G 587 27.76 15.14 10.29
CA PRO G 587 26.92 14.37 9.37
C PRO G 587 26.89 14.96 7.97
N THR G 588 26.92 16.28 7.84
CA THR G 588 26.90 16.91 6.53
C THR G 588 28.17 16.64 5.75
N ALA G 589 29.30 16.42 6.43
CA ALA G 589 30.56 16.24 5.75
C ALA G 589 30.50 15.06 4.77
N LEU G 590 29.76 14.01 5.12
CA LEU G 590 29.70 12.79 4.32
C LEU G 590 28.57 12.82 3.29
N HIS G 591 27.77 13.89 3.26
CA HIS G 591 26.64 13.97 2.33
C HIS G 591 27.06 13.62 0.91
N GLY G 592 28.16 14.22 0.44
CA GLY G 592 28.62 13.96 -0.92
C GLY G 592 28.80 12.48 -1.21
N ALA G 593 29.59 11.80 -0.37
CA ALA G 593 29.86 10.38 -0.60
C ALA G 593 28.58 9.57 -0.59
N LEU G 594 27.72 9.80 0.41
CA LEU G 594 26.46 9.06 0.49
C LEU G 594 25.61 9.25 -0.76
N ASP G 595 25.51 10.49 -1.24
CA ASP G 595 24.71 10.74 -2.44
C ASP G 595 25.33 10.10 -3.67
N ALA G 596 26.67 10.06 -3.74
CA ALA G 596 27.33 9.42 -4.87
C ALA G 596 27.09 7.92 -4.88
N LEU G 597 27.24 7.28 -3.72
CA LEU G 597 26.99 5.85 -3.63
C LEU G 597 25.53 5.52 -3.92
N THR G 598 24.62 6.34 -3.39
CA THR G 598 23.20 6.13 -3.68
C THR G 598 22.93 6.25 -5.19
N GLN G 599 23.53 7.25 -5.83
CA GLN G 599 23.36 7.40 -7.27
C GLN G 599 23.87 6.17 -8.00
N LEU G 600 25.09 5.72 -7.67
CA LEU G 600 25.63 4.52 -8.30
C LEU G 600 24.68 3.33 -8.12
N GLY G 601 24.14 3.17 -6.90
CA GLY G 601 23.23 2.06 -6.65
C GLY G 601 21.90 2.17 -7.37
N ASN G 602 21.48 3.39 -7.71
CA ASN G 602 20.20 3.59 -8.38
C ASN G 602 20.27 3.30 -9.88
N CYS G 603 21.45 3.01 -10.42
CA CYS G 603 21.57 2.73 -11.85
C CYS G 603 20.88 1.43 -12.20
N ALA G 604 19.94 1.48 -13.14
CA ALA G 604 19.18 0.31 -13.54
C ALA G 604 19.97 -0.49 -14.58
N TRP G 605 20.08 -1.80 -14.35
CA TRP G 605 20.85 -2.69 -15.20
C TRP G 605 19.95 -3.79 -15.76
N ARG G 606 20.37 -4.33 -16.91
CA ARG G 606 19.70 -5.47 -17.52
C ARG G 606 20.73 -6.30 -18.26
N VAL G 607 20.37 -7.55 -18.56
CA VAL G 607 21.28 -8.51 -19.17
C VAL G 607 21.14 -8.46 -20.68
N ASN G 608 22.25 -8.67 -21.37
CA ASN G 608 22.29 -8.74 -22.83
C ASN G 608 21.99 -10.19 -23.24
N GLY G 609 20.80 -10.41 -23.79
CA GLY G 609 20.37 -11.77 -24.09
C GLY G 609 21.30 -12.49 -25.04
N ARG G 610 21.67 -11.83 -26.13
CA ARG G 610 22.49 -12.46 -27.16
C ARG G 610 23.87 -12.83 -26.60
N VAL G 611 24.54 -11.88 -25.98
CA VAL G 611 25.87 -12.15 -25.41
C VAL G 611 25.81 -13.34 -24.47
N LEU G 612 24.79 -13.39 -23.61
CA LEU G 612 24.64 -14.53 -22.72
C LEU G 612 24.45 -15.82 -23.50
N ASP G 613 23.63 -15.78 -24.55
CA ASP G 613 23.39 -16.98 -25.35
C ASP G 613 24.68 -17.51 -25.96
N LEU G 614 25.52 -16.63 -26.49
CA LEU G 614 26.77 -17.07 -27.11
C LEU G 614 27.76 -17.55 -26.06
N VAL G 615 27.99 -16.74 -25.01
CA VAL G 615 28.94 -17.11 -23.97
C VAL G 615 28.58 -18.47 -23.38
N LEU G 616 27.28 -18.70 -23.15
CA LEU G 616 26.86 -20.02 -22.67
C LEU G 616 27.11 -21.08 -23.73
N GLN G 617 26.71 -20.79 -24.98
CA GLN G 617 26.93 -21.75 -26.06
C GLN G 617 28.36 -22.28 -26.07
N LEU G 618 29.34 -21.38 -25.89
CA LEU G 618 30.70 -21.84 -25.75
C LEU G 618 30.89 -22.60 -24.44
N PHE G 619 30.38 -22.05 -23.34
CA PHE G 619 30.53 -22.71 -22.05
C PHE G 619 29.74 -24.02 -22.00
N GLN G 620 28.51 -24.01 -22.54
CA GLN G 620 27.67 -25.20 -22.46
C GLN G 620 28.33 -26.39 -23.15
N ALA G 621 29.02 -26.16 -24.25
CA ALA G 621 29.67 -27.23 -25.00
C ALA G 621 31.17 -27.28 -24.74
N LYS G 622 31.92 -26.43 -25.43
CA LYS G 622 33.37 -26.43 -25.41
C LYS G 622 33.86 -25.01 -25.16
N GLY G 623 34.58 -24.82 -24.05
CA GLY G 623 35.08 -23.51 -23.71
C GLY G 623 35.98 -22.94 -24.79
N CYS G 624 36.23 -21.63 -24.66
CA CYS G 624 37.07 -20.88 -25.61
C CYS G 624 38.04 -20.04 -24.81
N PRO G 625 39.15 -20.63 -24.35
CA PRO G 625 40.14 -19.84 -23.62
C PRO G 625 40.63 -18.62 -24.38
N GLN G 626 40.68 -18.70 -25.71
CA GLN G 626 41.10 -17.54 -26.49
C GLN G 626 40.15 -16.36 -26.30
N LEU G 627 38.89 -16.64 -25.97
CA LEU G 627 37.89 -15.60 -25.76
C LEU G 627 37.49 -15.48 -24.28
N GLY G 628 38.37 -15.89 -23.37
CA GLY G 628 38.08 -15.79 -21.95
C GLY G 628 36.92 -16.63 -21.48
N VAL G 629 36.64 -17.74 -22.16
CA VAL G 629 35.60 -18.68 -21.76
C VAL G 629 36.29 -19.94 -21.25
N PRO G 630 36.18 -20.25 -19.96
CA PRO G 630 36.91 -21.42 -19.42
C PRO G 630 36.44 -22.71 -20.09
N ALA G 631 37.39 -23.65 -20.22
CA ALA G 631 37.14 -24.97 -20.78
C ALA G 631 36.85 -25.98 -19.68
N PRO G 632 36.01 -26.96 -19.94
CA PRO G 632 35.68 -27.97 -18.92
C PRO G 632 36.88 -28.84 -18.61
N PRO G 633 36.83 -29.62 -17.53
CA PRO G 633 37.95 -30.50 -17.20
C PRO G 633 38.30 -31.48 -18.31
N SER G 634 37.38 -31.75 -19.23
CA SER G 634 37.68 -32.65 -20.33
C SER G 634 38.84 -32.16 -21.17
N GLU G 635 39.03 -30.84 -21.24
CA GLU G 635 40.09 -30.25 -22.04
C GLU G 635 41.40 -30.08 -21.27
N ALA G 636 41.46 -30.52 -20.02
CA ALA G 636 42.70 -30.43 -19.27
C ALA G 636 43.74 -31.36 -19.86
N PRO G 637 45.00 -30.92 -19.97
CA PRO G 637 46.08 -31.73 -20.56
C PRO G 637 46.38 -32.99 -19.76
N GLU G 659 55.93 -33.73 -15.33
CA GLU G 659 54.84 -33.74 -16.28
C GLU G 659 53.49 -33.81 -15.56
N LEU G 660 53.35 -34.84 -14.71
CA LEU G 660 52.11 -35.00 -13.96
C LEU G 660 51.85 -33.79 -13.06
N ALA G 661 52.91 -33.22 -12.48
CA ALA G 661 52.75 -32.06 -11.61
C ALA G 661 52.19 -30.88 -12.39
N HIS G 662 52.79 -30.58 -13.56
CA HIS G 662 52.30 -29.47 -14.37
C HIS G 662 50.88 -29.72 -14.84
N CYS G 663 50.58 -30.95 -15.27
CA CYS G 663 49.22 -31.27 -15.69
C CYS G 663 48.22 -31.04 -14.58
N GLN G 664 48.58 -31.44 -13.35
CA GLN G 664 47.69 -31.22 -12.22
C GLN G 664 47.52 -29.74 -11.91
N LYS G 665 48.61 -28.98 -12.00
CA LYS G 665 48.53 -27.53 -11.79
C LYS G 665 47.56 -26.88 -12.79
N VAL G 666 47.79 -27.11 -14.08
CA VAL G 666 46.92 -26.55 -15.11
C VAL G 666 45.47 -27.00 -14.87
N ALA G 667 45.29 -28.27 -14.49
CA ALA G 667 43.94 -28.77 -14.23
C ALA G 667 43.28 -27.99 -13.10
N ARG G 668 44.01 -27.76 -12.00
CA ARG G 668 43.45 -27.03 -10.87
C ARG G 668 43.07 -25.61 -11.28
N GLU G 669 43.97 -24.92 -11.99
CA GLU G 669 43.65 -23.56 -12.43
C GLU G 669 42.40 -23.55 -13.31
N MET G 670 42.35 -24.47 -14.28
CA MET G 670 41.18 -24.54 -15.16
C MET G 670 39.91 -24.80 -14.36
N HIS G 671 40.00 -25.61 -13.30
CA HIS G 671 38.82 -25.87 -12.48
C HIS G 671 38.39 -24.62 -11.72
N SER G 672 39.36 -23.85 -11.22
CA SER G 672 39.02 -22.60 -10.54
C SER G 672 38.29 -21.65 -11.48
N LEU G 673 38.90 -21.35 -12.62
CA LEU G 673 38.25 -20.46 -13.58
C LEU G 673 36.88 -21.00 -13.98
N ARG G 674 36.77 -22.31 -14.18
CA ARG G 674 35.49 -22.92 -14.52
C ARG G 674 34.45 -22.66 -13.44
N ALA G 675 34.86 -22.74 -12.18
CA ALA G 675 33.92 -22.47 -11.09
C ALA G 675 33.46 -21.02 -11.11
N GLU G 676 34.42 -20.08 -11.13
CA GLU G 676 34.05 -18.67 -11.14
C GLU G 676 33.09 -18.35 -12.28
N ALA G 677 33.44 -18.78 -13.50
CA ALA G 677 32.56 -18.55 -14.65
C ALA G 677 31.20 -19.20 -14.44
N LEU G 678 31.19 -20.39 -13.81
CA LEU G 678 29.92 -21.06 -13.53
C LEU G 678 29.01 -20.19 -12.67
N TYR G 679 29.57 -19.63 -11.59
CA TYR G 679 28.75 -18.80 -10.72
C TYR G 679 28.30 -17.54 -11.42
N ARG G 680 29.24 -16.79 -12.02
CA ARG G 680 28.88 -15.54 -12.69
C ARG G 680 27.81 -15.76 -13.74
N LEU G 681 28.06 -16.68 -14.68
CA LEU G 681 27.08 -16.94 -15.74
C LEU G 681 25.77 -17.48 -15.17
N SER G 682 25.82 -18.22 -14.06
CA SER G 682 24.60 -18.71 -13.44
C SER G 682 23.73 -17.56 -12.95
N LEU G 683 24.33 -16.63 -12.20
CA LEU G 683 23.59 -15.47 -11.74
C LEU G 683 23.09 -14.66 -12.92
N ALA G 684 23.90 -14.52 -13.96
CA ALA G 684 23.47 -13.80 -15.15
C ALA G 684 22.21 -14.44 -15.73
N GLN G 685 22.21 -15.76 -15.86
CA GLN G 685 21.03 -16.44 -16.39
C GLN G 685 19.82 -16.24 -15.47
N HIS G 686 20.04 -16.27 -14.15
CA HIS G 686 18.92 -16.04 -13.23
C HIS G 686 18.34 -14.64 -13.41
N LEU G 687 19.19 -13.66 -13.66
CA LEU G 687 18.78 -12.27 -13.85
C LEU G 687 18.50 -11.93 -15.31
N ARG G 688 18.27 -12.94 -16.15
CA ARG G 688 18.10 -12.70 -17.58
C ARG G 688 16.98 -11.70 -17.85
N ASP G 689 15.76 -12.03 -17.42
CA ASP G 689 14.58 -11.26 -17.75
C ASP G 689 14.19 -10.26 -16.66
N ARG G 690 15.11 -9.93 -15.76
CA ARG G 690 14.83 -9.04 -14.64
C ARG G 690 15.72 -7.81 -14.71
N VAL G 691 15.23 -6.73 -14.09
CA VAL G 691 16.00 -5.51 -13.88
C VAL G 691 16.55 -5.52 -12.47
N PHE G 692 17.84 -5.17 -12.32
CA PHE G 692 18.50 -5.24 -11.03
C PHE G 692 19.42 -4.04 -10.85
N TRP G 693 19.73 -3.76 -9.59
CA TRP G 693 20.59 -2.66 -9.19
C TRP G 693 21.74 -3.18 -8.35
N LEU G 694 22.90 -2.54 -8.49
CA LEU G 694 24.10 -2.96 -7.76
C LEU G 694 24.50 -1.88 -6.76
N PRO G 695 24.22 -2.05 -5.47
CA PRO G 695 24.68 -1.06 -4.48
C PRO G 695 26.19 -1.06 -4.37
N HIS G 696 26.75 0.12 -4.15
CA HIS G 696 28.20 0.31 -4.11
C HIS G 696 28.68 0.57 -2.69
N ASN G 697 29.97 0.29 -2.49
CA ASN G 697 30.65 0.47 -1.22
C ASN G 697 31.95 1.22 -1.47
N MET G 698 32.66 1.54 -0.38
CA MET G 698 33.92 2.28 -0.46
C MET G 698 35.00 1.53 0.30
N ASP G 699 36.25 1.79 -0.10
CA ASP G 699 37.42 1.34 0.64
C ASP G 699 37.92 2.48 1.52
N PHE G 700 38.98 2.20 2.28
CA PHE G 700 39.55 3.25 3.12
C PHE G 700 40.07 4.42 2.29
N ARG G 701 40.39 4.19 1.02
CA ARG G 701 40.84 5.26 0.14
C ARG G 701 39.70 6.06 -0.45
N GLY G 702 38.47 5.54 -0.39
CA GLY G 702 37.33 6.16 -1.02
C GLY G 702 36.93 5.58 -2.35
N ARG G 703 37.77 4.74 -2.95
CA ARG G 703 37.39 4.09 -4.20
C ARG G 703 36.14 3.25 -4.01
N THR G 704 35.23 3.34 -4.98
CA THR G 704 33.96 2.65 -4.92
C THR G 704 34.07 1.28 -5.60
N TYR G 705 33.38 0.29 -5.02
CA TYR G 705 33.36 -1.06 -5.54
C TYR G 705 31.96 -1.64 -5.39
N PRO G 706 31.46 -2.37 -6.40
CA PRO G 706 30.16 -3.03 -6.24
C PRO G 706 30.17 -4.04 -5.11
N CYS G 707 29.01 -4.20 -4.47
CA CYS G 707 28.87 -5.10 -3.33
C CYS G 707 28.78 -6.55 -3.80
N PRO G 708 27.87 -6.88 -4.71
CA PRO G 708 27.82 -8.24 -5.26
C PRO G 708 29.09 -8.56 -6.03
N PRO G 709 29.93 -9.46 -5.51
CA PRO G 709 31.23 -9.70 -6.15
C PRO G 709 31.14 -10.63 -7.35
N HIS G 710 30.28 -11.64 -7.29
CA HIS G 710 30.20 -12.62 -8.37
C HIS G 710 29.84 -11.95 -9.70
N PHE G 711 28.70 -11.28 -9.74
CA PHE G 711 28.19 -10.67 -10.97
C PHE G 711 28.14 -9.16 -10.77
N ASN G 712 28.99 -8.45 -11.49
CA ASN G 712 29.04 -6.99 -11.41
C ASN G 712 29.87 -6.47 -12.58
N HIS G 713 29.73 -5.17 -12.85
CA HIS G 713 30.39 -4.56 -13.99
C HIS G 713 31.90 -4.42 -13.81
N LEU G 714 32.42 -4.62 -12.59
CA LEU G 714 33.85 -4.57 -12.35
C LEU G 714 34.57 -5.84 -12.77
N GLY G 715 33.86 -6.81 -13.34
CA GLY G 715 34.45 -8.08 -13.72
C GLY G 715 35.29 -7.97 -14.98
N SER G 716 35.44 -9.12 -15.65
CA SER G 716 36.28 -9.22 -16.83
C SER G 716 35.52 -8.71 -18.06
N ASP G 717 36.12 -8.90 -19.24
CA ASP G 717 35.50 -8.46 -20.48
C ASP G 717 34.12 -9.08 -20.66
N VAL G 718 34.02 -10.40 -20.49
CA VAL G 718 32.74 -11.08 -20.63
C VAL G 718 31.71 -10.46 -19.70
N ALA G 719 32.09 -10.28 -18.43
CA ALA G 719 31.18 -9.67 -17.46
C ALA G 719 30.70 -8.30 -17.93
N ARG G 720 31.63 -7.48 -18.42
CA ARG G 720 31.26 -6.14 -18.87
C ARG G 720 30.34 -6.20 -20.08
N ALA G 721 30.49 -7.23 -20.93
CA ALA G 721 29.66 -7.36 -22.12
C ALA G 721 28.29 -7.94 -21.81
N LEU G 722 28.14 -8.67 -20.71
CA LEU G 722 26.84 -9.25 -20.36
C LEU G 722 25.85 -8.20 -19.86
N LEU G 723 26.33 -7.04 -19.43
CA LEU G 723 25.49 -6.03 -18.81
C LEU G 723 25.23 -4.87 -19.77
N GLU G 724 24.07 -4.24 -19.61
CA GLU G 724 23.73 -3.03 -20.35
C GLU G 724 22.70 -2.24 -19.55
N PHE G 725 22.56 -0.97 -19.90
CA PHE G 725 21.61 -0.11 -19.20
C PHE G 725 20.19 -0.58 -19.43
N ALA G 726 19.42 -0.70 -18.34
CA ALA G 726 18.02 -1.11 -18.46
C ALA G 726 17.19 -0.01 -19.10
N GLN G 727 17.49 1.25 -18.79
CA GLN G 727 16.80 2.39 -19.37
C GLN G 727 17.56 2.88 -20.58
N GLY G 728 16.85 3.11 -21.69
CA GLY G 728 17.47 3.52 -22.92
C GLY G 728 17.59 5.03 -23.07
N ARG G 729 18.31 5.44 -24.11
CA ARG G 729 18.53 6.85 -24.40
C ARG G 729 18.68 7.04 -25.91
N PRO G 730 17.80 7.82 -26.54
CA PRO G 730 17.92 8.02 -28.00
C PRO G 730 19.29 8.56 -28.37
N LEU G 731 19.88 7.95 -29.40
CA LEU G 731 21.25 8.31 -29.80
C LEU G 731 21.40 9.81 -30.00
N GLY G 732 20.46 10.44 -30.70
CA GLY G 732 20.54 11.84 -31.01
C GLY G 732 21.44 12.13 -32.20
N PRO G 733 21.98 13.35 -32.27
CA PRO G 733 22.79 13.75 -33.42
C PRO G 733 24.18 13.13 -33.44
N HIS G 734 24.72 12.84 -32.26
CA HIS G 734 26.07 12.28 -32.15
C HIS G 734 26.08 10.90 -31.53
N GLY G 735 24.92 10.31 -31.26
CA GLY G 735 24.89 8.98 -30.66
C GLY G 735 25.62 7.95 -31.50
N LEU G 736 25.30 7.90 -32.80
CA LEU G 736 25.92 6.90 -33.67
C LEU G 736 27.44 7.13 -33.75
N ASP G 737 27.86 8.38 -33.92
CA ASP G 737 29.29 8.67 -33.98
C ASP G 737 29.99 8.23 -32.71
N TRP G 738 29.37 8.47 -31.55
CA TRP G 738 29.99 8.05 -30.30
C TRP G 738 29.99 6.54 -30.14
N LEU G 739 28.99 5.85 -30.69
CA LEU G 739 29.00 4.39 -30.65
C LEU G 739 30.11 3.83 -31.52
N LYS G 740 30.34 4.43 -32.69
CA LYS G 740 31.40 3.95 -33.56
C LYS G 740 32.78 4.26 -32.97
N ILE G 741 32.96 5.49 -32.48
CA ILE G 741 34.23 5.84 -31.84
C ILE G 741 34.50 4.94 -30.65
N HIS G 742 33.48 4.69 -29.84
CA HIS G 742 33.62 3.77 -28.71
C HIS G 742 34.00 2.38 -29.21
N LEU G 743 33.37 1.93 -30.29
CA LEU G 743 33.72 0.63 -30.88
C LEU G 743 35.21 0.58 -31.22
N VAL G 744 35.71 1.58 -31.93
CA VAL G 744 37.12 1.61 -32.28
C VAL G 744 37.98 1.60 -31.02
N ASN G 745 37.58 2.35 -30.00
CA ASN G 745 38.31 2.35 -28.74
C ASN G 745 38.39 0.93 -28.17
N LEU G 746 37.29 0.20 -28.20
CA LEU G 746 37.29 -1.17 -27.69
C LEU G 746 38.17 -2.08 -28.54
N THR G 747 38.22 -1.85 -29.85
CA THR G 747 39.06 -2.69 -30.70
C THR G 747 40.54 -2.48 -30.43
N GLY G 748 40.93 -1.27 -30.04
CA GLY G 748 42.32 -0.98 -29.79
C GLY G 748 43.18 -0.85 -31.02
N LEU G 749 42.59 -0.76 -32.20
CA LEU G 749 43.37 -0.68 -33.43
C LEU G 749 43.81 0.75 -33.73
N LYS G 750 43.08 1.75 -33.25
CA LYS G 750 43.38 3.15 -33.51
C LYS G 750 43.57 3.92 -32.20
N LYS G 751 44.32 3.33 -31.27
CA LYS G 751 44.60 4.02 -30.01
C LYS G 751 45.27 5.36 -30.26
N ARG G 752 46.22 5.41 -31.20
CA ARG G 752 46.95 6.63 -31.48
C ARG G 752 46.20 7.57 -32.41
N GLU G 753 45.21 7.07 -33.14
CA GLU G 753 44.49 7.88 -34.10
C GLU G 753 43.54 8.85 -33.41
N PRO G 754 43.25 9.98 -34.04
CA PRO G 754 42.26 10.91 -33.47
C PRO G 754 40.85 10.34 -33.59
N LEU G 755 39.91 11.02 -32.93
CA LEU G 755 38.53 10.56 -32.92
C LEU G 755 37.96 10.48 -34.34
N ARG G 756 38.24 11.50 -35.17
CA ARG G 756 37.70 11.50 -36.52
C ARG G 756 38.18 10.30 -37.31
N LYS G 757 39.45 9.93 -37.16
CA LYS G 757 39.99 8.79 -37.90
C LYS G 757 39.49 7.47 -37.33
N ARG G 758 39.18 7.43 -36.03
CA ARG G 758 38.52 6.25 -35.48
C ARG G 758 37.13 6.08 -36.06
N LEU G 759 36.38 7.18 -36.17
CA LEU G 759 35.06 7.11 -36.80
C LEU G 759 35.18 6.67 -38.25
N ALA G 760 36.14 7.24 -38.99
CA ALA G 760 36.33 6.84 -40.38
C ALA G 760 36.69 5.36 -40.47
N PHE G 761 37.52 4.87 -39.55
CA PHE G 761 37.86 3.46 -39.54
C PHE G 761 36.63 2.60 -39.30
N ALA G 762 35.78 3.01 -38.35
CA ALA G 762 34.51 2.30 -38.16
C ALA G 762 33.71 2.26 -39.45
N GLU G 763 33.63 3.39 -40.15
CA GLU G 763 32.95 3.40 -41.45
C GLU G 763 33.60 2.43 -42.43
N GLU G 764 34.92 2.26 -42.35
CA GLU G 764 35.61 1.36 -43.26
C GLU G 764 35.27 -0.09 -42.96
N VAL G 765 35.42 -0.50 -41.69
CA VAL G 765 35.20 -1.89 -41.31
C VAL G 765 33.72 -2.11 -40.97
N MET G 766 32.87 -1.21 -41.43
CA MET G 766 31.43 -1.35 -41.19
C MET G 766 30.93 -2.73 -41.64
N ASP G 767 31.43 -3.21 -42.78
CA ASP G 767 31.00 -4.52 -43.28
C ASP G 767 31.40 -5.63 -42.32
N ASP G 768 32.61 -5.56 -41.78
CA ASP G 768 33.02 -6.57 -40.79
C ASP G 768 32.24 -6.43 -39.50
N ILE G 769 31.75 -5.22 -39.19
CA ILE G 769 30.94 -5.03 -38.00
C ILE G 769 29.58 -5.71 -38.18
N LEU G 770 28.93 -5.47 -39.32
CA LEU G 770 27.64 -6.11 -39.58
C LEU G 770 27.78 -7.62 -39.70
N ASP G 771 28.81 -8.09 -40.40
CA ASP G 771 29.01 -9.53 -40.53
C ASP G 771 29.28 -10.16 -39.18
N SER G 772 30.10 -9.52 -38.35
CA SER G 772 30.37 -10.06 -37.01
C SER G 772 29.11 -10.09 -36.16
N ALA G 773 28.29 -9.04 -36.26
CA ALA G 773 27.06 -9.00 -35.47
C ALA G 773 26.06 -10.07 -35.92
N ASP G 774 25.91 -10.27 -37.23
CA ASP G 774 24.91 -11.21 -37.72
C ASP G 774 25.32 -12.65 -37.44
N GLN G 775 26.55 -13.03 -37.81
CA GLN G 775 27.07 -14.38 -37.63
C GLN G 775 28.32 -14.31 -36.77
N PRO G 776 28.16 -14.17 -35.46
CA PRO G 776 29.35 -14.08 -34.59
C PRO G 776 30.24 -15.31 -34.66
N LEU G 777 29.67 -16.50 -34.67
CA LEU G 777 30.44 -17.74 -34.68
C LEU G 777 30.48 -18.41 -36.04
N THR G 778 29.69 -17.95 -37.01
CA THR G 778 29.65 -18.55 -38.33
C THR G 778 30.13 -17.62 -39.44
N GLY G 779 30.25 -16.32 -39.18
CA GLY G 779 30.68 -15.37 -40.19
C GLY G 779 32.19 -15.24 -40.24
N ARG G 780 32.65 -14.04 -40.61
CA ARG G 780 34.08 -13.78 -40.70
C ARG G 780 34.74 -13.66 -39.34
N LYS G 781 33.97 -13.59 -38.26
CA LYS G 781 34.51 -13.62 -36.90
C LYS G 781 35.55 -12.52 -36.70
N TRP G 782 35.31 -11.36 -37.31
CA TRP G 782 36.22 -10.22 -37.16
C TRP G 782 36.31 -9.79 -35.70
N TRP G 783 35.18 -9.78 -34.99
CA TRP G 783 35.17 -9.31 -33.60
C TRP G 783 36.16 -10.07 -32.74
N MET G 784 36.38 -11.36 -33.02
CA MET G 784 37.28 -12.16 -32.20
C MET G 784 38.70 -11.61 -32.20
N GLY G 785 39.05 -10.79 -33.19
CA GLY G 785 40.38 -10.22 -33.24
C GLY G 785 40.56 -8.93 -32.47
N ALA G 786 39.48 -8.37 -31.94
CA ALA G 786 39.56 -7.10 -31.24
C ALA G 786 40.26 -7.27 -29.89
N GLU G 787 40.69 -6.14 -29.33
CA GLU G 787 41.33 -6.15 -28.02
C GLU G 787 40.34 -6.56 -26.93
N GLU G 788 39.10 -6.10 -27.02
CA GLU G 788 38.02 -6.49 -26.13
C GLU G 788 36.95 -7.17 -26.98
N PRO G 789 37.07 -8.48 -27.21
CA PRO G 789 36.20 -9.12 -28.23
C PRO G 789 34.73 -9.07 -27.89
N TRP G 790 34.34 -9.35 -26.65
CA TRP G 790 32.93 -9.41 -26.31
C TRP G 790 32.30 -8.01 -26.29
N GLN G 791 32.99 -7.05 -25.69
CA GLN G 791 32.49 -5.68 -25.70
C GLN G 791 32.43 -5.14 -27.12
N THR G 792 33.46 -5.42 -27.92
CA THR G 792 33.43 -5.01 -29.33
C THR G 792 32.24 -5.61 -30.05
N LEU G 793 31.95 -6.89 -29.79
CA LEU G 793 30.82 -7.53 -30.44
C LEU G 793 29.50 -6.87 -30.03
N ALA G 794 29.33 -6.63 -28.72
CA ALA G 794 28.13 -5.95 -28.26
C ALA G 794 27.97 -4.59 -28.92
N CYS G 795 29.07 -3.82 -29.00
CA CYS G 795 29.01 -2.53 -29.67
C CYS G 795 28.69 -2.67 -31.15
N CYS G 796 29.09 -3.79 -31.76
CA CYS G 796 28.74 -4.03 -33.16
C CYS G 796 27.25 -4.30 -33.31
N MET G 797 26.66 -5.08 -32.39
CA MET G 797 25.22 -5.30 -32.42
C MET G 797 24.47 -3.99 -32.22
N GLU G 798 24.91 -3.16 -31.27
CA GLU G 798 24.25 -1.88 -31.02
C GLU G 798 24.35 -0.98 -32.25
N VAL G 799 25.54 -0.88 -32.84
CA VAL G 799 25.73 -0.03 -34.01
C VAL G 799 24.89 -0.55 -35.18
N ALA G 800 24.77 -1.87 -35.31
CA ALA G 800 23.93 -2.44 -36.36
C ALA G 800 22.47 -2.05 -36.14
N ASN G 801 21.96 -2.22 -34.92
CA ASN G 801 20.59 -1.82 -34.62
C ASN G 801 20.38 -0.34 -34.89
N ALA G 802 21.41 0.49 -34.65
CA ALA G 802 21.26 1.93 -34.85
C ALA G 802 21.22 2.28 -36.34
N VAL G 803 22.19 1.79 -37.11
CA VAL G 803 22.25 2.15 -38.52
C VAL G 803 21.09 1.55 -39.29
N ARG G 804 20.62 0.37 -38.89
CA ARG G 804 19.52 -0.28 -39.59
C ARG G 804 18.15 0.24 -39.16
N ALA G 805 18.09 1.11 -38.16
CA ALA G 805 16.82 1.68 -37.72
C ALA G 805 16.34 2.74 -38.71
N SER G 806 15.03 2.99 -38.69
CA SER G 806 14.46 4.00 -39.59
C SER G 806 15.12 5.35 -39.37
N ASP G 807 15.34 5.73 -38.12
CA ASP G 807 15.99 7.00 -37.78
C ASP G 807 17.07 6.73 -36.75
N PRO G 808 18.34 6.68 -37.17
CA PRO G 808 19.41 6.42 -36.20
C PRO G 808 19.44 7.42 -35.05
N ALA G 809 19.12 8.68 -35.32
CA ALA G 809 19.15 9.69 -34.26
C ALA G 809 18.09 9.46 -33.20
N ALA G 810 17.10 8.60 -33.47
CA ALA G 810 16.03 8.34 -32.52
C ALA G 810 16.12 6.94 -31.91
N TYR G 811 17.12 6.15 -32.28
CA TYR G 811 17.25 4.81 -31.74
C TYR G 811 17.54 4.88 -30.24
N VAL G 812 16.70 4.22 -29.45
CA VAL G 812 16.88 4.16 -27.99
C VAL G 812 18.01 3.17 -27.72
N SER G 813 19.20 3.68 -27.44
CA SER G 813 20.38 2.86 -27.23
C SER G 813 20.57 2.58 -25.75
N HIS G 814 20.86 1.31 -25.43
CA HIS G 814 21.08 0.89 -24.05
C HIS G 814 22.54 0.58 -23.74
N LEU G 815 23.38 0.44 -24.75
CA LEU G 815 24.77 0.07 -24.53
C LEU G 815 25.53 1.22 -23.89
N PRO G 816 26.15 1.03 -22.73
CA PRO G 816 26.96 2.10 -22.13
C PRO G 816 28.24 2.33 -22.92
N VAL G 817 28.65 3.59 -22.96
CA VAL G 817 29.88 4.02 -23.61
C VAL G 817 30.87 4.44 -22.52
N HIS G 818 32.14 4.12 -22.73
CA HIS G 818 33.20 4.32 -21.76
C HIS G 818 34.13 5.44 -22.19
N GLN G 819 34.55 6.25 -21.22
CA GLN G 819 35.59 7.25 -21.40
C GLN G 819 36.55 7.12 -20.24
N ASP G 820 37.80 6.76 -20.53
CA ASP G 820 38.79 6.42 -19.52
C ASP G 820 39.91 7.46 -19.49
N GLY G 821 40.36 7.78 -18.28
CA GLY G 821 41.49 8.66 -18.12
C GLY G 821 42.81 7.92 -18.08
N SER G 822 43.63 8.10 -19.11
CA SER G 822 44.91 7.41 -19.19
C SER G 822 45.82 7.86 -18.05
N CYS G 823 46.14 6.93 -17.16
CA CYS G 823 47.00 7.20 -16.00
C CYS G 823 46.44 8.38 -15.20
N ASN G 824 45.24 8.17 -14.64
CA ASN G 824 44.58 9.22 -13.88
C ASN G 824 45.48 9.73 -12.75
N GLY G 825 46.25 8.84 -12.13
CA GLY G 825 47.15 9.27 -11.07
C GLY G 825 48.15 10.30 -11.54
N LEU G 826 48.83 10.01 -12.66
CA LEU G 826 49.76 10.99 -13.22
C LEU G 826 49.05 12.27 -13.59
N GLN G 827 47.78 12.19 -13.98
CA GLN G 827 47.00 13.40 -14.21
C GLN G 827 46.88 14.21 -12.94
N HIS G 828 46.58 13.55 -11.81
CA HIS G 828 46.46 14.26 -10.55
C HIS G 828 47.78 14.88 -10.12
N TYR G 829 48.88 14.14 -10.26
CA TYR G 829 50.18 14.69 -9.90
C TYR G 829 50.54 15.89 -10.79
N ALA G 830 50.26 15.79 -12.09
CA ALA G 830 50.53 16.91 -12.99
C ALA G 830 49.66 18.11 -12.63
N ALA G 831 48.44 17.88 -12.14
CA ALA G 831 47.57 18.98 -11.75
C ALA G 831 48.07 19.64 -10.46
N LEU G 832 48.52 18.83 -9.50
CA LEU G 832 48.97 19.38 -8.22
C LEU G 832 50.17 20.29 -8.40
N GLY G 833 51.18 19.83 -9.14
CA GLY G 833 52.39 20.59 -9.35
C GLY G 833 52.37 21.51 -10.55
N ARG G 834 51.25 21.61 -11.26
CA ARG G 834 51.14 22.43 -12.46
C ARG G 834 52.29 22.11 -13.42
N ASP G 835 52.67 20.83 -13.47
CA ASP G 835 53.78 20.40 -14.31
C ASP G 835 53.38 20.41 -15.77
N SER G 836 54.03 21.25 -16.57
CA SER G 836 53.72 21.33 -17.99
C SER G 836 54.10 20.04 -18.71
N VAL G 837 55.29 19.51 -18.41
CA VAL G 837 55.71 18.25 -19.04
C VAL G 837 54.73 17.14 -18.71
N GLY G 838 54.27 17.09 -17.45
CA GLY G 838 53.27 16.09 -17.09
C GLY G 838 51.94 16.33 -17.77
N ALA G 839 51.46 17.58 -17.74
CA ALA G 839 50.19 17.89 -18.37
C ALA G 839 50.17 17.51 -19.84
N ALA G 840 51.31 17.69 -20.53
CA ALA G 840 51.38 17.28 -21.92
C ALA G 840 51.48 15.77 -22.05
N SER G 841 52.28 15.13 -21.20
CA SER G 841 52.49 13.68 -21.30
C SER G 841 51.18 12.92 -21.09
N VAL G 842 50.36 13.36 -20.12
CA VAL G 842 49.17 12.61 -19.75
C VAL G 842 47.92 13.28 -20.31
N ASN G 843 48.06 13.95 -21.45
CA ASN G 843 46.92 14.49 -22.20
C ASN G 843 46.14 15.52 -21.41
N LEU G 844 46.81 16.22 -20.49
CA LEU G 844 46.16 17.35 -19.82
C LEU G 844 46.15 18.59 -20.73
N GLU G 845 47.23 18.80 -21.47
CA GLU G 845 47.28 19.92 -22.41
C GLU G 845 46.57 19.53 -23.70
N PRO G 846 45.65 20.36 -24.20
CA PRO G 846 44.89 19.98 -25.39
C PRO G 846 45.78 19.63 -26.57
N SER G 847 45.32 18.66 -27.36
CA SER G 847 46.04 18.23 -28.55
C SER G 847 45.07 17.51 -29.48
N ASP G 848 45.35 17.58 -30.78
CA ASP G 848 44.50 16.92 -31.76
C ASP G 848 44.78 15.42 -31.85
N VAL G 849 45.94 14.98 -31.40
CA VAL G 849 46.29 13.56 -31.37
C VAL G 849 46.52 13.16 -29.91
N PRO G 850 46.20 11.93 -29.53
CA PRO G 850 46.38 11.53 -28.13
C PRO G 850 47.87 11.46 -27.76
N GLN G 851 48.19 12.01 -26.59
CA GLN G 851 49.55 11.99 -26.06
C GLN G 851 49.74 10.71 -25.26
N ASP G 852 50.66 9.86 -25.71
CA ASP G 852 50.91 8.56 -25.09
C ASP G 852 52.13 8.70 -24.18
N VAL G 853 51.89 8.86 -22.88
CA VAL G 853 53.00 8.95 -21.94
C VAL G 853 53.75 7.63 -21.87
N TYR G 854 53.07 6.52 -22.19
CA TYR G 854 53.74 5.22 -22.15
C TYR G 854 54.83 5.11 -23.20
N SER G 855 54.66 5.79 -24.35
CA SER G 855 55.67 5.73 -25.40
C SER G 855 56.92 6.52 -25.00
N GLY G 856 56.73 7.73 -24.48
CA GLY G 856 57.88 8.51 -24.04
C GLY G 856 58.63 7.85 -22.92
N VAL G 857 57.91 7.42 -21.88
CA VAL G 857 58.54 6.71 -20.77
C VAL G 857 59.23 5.45 -21.28
N ALA G 858 58.60 4.76 -22.24
CA ALA G 858 59.24 3.59 -22.84
C ALA G 858 60.54 3.96 -23.53
N ALA G 859 60.60 5.15 -24.13
CA ALA G 859 61.82 5.59 -24.81
C ALA G 859 62.91 5.91 -23.81
N GLN G 860 62.61 6.75 -22.81
CA GLN G 860 63.60 7.08 -21.79
C GLN G 860 64.11 5.82 -21.10
N VAL G 861 63.20 4.96 -20.65
CA VAL G 861 63.60 3.69 -20.07
C VAL G 861 64.39 2.87 -21.09
N GLU G 862 64.15 3.09 -22.38
CA GLU G 862 64.95 2.42 -23.40
C GLU G 862 66.38 2.94 -23.41
N VAL G 863 66.58 4.24 -23.18
CA VAL G 863 67.93 4.78 -23.15
C VAL G 863 68.65 4.31 -21.90
N PHE G 864 67.96 4.34 -20.75
CA PHE G 864 68.55 3.78 -19.53
C PHE G 864 68.92 2.31 -19.75
N ARG G 865 68.03 1.55 -20.38
CA ARG G 865 68.33 0.15 -20.69
C ARG G 865 69.50 0.03 -21.65
N ARG G 866 69.72 1.05 -22.49
CA ARG G 866 70.89 1.03 -23.35
C ARG G 866 72.17 1.27 -22.57
N GLN G 867 72.11 2.12 -21.55
CA GLN G 867 73.29 2.34 -20.70
C GLN G 867 73.60 1.10 -19.88
N ASP G 868 72.61 0.59 -19.14
CA ASP G 868 72.85 -0.59 -18.30
C ASP G 868 73.19 -1.80 -19.15
N ALA G 869 72.49 -1.99 -20.28
CA ALA G 869 72.83 -3.10 -21.16
C ALA G 869 74.23 -2.91 -21.74
N GLN G 870 74.63 -1.66 -21.97
CA GLN G 870 76.00 -1.39 -22.38
C GLN G 870 76.96 -1.80 -21.29
N ARG G 871 76.53 -1.73 -20.03
CA ARG G 871 77.33 -2.11 -18.88
C ARG G 871 77.39 -3.61 -18.68
N GLY G 872 76.56 -4.39 -19.37
CA GLY G 872 76.63 -5.84 -19.35
C GLY G 872 75.58 -6.52 -18.51
N MET G 873 74.64 -5.78 -17.93
CA MET G 873 73.64 -6.39 -17.05
C MET G 873 72.79 -7.39 -17.84
N ARG G 874 72.43 -8.49 -17.20
CA ARG G 874 71.69 -9.54 -17.89
C ARG G 874 70.23 -9.16 -18.10
N VAL G 875 69.57 -8.62 -17.06
CA VAL G 875 68.15 -8.28 -17.20
C VAL G 875 67.97 -7.19 -18.25
N ALA G 876 68.83 -6.17 -18.24
CA ALA G 876 68.75 -5.12 -19.25
C ALA G 876 68.97 -5.66 -20.65
N GLN G 877 69.83 -6.67 -20.79
CA GLN G 877 70.07 -7.26 -22.10
C GLN G 877 68.90 -8.12 -22.56
N VAL G 878 68.23 -8.81 -21.63
CA VAL G 878 67.13 -9.66 -22.02
C VAL G 878 65.86 -8.85 -22.28
N LEU G 879 65.72 -7.69 -21.66
CA LEU G 879 64.55 -6.85 -21.87
C LEU G 879 64.64 -6.01 -23.15
N GLU G 880 65.71 -6.17 -23.93
CA GLU G 880 65.84 -5.42 -25.17
C GLU G 880 64.74 -5.82 -26.15
N GLY G 881 64.00 -4.84 -26.65
CA GLY G 881 62.94 -5.09 -27.60
C GLY G 881 61.63 -5.52 -26.98
N PHE G 882 61.52 -5.50 -25.65
CA PHE G 882 60.30 -5.86 -24.96
C PHE G 882 59.61 -4.68 -24.29
N ILE G 883 60.23 -3.51 -24.27
CA ILE G 883 59.61 -2.32 -23.69
C ILE G 883 58.52 -1.85 -24.65
N THR G 884 57.27 -2.06 -24.27
CA THR G 884 56.13 -1.74 -25.11
C THR G 884 55.11 -0.93 -24.32
N ARG G 885 54.13 -0.38 -25.05
CA ARG G 885 53.10 0.44 -24.41
C ARG G 885 52.37 -0.33 -23.32
N LYS G 886 51.91 -1.53 -23.63
CA LYS G 886 51.14 -2.32 -22.66
C LYS G 886 51.98 -2.63 -21.43
N VAL G 887 53.22 -3.10 -21.63
CA VAL G 887 54.09 -3.41 -20.50
C VAL G 887 54.30 -2.17 -19.64
N VAL G 888 54.67 -1.05 -20.27
CA VAL G 888 54.92 0.17 -19.53
C VAL G 888 53.62 0.79 -19.06
N LYS G 889 52.51 0.52 -19.75
CA LYS G 889 51.21 1.01 -19.29
C LYS G 889 50.85 0.36 -17.96
N GLN G 890 50.89 -0.97 -17.89
CA GLN G 890 50.60 -1.65 -16.64
C GLN G 890 51.64 -1.35 -15.58
N THR G 891 52.90 -1.19 -15.98
CA THR G 891 53.96 -0.89 -15.00
C THR G 891 53.72 0.46 -14.36
N VAL G 892 53.54 1.51 -15.17
CA VAL G 892 53.26 2.83 -14.63
C VAL G 892 51.97 2.82 -13.81
N MET G 893 50.93 2.16 -14.34
CA MET G 893 49.71 1.96 -13.56
C MET G 893 50.01 1.33 -12.21
N THR G 894 51.08 0.54 -12.12
CA THR G 894 51.50 -0.04 -10.84
C THR G 894 52.17 1.00 -9.96
N VAL G 895 53.34 1.51 -10.38
CA VAL G 895 54.14 2.38 -9.54
C VAL G 895 53.30 3.53 -8.98
N VAL G 896 52.38 4.05 -9.77
CA VAL G 896 51.54 5.17 -9.33
C VAL G 896 50.57 4.71 -8.25
N TYR G 897 49.64 3.82 -8.61
CA TYR G 897 48.64 3.35 -7.66
C TYR G 897 49.18 2.28 -6.71
N GLY G 898 50.31 1.65 -7.02
CA GLY G 898 50.83 0.62 -6.16
C GLY G 898 52.34 0.56 -6.07
N VAL G 899 52.87 0.72 -4.87
CA VAL G 899 54.29 0.53 -4.57
C VAL G 899 54.38 -0.46 -3.43
N THR G 900 54.81 -1.68 -3.72
CA THR G 900 54.75 -2.79 -2.78
C THR G 900 53.32 -3.34 -2.75
N ARG G 901 53.11 -4.43 -2.03
CA ARG G 901 51.83 -5.13 -2.08
C ARG G 901 51.55 -5.53 -3.53
N TYR G 902 52.13 -6.64 -3.96
CA TYR G 902 52.28 -6.99 -5.38
C TYR G 902 51.01 -7.55 -6.01
N GLY G 903 49.83 -7.06 -5.62
CA GLY G 903 48.61 -7.51 -6.28
C GLY G 903 48.66 -7.31 -7.79
N GLY G 904 48.96 -6.08 -8.23
CA GLY G 904 49.11 -5.82 -9.65
C GLY G 904 50.44 -6.25 -10.22
N ARG G 905 51.51 -6.17 -9.42
CA ARG G 905 52.83 -6.59 -9.90
C ARG G 905 52.80 -8.03 -10.41
N LEU G 906 52.05 -8.90 -9.73
CA LEU G 906 51.86 -10.26 -10.24
C LEU G 906 51.18 -10.22 -11.61
N GLN G 907 50.23 -9.30 -11.79
CA GLN G 907 49.60 -9.15 -13.10
C GLN G 907 50.60 -8.77 -14.17
N ILE G 908 51.52 -7.84 -13.84
CA ILE G 908 52.56 -7.48 -14.79
C ILE G 908 53.43 -8.69 -15.11
N GLU G 909 53.81 -9.46 -14.09
CA GLU G 909 54.52 -10.70 -14.33
C GLU G 909 53.76 -11.58 -15.29
N LYS G 910 52.43 -11.57 -15.20
CA LYS G 910 51.61 -12.33 -16.15
C LYS G 910 51.77 -11.78 -17.57
N ARG G 911 51.62 -10.46 -17.72
CA ARG G 911 51.74 -9.85 -19.05
C ARG G 911 53.10 -10.14 -19.66
N LEU G 912 54.15 -10.25 -18.84
CA LEU G 912 55.46 -10.63 -19.37
C LEU G 912 55.53 -12.11 -19.69
N ARG G 913 54.87 -12.95 -18.87
CA ARG G 913 54.87 -14.38 -19.12
C ARG G 913 54.15 -14.72 -20.42
N GLU G 914 53.19 -13.88 -20.83
CA GLU G 914 52.51 -14.11 -22.09
C GLU G 914 53.35 -13.71 -23.30
N LEU G 915 54.61 -13.32 -23.10
CA LEU G 915 55.53 -12.99 -24.17
C LEU G 915 56.43 -14.22 -24.38
N SER G 916 55.98 -15.11 -25.27
CA SER G 916 56.68 -16.37 -25.52
C SER G 916 58.20 -16.21 -25.60
N ASP G 917 58.66 -15.24 -26.39
CA ASP G 917 60.08 -15.09 -26.67
C ASP G 917 60.88 -14.50 -25.51
N PHE G 918 60.42 -14.69 -24.28
CA PHE G 918 61.13 -14.15 -23.13
C PHE G 918 61.50 -15.27 -22.16
N PRO G 919 62.75 -15.36 -21.73
CA PRO G 919 63.13 -16.39 -20.75
C PRO G 919 62.45 -16.18 -19.41
N GLN G 920 61.51 -17.07 -19.06
CA GLN G 920 60.73 -16.91 -17.84
C GLN G 920 61.56 -16.93 -16.56
N GLU G 921 62.86 -17.18 -16.64
CA GLU G 921 63.65 -17.21 -15.42
C GLU G 921 63.81 -15.83 -14.81
N PHE G 922 63.86 -14.79 -15.64
CA PHE G 922 64.03 -13.42 -15.17
C PHE G 922 62.72 -12.65 -15.03
N VAL G 923 61.57 -13.30 -15.27
CA VAL G 923 60.30 -12.58 -15.25
C VAL G 923 60.12 -11.83 -13.94
N TRP G 924 60.52 -12.45 -12.83
CA TRP G 924 60.43 -11.79 -11.53
C TRP G 924 61.42 -10.63 -11.44
N GLU G 925 62.71 -10.93 -11.57
CA GLU G 925 63.73 -9.89 -11.58
C GLU G 925 63.48 -8.88 -12.69
N ALA G 926 62.93 -9.31 -13.83
CA ALA G 926 62.63 -8.37 -14.90
C ALA G 926 61.49 -7.44 -14.52
N SER G 927 60.51 -7.93 -13.76
CA SER G 927 59.42 -7.07 -13.32
C SER G 927 59.92 -6.06 -12.28
N HIS G 928 60.75 -6.51 -11.34
CA HIS G 928 61.31 -5.59 -10.36
C HIS G 928 62.16 -4.52 -11.05
N TYR G 929 63.05 -4.94 -11.95
CA TYR G 929 63.87 -3.98 -12.69
C TYR G 929 63.02 -3.01 -13.49
N LEU G 930 61.96 -3.51 -14.13
CA LEU G 930 61.09 -2.63 -14.90
C LEU G 930 60.42 -1.60 -14.00
N VAL G 931 59.96 -2.03 -12.83
CA VAL G 931 59.32 -1.10 -11.90
C VAL G 931 60.32 -0.02 -11.46
N ARG G 932 61.53 -0.44 -11.10
CA ARG G 932 62.54 0.52 -10.66
C ARG G 932 62.84 1.53 -11.77
N GLN G 933 63.01 1.04 -13.00
CA GLN G 933 63.35 1.93 -14.10
C GLN G 933 62.20 2.87 -14.44
N VAL G 934 60.96 2.41 -14.29
CA VAL G 934 59.81 3.31 -14.49
C VAL G 934 59.80 4.39 -13.43
N PHE G 935 60.05 4.01 -12.17
CA PHE G 935 60.15 5.00 -11.10
C PHE G 935 61.20 6.05 -11.43
N LYS G 936 62.43 5.61 -11.70
CA LYS G 936 63.51 6.54 -11.99
C LYS G 936 63.17 7.43 -13.19
N SER G 937 62.67 6.83 -14.27
CA SER G 937 62.37 7.60 -15.47
C SER G 937 61.32 8.66 -15.21
N LEU G 938 60.19 8.26 -14.62
CA LEU G 938 59.13 9.23 -14.31
C LEU G 938 59.66 10.34 -13.42
N GLN G 939 60.51 10.01 -12.45
CA GLN G 939 61.07 11.04 -11.59
C GLN G 939 62.06 11.93 -12.32
N GLU G 940 62.67 11.44 -13.39
CA GLU G 940 63.61 12.23 -14.18
C GLU G 940 62.88 13.20 -15.09
N MET G 941 61.96 12.68 -15.92
CA MET G 941 61.22 13.55 -16.84
C MET G 941 60.20 14.43 -16.13
N PHE G 942 59.80 14.07 -14.92
CA PHE G 942 58.82 14.82 -14.14
C PHE G 942 59.44 15.18 -12.79
N SER G 943 60.44 16.06 -12.81
CA SER G 943 61.13 16.42 -11.58
C SER G 943 60.17 16.99 -10.54
N GLY G 944 59.25 17.86 -10.97
CA GLY G 944 58.27 18.40 -10.04
C GLY G 944 57.46 17.30 -9.37
N THR G 945 56.98 16.34 -10.17
CA THR G 945 56.27 15.21 -9.60
C THR G 945 57.09 14.51 -8.54
N ARG G 946 58.38 14.30 -8.80
CA ARG G 946 59.26 13.74 -7.78
C ARG G 946 59.30 14.61 -6.54
N ALA G 947 59.26 15.93 -6.73
CA ALA G 947 59.26 16.84 -5.58
C ALA G 947 58.01 16.63 -4.72
N ILE G 948 56.84 16.57 -5.36
CA ILE G 948 55.61 16.38 -4.61
C ILE G 948 55.61 15.01 -3.93
N GLN G 949 55.96 13.97 -4.68
CA GLN G 949 55.96 12.62 -4.12
C GLN G 949 56.91 12.52 -2.92
N HIS G 950 58.12 13.08 -3.04
CA HIS G 950 59.06 13.04 -1.93
C HIS G 950 58.55 13.86 -0.76
N TRP G 951 57.89 14.98 -1.03
CA TRP G 951 57.33 15.80 0.02
C TRP G 951 56.28 15.03 0.82
N LEU G 952 55.31 14.43 0.11
CA LEU G 952 54.26 13.67 0.79
C LEU G 952 54.83 12.45 1.51
N THR G 953 55.71 11.71 0.83
CA THR G 953 56.28 10.50 1.43
C THR G 953 57.06 10.85 2.70
N GLU G 954 57.91 11.87 2.63
CA GLU G 954 58.68 12.27 3.80
C GLU G 954 57.77 12.73 4.92
N SER G 955 56.79 13.59 4.60
CA SER G 955 55.85 14.05 5.62
C SER G 955 55.18 12.87 6.31
N ALA G 956 54.73 11.89 5.54
CA ALA G 956 54.12 10.70 6.12
C ALA G 956 55.10 9.94 6.99
N ARG G 957 56.36 9.83 6.53
CA ARG G 957 57.38 9.17 7.34
C ARG G 957 57.53 9.82 8.70
N LEU G 958 57.60 11.15 8.73
CA LEU G 958 57.77 11.86 9.99
C LEU G 958 56.53 11.74 10.87
N ILE G 959 55.35 11.86 10.27
CA ILE G 959 54.11 11.75 11.04
C ILE G 959 54.02 10.37 11.69
N SER G 960 54.25 9.32 10.90
CA SER G 960 54.19 7.97 11.43
C SER G 960 55.30 7.72 12.46
N HIS G 961 56.46 8.36 12.28
CA HIS G 961 57.55 8.18 13.22
C HIS G 961 57.19 8.65 14.62
N MET G 962 56.21 9.54 14.75
CA MET G 962 55.74 10.03 16.04
C MET G 962 54.67 9.13 16.64
N GLY G 963 54.42 7.97 16.05
CA GLY G 963 53.43 7.04 16.58
C GLY G 963 51.99 7.40 16.30
N SER G 964 51.72 8.12 15.21
CA SER G 964 50.38 8.49 14.82
C SER G 964 50.17 8.18 13.35
N VAL G 965 49.03 7.56 13.04
CA VAL G 965 48.72 7.23 11.65
C VAL G 965 48.38 8.49 10.87
N VAL G 966 48.58 8.43 9.56
CA VAL G 966 48.33 9.58 8.69
C VAL G 966 46.84 9.72 8.45
N GLU G 967 46.29 10.89 8.76
CA GLU G 967 44.88 11.19 8.55
C GLU G 967 44.77 12.47 7.74
N TRP G 968 43.76 12.53 6.87
CA TRP G 968 43.50 13.74 6.11
C TRP G 968 42.02 13.81 5.77
N VAL G 969 41.65 14.83 5.00
CA VAL G 969 40.28 15.04 4.57
C VAL G 969 40.28 15.35 3.09
N THR G 970 39.49 14.60 2.32
CA THR G 970 39.36 14.87 0.90
C THR G 970 38.69 16.22 0.68
N PRO G 971 38.86 16.81 -0.51
CA PRO G 971 38.19 18.09 -0.79
C PRO G 971 36.68 18.01 -0.68
N LEU G 972 36.10 16.82 -0.55
CA LEU G 972 34.66 16.65 -0.41
C LEU G 972 34.23 16.40 1.03
N GLY G 973 35.14 16.55 1.98
CA GLY G 973 34.80 16.37 3.38
C GLY G 973 34.83 14.94 3.88
N VAL G 974 35.53 14.05 3.20
CA VAL G 974 35.64 12.65 3.58
C VAL G 974 36.95 12.44 4.33
N PRO G 975 36.92 12.01 5.59
CA PRO G 975 38.18 11.76 6.32
C PRO G 975 38.76 10.41 5.94
N VAL G 976 40.06 10.38 5.66
CA VAL G 976 40.77 9.17 5.28
C VAL G 976 41.86 8.91 6.31
N ILE G 977 41.95 7.66 6.77
CA ILE G 977 42.93 7.24 7.76
C ILE G 977 43.55 5.94 7.26
N GLN G 978 44.87 5.83 7.41
CA GLN G 978 45.57 4.63 6.97
C GLN G 978 45.52 3.59 8.09
N PRO G 979 45.10 2.36 7.80
CA PRO G 979 44.91 1.35 8.85
C PRO G 979 46.12 0.48 9.16
N TYR G 980 47.25 0.67 8.47
CA TYR G 980 48.40 -0.22 8.64
C TYR G 980 48.93 -0.19 10.06
N ARG G 981 48.64 -1.24 10.83
CA ARG G 981 49.19 -1.41 12.17
C ARG G 981 49.58 -2.88 12.34
N LEU G 982 50.22 -3.18 13.47
CA LEU G 982 50.75 -4.52 13.68
C LEU G 982 50.74 -4.88 15.16
N ASP G 983 50.85 -6.18 15.43
CA ASP G 983 51.11 -6.71 16.76
C ASP G 983 49.92 -6.62 17.70
N SER G 984 48.81 -7.23 17.32
CA SER G 984 47.65 -7.41 18.20
C SER G 984 47.17 -8.83 18.05
N LYS G 985 47.09 -9.57 19.15
CA LYS G 985 46.73 -10.98 19.06
C LYS G 985 46.25 -11.51 20.40
N VAL G 986 45.30 -12.43 20.33
CA VAL G 986 44.77 -13.16 21.47
C VAL G 986 44.07 -14.39 20.94
N LYS G 987 44.10 -15.48 21.70
CA LYS G 987 43.61 -16.76 21.20
C LYS G 987 42.73 -17.46 22.22
N GLN G 988 41.61 -18.00 21.72
CA GLN G 988 40.72 -18.86 22.47
C GLN G 988 41.14 -20.32 22.27
N ILE G 989 40.46 -21.23 22.97
CA ILE G 989 40.79 -22.65 22.87
C ILE G 989 39.52 -23.46 23.07
N GLY G 990 39.04 -24.08 22.00
CA GLY G 990 37.89 -24.96 22.04
C GLY G 990 38.35 -26.41 21.98
N GLY G 991 37.90 -27.23 22.93
CA GLY G 991 38.27 -28.63 22.96
C GLY G 991 37.72 -29.38 21.75
N SER G 995 41.49 -30.30 20.19
CA SER G 995 41.24 -28.97 20.75
C SER G 995 42.12 -27.92 20.08
N ILE G 996 41.62 -27.33 19.00
CA ILE G 996 42.37 -26.31 18.28
C ILE G 996 42.33 -25.00 19.05
N THR G 997 43.38 -24.19 18.86
CA THR G 997 43.53 -22.89 19.52
C THR G 997 43.69 -21.82 18.44
N TYR G 998 42.58 -21.42 17.83
CA TYR G 998 42.64 -20.41 16.79
C TYR G 998 42.92 -19.03 17.38
N THR G 999 43.84 -18.31 16.75
CA THR G 999 44.18 -16.96 17.19
C THR G 999 43.20 -15.94 16.63
N HIS G 1000 43.28 -14.72 17.16
CA HIS G 1000 42.41 -13.63 16.75
C HIS G 1000 43.15 -12.31 16.91
N ASN G 1001 42.92 -11.40 15.97
CA ASN G 1001 43.56 -10.08 15.99
C ASN G 1001 42.55 -9.05 16.51
N GLY G 1002 42.70 -8.69 17.78
CA GLY G 1002 41.79 -7.71 18.37
C GLY G 1002 42.02 -6.34 17.73
N ASP G 1003 41.07 -5.44 17.94
CA ASP G 1003 41.16 -4.11 17.36
C ASP G 1003 42.09 -3.17 18.12
N ILE G 1004 42.64 -3.60 19.27
CA ILE G 1004 43.55 -2.75 20.03
C ILE G 1004 44.94 -2.77 19.39
N SER G 1005 45.35 -1.65 18.81
CA SER G 1005 46.65 -1.50 18.17
C SER G 1005 47.67 -0.95 19.14
N ARG G 1006 48.91 -1.41 19.03
CA ARG G 1006 49.98 -0.92 19.90
C ARG G 1006 50.91 0.06 19.19
N LYS G 1007 51.39 -0.26 17.98
CA LYS G 1007 52.22 0.70 17.26
C LYS G 1007 51.96 0.69 15.76
N PRO G 1008 52.05 1.84 15.10
CA PRO G 1008 51.83 1.87 13.65
C PRO G 1008 52.99 1.24 12.90
N ASN G 1009 52.71 0.83 11.65
CA ASN G 1009 53.72 0.29 10.76
C ASN G 1009 54.23 1.44 9.88
N THR G 1010 55.36 2.03 10.28
CA THR G 1010 55.86 3.23 9.62
C THR G 1010 56.07 3.02 8.12
N ARG G 1011 56.61 1.87 7.73
CA ARG G 1011 56.93 1.64 6.33
C ARG G 1011 55.69 1.69 5.45
N LYS G 1012 54.68 0.87 5.78
CA LYS G 1012 53.46 0.86 4.99
C LYS G 1012 52.82 2.24 4.96
N GLN G 1013 52.88 2.97 6.08
CA GLN G 1013 52.30 4.30 6.13
C GLN G 1013 52.99 5.24 5.13
N LYS G 1014 54.32 5.30 5.19
CA LYS G 1014 55.05 6.22 4.32
C LYS G 1014 54.90 5.84 2.85
N ASN G 1015 55.02 4.54 2.53
CA ASN G 1015 54.90 4.12 1.15
C ASN G 1015 53.47 4.27 0.63
N GLY G 1016 52.48 4.22 1.53
CA GLY G 1016 51.09 4.24 1.12
C GLY G 1016 50.43 5.60 1.09
N PHE G 1017 50.97 6.56 1.83
CA PHE G 1017 50.31 7.87 1.91
C PHE G 1017 50.08 8.51 0.54
N PRO G 1018 51.10 8.68 -0.30
CA PRO G 1018 50.88 9.34 -1.59
C PRO G 1018 49.83 8.61 -2.41
N PRO G 1019 50.01 7.30 -2.64
CA PRO G 1019 49.01 6.58 -3.45
C PRO G 1019 47.59 6.69 -2.89
N ASN G 1020 47.43 6.56 -1.58
CA ASN G 1020 46.09 6.67 -0.99
C ASN G 1020 45.52 8.07 -1.22
N PHE G 1021 46.34 9.11 -1.03
CA PHE G 1021 45.87 10.47 -1.27
C PHE G 1021 45.41 10.63 -2.71
N ILE G 1022 46.19 10.13 -3.67
CA ILE G 1022 45.77 10.18 -5.07
C ILE G 1022 44.45 9.45 -5.24
N HIS G 1023 44.28 8.30 -4.59
CA HIS G 1023 43.01 7.59 -4.65
C HIS G 1023 41.87 8.47 -4.16
N SER G 1024 42.09 9.22 -3.08
CA SER G 1024 41.05 10.12 -2.59
C SER G 1024 40.77 11.23 -3.59
N LEU G 1025 41.78 11.67 -4.33
CA LEU G 1025 41.57 12.72 -5.32
C LEU G 1025 40.74 12.21 -6.49
N ASP G 1026 41.14 11.09 -7.08
CA ASP G 1026 40.37 10.55 -8.19
C ASP G 1026 38.97 10.17 -7.76
N SER G 1027 38.82 9.64 -6.55
CA SER G 1027 37.49 9.32 -6.04
C SER G 1027 36.64 10.58 -5.88
N SER G 1028 37.23 11.65 -5.34
CA SER G 1028 36.49 12.90 -5.22
C SER G 1028 36.07 13.42 -6.58
N HIS G 1029 36.98 13.37 -7.57
CA HIS G 1029 36.65 13.80 -8.92
C HIS G 1029 35.48 12.99 -9.48
N MET G 1030 35.58 11.66 -9.42
CA MET G 1030 34.50 10.82 -9.91
C MET G 1030 33.18 11.16 -9.22
N MET G 1031 33.23 11.43 -7.92
CA MET G 1031 32.01 11.73 -7.18
C MET G 1031 31.39 13.05 -7.65
N LEU G 1032 32.21 14.09 -7.79
CA LEU G 1032 31.70 15.36 -8.30
C LEU G 1032 31.08 15.19 -9.67
N THR G 1033 31.82 14.53 -10.58
CA THR G 1033 31.28 14.28 -11.92
C THR G 1033 29.95 13.56 -11.85
N ALA G 1034 29.83 12.54 -10.98
CA ALA G 1034 28.59 11.80 -10.87
C ALA G 1034 27.45 12.69 -10.41
N LEU G 1035 27.68 13.50 -9.37
CA LEU G 1035 26.62 14.35 -8.85
C LEU G 1035 26.16 15.36 -9.89
N HIS G 1036 27.11 16.08 -10.48
CA HIS G 1036 26.74 17.15 -11.43
C HIS G 1036 26.11 16.56 -12.68
N CYS G 1037 26.59 15.40 -13.13
CA CYS G 1037 25.94 14.72 -14.24
C CYS G 1037 24.53 14.27 -13.87
N TYR G 1038 24.32 13.91 -12.61
CA TYR G 1038 22.97 13.55 -12.16
C TYR G 1038 22.04 14.75 -12.22
N ARG G 1039 22.55 15.95 -11.90
CA ARG G 1039 21.71 17.14 -12.02
C ARG G 1039 21.17 17.31 -13.43
N LYS G 1040 21.93 16.92 -14.46
CA LYS G 1040 21.51 17.07 -15.84
C LYS G 1040 20.73 15.88 -16.36
N GLY G 1041 20.46 14.87 -15.53
CA GLY G 1041 19.67 13.75 -15.98
C GLY G 1041 20.42 12.67 -16.73
N LEU G 1042 21.74 12.57 -16.52
CA LEU G 1042 22.55 11.56 -17.17
C LEU G 1042 22.72 10.35 -16.26
N THR G 1043 22.84 9.18 -16.88
CA THR G 1043 23.12 7.95 -16.15
C THR G 1043 24.63 7.79 -16.01
N PHE G 1044 25.11 7.69 -14.78
CA PHE G 1044 26.54 7.68 -14.50
C PHE G 1044 26.89 6.48 -13.64
N VAL G 1045 27.88 5.71 -14.09
CA VAL G 1045 28.48 4.65 -13.32
C VAL G 1045 29.99 4.76 -13.47
N SER G 1046 30.72 4.17 -12.53
CA SER G 1046 32.17 4.32 -12.49
C SER G 1046 32.83 2.97 -12.26
N VAL G 1047 33.78 2.63 -13.12
CA VAL G 1047 34.63 1.46 -12.97
C VAL G 1047 36.07 1.94 -12.94
N HIS G 1048 36.75 1.75 -11.81
CA HIS G 1048 38.07 2.31 -11.60
C HIS G 1048 38.15 3.74 -12.12
N ASP G 1049 38.92 3.98 -13.17
CA ASP G 1049 39.04 5.30 -13.76
C ASP G 1049 38.01 5.59 -14.84
N CYS G 1050 37.28 4.58 -15.31
CA CYS G 1050 36.37 4.75 -16.43
C CYS G 1050 35.07 5.41 -16.01
N TYR G 1051 34.59 6.35 -16.85
CA TYR G 1051 33.28 6.96 -16.69
C TYR G 1051 32.39 6.52 -17.84
N TRP G 1052 31.23 5.98 -17.52
CA TRP G 1052 30.31 5.44 -18.51
C TRP G 1052 29.06 6.29 -18.60
N THR G 1053 28.47 6.36 -19.80
CA THR G 1053 27.21 7.07 -19.98
C THR G 1053 26.61 6.66 -21.32
N HIS G 1054 25.41 7.17 -21.58
CA HIS G 1054 24.73 6.88 -22.84
C HIS G 1054 25.40 7.63 -23.99
N ALA G 1055 25.33 7.02 -25.18
CA ALA G 1055 25.91 7.66 -26.37
C ALA G 1055 25.30 9.03 -26.62
N ALA G 1056 24.05 9.22 -26.20
CA ALA G 1056 23.38 10.51 -26.40
C ALA G 1056 23.92 11.60 -25.49
N ASP G 1057 24.65 11.24 -24.44
CA ASP G 1057 25.12 12.22 -23.46
C ASP G 1057 26.62 12.13 -23.22
N VAL G 1058 27.37 11.53 -24.15
CA VAL G 1058 28.81 11.42 -23.97
C VAL G 1058 29.43 12.81 -23.88
N SER G 1059 29.03 13.71 -24.77
CA SER G 1059 29.58 15.07 -24.76
C SER G 1059 29.29 15.76 -23.43
N VAL G 1060 28.04 15.70 -22.97
CA VAL G 1060 27.68 16.34 -21.72
C VAL G 1060 28.51 15.76 -20.57
N MET G 1061 28.63 14.42 -20.53
CA MET G 1061 29.41 13.79 -19.47
C MET G 1061 30.85 14.28 -19.50
N ASN G 1062 31.44 14.41 -20.69
CA ASN G 1062 32.78 14.95 -20.79
C ASN G 1062 32.83 16.38 -20.25
N GLN G 1063 31.82 17.18 -20.56
CA GLN G 1063 31.76 18.54 -20.04
C GLN G 1063 31.81 18.54 -18.52
N VAL G 1064 30.90 17.80 -17.88
CA VAL G 1064 30.88 17.73 -16.43
C VAL G 1064 32.21 17.23 -15.90
N CYS G 1065 32.81 16.25 -16.57
CA CYS G 1065 34.09 15.70 -16.14
C CYS G 1065 35.16 16.79 -16.09
N ARG G 1066 35.35 17.50 -17.20
CA ARG G 1066 36.40 18.52 -17.25
C ARG G 1066 36.11 19.66 -16.28
N GLU G 1067 34.86 20.14 -16.26
CA GLU G 1067 34.50 21.21 -15.34
C GLU G 1067 34.80 20.83 -13.91
N GLN G 1068 34.38 19.63 -13.49
CA GLN G 1068 34.61 19.20 -12.11
C GLN G 1068 36.09 18.96 -11.83
N PHE G 1069 36.86 18.58 -12.85
CA PHE G 1069 38.30 18.44 -12.66
C PHE G 1069 38.95 19.80 -12.40
N VAL G 1070 38.67 20.77 -13.28
CA VAL G 1070 39.24 22.10 -13.11
C VAL G 1070 38.81 22.69 -11.77
N ARG G 1071 37.54 22.54 -11.42
CA ARG G 1071 37.06 23.04 -10.13
C ARG G 1071 37.79 22.35 -8.98
N LEU G 1072 37.98 21.03 -9.09
CA LEU G 1072 38.64 20.28 -8.02
C LEU G 1072 40.07 20.77 -7.81
N HIS G 1073 40.91 20.65 -8.84
CA HIS G 1073 42.31 21.03 -8.70
C HIS G 1073 42.51 22.54 -8.58
N SER G 1074 41.49 23.35 -8.86
CA SER G 1074 41.66 24.79 -8.76
C SER G 1074 41.88 25.23 -7.32
N GLU G 1075 41.37 24.48 -6.35
CA GLU G 1075 41.60 24.81 -4.95
C GLU G 1075 43.02 24.44 -4.55
N PRO G 1076 43.51 25.02 -3.45
CA PRO G 1076 44.88 24.72 -2.99
C PRO G 1076 44.94 23.40 -2.22
N ILE G 1077 44.85 22.30 -2.97
CA ILE G 1077 44.83 20.97 -2.35
C ILE G 1077 46.09 20.75 -1.54
N LEU G 1078 47.25 21.04 -2.13
CA LEU G 1078 48.51 20.86 -1.41
C LEU G 1078 48.61 21.80 -0.22
N GLN G 1079 48.21 23.06 -0.39
CA GLN G 1079 48.25 24.02 0.70
C GLN G 1079 47.30 23.59 1.83
N ASP G 1080 46.04 23.32 1.48
CA ASP G 1080 45.06 22.92 2.49
C ASP G 1080 45.50 21.65 3.21
N LEU G 1081 46.08 20.70 2.48
CA LEU G 1081 46.59 19.49 3.11
C LEU G 1081 47.73 19.81 4.06
N SER G 1082 48.64 20.69 3.64
CA SER G 1082 49.77 21.05 4.49
C SER G 1082 49.29 21.68 5.80
N ARG G 1083 48.43 22.70 5.70
CA ARG G 1083 47.89 23.34 6.90
C ARG G 1083 47.12 22.33 7.75
N PHE G 1084 46.41 21.41 7.11
CA PHE G 1084 45.66 20.40 7.87
C PHE G 1084 46.59 19.52 8.69
N LEU G 1085 47.58 18.92 8.03
CA LEU G 1085 48.54 18.08 8.76
C LEU G 1085 49.28 18.87 9.83
N VAL G 1086 49.54 20.16 9.56
CA VAL G 1086 50.22 21.00 10.54
C VAL G 1086 49.37 21.17 11.78
N LYS G 1087 48.08 21.49 11.60
CA LYS G 1087 47.21 21.68 12.75
C LYS G 1087 46.97 20.39 13.51
N ARG G 1088 46.81 19.28 12.78
CA ARG G 1088 46.44 18.02 13.42
C ARG G 1088 47.62 17.32 14.08
N PHE G 1089 48.82 17.47 13.54
CA PHE G 1089 49.97 16.72 14.02
C PHE G 1089 51.09 17.58 14.57
N CYS G 1090 51.01 18.91 14.45
CA CYS G 1090 52.03 19.82 14.97
C CYS G 1090 51.50 20.59 16.18
N SER G 1091 50.80 19.90 17.08
CA SER G 1091 50.23 20.50 18.26
C SER G 1091 50.76 19.93 19.57
N GLU G 1092 51.45 18.79 19.53
CA GLU G 1092 51.99 18.18 20.75
C GLU G 1092 52.89 19.18 21.48
N PRO G 1093 52.59 19.53 22.73
CA PRO G 1093 53.49 20.46 23.45
C PRO G 1093 54.86 19.88 23.72
N GLN G 1094 54.98 18.55 23.79
CA GLN G 1094 56.26 17.90 24.03
C GLN G 1094 56.24 16.54 23.36
N LYS G 1095 57.23 16.28 22.52
CA LYS G 1095 58.32 17.21 22.28
C LYS G 1095 57.98 18.21 21.18
N ILE G 1096 58.63 19.38 21.23
CA ILE G 1096 58.43 20.39 20.22
C ILE G 1096 59.44 20.30 19.07
N LEU G 1097 60.55 19.58 19.27
CA LEU G 1097 61.54 19.46 18.20
C LEU G 1097 60.98 18.68 17.02
N GLU G 1098 60.40 17.51 17.28
CA GLU G 1098 59.81 16.73 16.19
C GLU G 1098 58.68 17.48 15.51
N ALA G 1099 57.94 18.30 16.26
CA ALA G 1099 56.90 19.12 15.64
C ALA G 1099 57.50 20.26 14.83
N SER G 1100 58.72 20.69 15.17
CA SER G 1100 59.38 21.76 14.44
C SER G 1100 59.96 21.24 13.13
N GLN G 1101 60.54 20.03 13.14
CA GLN G 1101 60.99 19.43 11.89
C GLN G 1101 59.81 19.00 11.03
N LEU G 1102 58.75 18.49 11.67
CA LEU G 1102 57.57 18.10 10.92
C LEU G 1102 56.92 19.31 10.26
N LYS G 1103 56.77 20.41 11.02
CA LYS G 1103 56.29 21.65 10.43
C LYS G 1103 57.23 22.13 9.33
N GLU G 1104 58.54 21.99 9.55
CA GLU G 1104 59.52 22.41 8.56
C GLU G 1104 59.33 21.66 7.24
N THR G 1105 58.99 20.37 7.32
CA THR G 1105 58.79 19.59 6.09
C THR G 1105 57.40 19.84 5.50
N LEU G 1106 56.39 20.07 6.33
CA LEU G 1106 55.04 20.28 5.81
C LEU G 1106 54.93 21.62 5.10
N GLN G 1107 55.55 22.67 5.66
CA GLN G 1107 55.50 23.98 5.03
C GLN G 1107 56.35 24.07 3.77
N ALA G 1108 57.07 23.01 3.42
CA ALA G 1108 57.87 22.97 2.20
C ALA G 1108 57.03 22.50 1.01
N VAL G 1109 55.92 23.17 0.78
CA VAL G 1109 55.03 22.78 -0.32
C VAL G 1109 55.71 23.10 -1.65
N PRO G 1110 55.82 22.14 -2.57
CA PRO G 1110 56.47 22.44 -3.85
C PRO G 1110 55.72 23.55 -4.59
N LYS G 1111 56.49 24.44 -5.21
CA LYS G 1111 55.90 25.53 -5.96
C LYS G 1111 55.25 24.99 -7.22
N PRO G 1112 54.04 25.44 -7.55
CA PRO G 1112 53.36 24.94 -8.75
C PRO G 1112 54.01 25.49 -10.02
N GLY G 1113 53.76 24.78 -11.11
CA GLY G 1113 54.29 25.16 -12.40
C GLY G 1113 53.45 26.26 -13.05
N ALA G 1114 53.67 26.44 -14.35
CA ALA G 1114 52.98 27.47 -15.11
C ALA G 1114 51.70 26.98 -15.75
N PHE G 1115 51.57 25.66 -15.97
CA PHE G 1115 50.42 25.10 -16.68
C PHE G 1115 49.11 25.72 -16.20
N ASP G 1116 48.26 26.05 -17.16
CA ASP G 1116 46.95 26.64 -16.88
C ASP G 1116 45.90 25.54 -16.85
N LEU G 1117 45.42 25.23 -15.64
CA LEU G 1117 44.45 24.14 -15.47
C LEU G 1117 43.25 24.30 -16.40
N GLU G 1118 42.87 25.54 -16.71
CA GLU G 1118 41.69 25.78 -17.54
C GLU G 1118 41.80 25.06 -18.88
N GLN G 1119 43.03 24.85 -19.37
CA GLN G 1119 43.20 24.16 -20.66
C GLN G 1119 42.53 22.80 -20.68
N VAL G 1120 42.32 22.18 -19.52
CA VAL G 1120 41.66 20.87 -19.48
C VAL G 1120 40.28 20.93 -20.11
N LYS G 1121 39.60 22.08 -20.00
CA LYS G 1121 38.27 22.21 -20.60
C LYS G 1121 38.31 22.07 -22.11
N ARG G 1122 39.47 22.27 -22.74
CA ARG G 1122 39.58 22.17 -24.19
C ARG G 1122 40.36 20.95 -24.65
N SER G 1123 40.79 20.09 -23.73
CA SER G 1123 41.54 18.90 -24.10
C SER G 1123 40.57 17.80 -24.50
N THR G 1124 40.54 17.47 -25.79
CA THR G 1124 39.61 16.45 -26.29
C THR G 1124 39.96 15.07 -25.74
N TYR G 1125 41.24 14.73 -25.70
CA TYR G 1125 41.69 13.40 -25.34
C TYR G 1125 42.04 13.27 -23.86
N PHE G 1126 41.64 14.23 -23.04
CA PHE G 1126 41.84 14.11 -21.59
C PHE G 1126 41.21 12.81 -21.08
N PHE G 1127 39.95 12.59 -21.41
CA PHE G 1127 39.26 11.34 -21.09
C PHE G 1127 38.62 10.82 -22.37
N SER G 1128 39.15 9.72 -22.89
CA SER G 1128 38.66 9.15 -24.14
C SER G 1128 38.86 7.64 -24.18
N TRP H 20 -107.01 -2.39 -27.68
CA TRP H 20 -105.66 -2.10 -27.20
C TRP H 20 -105.28 -0.63 -27.38
N ALA H 21 -106.03 0.08 -28.24
CA ALA H 21 -105.85 1.52 -28.32
C ALA H 21 -106.03 2.18 -26.95
N LYS H 22 -106.72 1.52 -26.04
CA LYS H 22 -106.83 2.00 -24.67
C LYS H 22 -105.46 1.98 -23.99
N ILE H 23 -104.76 0.85 -24.07
CA ILE H 23 -103.46 0.73 -23.43
C ILE H 23 -102.43 1.63 -24.11
N LEU H 24 -102.41 1.62 -25.44
CA LEU H 24 -101.47 2.48 -26.16
C LEU H 24 -101.71 3.95 -25.84
N GLU H 25 -102.98 4.37 -25.84
CA GLU H 25 -103.29 5.75 -25.50
C GLU H 25 -102.94 6.06 -24.05
N LYS H 26 -103.08 5.09 -23.15
CA LYS H 26 -102.63 5.28 -21.78
C LYS H 26 -101.12 5.54 -21.74
N ASP H 27 -100.36 4.74 -22.50
CA ASP H 27 -98.92 4.98 -22.60
C ASP H 27 -98.63 6.39 -23.11
N LYS H 28 -99.37 6.84 -24.12
CA LYS H 28 -99.17 8.19 -24.63
C LYS H 28 -99.44 9.24 -23.56
N ARG H 29 -100.53 9.06 -22.79
CA ARG H 29 -100.86 10.02 -21.75
C ARG H 29 -99.77 10.08 -20.69
N THR H 30 -99.32 8.92 -20.21
CA THR H 30 -98.20 8.90 -19.28
C THR H 30 -96.99 9.60 -19.87
N GLN H 31 -96.78 9.44 -21.19
CA GLN H 31 -95.70 10.13 -21.86
C GLN H 31 -95.87 11.65 -21.73
N GLN H 32 -97.10 12.14 -21.92
CA GLN H 32 -97.34 13.57 -21.84
C GLN H 32 -97.12 14.09 -20.43
N MET H 33 -97.58 13.35 -19.41
CA MET H 33 -97.33 13.78 -18.03
C MET H 33 -95.83 13.83 -17.75
N ARG H 34 -95.09 12.79 -18.15
CA ARG H 34 -93.64 12.83 -18.00
C ARG H 34 -93.03 14.01 -18.74
N MET H 35 -93.63 14.40 -19.87
CA MET H 35 -93.17 15.58 -20.59
C MET H 35 -93.39 16.84 -19.76
N GLN H 36 -94.54 16.94 -19.10
CA GLN H 36 -94.78 18.08 -18.22
C GLN H 36 -93.73 18.13 -17.11
N ARG H 37 -93.45 16.99 -16.47
CA ARG H 37 -92.40 16.97 -15.45
C ARG H 37 -91.06 17.42 -16.03
N LEU H 38 -90.76 17.00 -17.26
CA LEU H 38 -89.51 17.40 -17.89
C LEU H 38 -89.49 18.90 -18.16
N LYS H 39 -90.64 19.48 -18.50
CA LYS H 39 -90.72 20.93 -18.68
C LYS H 39 -90.47 21.66 -17.36
N ALA H 40 -91.06 21.18 -16.27
CA ALA H 40 -90.83 21.79 -14.97
C ALA H 40 -89.35 21.71 -14.60
N LYS H 41 -88.75 20.53 -14.77
CA LYS H 41 -87.33 20.37 -14.44
C LYS H 41 -86.45 21.27 -15.30
N LEU H 42 -86.80 21.42 -16.58
CA LEU H 42 -86.06 22.35 -17.43
C LEU H 42 -86.25 23.79 -16.97
N GLN H 43 -87.41 24.10 -16.41
CA GLN H 43 -87.63 25.45 -15.88
C GLN H 43 -86.76 25.70 -14.64
N MET H 44 -86.69 24.72 -13.75
CA MET H 44 -85.84 24.83 -12.57
C MET H 44 -84.52 24.09 -12.78
N GLN H 116 -51.99 38.48 -6.20
CA GLN H 116 -52.03 37.39 -5.23
C GLN H 116 -52.36 36.06 -5.88
N LEU H 117 -51.34 35.27 -6.18
CA LEU H 117 -51.56 33.95 -6.76
C LEU H 117 -51.84 32.94 -5.66
N SER H 118 -52.66 31.94 -5.99
CA SER H 118 -53.04 30.91 -5.04
C SER H 118 -52.95 29.55 -5.72
N GLY H 119 -52.73 28.52 -4.90
CA GLY H 119 -52.68 27.16 -5.44
C GLY H 119 -53.99 26.77 -6.10
N GLN H 120 -55.10 27.02 -5.42
CA GLN H 120 -56.41 26.73 -6.00
C GLN H 120 -56.67 27.61 -7.23
N GLN H 121 -56.31 28.89 -7.16
CA GLN H 121 -56.45 29.76 -8.32
C GLN H 121 -55.60 29.27 -9.48
N GLN H 122 -54.35 28.88 -9.21
CA GLN H 122 -53.52 28.31 -10.26
C GLN H 122 -54.16 27.08 -10.86
N ARG H 123 -54.73 26.20 -10.01
CA ARG H 123 -55.40 25.01 -10.51
C ARG H 123 -56.55 25.38 -11.44
N LEU H 124 -57.37 26.35 -11.04
CA LEU H 124 -58.51 26.74 -11.86
C LEU H 124 -58.05 27.34 -13.18
N LEU H 125 -57.14 28.31 -13.13
CA LEU H 125 -56.65 28.92 -14.36
C LEU H 125 -56.08 27.87 -15.32
N ALA H 126 -55.21 27.00 -14.81
CA ALA H 126 -54.71 25.91 -15.64
C ALA H 126 -55.85 25.05 -16.15
N PHE H 127 -56.93 24.92 -15.39
CA PHE H 127 -58.09 24.15 -15.84
C PHE H 127 -58.71 24.79 -17.06
N PHE H 128 -58.96 26.10 -17.01
CA PHE H 128 -59.57 26.79 -18.14
C PHE H 128 -58.64 26.77 -19.35
N LYS H 129 -57.41 27.23 -19.19
CA LYS H 129 -56.44 27.19 -20.28
C LYS H 129 -56.38 25.80 -20.89
N CYS H 130 -56.44 24.76 -20.05
CA CYS H 130 -56.45 23.39 -20.55
C CYS H 130 -57.71 23.11 -21.37
N CYS H 131 -58.86 23.61 -20.90
CA CYS H 131 -60.10 23.41 -21.63
C CYS H 131 -60.09 24.12 -22.97
N LEU H 132 -59.26 25.16 -23.12
CA LEU H 132 -59.14 25.80 -24.43
C LEU H 132 -58.52 24.86 -25.45
N LEU H 133 -57.61 23.98 -25.03
CA LEU H 133 -56.95 23.07 -25.97
C LEU H 133 -57.83 21.88 -26.32
N THR H 134 -58.62 21.39 -25.37
CA THR H 134 -59.50 20.26 -25.62
C THR H 134 -60.83 20.66 -26.25
N ASP H 135 -61.10 21.96 -26.37
CA ASP H 135 -62.36 22.44 -26.94
C ASP H 135 -63.55 21.97 -26.11
N GLN H 136 -63.38 21.99 -24.79
CA GLN H 136 -64.44 21.64 -23.84
C GLN H 136 -65.05 22.90 -23.23
N LEU H 137 -65.51 23.80 -24.10
CA LEU H 137 -66.04 25.07 -23.63
C LEU H 137 -67.25 24.91 -22.71
N PRO H 138 -68.21 24.04 -22.99
CA PRO H 138 -69.34 23.91 -22.05
C PRO H 138 -68.92 23.56 -20.64
N LEU H 139 -67.87 22.75 -20.48
CA LEU H 139 -67.40 22.39 -19.16
C LEU H 139 -66.82 23.59 -18.43
N ALA H 140 -65.81 24.23 -19.04
CA ALA H 140 -65.18 25.39 -18.40
C ALA H 140 -66.20 26.48 -18.11
N HIS H 141 -67.13 26.72 -19.04
CA HIS H 141 -68.17 27.71 -18.81
C HIS H 141 -69.06 27.31 -17.64
N HIS H 142 -69.38 26.02 -17.54
CA HIS H 142 -70.21 25.56 -16.42
C HIS H 142 -69.50 25.79 -15.09
N LEU H 143 -68.24 25.35 -14.99
CA LEU H 143 -67.50 25.54 -13.75
C LEU H 143 -67.35 27.02 -13.41
N LEU H 144 -67.04 27.84 -14.41
CA LEU H 144 -66.91 29.27 -14.18
C LEU H 144 -68.20 29.87 -13.65
N VAL H 145 -69.33 29.50 -14.24
CA VAL H 145 -70.62 30.00 -13.77
C VAL H 145 -70.87 29.54 -12.34
N VAL H 146 -70.56 28.27 -12.03
CA VAL H 146 -70.78 27.76 -10.69
C VAL H 146 -69.96 28.55 -9.67
N HIS H 147 -68.68 28.76 -9.97
CA HIS H 147 -67.83 29.51 -9.04
C HIS H 147 -68.30 30.95 -8.89
N HIS H 148 -68.67 31.59 -10.00
CA HIS H 148 -69.13 32.98 -9.92
C HIS H 148 -70.42 33.10 -9.12
N GLY H 149 -71.29 32.11 -9.23
CA GLY H 149 -72.58 32.15 -8.55
C GLY H 149 -72.50 31.97 -7.05
N GLN H 150 -71.37 31.51 -6.53
CA GLN H 150 -71.19 31.30 -5.10
C GLN H 150 -70.39 32.44 -4.52
N ARG H 151 -70.87 33.01 -3.42
CA ARG H 151 -70.22 34.18 -2.82
C ARG H 151 -68.74 33.92 -2.56
N GLN H 152 -68.43 32.81 -1.89
CA GLN H 152 -67.05 32.53 -1.52
C GLN H 152 -66.21 32.08 -2.71
N LYS H 153 -66.84 31.58 -3.77
CA LYS H 153 -66.09 31.13 -4.94
C LYS H 153 -65.82 32.26 -5.93
N ARG H 154 -66.74 33.21 -6.06
CA ARG H 154 -66.53 34.31 -7.00
C ARG H 154 -65.21 35.01 -6.75
N LYS H 155 -64.83 35.17 -5.48
CA LYS H 155 -63.57 35.84 -5.16
C LYS H 155 -62.37 35.07 -5.67
N LEU H 156 -62.49 33.73 -5.76
CA LEU H 156 -61.37 32.92 -6.25
C LEU H 156 -61.12 33.11 -7.74
N LEU H 157 -62.13 33.54 -8.50
CA LEU H 157 -61.96 33.73 -9.93
C LEU H 157 -61.09 34.95 -10.21
N THR H 158 -60.47 34.96 -11.38
CA THR H 158 -59.58 36.03 -11.80
C THR H 158 -59.91 36.44 -13.24
N LEU H 159 -59.60 37.70 -13.57
CA LEU H 159 -59.84 38.19 -14.92
C LEU H 159 -59.25 37.27 -15.98
N ASP H 160 -58.11 36.64 -15.69
CA ASP H 160 -57.48 35.76 -16.67
C ASP H 160 -58.37 34.58 -17.02
N MET H 161 -59.13 34.06 -16.06
CA MET H 161 -60.03 32.95 -16.33
C MET H 161 -61.18 33.38 -17.23
N TYR H 162 -61.89 34.45 -16.83
CA TYR H 162 -62.94 35.00 -17.68
C TYR H 162 -62.43 35.26 -19.09
N ASN H 163 -61.21 35.78 -19.22
CA ASN H 163 -60.63 35.98 -20.55
C ASN H 163 -60.38 34.66 -21.26
N ALA H 164 -60.03 33.61 -20.51
CA ALA H 164 -59.83 32.30 -21.12
C ALA H 164 -61.13 31.80 -21.74
N VAL H 165 -62.19 31.70 -20.92
CA VAL H 165 -63.48 31.26 -21.45
C VAL H 165 -63.92 32.15 -22.60
N MET H 166 -63.75 33.47 -22.45
CA MET H 166 -64.12 34.40 -23.50
C MET H 166 -63.40 34.07 -24.80
N LEU H 167 -62.11 33.78 -24.72
CA LEU H 167 -61.36 33.40 -25.93
C LEU H 167 -61.88 32.08 -26.50
N GLY H 168 -62.31 31.16 -25.63
CA GLY H 168 -62.91 29.93 -26.14
C GLY H 168 -64.17 30.18 -26.94
N TRP H 169 -65.09 30.97 -26.39
CA TRP H 169 -66.33 31.26 -27.10
C TRP H 169 -66.08 32.06 -28.36
N ALA H 170 -65.20 33.06 -28.30
CA ALA H 170 -64.84 33.80 -29.50
C ALA H 170 -64.29 32.88 -30.58
N ARG H 171 -63.41 31.95 -30.19
CA ARG H 171 -62.92 30.96 -31.14
C ARG H 171 -64.05 30.08 -31.66
N GLN H 172 -65.10 29.90 -30.87
CA GLN H 172 -66.28 29.16 -31.31
C GLN H 172 -67.35 30.05 -31.91
N GLY H 173 -67.26 31.37 -31.72
CA GLY H 173 -68.27 32.27 -32.25
C GLY H 173 -69.55 32.31 -31.45
N ALA H 174 -69.52 31.91 -30.18
CA ALA H 174 -70.71 31.93 -29.32
C ALA H 174 -70.88 33.33 -28.75
N PHE H 175 -71.54 34.18 -29.55
CA PHE H 175 -71.75 35.57 -29.14
C PHE H 175 -72.60 35.65 -27.88
N LYS H 176 -73.64 34.81 -27.80
CA LYS H 176 -74.53 34.85 -26.63
C LYS H 176 -73.80 34.41 -25.37
N GLU H 177 -73.02 33.33 -25.45
CA GLU H 177 -72.29 32.86 -24.28
C GLU H 177 -71.20 33.85 -23.88
N LEU H 178 -70.49 34.42 -24.86
CA LEU H 178 -69.52 35.45 -24.56
C LEU H 178 -70.17 36.63 -23.84
N VAL H 179 -71.34 37.05 -24.32
CA VAL H 179 -72.08 38.12 -23.64
C VAL H 179 -72.43 37.68 -22.22
N TYR H 180 -72.73 36.40 -22.03
CA TYR H 180 -73.03 35.89 -20.69
C TYR H 180 -71.81 36.03 -19.78
N VAL H 181 -70.62 35.68 -20.29
CA VAL H 181 -69.41 35.82 -19.50
C VAL H 181 -69.15 37.28 -19.16
N LEU H 182 -69.30 38.17 -20.14
CA LEU H 182 -69.15 39.59 -19.87
C LEU H 182 -70.12 40.07 -18.80
N PHE H 183 -71.36 39.57 -18.84
CA PHE H 183 -72.32 39.92 -17.78
C PHE H 183 -71.83 39.42 -16.43
N MET H 184 -71.26 38.21 -16.39
CA MET H 184 -70.64 37.73 -15.16
C MET H 184 -69.59 38.71 -14.69
N VAL H 185 -68.84 39.28 -15.64
CA VAL H 185 -67.89 40.33 -15.31
C VAL H 185 -68.63 41.53 -14.72
N LYS H 186 -69.85 41.78 -15.21
CA LYS H 186 -70.63 42.92 -14.72
C LYS H 186 -71.05 42.72 -13.27
N ASP H 187 -71.37 41.49 -12.87
CA ASP H 187 -71.84 41.28 -11.50
C ASP H 187 -70.75 41.60 -10.48
N ALA H 188 -69.54 41.11 -10.71
CA ALA H 188 -68.38 41.43 -9.87
C ALA H 188 -67.52 42.47 -10.55
N GLY H 189 -67.27 43.58 -9.85
CA GLY H 189 -66.45 44.65 -10.41
C GLY H 189 -65.17 44.18 -11.08
N LEU H 190 -65.14 44.22 -12.42
CA LEU H 190 -63.93 43.92 -13.16
C LEU H 190 -63.94 44.72 -14.46
N THR H 191 -62.78 44.77 -15.12
CA THR H 191 -62.61 45.54 -16.34
C THR H 191 -62.01 44.66 -17.42
N PRO H 192 -62.58 44.63 -18.62
CA PRO H 192 -61.94 43.91 -19.73
C PRO H 192 -60.64 44.57 -20.14
N ASP H 193 -59.79 43.77 -20.80
CA ASP H 193 -58.45 44.21 -21.18
C ASP H 193 -58.16 43.88 -22.63
N LEU H 194 -56.92 44.10 -23.06
CA LEU H 194 -56.53 43.82 -24.44
C LEU H 194 -56.96 42.43 -24.87
N LEU H 195 -56.80 41.44 -23.98
CA LEU H 195 -57.22 40.08 -24.32
C LEU H 195 -58.73 39.98 -24.47
N SER H 196 -59.47 40.66 -23.61
CA SER H 196 -60.94 40.64 -23.70
C SER H 196 -61.40 41.23 -25.04
N TYR H 197 -60.98 42.46 -25.33
CA TYR H 197 -61.38 43.09 -26.58
C TYR H 197 -60.86 42.32 -27.79
N ALA H 198 -59.73 41.62 -27.63
CA ALA H 198 -59.23 40.77 -28.71
C ALA H 198 -60.15 39.58 -28.92
N ALA H 199 -60.70 39.03 -27.84
CA ALA H 199 -61.67 37.95 -27.97
C ALA H 199 -62.94 38.44 -28.66
N ALA H 200 -63.45 39.60 -28.23
CA ALA H 200 -64.61 40.19 -28.89
C ALA H 200 -64.36 40.38 -30.38
N LEU H 201 -63.23 41.01 -30.73
CA LEU H 201 -62.90 41.22 -32.13
C LEU H 201 -62.79 39.91 -32.88
N GLN H 202 -62.29 38.86 -32.23
CA GLN H 202 -62.19 37.57 -32.89
C GLN H 202 -63.58 37.00 -33.17
N CYS H 203 -64.49 37.10 -32.20
CA CYS H 203 -65.84 36.59 -32.41
C CYS H 203 -66.56 37.37 -33.50
N MET H 204 -66.39 38.68 -33.53
CA MET H 204 -67.04 39.49 -34.56
C MET H 204 -66.47 39.21 -35.94
N GLY H 205 -65.14 39.11 -36.05
CA GLY H 205 -64.53 38.81 -37.33
C GLY H 205 -64.91 37.43 -37.84
N ARG H 206 -64.78 36.42 -36.99
CA ARG H 206 -65.18 35.06 -37.39
C ARG H 206 -66.66 35.02 -37.77
N GLN H 207 -67.50 35.73 -37.02
CA GLN H 207 -68.92 35.78 -37.31
C GLN H 207 -69.29 36.85 -38.33
N ASP H 208 -68.33 37.68 -38.75
CA ASP H 208 -68.58 38.74 -39.72
C ASP H 208 -69.67 39.69 -39.22
N GLN H 209 -69.39 40.30 -38.07
CA GLN H 209 -70.33 41.25 -37.49
C GLN H 209 -70.37 42.53 -38.33
N ASP H 210 -71.32 43.40 -37.99
CA ASP H 210 -71.53 44.63 -38.72
C ASP H 210 -70.49 45.69 -38.32
N ALA H 211 -70.20 46.59 -39.26
CA ALA H 211 -69.28 47.68 -38.98
C ALA H 211 -69.78 48.58 -37.85
N GLY H 212 -71.08 48.55 -37.56
CA GLY H 212 -71.58 49.30 -36.43
C GLY H 212 -71.12 48.70 -35.12
N THR H 213 -71.19 47.37 -34.99
CA THR H 213 -70.74 46.71 -33.77
C THR H 213 -69.22 46.75 -33.67
N ILE H 214 -68.52 46.56 -34.79
CA ILE H 214 -67.06 46.64 -34.78
C ILE H 214 -66.62 48.04 -34.37
N GLU H 215 -67.20 49.06 -35.00
CA GLU H 215 -66.88 50.44 -34.64
C GLU H 215 -67.17 50.71 -33.17
N ARG H 216 -68.36 50.29 -32.70
CA ARG H 216 -68.70 50.48 -31.29
C ARG H 216 -67.68 49.83 -30.38
N CYS H 217 -67.16 48.67 -30.77
CA CYS H 217 -66.14 47.99 -29.97
C CYS H 217 -64.84 48.79 -29.98
N LEU H 218 -64.49 49.37 -31.13
CA LEU H 218 -63.26 50.15 -31.20
C LEU H 218 -63.36 51.44 -30.40
N GLU H 219 -64.55 52.02 -30.30
CA GLU H 219 -64.71 53.26 -29.55
C GLU H 219 -64.87 53.00 -28.05
N GLN H 220 -65.45 51.86 -27.67
CA GLN H 220 -65.41 51.47 -26.26
C GLN H 220 -63.98 51.13 -25.85
N MET H 221 -63.22 50.51 -26.74
CA MET H 221 -61.81 50.26 -26.48
C MET H 221 -61.03 51.57 -26.38
N SER H 222 -61.36 52.55 -27.20
CA SER H 222 -60.70 53.84 -27.12
C SER H 222 -61.04 54.56 -25.82
N GLN H 223 -62.32 54.56 -25.43
CA GLN H 223 -62.70 55.22 -24.19
C GLN H 223 -62.13 54.51 -22.97
N GLU H 224 -62.02 53.18 -23.01
CA GLU H 224 -61.42 52.44 -21.90
C GLU H 224 -59.90 52.61 -21.85
N GLY H 225 -59.30 53.17 -22.91
CA GLY H 225 -57.88 53.41 -22.96
C GLY H 225 -57.04 52.31 -23.55
N LEU H 226 -57.64 51.17 -23.92
CA LEU H 226 -56.86 50.12 -24.55
C LEU H 226 -56.62 50.47 -26.02
N LYS H 227 -55.49 50.00 -26.54
CA LYS H 227 -55.02 50.41 -27.85
C LYS H 227 -54.95 49.23 -28.81
N LEU H 228 -55.33 49.49 -30.07
CA LEU H 228 -55.41 48.43 -31.06
C LEU H 228 -54.04 47.83 -31.37
N GLN H 229 -53.01 48.68 -31.52
CA GLN H 229 -51.70 48.18 -31.88
C GLN H 229 -51.01 47.44 -30.74
N ALA H 230 -51.36 47.75 -29.49
CA ALA H 230 -50.83 46.99 -28.37
C ALA H 230 -51.43 45.59 -28.29
N LEU H 231 -52.56 45.37 -28.96
CA LEU H 231 -53.23 44.07 -28.88
C LEU H 231 -52.43 42.98 -29.60
N PHE H 232 -52.01 43.25 -30.83
CA PHE H 232 -51.28 42.23 -31.59
C PHE H 232 -49.89 41.97 -31.03
N THR H 233 -49.37 42.87 -30.19
CA THR H 233 -48.02 42.74 -29.66
C THR H 233 -47.98 42.15 -28.25
N ALA H 234 -48.86 42.59 -27.36
CA ALA H 234 -48.83 42.15 -25.97
C ALA H 234 -49.59 40.85 -25.72
N VAL H 235 -50.46 40.45 -26.65
CA VAL H 235 -51.30 39.27 -26.48
C VAL H 235 -50.70 38.12 -27.26
N LEU H 236 -50.67 36.93 -26.65
CA LEU H 236 -50.19 35.72 -27.30
C LEU H 236 -51.35 35.10 -28.06
N LEU H 237 -51.31 35.18 -29.39
CA LEU H 237 -52.38 34.68 -30.24
C LEU H 237 -51.81 33.87 -31.38
N SER H 238 -52.57 32.88 -31.84
CA SER H 238 -52.20 32.09 -32.99
C SER H 238 -52.43 32.89 -34.28
N GLU H 239 -51.91 32.36 -35.39
CA GLU H 239 -52.11 33.03 -36.67
C GLU H 239 -53.59 33.11 -37.03
N GLU H 240 -54.40 32.18 -36.50
CA GLU H 240 -55.84 32.24 -36.76
C GLU H 240 -56.50 33.36 -35.96
N ASP H 241 -56.14 33.50 -34.69
CA ASP H 241 -56.65 34.61 -33.90
C ASP H 241 -56.24 35.95 -34.49
N ARG H 242 -54.96 36.07 -34.86
CA ARG H 242 -54.48 37.30 -35.47
C ARG H 242 -55.20 37.56 -36.80
N ALA H 243 -55.36 36.53 -37.62
CA ALA H 243 -56.04 36.70 -38.90
C ALA H 243 -57.47 37.17 -38.72
N THR H 244 -58.20 36.55 -37.79
CA THR H 244 -59.59 36.93 -37.56
C THR H 244 -59.68 38.36 -37.01
N VAL H 245 -58.81 38.71 -36.05
CA VAL H 245 -58.83 40.05 -35.50
C VAL H 245 -58.53 41.08 -36.58
N LEU H 246 -57.55 40.78 -37.44
CA LEU H 246 -57.24 41.69 -38.55
C LEU H 246 -58.41 41.81 -39.50
N LYS H 247 -59.10 40.70 -39.79
CA LYS H 247 -60.26 40.77 -40.67
C LYS H 247 -61.36 41.63 -40.04
N ALA H 248 -61.51 41.55 -38.72
CA ALA H 248 -62.52 42.39 -38.05
C ALA H 248 -62.12 43.86 -38.08
N VAL H 249 -60.83 44.15 -37.87
CA VAL H 249 -60.38 45.54 -37.85
C VAL H 249 -60.48 46.15 -39.25
N HIS H 250 -60.05 45.41 -40.27
CA HIS H 250 -60.07 45.96 -41.61
C HIS H 250 -61.49 46.26 -42.11
N LYS H 251 -62.52 45.92 -41.33
CA LYS H 251 -63.90 46.22 -41.73
C LYS H 251 -64.28 47.67 -41.40
N VAL H 252 -63.72 48.21 -40.33
CA VAL H 252 -63.95 49.59 -39.94
C VAL H 252 -62.76 50.48 -40.28
N LYS H 253 -61.55 50.04 -39.94
CA LYS H 253 -60.32 50.76 -40.26
C LYS H 253 -59.53 49.96 -41.29
N PRO H 254 -59.81 50.11 -42.58
CA PRO H 254 -59.09 49.31 -43.59
C PRO H 254 -57.63 49.68 -43.75
N THR H 255 -57.23 50.90 -43.41
CA THR H 255 -55.85 51.36 -43.56
C THR H 255 -55.01 51.17 -42.30
N PHE H 256 -55.39 50.24 -41.43
CA PHE H 256 -54.59 49.91 -40.26
C PHE H 256 -53.47 48.96 -40.65
N SER H 257 -52.22 49.37 -40.41
CA SER H 257 -51.05 48.61 -40.83
C SER H 257 -50.14 48.35 -39.64
N LEU H 258 -49.64 47.13 -39.54
CA LEU H 258 -48.72 46.77 -38.47
C LEU H 258 -47.38 47.47 -38.64
N PRO H 259 -46.60 47.56 -37.56
CA PRO H 259 -45.29 48.22 -37.63
C PRO H 259 -44.40 47.59 -38.69
N PRO H 260 -43.59 48.39 -39.38
CA PRO H 260 -42.69 47.85 -40.42
C PRO H 260 -41.60 46.99 -39.80
N GLN H 261 -41.52 45.74 -40.26
CA GLN H 261 -40.55 44.77 -39.76
C GLN H 261 -40.08 43.91 -40.93
N LEU H 262 -39.01 43.13 -40.70
CA LEU H 262 -38.31 43.06 -39.42
C LEU H 262 -36.82 43.33 -39.60
N PRO H 263 -36.37 44.56 -39.35
CA PRO H 263 -34.94 44.86 -39.45
C PRO H 263 -34.22 44.46 -38.17
N PRO H 264 -33.32 43.47 -38.24
CA PRO H 264 -32.65 42.98 -37.03
C PRO H 264 -31.49 43.89 -36.64
N PRO H 265 -31.32 44.14 -35.35
CA PRO H 265 -30.19 44.96 -34.89
C PRO H 265 -28.98 44.13 -34.50
N VAL H 266 -27.80 44.70 -34.74
CA VAL H 266 -26.54 44.05 -34.44
C VAL H 266 -26.05 44.50 -33.07
N ASN H 267 -25.39 43.59 -32.36
CA ASN H 267 -24.85 43.91 -31.05
C ASN H 267 -23.60 44.77 -31.18
N THR H 268 -23.55 45.86 -30.43
CA THR H 268 -22.44 46.81 -30.46
C THR H 268 -21.53 46.69 -29.25
N SER H 269 -21.59 45.57 -28.54
CA SER H 269 -20.77 45.38 -27.35
C SER H 269 -19.29 45.62 -27.67
N LYS H 270 -18.55 46.09 -26.67
CA LYS H 270 -17.13 46.35 -26.84
C LYS H 270 -16.41 45.14 -27.42
N LEU H 271 -16.67 43.96 -26.85
CA LEU H 271 -15.97 42.75 -27.26
C LEU H 271 -16.64 42.05 -28.44
N LEU H 272 -17.93 42.32 -28.68
CA LEU H 272 -18.66 41.71 -29.79
C LEU H 272 -18.73 42.61 -31.02
N ARG H 273 -18.27 43.87 -30.92
CA ARG H 273 -18.34 44.77 -32.05
C ARG H 273 -17.70 44.15 -33.29
N ASP H 274 -16.46 43.68 -33.16
CA ASP H 274 -15.78 43.04 -34.27
C ASP H 274 -16.32 41.65 -34.57
N VAL H 275 -17.20 41.12 -33.72
CA VAL H 275 -17.81 39.82 -33.98
C VAL H 275 -19.02 39.99 -34.89
N TYR H 276 -19.78 41.07 -34.72
CA TYR H 276 -20.95 41.32 -35.55
C TYR H 276 -20.71 42.37 -36.62
N ALA H 277 -19.64 43.16 -36.51
CA ALA H 277 -19.36 44.17 -37.52
C ALA H 277 -19.05 43.52 -38.86
N LYS H 278 -19.64 44.07 -39.92
CA LYS H 278 -19.41 43.53 -41.26
C LYS H 278 -17.97 43.75 -41.73
N ASP H 279 -17.27 44.75 -41.17
CA ASP H 279 -15.90 45.05 -41.59
C ASP H 279 -14.99 43.91 -41.19
N GLY H 280 -14.60 43.09 -42.15
CA GLY H 280 -13.71 41.97 -41.92
C GLY H 280 -14.06 40.82 -42.83
N ARG H 281 -13.05 40.03 -43.18
CA ARG H 281 -13.23 38.87 -44.04
C ARG H 281 -13.60 37.67 -43.18
N VAL H 282 -14.84 37.21 -43.30
CA VAL H 282 -15.32 36.05 -42.57
C VAL H 282 -15.20 34.81 -43.46
N SER H 283 -14.89 33.68 -42.84
CA SER H 283 -14.76 32.41 -43.55
C SER H 283 -15.46 31.31 -42.77
N TYR H 284 -16.73 31.53 -42.46
CA TYR H 284 -17.50 30.57 -41.68
C TYR H 284 -17.44 29.20 -42.35
N PRO H 285 -17.17 28.14 -41.60
CA PRO H 285 -17.05 26.81 -42.20
C PRO H 285 -18.41 26.22 -42.57
N LYS H 286 -18.37 25.28 -43.50
CA LYS H 286 -19.55 24.57 -43.96
C LYS H 286 -19.37 23.07 -43.73
N LEU H 287 -20.49 22.36 -43.68
CA LEU H 287 -20.48 20.92 -43.47
C LEU H 287 -20.15 20.19 -44.76
N HIS H 288 -19.74 18.94 -44.62
CA HIS H 288 -19.41 18.09 -45.76
C HIS H 288 -20.62 17.40 -46.37
N LEU H 289 -21.79 17.49 -45.74
CA LEU H 289 -22.97 16.80 -46.23
C LEU H 289 -23.77 17.70 -47.17
N PRO H 290 -24.37 17.13 -48.21
CA PRO H 290 -25.15 17.93 -49.15
C PRO H 290 -26.52 18.30 -48.57
N LEU H 291 -27.18 19.24 -49.27
CA LEU H 291 -28.47 19.75 -48.83
C LEU H 291 -29.48 18.62 -48.68
N LYS H 292 -29.62 17.78 -49.72
CA LYS H 292 -30.62 16.72 -49.66
C LYS H 292 -30.33 15.74 -48.52
N THR H 293 -29.05 15.44 -48.29
CA THR H 293 -28.68 14.57 -47.17
C THR H 293 -29.11 15.19 -45.85
N LEU H 294 -28.77 16.47 -45.64
CA LEU H 294 -29.18 17.14 -44.41
C LEU H 294 -30.69 17.19 -44.27
N GLN H 295 -31.42 17.24 -45.39
CA GLN H 295 -32.88 17.25 -45.33
C GLN H 295 -33.41 15.88 -44.93
N CYS H 296 -32.81 14.81 -45.44
CA CYS H 296 -33.21 13.47 -45.02
C CYS H 296 -32.95 13.27 -43.54
N LEU H 297 -31.77 13.67 -43.06
CA LEU H 297 -31.48 13.56 -41.64
C LEU H 297 -32.47 14.38 -40.83
N PHE H 298 -32.80 15.60 -41.29
CA PHE H 298 -33.81 16.40 -40.61
C PHE H 298 -35.14 15.68 -40.54
N GLU H 299 -35.50 14.96 -41.60
CA GLU H 299 -36.76 14.23 -41.59
C GLU H 299 -36.71 13.08 -40.59
N LYS H 300 -35.59 12.37 -40.51
CA LYS H 300 -35.48 11.29 -39.53
C LYS H 300 -35.56 11.82 -38.11
N GLN H 301 -34.84 12.92 -37.83
CA GLN H 301 -34.89 13.50 -36.48
C GLN H 301 -36.29 14.00 -36.14
N LEU H 302 -36.92 14.72 -37.07
CA LEU H 302 -38.27 15.19 -36.83
C LEU H 302 -39.22 14.04 -36.55
N HIS H 303 -39.09 12.95 -37.31
CA HIS H 303 -39.90 11.77 -37.06
C HIS H 303 -39.62 11.21 -35.66
N MET H 304 -38.35 11.16 -35.27
CA MET H 304 -37.99 10.64 -33.95
C MET H 304 -38.65 11.46 -32.84
N GLU H 305 -38.59 12.79 -32.95
CA GLU H 305 -39.21 13.63 -31.93
C GLU H 305 -40.72 13.50 -31.96
N LEU H 306 -41.30 13.33 -33.16
CA LEU H 306 -42.75 13.13 -33.26
C LEU H 306 -43.17 11.84 -32.55
N ALA H 307 -42.34 10.80 -32.64
CA ALA H 307 -42.64 9.57 -31.92
C ALA H 307 -42.40 9.70 -30.42
N SER H 308 -41.54 10.62 -30.01
CA SER H 308 -41.20 10.91 -28.62
C SER H 308 -40.42 9.78 -27.95
N ARG H 309 -40.16 8.68 -28.64
CA ARG H 309 -39.45 7.54 -28.09
C ARG H 309 -38.29 7.16 -28.99
N VAL H 310 -37.28 6.50 -28.41
CA VAL H 310 -36.12 6.04 -29.15
C VAL H 310 -35.84 4.60 -28.75
N CYS H 311 -35.84 3.70 -29.74
CA CYS H 311 -35.57 2.28 -29.51
C CYS H 311 -34.15 1.97 -29.96
N VAL H 312 -33.29 1.60 -29.00
CA VAL H 312 -31.90 1.26 -29.28
C VAL H 312 -31.67 -0.20 -28.93
N VAL H 313 -30.79 -0.85 -29.68
CA VAL H 313 -30.46 -2.25 -29.43
C VAL H 313 -29.44 -2.33 -28.29
N SER H 314 -29.66 -3.24 -27.35
CA SER H 314 -28.76 -3.41 -26.22
C SER H 314 -27.40 -3.97 -26.65
N VAL H 315 -26.34 -3.38 -26.09
CA VAL H 315 -24.97 -3.80 -26.37
C VAL H 315 -24.62 -5.10 -25.64
N GLU H 316 -24.98 -5.18 -24.35
CA GLU H 316 -24.33 -6.05 -23.38
C GLU H 316 -24.35 -7.53 -23.77
N LYS H 317 -25.53 -8.14 -23.85
CA LYS H 317 -25.63 -9.59 -23.87
C LYS H 317 -25.61 -10.17 -25.29
N PRO H 318 -24.56 -10.90 -25.68
CA PRO H 318 -24.59 -11.62 -26.95
C PRO H 318 -25.41 -12.91 -26.94
N THR H 319 -25.37 -13.66 -25.83
CA THR H 319 -26.00 -14.97 -25.78
C THR H 319 -26.56 -15.25 -24.39
N LEU H 320 -27.50 -16.18 -24.34
CA LEU H 320 -28.15 -16.61 -23.10
C LEU H 320 -28.84 -17.93 -23.36
N PRO H 321 -29.15 -18.70 -22.31
CA PRO H 321 -29.89 -19.95 -22.50
C PRO H 321 -31.18 -19.75 -23.27
N SER H 322 -31.45 -20.65 -24.22
CA SER H 322 -32.60 -20.50 -25.09
C SER H 322 -33.91 -20.73 -24.33
N LYS H 323 -33.96 -21.74 -23.46
CA LYS H 323 -35.20 -22.06 -22.77
C LYS H 323 -35.56 -20.99 -21.75
N GLU H 324 -34.59 -20.58 -20.93
CA GLU H 324 -34.86 -19.59 -19.89
C GLU H 324 -35.36 -18.29 -20.52
N VAL H 325 -34.57 -17.73 -21.44
CA VAL H 325 -34.99 -16.51 -22.14
C VAL H 325 -36.34 -16.73 -22.81
N LYS H 326 -36.56 -17.93 -23.36
CA LYS H 326 -37.86 -18.23 -23.96
C LYS H 326 -39.00 -17.98 -22.99
N HIS H 327 -39.01 -18.73 -21.88
CA HIS H 327 -40.13 -18.64 -20.95
C HIS H 327 -40.25 -17.24 -20.38
N ALA H 328 -39.13 -16.64 -19.95
CA ALA H 328 -39.19 -15.30 -19.38
C ALA H 328 -39.73 -14.29 -20.38
N ARG H 329 -39.38 -14.44 -21.66
CA ARG H 329 -39.83 -13.50 -22.67
C ARG H 329 -41.33 -13.67 -22.96
N LYS H 330 -41.79 -14.91 -23.11
CA LYS H 330 -43.22 -15.14 -23.31
C LYS H 330 -44.03 -14.60 -22.13
N THR H 331 -43.63 -14.98 -20.92
CA THR H 331 -44.34 -14.48 -19.74
C THR H 331 -44.34 -12.96 -19.69
N LEU H 332 -43.20 -12.34 -20.00
CA LEU H 332 -43.12 -10.89 -19.97
C LEU H 332 -44.04 -10.27 -21.00
N LYS H 333 -44.15 -10.88 -22.18
CA LYS H 333 -45.03 -10.35 -23.22
C LYS H 333 -46.49 -10.43 -22.80
N THR H 334 -46.93 -11.61 -22.33
CA THR H 334 -48.30 -11.74 -21.86
C THR H 334 -48.59 -10.73 -20.76
N LEU H 335 -47.69 -10.65 -19.77
CA LEU H 335 -47.87 -9.70 -18.68
C LEU H 335 -47.96 -8.27 -19.20
N ARG H 336 -47.21 -7.95 -20.27
CA ARG H 336 -47.23 -6.59 -20.79
C ARG H 336 -48.55 -6.30 -21.51
N ASP H 337 -49.12 -7.29 -22.20
CA ASP H 337 -50.45 -7.11 -22.77
C ASP H 337 -51.47 -6.87 -21.66
N GLN H 338 -51.43 -7.69 -20.61
CA GLN H 338 -52.35 -7.52 -19.50
C GLN H 338 -52.20 -6.14 -18.87
N TRP H 339 -50.96 -5.67 -18.69
CA TRP H 339 -50.74 -4.35 -18.11
C TRP H 339 -51.28 -3.26 -19.03
N GLU H 340 -51.13 -3.42 -20.34
CA GLU H 340 -51.68 -2.45 -21.27
C GLU H 340 -53.18 -2.35 -21.13
N LYS H 341 -53.86 -3.50 -21.17
CA LYS H 341 -55.32 -3.50 -21.05
C LYS H 341 -55.77 -2.89 -19.73
N ALA H 342 -55.23 -3.39 -18.62
CA ALA H 342 -55.63 -2.87 -17.31
C ALA H 342 -55.36 -1.37 -17.21
N LEU H 343 -54.27 -0.90 -17.83
CA LEU H 343 -53.96 0.52 -17.77
C LEU H 343 -54.95 1.34 -18.59
N CYS H 344 -55.39 0.81 -19.73
CA CYS H 344 -56.43 1.50 -20.50
C CYS H 344 -57.72 1.60 -19.68
N ARG H 345 -58.18 0.48 -19.13
CA ARG H 345 -59.41 0.49 -18.35
C ARG H 345 -59.29 1.47 -17.18
N ALA H 346 -58.22 1.35 -16.40
CA ALA H 346 -58.05 2.24 -15.25
C ALA H 346 -58.01 3.69 -15.68
N LEU H 347 -57.37 3.98 -16.81
CA LEU H 347 -57.32 5.35 -17.30
C LEU H 347 -58.72 5.88 -17.60
N ARG H 348 -59.52 5.08 -18.30
CA ARG H 348 -60.88 5.52 -18.61
C ARG H 348 -61.69 5.74 -17.33
N GLU H 349 -61.56 4.83 -16.37
CA GLU H 349 -62.29 4.98 -15.11
C GLU H 349 -61.88 6.25 -14.38
N THR H 350 -60.58 6.55 -14.37
CA THR H 350 -60.12 7.77 -13.69
C THR H 350 -60.63 9.02 -14.40
N LYS H 351 -60.55 9.04 -15.74
CA LYS H 351 -61.10 10.17 -16.48
C LYS H 351 -62.56 10.36 -16.18
N ASN H 352 -63.31 9.27 -16.01
CA ASN H 352 -64.72 9.38 -15.64
C ASN H 352 -64.85 9.99 -14.25
N ARG H 353 -64.05 9.51 -13.29
CA ARG H 353 -64.12 10.06 -11.93
C ARG H 353 -63.89 11.56 -11.93
N LEU H 354 -62.79 12.01 -12.56
CA LEU H 354 -62.53 13.44 -12.61
C LEU H 354 -63.65 14.18 -13.34
N GLU H 355 -64.20 13.58 -14.38
CA GLU H 355 -65.31 14.21 -15.10
C GLU H 355 -66.47 14.49 -14.15
N ARG H 356 -66.87 13.48 -13.38
CA ARG H 356 -67.94 13.71 -12.41
C ARG H 356 -67.54 14.72 -11.35
N GLU H 357 -66.25 14.77 -11.00
CA GLU H 357 -65.79 15.79 -10.07
C GLU H 357 -65.96 17.19 -10.65
N VAL H 358 -65.88 17.32 -11.97
CA VAL H 358 -66.15 18.61 -12.59
C VAL H 358 -67.66 18.86 -12.67
N TYR H 359 -68.46 17.81 -12.89
CA TYR H 359 -69.90 17.97 -12.80
C TYR H 359 -70.32 18.47 -11.43
N GLU H 360 -69.58 18.11 -10.40
CA GLU H 360 -69.73 18.74 -9.10
C GLU H 360 -68.91 20.03 -9.05
N GLY H 361 -69.17 20.85 -8.04
CA GLY H 361 -68.54 22.14 -7.94
C GLY H 361 -67.08 22.10 -7.54
N ARG H 362 -66.40 20.99 -7.82
CA ARG H 362 -65.02 20.79 -7.44
C ARG H 362 -64.10 20.79 -8.66
N PHE H 363 -62.88 21.26 -8.45
CA PHE H 363 -61.84 21.22 -9.47
C PHE H 363 -61.28 19.81 -9.62
N SER H 364 -60.82 19.50 -10.84
CA SER H 364 -60.22 18.20 -11.10
C SER H 364 -59.30 18.31 -12.33
N LEU H 365 -58.42 17.33 -12.46
CA LEU H 365 -57.44 17.27 -13.53
C LEU H 365 -57.97 16.66 -14.82
N TYR H 366 -59.29 16.64 -15.01
CA TYR H 366 -59.94 16.02 -16.17
C TYR H 366 -59.33 16.49 -17.49
N PRO H 367 -59.38 17.79 -17.79
CA PRO H 367 -58.89 18.23 -19.11
C PRO H 367 -57.42 17.91 -19.35
N PHE H 368 -56.59 17.99 -18.32
CA PHE H 368 -55.18 17.67 -18.49
C PHE H 368 -55.00 16.22 -18.94
N LEU H 369 -55.78 15.30 -18.39
CA LEU H 369 -55.81 13.94 -18.90
C LEU H 369 -56.45 13.87 -20.27
N CYS H 370 -57.28 14.85 -20.62
CA CYS H 370 -57.85 14.95 -21.95
C CYS H 370 -56.94 15.68 -22.94
N LEU H 371 -55.72 16.01 -22.54
CA LEU H 371 -54.80 16.73 -23.42
C LEU H 371 -54.03 15.81 -24.36
N LEU H 372 -53.75 14.58 -23.95
CA LEU H 372 -52.91 13.68 -24.73
C LEU H 372 -53.66 12.40 -25.07
N ASP H 373 -53.33 11.84 -26.23
CA ASP H 373 -53.96 10.60 -26.68
C ASP H 373 -53.77 9.50 -25.65
N GLU H 374 -54.86 8.75 -25.40
CA GLU H 374 -54.80 7.69 -24.40
C GLU H 374 -53.76 6.64 -24.75
N ARG H 375 -53.59 6.34 -26.04
CA ARG H 375 -52.56 5.39 -26.44
C ARG H 375 -51.17 5.92 -26.12
N GLU H 376 -50.95 7.22 -26.32
CA GLU H 376 -49.66 7.81 -25.97
C GLU H 376 -49.44 7.78 -24.47
N VAL H 377 -50.49 8.04 -23.68
CA VAL H 377 -50.37 7.97 -22.23
C VAL H 377 -49.99 6.55 -21.80
N VAL H 378 -50.69 5.56 -22.35
CA VAL H 378 -50.41 4.17 -21.99
C VAL H 378 -48.98 3.80 -22.35
N ARG H 379 -48.55 4.15 -23.57
CA ARG H 379 -47.19 3.85 -23.98
C ARG H 379 -46.18 4.55 -23.07
N MET H 380 -46.49 5.77 -22.62
CA MET H 380 -45.57 6.48 -21.73
C MET H 380 -45.46 5.78 -20.38
N LEU H 381 -46.60 5.45 -19.76
CA LEU H 381 -46.56 4.78 -18.47
C LEU H 381 -45.87 3.43 -18.58
N LEU H 382 -46.15 2.67 -19.63
CA LEU H 382 -45.50 1.38 -19.81
C LEU H 382 -43.99 1.56 -20.00
N GLN H 383 -43.58 2.61 -20.70
CA GLN H 383 -42.15 2.89 -20.84
C GLN H 383 -41.52 3.19 -19.49
N VAL H 384 -42.14 4.09 -18.72
CA VAL H 384 -41.62 4.41 -17.39
C VAL H 384 -41.49 3.15 -16.55
N LEU H 385 -42.49 2.27 -16.61
CA LEU H 385 -42.41 1.02 -15.86
C LEU H 385 -41.26 0.16 -16.36
N GLN H 386 -41.04 0.11 -17.68
CA GLN H 386 -39.96 -0.70 -18.23
C GLN H 386 -38.60 -0.17 -17.80
N ALA H 387 -38.46 1.15 -17.65
CA ALA H 387 -37.19 1.76 -17.33
C ALA H 387 -36.99 1.98 -15.83
N LEU H 388 -37.98 1.65 -15.01
CA LEU H 388 -37.86 1.88 -13.58
C LEU H 388 -36.68 1.10 -13.02
N PRO H 389 -35.81 1.71 -12.22
CA PRO H 389 -34.66 0.98 -11.68
C PRO H 389 -35.10 -0.09 -10.69
N ALA H 390 -34.37 -1.21 -10.69
CA ALA H 390 -34.72 -2.32 -9.81
C ALA H 390 -34.69 -1.89 -8.35
N GLN H 391 -33.73 -1.05 -7.96
CA GLN H 391 -33.63 -0.62 -6.58
C GLN H 391 -34.76 0.30 -6.17
N GLY H 392 -35.43 0.93 -7.13
CA GLY H 392 -36.52 1.84 -6.86
C GLY H 392 -36.17 3.27 -7.25
N GLU H 393 -37.15 4.13 -7.10
CA GLU H 393 -37.00 5.54 -7.45
C GLU H 393 -37.82 6.39 -6.49
N SER H 394 -37.32 7.58 -6.20
CA SER H 394 -38.02 8.49 -5.30
C SER H 394 -39.40 8.82 -5.86
N PHE H 395 -40.43 8.67 -5.02
CA PHE H 395 -41.79 8.97 -5.45
C PHE H 395 -41.87 10.36 -6.08
N THR H 396 -41.38 11.37 -5.37
CA THR H 396 -41.40 12.73 -5.89
C THR H 396 -40.68 12.81 -7.24
N THR H 397 -39.48 12.23 -7.31
CA THR H 397 -38.74 12.25 -8.57
C THR H 397 -39.55 11.62 -9.70
N LEU H 398 -40.19 10.49 -9.42
CA LEU H 398 -41.03 9.87 -10.44
C LEU H 398 -42.14 10.81 -10.88
N ALA H 399 -42.78 11.50 -9.93
CA ALA H 399 -43.80 12.49 -10.29
C ALA H 399 -43.22 13.54 -11.22
N ARG H 400 -42.04 14.06 -10.90
CA ARG H 400 -41.41 15.08 -11.75
C ARG H 400 -41.18 14.55 -13.15
N GLU H 401 -40.62 13.34 -13.27
CA GLU H 401 -40.36 12.79 -14.60
C GLU H 401 -41.65 12.62 -15.39
N LEU H 402 -42.67 12.03 -14.77
CA LEU H 402 -43.94 11.87 -15.46
C LEU H 402 -44.51 13.21 -15.93
N SER H 403 -44.45 14.22 -15.08
CA SER H 403 -44.94 15.54 -15.47
C SER H 403 -44.15 16.11 -16.64
N ALA H 404 -42.83 15.97 -16.59
CA ALA H 404 -41.99 16.53 -17.65
C ALA H 404 -42.26 15.85 -18.99
N ARG H 405 -42.32 14.51 -18.99
CA ARG H 405 -42.59 13.81 -20.23
C ARG H 405 -44.01 14.08 -20.74
N THR H 406 -44.96 14.25 -19.82
CA THR H 406 -46.31 14.61 -20.23
C THR H 406 -46.33 15.97 -20.92
N PHE H 407 -45.72 16.97 -20.30
CA PHE H 407 -45.66 18.30 -20.91
C PHE H 407 -44.97 18.24 -22.26
N SER H 408 -43.83 17.54 -22.34
CA SER H 408 -43.11 17.45 -23.60
C SER H 408 -43.96 16.84 -24.70
N ARG H 409 -44.55 15.67 -24.43
CA ARG H 409 -45.38 15.01 -25.44
C ARG H 409 -46.60 15.85 -25.79
N HIS H 410 -47.11 16.64 -24.84
CA HIS H 410 -48.24 17.52 -25.15
C HIS H 410 -47.82 18.63 -26.11
N VAL H 411 -46.66 19.24 -25.88
CA VAL H 411 -46.16 20.23 -26.82
C VAL H 411 -45.96 19.59 -28.20
N VAL H 412 -45.35 18.40 -28.22
CA VAL H 412 -45.14 17.70 -29.48
C VAL H 412 -46.46 17.51 -30.22
N GLN H 413 -47.50 17.07 -29.50
CA GLN H 413 -48.79 16.87 -30.14
C GLN H 413 -49.36 18.18 -30.66
N ARG H 414 -49.28 19.24 -29.86
CA ARG H 414 -49.83 20.53 -30.27
C ARG H 414 -49.17 21.03 -31.55
N GLN H 415 -47.84 20.96 -31.62
CA GLN H 415 -47.16 21.34 -32.85
C GLN H 415 -47.54 20.41 -34.00
N ARG H 416 -47.70 19.12 -33.70
CA ARG H 416 -48.10 18.15 -34.72
C ARG H 416 -49.42 18.54 -35.37
N VAL H 417 -50.41 18.92 -34.54
CA VAL H 417 -51.76 19.18 -35.04
C VAL H 417 -51.99 20.64 -35.41
N SER H 418 -51.05 21.54 -35.13
CA SER H 418 -51.22 22.95 -35.41
C SER H 418 -50.50 23.41 -36.66
N GLY H 419 -49.92 22.48 -37.43
CA GLY H 419 -49.20 22.82 -38.63
C GLY H 419 -47.81 23.39 -38.42
N GLN H 420 -47.41 23.59 -37.17
CA GLN H 420 -46.06 24.08 -36.91
C GLN H 420 -44.99 23.10 -37.40
N VAL H 421 -45.33 21.82 -37.49
CA VAL H 421 -44.36 20.82 -37.92
C VAL H 421 -43.99 21.03 -39.38
N GLN H 422 -44.99 21.23 -40.25
CA GLN H 422 -44.72 21.43 -41.66
C GLN H 422 -44.01 22.76 -41.92
N ALA H 423 -44.47 23.83 -41.26
CA ALA H 423 -43.77 25.11 -41.39
C ALA H 423 -42.33 25.00 -40.90
N LEU H 424 -42.10 24.17 -39.87
CA LEU H 424 -40.73 23.91 -39.44
C LEU H 424 -39.96 23.12 -40.49
N GLN H 425 -40.64 22.25 -41.23
CA GLN H 425 -39.98 21.51 -42.31
C GLN H 425 -39.52 22.47 -43.40
N ASN H 426 -40.39 23.39 -43.81
CA ASN H 426 -40.00 24.35 -44.84
C ASN H 426 -38.91 25.28 -44.33
N HIS H 427 -39.10 25.86 -43.15
CA HIS H 427 -38.14 26.82 -42.60
C HIS H 427 -36.77 26.19 -42.42
N TYR H 428 -36.72 25.01 -41.80
CA TYR H 428 -35.44 24.34 -41.59
C TYR H 428 -34.83 23.89 -42.90
N ARG H 429 -35.66 23.38 -43.82
CA ARG H 429 -35.16 22.96 -45.13
C ARG H 429 -34.56 24.13 -45.89
N LYS H 430 -35.05 25.35 -45.65
CA LYS H 430 -34.41 26.52 -46.23
C LYS H 430 -33.15 26.88 -45.47
N TYR H 431 -33.16 26.69 -44.15
CA TYR H 431 -31.98 26.99 -43.34
C TYR H 431 -30.79 26.12 -43.73
N LEU H 432 -31.06 24.89 -44.17
CA LEU H 432 -29.97 23.96 -44.51
C LEU H 432 -29.08 24.46 -45.63
N CYS H 433 -29.48 25.51 -46.35
CA CYS H 433 -28.64 26.02 -47.42
C CYS H 433 -27.34 26.61 -46.90
N LEU H 434 -27.36 27.15 -45.68
CA LEU H 434 -26.14 27.75 -45.12
C LEU H 434 -25.12 26.69 -44.76
N LEU H 435 -25.56 25.50 -44.38
CA LEU H 435 -24.65 24.44 -43.92
C LEU H 435 -24.24 23.49 -45.05
N ALA H 436 -25.17 23.15 -45.94
CA ALA H 436 -24.88 22.18 -46.99
C ALA H 436 -23.64 22.58 -47.77
N SER H 437 -22.88 21.58 -48.21
CA SER H 437 -21.64 21.85 -48.95
C SER H 437 -21.93 22.29 -50.38
N ASP H 438 -22.89 21.65 -51.04
CA ASP H 438 -23.23 21.96 -52.43
C ASP H 438 -24.30 23.04 -52.54
N ALA H 439 -24.32 23.99 -51.61
CA ALA H 439 -25.30 25.06 -51.63
C ALA H 439 -24.65 26.34 -51.10
N GLU H 440 -25.07 27.47 -51.65
CA GLU H 440 -24.55 28.77 -51.26
C GLU H 440 -25.68 29.67 -50.80
N VAL H 441 -25.33 30.67 -50.01
CA VAL H 441 -26.29 31.64 -49.50
C VAL H 441 -25.96 33.00 -50.10
N PRO H 442 -26.91 33.93 -50.12
CA PRO H 442 -26.62 35.26 -50.70
C PRO H 442 -25.47 35.97 -49.99
N GLU H 443 -25.55 36.10 -48.67
CA GLU H 443 -24.52 36.78 -47.89
C GLU H 443 -24.09 35.91 -46.72
N PRO H 444 -22.82 35.96 -46.34
CA PRO H 444 -22.38 35.20 -45.16
C PRO H 444 -23.03 35.73 -43.90
N CYS H 445 -23.39 34.81 -43.01
CA CYS H 445 -24.05 35.19 -41.76
C CYS H 445 -23.99 33.98 -40.82
N LEU H 446 -24.33 34.24 -39.56
CA LEU H 446 -24.35 33.18 -38.56
C LEU H 446 -25.65 32.39 -38.66
N PRO H 447 -25.65 31.15 -38.18
CA PRO H 447 -26.88 30.34 -38.25
C PRO H 447 -28.10 31.05 -37.67
N ARG H 448 -27.94 31.73 -36.55
CA ARG H 448 -29.06 32.47 -35.96
C ARG H 448 -29.50 33.60 -36.88
N GLN H 449 -28.55 34.34 -37.46
CA GLN H 449 -28.90 35.44 -38.36
C GLN H 449 -29.69 34.94 -39.56
N TYR H 450 -29.18 33.90 -40.22
CA TYR H 450 -29.88 33.36 -41.38
C TYR H 450 -31.25 32.81 -41.01
N TRP H 451 -31.32 32.06 -39.90
CA TRP H 451 -32.59 31.49 -39.47
C TRP H 451 -33.62 32.58 -39.21
N GLU H 452 -33.24 33.60 -38.44
CA GLU H 452 -34.18 34.69 -38.16
C GLU H 452 -34.53 35.45 -39.44
N ALA H 453 -33.61 35.51 -40.40
CA ALA H 453 -33.91 36.19 -41.65
C ALA H 453 -34.95 35.43 -42.46
N LEU H 454 -34.87 34.10 -42.47
CA LEU H 454 -35.81 33.30 -43.25
C LEU H 454 -37.25 33.57 -42.81
N GLY H 455 -37.50 33.63 -41.50
CA GLY H 455 -38.85 33.90 -41.01
C GLY H 455 -38.97 35.30 -40.45
N ALA H 456 -39.08 35.42 -39.13
CA ALA H 456 -39.14 34.26 -38.25
C ALA H 456 -40.30 34.40 -37.26
N PRO H 457 -41.46 33.84 -37.59
CA PRO H 457 -42.61 33.93 -36.68
C PRO H 457 -42.37 33.24 -35.35
N GLU H 458 -41.62 32.14 -35.34
CA GLU H 458 -41.29 31.38 -34.13
C GLU H 458 -42.53 30.78 -33.46
N ALA H 459 -43.62 30.60 -34.20
CA ALA H 459 -44.82 29.90 -33.72
C ALA H 459 -45.31 30.59 -32.46
N LEU H 460 -45.62 29.85 -31.38
CA LEU H 460 -46.18 30.40 -30.16
C LEU H 460 -45.47 29.79 -28.97
N ARG H 461 -45.38 30.57 -27.89
CA ARG H 461 -44.69 30.15 -26.67
C ARG H 461 -45.71 29.65 -25.64
N GLU H 462 -45.44 28.48 -25.08
CA GLU H 462 -46.32 27.85 -24.10
C GLU H 462 -45.67 27.88 -22.73
N GLN H 463 -46.36 28.47 -21.76
CA GLN H 463 -45.85 28.53 -20.39
C GLN H 463 -46.15 27.21 -19.67
N PRO H 464 -45.23 26.72 -18.85
CA PRO H 464 -45.46 25.45 -18.15
C PRO H 464 -46.56 25.57 -17.11
N TRP H 465 -46.98 24.42 -16.60
CA TRP H 465 -48.05 24.34 -15.63
C TRP H 465 -47.56 24.72 -14.23
N PRO H 466 -48.46 25.17 -13.37
CA PRO H 466 -48.07 25.41 -11.97
C PRO H 466 -47.61 24.13 -11.30
N LEU H 467 -46.71 24.27 -10.33
CA LEU H 467 -46.16 23.11 -9.66
C LEU H 467 -47.23 22.21 -9.04
N PRO H 468 -48.25 22.73 -8.36
CA PRO H 468 -49.26 21.82 -7.77
C PRO H 468 -49.94 20.94 -8.80
N VAL H 469 -50.20 21.46 -10.00
CA VAL H 469 -50.83 20.65 -11.04
C VAL H 469 -49.89 19.55 -11.50
N GLN H 470 -48.61 19.88 -11.70
CA GLN H 470 -47.64 18.86 -12.09
C GLN H 470 -47.55 17.77 -11.04
N MET H 471 -47.49 18.16 -9.76
CA MET H 471 -47.37 17.17 -8.69
C MET H 471 -48.61 16.29 -8.63
N GLU H 472 -49.80 16.89 -8.60
CA GLU H 472 -51.02 16.10 -8.55
C GLU H 472 -51.10 15.15 -9.73
N LEU H 473 -50.68 15.60 -10.92
CA LEU H 473 -50.68 14.73 -12.08
C LEU H 473 -49.72 13.56 -11.89
N GLY H 474 -48.51 13.83 -11.39
CA GLY H 474 -47.56 12.76 -11.17
C GLY H 474 -48.06 11.73 -10.19
N LYS H 475 -48.57 12.18 -9.04
CA LYS H 475 -49.10 11.25 -8.06
C LYS H 475 -50.28 10.46 -8.63
N LEU H 476 -51.13 11.12 -9.41
CA LEU H 476 -52.26 10.43 -10.03
C LEU H 476 -51.77 9.30 -10.94
N LEU H 477 -50.88 9.63 -11.89
CA LEU H 477 -50.41 8.62 -12.83
C LEU H 477 -49.71 7.48 -12.10
N ALA H 478 -48.83 7.82 -11.16
CA ALA H 478 -48.10 6.79 -10.42
C ALA H 478 -49.07 5.87 -9.68
N GLU H 479 -49.99 6.45 -8.91
CA GLU H 479 -50.93 5.63 -8.15
C GLU H 479 -51.76 4.74 -9.07
N MET H 480 -52.17 5.28 -10.22
CA MET H 480 -52.93 4.45 -11.17
C MET H 480 -52.08 3.30 -11.68
N LEU H 481 -50.80 3.55 -11.94
CA LEU H 481 -49.90 2.49 -12.40
C LEU H 481 -49.77 1.40 -11.34
N VAL H 482 -49.52 1.79 -10.10
CA VAL H 482 -49.37 0.81 -9.03
C VAL H 482 -50.64 -0.02 -8.88
N GLN H 483 -51.79 0.65 -8.81
CA GLN H 483 -53.05 -0.06 -8.63
C GLN H 483 -53.35 -0.97 -9.82
N ALA H 484 -52.94 -0.57 -11.03
CA ALA H 484 -53.32 -1.33 -12.21
C ALA H 484 -52.40 -2.49 -12.51
N THR H 485 -51.12 -2.40 -12.13
CA THR H 485 -50.14 -3.43 -12.47
C THR H 485 -50.20 -4.56 -11.45
N GLN H 486 -50.67 -5.72 -11.88
CA GLN H 486 -50.72 -6.92 -11.06
C GLN H 486 -49.99 -8.06 -11.76
N MET H 487 -49.53 -9.03 -10.98
CA MET H 487 -48.77 -10.16 -11.52
C MET H 487 -48.90 -11.34 -10.58
N PRO H 488 -48.83 -12.58 -11.08
CA PRO H 488 -48.88 -13.75 -10.20
C PRO H 488 -47.56 -13.97 -9.49
N CYS H 489 -47.64 -14.43 -8.24
CA CYS H 489 -46.45 -14.60 -7.43
C CYS H 489 -45.73 -15.92 -7.65
N SER H 490 -46.38 -16.91 -8.28
CA SER H 490 -45.74 -18.21 -8.44
C SER H 490 -44.66 -18.19 -9.51
N LEU H 491 -44.77 -17.30 -10.50
CA LEU H 491 -43.84 -17.23 -11.63
C LEU H 491 -43.75 -18.64 -12.22
N ASP H 492 -42.55 -19.20 -12.39
CA ASP H 492 -42.41 -20.53 -12.98
C ASP H 492 -43.14 -21.58 -12.16
N ARG H 496 -48.14 -19.37 -13.01
CA ARG H 496 -49.19 -20.37 -12.99
C ARG H 496 -49.88 -20.43 -11.64
N SER H 497 -49.92 -19.30 -10.93
CA SER H 497 -50.57 -19.19 -9.64
C SER H 497 -51.87 -18.41 -9.76
N SER H 498 -52.89 -18.87 -9.03
CA SER H 498 -54.19 -18.19 -9.07
C SER H 498 -54.11 -16.83 -8.40
N ARG H 499 -53.36 -16.73 -7.29
CA ARG H 499 -53.27 -15.48 -6.56
C ARG H 499 -52.49 -14.44 -7.35
N LEU H 500 -52.92 -13.18 -7.21
CA LEU H 500 -52.30 -12.05 -7.89
C LEU H 500 -51.85 -11.02 -6.86
N VAL H 501 -50.62 -10.52 -7.02
CA VAL H 501 -50.06 -9.51 -6.13
C VAL H 501 -49.62 -8.32 -6.96
N PRO H 502 -49.58 -7.11 -6.37
CA PRO H 502 -49.18 -5.94 -7.15
C PRO H 502 -47.73 -6.03 -7.61
N VAL H 503 -47.49 -5.49 -8.81
CA VAL H 503 -46.14 -5.48 -9.38
C VAL H 503 -45.25 -4.49 -8.66
N LEU H 504 -45.80 -3.37 -8.21
CA LEU H 504 -45.06 -2.31 -7.55
C LEU H 504 -45.34 -2.32 -6.06
N TYR H 505 -44.30 -2.12 -5.26
CA TYR H 505 -44.44 -2.03 -3.81
C TYR H 505 -43.70 -0.79 -3.33
N HIS H 506 -44.40 0.10 -2.64
CA HIS H 506 -43.80 1.31 -2.10
C HIS H 506 -43.49 1.08 -0.62
N VAL H 507 -42.23 1.28 -0.24
CA VAL H 507 -41.83 1.16 1.15
C VAL H 507 -41.29 2.51 1.62
N TYR H 508 -40.86 2.57 2.87
CA TYR H 508 -40.49 3.82 3.51
C TYR H 508 -39.11 3.70 4.13
N SER H 509 -38.31 4.75 3.98
CA SER H 509 -36.99 4.83 4.58
C SER H 509 -37.00 5.87 5.69
N PHE H 510 -36.57 5.46 6.88
CA PHE H 510 -36.54 6.35 8.04
C PHE H 510 -35.11 6.74 8.42
N ARG H 511 -34.12 6.43 7.59
CA ARG H 511 -32.76 6.85 7.86
C ARG H 511 -32.70 8.34 8.15
N ASN H 512 -33.21 9.15 7.22
CA ASN H 512 -33.48 10.54 7.52
C ASN H 512 -34.58 10.60 8.57
N VAL H 513 -34.39 11.44 9.60
CA VAL H 513 -35.34 11.56 10.69
C VAL H 513 -36.75 11.69 10.15
N GLN H 514 -36.87 12.11 8.89
CA GLN H 514 -38.13 12.30 8.21
C GLN H 514 -38.32 11.16 7.20
N GLN H 515 -39.35 10.36 7.39
CA GLN H 515 -39.59 9.23 6.50
C GLN H 515 -39.89 9.70 5.09
N ILE H 516 -39.28 9.06 4.11
CA ILE H 516 -39.45 9.40 2.70
C ILE H 516 -40.01 8.18 1.98
N GLY H 517 -41.03 8.39 1.16
CA GLY H 517 -41.65 7.31 0.42
C GLY H 517 -40.85 6.94 -0.82
N ILE H 518 -40.59 5.65 -0.99
CA ILE H 518 -39.89 5.14 -2.15
C ILE H 518 -40.77 4.11 -2.83
N LEU H 519 -40.89 4.21 -4.16
CA LEU H 519 -41.59 3.21 -4.95
C LEU H 519 -40.57 2.25 -5.52
N LYS H 520 -40.68 0.97 -5.15
CA LYS H 520 -39.72 -0.04 -5.53
C LYS H 520 -40.38 -1.15 -6.32
N PRO H 521 -39.71 -1.67 -7.35
CA PRO H 521 -40.28 -2.78 -8.12
C PRO H 521 -40.10 -4.10 -7.41
N HIS H 522 -40.98 -5.03 -7.72
CA HIS H 522 -40.96 -6.33 -7.07
C HIS H 522 -39.62 -7.00 -7.32
N PRO H 523 -38.96 -7.54 -6.29
CA PRO H 523 -37.69 -8.24 -6.53
C PRO H 523 -37.81 -9.35 -7.56
N ALA H 524 -38.94 -10.06 -7.56
CA ALA H 524 -39.19 -11.05 -8.60
C ALA H 524 -39.22 -10.38 -9.97
N TYR H 525 -39.74 -9.16 -10.04
CA TYR H 525 -39.69 -8.40 -11.28
C TYR H 525 -38.26 -8.13 -11.71
N VAL H 526 -37.40 -7.77 -10.75
CA VAL H 526 -35.99 -7.51 -11.06
C VAL H 526 -35.34 -8.78 -11.61
N GLN H 527 -35.53 -9.90 -10.91
CA GLN H 527 -34.98 -11.17 -11.39
C GLN H 527 -35.53 -11.53 -12.76
N LEU H 528 -36.79 -11.18 -13.02
CA LEU H 528 -37.38 -11.44 -14.33
C LEU H 528 -36.67 -10.65 -15.41
N LEU H 529 -36.44 -9.35 -15.16
CA LEU H 529 -35.73 -8.54 -16.15
C LEU H 529 -34.29 -9.01 -16.33
N GLU H 530 -33.68 -9.53 -15.28
CA GLU H 530 -32.31 -10.03 -15.40
C GLU H 530 -32.25 -11.31 -16.24
N LYS H 531 -33.14 -12.26 -15.96
CA LYS H 531 -33.16 -13.49 -16.75
C LYS H 531 -33.55 -13.22 -18.19
N ALA H 532 -34.49 -12.30 -18.41
CA ALA H 532 -34.93 -12.01 -19.78
C ALA H 532 -33.79 -11.48 -20.64
N ALA H 533 -32.87 -10.73 -20.05
CA ALA H 533 -31.74 -10.16 -20.78
C ALA H 533 -32.22 -9.43 -22.04
N GLU H 534 -33.04 -8.40 -21.82
CA GLU H 534 -33.60 -7.65 -22.93
C GLU H 534 -32.51 -7.09 -23.82
N PRO H 535 -32.57 -7.30 -25.13
CA PRO H 535 -31.54 -6.73 -26.01
C PRO H 535 -31.95 -5.38 -26.57
N THR H 536 -32.94 -4.73 -25.94
CA THR H 536 -33.41 -3.42 -26.38
C THR H 536 -33.60 -2.50 -25.17
N LEU H 537 -33.18 -1.25 -25.34
CA LEU H 537 -33.39 -0.19 -24.37
C LEU H 537 -34.18 0.94 -25.04
N THR H 538 -34.93 1.67 -24.22
CA THR H 538 -35.74 2.79 -24.71
C THR H 538 -35.28 4.08 -24.03
N PHE H 539 -35.17 5.14 -24.83
CA PHE H 539 -34.73 6.44 -24.33
C PHE H 539 -35.71 7.52 -24.76
N GLU H 540 -35.74 8.60 -23.97
CA GLU H 540 -36.48 9.80 -24.34
C GLU H 540 -35.74 10.55 -25.44
N ALA H 541 -36.51 11.10 -26.39
CA ALA H 541 -35.89 11.89 -27.45
C ALA H 541 -34.99 12.99 -26.91
N VAL H 542 -35.28 13.49 -25.71
CA VAL H 542 -34.48 14.56 -25.12
C VAL H 542 -33.23 14.06 -24.42
N ASP H 543 -33.10 12.75 -24.23
CA ASP H 543 -31.96 12.17 -23.54
C ASP H 543 -30.93 11.56 -24.48
N VAL H 544 -31.17 11.61 -25.79
CA VAL H 544 -30.25 11.03 -26.76
C VAL H 544 -29.79 12.14 -27.70
N PRO H 545 -28.64 11.96 -28.34
CA PRO H 545 -28.16 12.98 -29.29
C PRO H 545 -29.13 13.16 -30.44
N MET H 546 -29.07 14.34 -31.05
CA MET H 546 -29.89 14.65 -32.22
C MET H 546 -29.22 14.15 -33.49
N LEU H 547 -30.04 13.65 -34.42
CA LEU H 547 -29.53 13.12 -35.68
C LEU H 547 -29.28 14.20 -36.73
N CYS H 548 -29.52 15.47 -36.41
CA CYS H 548 -29.28 16.56 -37.33
C CYS H 548 -28.83 17.78 -36.53
N PRO H 549 -28.27 18.78 -37.20
CA PRO H 549 -27.84 20.00 -36.51
C PRO H 549 -28.98 20.60 -35.72
N PRO H 550 -28.74 20.95 -34.45
CA PRO H 550 -29.82 21.47 -33.60
C PRO H 550 -30.36 22.78 -34.16
N LEU H 551 -31.43 23.25 -33.52
CA LEU H 551 -32.02 24.52 -33.87
C LEU H 551 -31.16 25.66 -33.34
N PRO H 552 -30.85 26.67 -34.16
CA PRO H 552 -30.11 27.83 -33.65
C PRO H 552 -30.89 28.48 -32.52
N TRP H 553 -30.16 28.87 -31.47
CA TRP H 553 -30.80 29.50 -30.32
C TRP H 553 -31.22 30.91 -30.67
N THR H 554 -32.52 31.09 -30.88
CA THR H 554 -33.09 32.39 -31.22
C THR H 554 -33.73 33.09 -30.03
N SER H 555 -34.08 32.36 -28.99
CA SER H 555 -34.70 32.95 -27.81
C SER H 555 -34.58 31.95 -26.66
N PRO H 556 -34.90 32.38 -25.44
CA PRO H 556 -34.81 31.45 -24.29
C PRO H 556 -35.80 30.30 -24.37
N HIS H 557 -36.72 30.29 -25.34
CA HIS H 557 -37.72 29.24 -25.45
C HIS H 557 -37.62 28.44 -26.74
N SER H 558 -36.73 28.82 -27.65
CA SER H 558 -36.53 28.09 -28.91
C SER H 558 -35.07 27.65 -28.98
N GLY H 559 -34.84 26.34 -28.91
CA GLY H 559 -33.49 25.83 -28.99
C GLY H 559 -33.48 24.33 -28.79
N ALA H 560 -32.28 23.78 -28.89
CA ALA H 560 -32.04 22.35 -28.60
C ALA H 560 -32.90 21.53 -29.55
N PHE H 561 -33.59 20.50 -29.10
CA PHE H 561 -34.33 19.64 -29.99
C PHE H 561 -35.40 20.42 -30.75
N LEU H 562 -35.63 20.04 -32.01
CA LEU H 562 -36.50 20.81 -32.89
C LEU H 562 -37.88 21.02 -32.28
N LEU H 563 -38.56 19.93 -31.92
CA LEU H 563 -39.92 19.99 -31.43
C LEU H 563 -40.01 19.98 -29.90
N SER H 564 -39.31 19.06 -29.26
CA SER H 564 -39.38 18.95 -27.81
C SER H 564 -38.96 20.28 -27.18
N PRO H 565 -39.71 20.79 -26.20
CA PRO H 565 -39.32 22.04 -25.56
C PRO H 565 -38.11 21.85 -24.66
N THR H 566 -37.19 22.80 -24.72
CA THR H 566 -35.95 22.76 -23.95
C THR H 566 -35.73 24.11 -23.29
N LYS H 567 -35.44 24.08 -21.99
CA LYS H 567 -35.17 25.32 -21.26
C LYS H 567 -33.84 25.90 -21.70
N LEU H 568 -33.79 27.24 -21.79
CA LEU H 568 -32.52 27.88 -22.12
C LEU H 568 -31.54 27.77 -20.96
N MET H 569 -32.04 27.72 -19.73
CA MET H 569 -31.22 27.54 -18.54
C MET H 569 -31.73 26.33 -17.77
N ARG H 570 -30.82 25.40 -17.48
CA ARG H 570 -31.18 24.16 -16.81
C ARG H 570 -31.75 24.43 -15.41
N ALA H 575 -36.17 29.00 -11.64
CA ALA H 575 -36.37 28.99 -13.08
C ALA H 575 -37.21 30.19 -13.51
N THR H 576 -38.18 30.56 -12.68
CA THR H 576 -39.03 31.70 -12.99
C THR H 576 -38.22 32.99 -13.03
N GLN H 577 -37.38 33.21 -12.03
CA GLN H 577 -36.58 34.44 -11.98
C GLN H 577 -35.63 34.51 -13.17
N HIS H 578 -34.84 33.47 -13.39
CA HIS H 578 -33.82 33.51 -14.42
C HIS H 578 -34.44 33.57 -15.81
N GLN H 579 -35.53 32.81 -16.04
CA GLN H 579 -36.20 32.86 -17.32
C GLN H 579 -36.81 34.24 -17.57
N GLU H 580 -37.53 34.76 -16.59
CA GLU H 580 -38.20 36.05 -16.77
C GLU H 580 -37.19 37.17 -16.98
N LEU H 581 -36.02 37.10 -16.35
CA LEU H 581 -34.99 38.11 -16.58
C LEU H 581 -34.29 37.89 -17.91
N LEU H 582 -34.14 36.64 -18.35
CA LEU H 582 -33.58 36.37 -19.67
C LEU H 582 -34.47 36.96 -20.76
N GLU H 583 -35.79 36.91 -20.56
CA GLU H 583 -36.70 37.57 -21.48
C GLU H 583 -36.79 39.07 -21.26
N THR H 584 -36.46 39.53 -20.05
CA THR H 584 -36.54 40.97 -19.76
C THR H 584 -35.37 41.72 -20.41
N CYS H 585 -34.16 41.18 -20.32
CA CYS H 585 -33.00 41.87 -20.88
C CYS H 585 -33.21 42.16 -22.37
N PRO H 586 -32.53 43.16 -22.90
CA PRO H 586 -32.67 43.50 -24.32
C PRO H 586 -32.36 42.29 -25.20
N PRO H 587 -33.13 42.08 -26.27
CA PRO H 587 -32.87 40.92 -27.14
C PRO H 587 -31.45 40.84 -27.67
N THR H 588 -30.84 41.98 -27.97
CA THR H 588 -29.48 41.97 -28.51
C THR H 588 -28.47 41.50 -27.47
N ALA H 589 -28.76 41.69 -26.18
CA ALA H 589 -27.79 41.35 -25.14
C ALA H 589 -27.41 39.87 -25.20
N LEU H 590 -28.36 39.01 -25.55
CA LEU H 590 -28.13 37.57 -25.52
C LEU H 590 -27.61 37.01 -26.85
N HIS H 591 -27.45 37.85 -27.87
CA HIS H 591 -26.97 37.36 -29.17
C HIS H 591 -25.72 36.52 -29.02
N GLY H 592 -24.75 37.03 -28.25
CA GLY H 592 -23.51 36.29 -28.06
C GLY H 592 -23.75 34.90 -27.50
N ALA H 593 -24.49 34.81 -26.40
CA ALA H 593 -24.74 33.52 -25.76
C ALA H 593 -25.46 32.58 -26.72
N LEU H 594 -26.51 33.06 -27.39
CA LEU H 594 -27.26 32.20 -28.31
C LEU H 594 -26.35 31.67 -29.41
N ASP H 595 -25.50 32.53 -29.97
CA ASP H 595 -24.58 32.08 -31.02
C ASP H 595 -23.56 31.09 -30.48
N ALA H 596 -23.12 31.26 -29.23
CA ALA H 596 -22.18 30.33 -28.64
C ALA H 596 -22.80 28.95 -28.45
N LEU H 597 -24.01 28.90 -27.88
CA LEU H 597 -24.68 27.63 -27.68
C LEU H 597 -25.00 26.96 -29.02
N THR H 598 -25.45 27.75 -30.00
CA THR H 598 -25.71 27.20 -31.32
C THR H 598 -24.44 26.63 -31.93
N GLN H 599 -23.33 27.37 -31.83
CA GLN H 599 -22.06 26.89 -32.37
C GLN H 599 -21.64 25.58 -31.71
N LEU H 600 -21.63 25.54 -30.38
CA LEU H 600 -21.26 24.32 -29.67
C LEU H 600 -22.15 23.16 -30.08
N GLY H 601 -23.46 23.38 -30.18
CA GLY H 601 -24.37 22.32 -30.56
C GLY H 601 -24.22 21.88 -32.00
N ASN H 602 -23.71 22.76 -32.87
CA ASN H 602 -23.56 22.43 -34.27
C ASN H 602 -22.31 21.61 -34.58
N CYS H 603 -21.47 21.36 -33.58
CA CYS H 603 -20.26 20.55 -33.81
C CYS H 603 -20.67 19.13 -34.13
N ALA H 604 -20.21 18.63 -35.28
CA ALA H 604 -20.57 17.29 -35.72
C ALA H 604 -19.66 16.26 -35.07
N TRP H 605 -20.26 15.21 -34.50
CA TRP H 605 -19.52 14.16 -33.81
C TRP H 605 -19.79 12.81 -34.44
N ARG H 606 -18.82 11.90 -34.26
CA ARG H 606 -18.93 10.52 -34.71
C ARG H 606 -18.14 9.65 -33.73
N VAL H 607 -18.42 8.35 -33.78
CA VAL H 607 -17.83 7.41 -32.85
C VAL H 607 -16.54 6.83 -33.42
N ASN H 608 -15.59 6.54 -32.54
CA ASN H 608 -14.33 5.92 -32.92
C ASN H 608 -14.54 4.41 -32.98
N GLY H 609 -14.56 3.85 -34.19
CA GLY H 609 -14.92 2.45 -34.35
C GLY H 609 -14.00 1.52 -33.59
N ARG H 610 -12.69 1.72 -33.72
CA ARG H 610 -11.74 0.83 -33.07
C ARG H 610 -11.86 0.91 -31.56
N VAL H 611 -11.81 2.13 -31.01
CA VAL H 611 -11.93 2.31 -29.57
C VAL H 611 -13.20 1.64 -29.05
N LEU H 612 -14.31 1.83 -29.77
CA LEU H 612 -15.56 1.18 -29.39
C LEU H 612 -15.42 -0.33 -29.40
N ASP H 613 -14.74 -0.86 -30.43
CA ASP H 613 -14.55 -2.31 -30.52
C ASP H 613 -13.80 -2.84 -29.30
N LEU H 614 -12.75 -2.13 -28.88
CA LEU H 614 -11.97 -2.59 -27.73
C LEU H 614 -12.77 -2.45 -26.44
N VAL H 615 -13.36 -1.27 -26.20
CA VAL H 615 -14.13 -1.05 -24.99
C VAL H 615 -15.24 -2.08 -24.85
N LEU H 616 -15.92 -2.40 -25.96
CA LEU H 616 -16.92 -3.45 -25.94
C LEU H 616 -16.28 -4.80 -25.66
N GLN H 617 -15.17 -5.11 -26.33
CA GLN H 617 -14.47 -6.36 -26.09
C GLN H 617 -14.25 -6.58 -24.60
N LEU H 618 -13.83 -5.54 -23.89
CA LEU H 618 -13.68 -5.63 -22.43
C LEU H 618 -15.03 -5.75 -21.74
N PHE H 619 -16.00 -4.91 -22.14
CA PHE H 619 -17.30 -4.93 -21.48
C PHE H 619 -18.03 -6.25 -21.68
N GLN H 620 -18.00 -6.79 -22.90
CA GLN H 620 -18.70 -8.04 -23.16
C GLN H 620 -18.19 -9.16 -22.27
N ALA H 621 -16.92 -9.10 -21.89
CA ALA H 621 -16.31 -10.10 -21.02
C ALA H 621 -16.32 -9.57 -19.59
N LYS H 622 -15.41 -10.07 -18.75
CA LYS H 622 -15.42 -9.72 -17.34
C LYS H 622 -15.16 -8.24 -17.08
N GLY H 623 -14.76 -7.48 -18.09
CA GLY H 623 -14.46 -6.09 -17.91
C GLY H 623 -13.04 -5.86 -17.43
N CYS H 624 -12.62 -4.59 -17.50
CA CYS H 624 -11.27 -4.18 -17.10
C CYS H 624 -11.38 -2.95 -16.20
N PRO H 625 -11.64 -3.16 -14.91
CA PRO H 625 -11.71 -2.01 -13.99
C PRO H 625 -10.47 -1.14 -14.04
N GLN H 626 -9.30 -1.73 -14.32
CA GLN H 626 -8.09 -0.93 -14.45
C GLN H 626 -8.22 0.09 -15.57
N LEU H 627 -9.05 -0.20 -16.57
CA LEU H 627 -9.28 0.68 -17.70
C LEU H 627 -10.68 1.30 -17.67
N GLY H 628 -11.28 1.39 -16.48
CA GLY H 628 -12.60 1.98 -16.36
C GLY H 628 -13.69 1.22 -17.07
N VAL H 629 -13.55 -0.10 -17.19
CA VAL H 629 -14.56 -0.96 -17.80
C VAL H 629 -15.25 -1.74 -16.69
N PRO H 630 -16.53 -1.49 -16.42
CA PRO H 630 -17.19 -2.20 -15.32
C PRO H 630 -17.23 -3.70 -15.55
N ALA H 631 -17.19 -4.46 -14.44
CA ALA H 631 -17.30 -5.90 -14.51
C ALA H 631 -18.74 -6.35 -14.32
N PRO H 632 -19.14 -7.44 -14.96
CA PRO H 632 -20.52 -7.92 -14.84
C PRO H 632 -20.79 -8.43 -13.43
N PRO H 633 -22.06 -8.68 -13.09
CA PRO H 633 -22.36 -9.21 -11.75
C PRO H 633 -21.66 -10.52 -11.45
N SER H 634 -21.24 -11.26 -12.47
CA SER H 634 -20.53 -12.51 -12.23
C SER H 634 -19.27 -12.30 -11.41
N GLU H 635 -18.65 -11.14 -11.52
CA GLU H 635 -17.41 -10.85 -10.80
C GLU H 635 -17.72 -10.25 -9.43
N HIS H 662 -20.68 -5.73 3.45
CA HIS H 662 -19.72 -5.12 2.53
C HIS H 662 -19.90 -5.68 1.12
N CYS H 663 -20.08 -6.99 1.04
CA CYS H 663 -20.30 -7.63 -0.26
C CYS H 663 -21.53 -7.07 -0.95
N GLN H 664 -22.62 -6.85 -0.19
CA GLN H 664 -23.83 -6.30 -0.78
C GLN H 664 -23.62 -4.86 -1.25
N LYS H 665 -22.90 -4.06 -0.46
CA LYS H 665 -22.60 -2.70 -0.86
C LYS H 665 -21.81 -2.68 -2.17
N VAL H 666 -20.69 -3.39 -2.21
CA VAL H 666 -19.87 -3.44 -3.42
C VAL H 666 -20.71 -3.94 -4.60
N ALA H 667 -21.57 -4.93 -4.36
CA ALA H 667 -22.41 -5.45 -5.43
C ALA H 667 -23.34 -4.36 -5.98
N ARG H 668 -23.97 -3.59 -5.08
CA ARG H 668 -24.88 -2.55 -5.51
C ARG H 668 -24.15 -1.48 -6.31
N GLU H 669 -23.00 -1.01 -5.82
CA GLU H 669 -22.24 -0.01 -6.55
C GLU H 669 -21.82 -0.52 -7.92
N MET H 670 -21.30 -1.74 -7.97
CA MET H 670 -20.91 -2.33 -9.25
C MET H 670 -22.09 -2.41 -10.20
N HIS H 671 -23.28 -2.69 -9.67
CA HIS H 671 -24.46 -2.75 -10.53
C HIS H 671 -24.81 -1.37 -11.06
N SER H 672 -24.69 -0.33 -10.23
CA SER H 672 -24.95 1.03 -10.69
C SER H 672 -24.01 1.41 -11.83
N LEU H 673 -22.69 1.31 -11.58
CA LEU H 673 -21.73 1.63 -12.63
C LEU H 673 -21.99 0.80 -13.87
N ARG H 674 -22.28 -0.49 -13.70
CA ARG H 674 -22.56 -1.35 -14.84
C ARG H 674 -23.75 -0.84 -15.64
N ALA H 675 -24.78 -0.35 -14.95
CA ALA H 675 -25.93 0.20 -15.65
C ALA H 675 -25.56 1.45 -16.44
N GLU H 676 -24.93 2.42 -15.78
CA GLU H 676 -24.54 3.65 -16.47
C GLU H 676 -23.71 3.34 -17.71
N ALA H 677 -22.68 2.51 -17.55
CA ALA H 677 -21.86 2.13 -18.69
C ALA H 677 -22.71 1.42 -19.76
N LEU H 678 -23.70 0.65 -19.33
CA LEU H 678 -24.59 -0.01 -20.27
C LEU H 678 -25.31 1.00 -21.15
N TYR H 679 -25.85 2.06 -20.53
CA TYR H 679 -26.55 3.08 -21.30
C TYR H 679 -25.60 3.83 -22.23
N ARG H 680 -24.49 4.35 -21.67
CA ARG H 680 -23.54 5.12 -22.47
C ARG H 680 -23.06 4.31 -23.66
N LEU H 681 -22.53 3.11 -23.41
CA LEU H 681 -22.04 2.27 -24.51
C LEU H 681 -23.17 1.86 -25.45
N SER H 682 -24.40 1.77 -24.93
CA SER H 682 -25.53 1.44 -25.80
C SER H 682 -25.76 2.54 -26.83
N LEU H 683 -25.83 3.79 -26.37
CA LEU H 683 -25.99 4.90 -27.30
C LEU H 683 -24.80 5.00 -28.25
N ALA H 684 -23.59 4.79 -27.73
CA ALA H 684 -22.40 4.84 -28.58
C ALA H 684 -22.49 3.81 -29.70
N GLN H 685 -22.86 2.57 -29.36
CA GLN H 685 -22.98 1.52 -30.36
C GLN H 685 -24.09 1.86 -31.36
N HIS H 686 -25.19 2.43 -30.88
CA HIS H 686 -26.28 2.81 -31.77
C HIS H 686 -25.82 3.86 -32.78
N LEU H 687 -24.97 4.80 -32.34
CA LEU H 687 -24.49 5.88 -33.20
C LEU H 687 -23.17 5.55 -33.90
N ARG H 688 -22.81 4.26 -34.03
CA ARG H 688 -21.53 3.91 -34.62
C ARG H 688 -21.36 4.52 -36.01
N ASP H 689 -22.26 4.17 -36.93
CA ASP H 689 -22.13 4.56 -38.33
C ASP H 689 -22.90 5.83 -38.65
N ARG H 690 -23.27 6.62 -37.64
CA ARG H 690 -24.04 7.83 -37.83
C ARG H 690 -23.26 9.03 -37.33
N VAL H 691 -23.57 10.19 -37.89
CA VAL H 691 -23.05 11.47 -37.40
C VAL H 691 -24.14 12.12 -36.56
N PHE H 692 -23.76 12.68 -35.41
CA PHE H 692 -24.75 13.23 -34.49
C PHE H 692 -24.25 14.53 -33.91
N TRP H 693 -25.20 15.36 -33.48
CA TRP H 693 -24.92 16.65 -32.88
C TRP H 693 -25.59 16.72 -31.51
N LEU H 694 -24.93 17.41 -30.58
CA LEU H 694 -25.43 17.56 -29.22
C LEU H 694 -25.73 19.03 -28.94
N PRO H 695 -26.99 19.45 -28.96
CA PRO H 695 -27.29 20.84 -28.61
C PRO H 695 -26.93 21.11 -27.16
N HIS H 696 -26.47 22.34 -26.91
CA HIS H 696 -25.95 22.70 -25.60
C HIS H 696 -26.93 23.62 -24.87
N ASN H 697 -26.81 23.61 -23.54
CA ASN H 697 -27.65 24.40 -22.65
C ASN H 697 -26.75 25.19 -21.71
N MET H 698 -27.36 26.04 -20.90
CA MET H 698 -26.64 26.86 -19.94
C MET H 698 -27.25 26.72 -18.56
N ASP H 699 -26.43 26.97 -17.54
CA ASP H 699 -26.87 27.09 -16.17
C ASP H 699 -27.04 28.57 -15.83
N PHE H 700 -27.46 28.84 -14.60
CA PHE H 700 -27.61 30.23 -14.18
C PHE H 700 -26.30 31.01 -14.25
N ARG H 701 -25.16 30.31 -14.18
CA ARG H 701 -23.87 30.99 -14.28
C ARG H 701 -23.46 31.27 -15.71
N GLY H 702 -24.08 30.61 -16.69
CA GLY H 702 -23.67 30.69 -18.07
C GLY H 702 -22.84 29.54 -18.56
N ARG H 703 -22.37 28.68 -17.66
CA ARG H 703 -21.62 27.50 -18.07
C ARG H 703 -22.45 26.62 -19.00
N THR H 704 -21.82 26.15 -20.07
CA THR H 704 -22.51 25.33 -21.06
C THR H 704 -22.38 23.86 -20.71
N TYR H 705 -23.46 23.11 -20.95
CA TYR H 705 -23.50 21.68 -20.69
C TYR H 705 -24.27 20.99 -21.82
N PRO H 706 -23.79 19.84 -22.29
CA PRO H 706 -24.57 19.08 -23.27
C PRO H 706 -25.90 18.66 -22.69
N CYS H 707 -26.91 18.55 -23.55
CA CYS H 707 -28.24 18.19 -23.09
C CYS H 707 -28.30 16.69 -22.81
N PRO H 708 -27.91 15.84 -23.75
CA PRO H 708 -27.83 14.41 -23.47
C PRO H 708 -26.81 14.11 -22.40
N PRO H 709 -27.25 13.72 -21.20
CA PRO H 709 -26.31 13.53 -20.10
C PRO H 709 -25.57 12.20 -20.16
N HIS H 710 -26.28 11.17 -20.64
CA HIS H 710 -25.71 9.82 -20.64
C HIS H 710 -24.42 9.76 -21.45
N PHE H 711 -24.51 10.11 -22.73
CA PHE H 711 -23.37 10.03 -23.65
C PHE H 711 -23.02 11.43 -24.13
N ASN H 712 -21.86 11.91 -23.73
CA ASN H 712 -21.38 13.23 -24.11
C ASN H 712 -19.90 13.33 -23.75
N HIS H 713 -19.24 14.34 -24.33
CA HIS H 713 -17.80 14.48 -24.15
C HIS H 713 -17.41 14.89 -22.73
N LEU H 714 -18.36 15.32 -21.91
CA LEU H 714 -18.07 15.65 -20.51
C LEU H 714 -17.95 14.42 -19.62
N GLY H 715 -18.07 13.23 -20.19
CA GLY H 715 -18.02 12.00 -19.43
C GLY H 715 -16.61 11.62 -18.99
N SER H 716 -16.43 10.32 -18.76
CA SER H 716 -15.16 9.81 -18.26
C SER H 716 -14.18 9.64 -19.41
N ASP H 717 -13.02 9.03 -19.10
CA ASP H 717 -12.00 8.82 -20.13
C ASP H 717 -12.55 8.01 -21.29
N VAL H 718 -13.20 6.88 -21.00
CA VAL H 718 -13.77 6.05 -22.05
C VAL H 718 -14.72 6.85 -22.92
N ALA H 719 -15.63 7.60 -22.28
CA ALA H 719 -16.59 8.41 -23.03
C ALA H 719 -15.89 9.40 -23.95
N ARG H 720 -14.88 10.11 -23.42
CA ARG H 720 -14.18 11.09 -24.24
C ARG H 720 -13.40 10.42 -25.38
N ALA H 721 -12.92 9.20 -25.17
CA ALA H 721 -12.17 8.50 -26.21
C ALA H 721 -13.07 7.88 -27.26
N LEU H 722 -14.34 7.62 -26.93
CA LEU H 722 -15.26 7.05 -27.90
C LEU H 722 -15.70 8.06 -28.95
N LEU H 723 -15.53 9.36 -28.69
CA LEU H 723 -16.01 10.41 -29.57
C LEU H 723 -14.87 11.04 -30.34
N GLU H 724 -15.18 11.50 -31.55
CA GLU H 724 -14.24 12.24 -32.36
C GLU H 724 -15.00 13.12 -33.33
N PHE H 725 -14.31 14.11 -33.89
CA PHE H 725 -14.94 15.02 -34.83
C PHE H 725 -15.38 14.27 -36.09
N ALA H 726 -16.63 14.48 -36.51
CA ALA H 726 -17.12 13.83 -37.72
C ALA H 726 -16.47 14.41 -38.96
N GLN H 727 -16.21 15.72 -38.97
CA GLN H 727 -15.53 16.36 -40.09
C GLN H 727 -14.03 16.44 -39.80
N GLY H 728 -13.22 16.06 -40.79
CA GLY H 728 -11.79 16.05 -40.61
C GLY H 728 -11.13 17.36 -41.00
N ARG H 729 -9.83 17.44 -40.72
CA ARG H 729 -9.04 18.62 -41.01
C ARG H 729 -7.60 18.22 -41.31
N PRO H 730 -7.10 18.52 -42.50
CA PRO H 730 -5.72 18.12 -42.83
C PRO H 730 -4.73 18.65 -41.82
N LEU H 731 -3.82 17.77 -41.39
CA LEU H 731 -2.86 18.12 -40.34
C LEU H 731 -2.13 19.41 -40.67
N GLY H 732 -1.64 19.53 -41.90
CA GLY H 732 -0.87 20.68 -42.29
C GLY H 732 0.58 20.56 -41.85
N PRO H 733 1.25 21.70 -41.69
CA PRO H 733 2.68 21.65 -41.33
C PRO H 733 2.92 21.26 -39.88
N HIS H 734 1.97 21.56 -38.99
CA HIS H 734 2.13 21.26 -37.56
C HIS H 734 1.10 20.26 -37.04
N GLY H 735 0.25 19.71 -37.91
CA GLY H 735 -0.76 18.78 -37.44
C GLY H 735 -0.17 17.58 -36.72
N LEU H 736 0.82 16.93 -37.33
CA LEU H 736 1.42 15.74 -36.71
C LEU H 736 2.06 16.10 -35.38
N ASP H 737 2.81 17.21 -35.33
CA ASP H 737 3.43 17.61 -34.08
C ASP H 737 2.38 17.85 -33.00
N TRP H 738 1.25 18.46 -33.37
CA TRP H 738 0.20 18.68 -32.38
C TRP H 738 -0.45 17.37 -31.95
N LEU H 739 -0.52 16.38 -32.84
CA LEU H 739 -1.07 15.08 -32.45
C LEU H 739 -0.13 14.38 -31.47
N LYS H 740 1.18 14.48 -31.69
CA LYS H 740 2.13 13.85 -30.77
C LYS H 740 2.13 14.56 -29.43
N ILE H 741 2.17 15.90 -29.44
CA ILE H 741 2.12 16.65 -28.20
C ILE H 741 0.84 16.34 -27.43
N HIS H 742 -0.29 16.30 -28.13
CA HIS H 742 -1.55 15.94 -27.49
C HIS H 742 -1.49 14.55 -26.89
N LEU H 743 -0.90 13.59 -27.62
CA LEU H 743 -0.74 12.24 -27.09
C LEU H 743 0.04 12.26 -25.78
N VAL H 744 1.19 12.92 -25.78
CA VAL H 744 2.00 12.99 -24.57
C VAL H 744 1.20 13.63 -23.43
N ASN H 745 0.44 14.69 -23.73
CA ASN H 745 -0.41 15.29 -22.71
C ASN H 745 -1.39 14.29 -22.14
N LEU H 746 -1.99 13.46 -23.01
CA LEU H 746 -2.93 12.46 -22.52
C LEU H 746 -2.24 11.40 -21.66
N THR H 747 -0.98 11.07 -21.97
CA THR H 747 -0.28 10.09 -21.15
C THR H 747 0.02 10.62 -19.76
N GLY H 748 0.24 11.94 -19.63
CA GLY H 748 0.57 12.52 -18.35
C GLY H 748 1.97 12.25 -17.86
N LEU H 749 2.85 11.74 -18.73
CA LEU H 749 4.21 11.43 -18.31
C LEU H 749 5.12 12.66 -18.38
N LYS H 750 4.79 13.63 -19.21
CA LYS H 750 5.63 14.82 -19.37
C LYS H 750 4.83 16.08 -19.06
N LYS H 751 4.09 16.06 -17.95
CA LYS H 751 3.31 17.24 -17.56
C LYS H 751 4.18 18.47 -17.44
N ARG H 752 5.37 18.34 -16.83
CA ARG H 752 6.24 19.48 -16.59
C ARG H 752 7.11 19.83 -17.79
N GLU H 753 7.29 18.91 -18.73
CA GLU H 753 8.21 19.17 -19.84
C GLU H 753 7.61 20.17 -20.83
N PRO H 754 8.45 20.92 -21.53
CA PRO H 754 7.95 21.82 -22.57
C PRO H 754 7.44 21.05 -23.77
N LEU H 755 6.80 21.79 -24.69
CA LEU H 755 6.21 21.15 -25.86
C LEU H 755 7.25 20.39 -26.67
N ARG H 756 8.43 20.99 -26.87
CA ARG H 756 9.47 20.34 -27.66
C ARG H 756 9.89 19.02 -27.04
N LYS H 757 10.02 18.97 -25.71
CA LYS H 757 10.44 17.74 -25.06
C LYS H 757 9.32 16.71 -25.02
N ARG H 758 8.06 17.15 -24.99
CA ARG H 758 6.96 16.21 -25.14
C ARG H 758 6.97 15.58 -26.52
N LEU H 759 7.20 16.39 -27.56
CA LEU H 759 7.31 15.85 -28.91
C LEU H 759 8.48 14.88 -29.03
N ALA H 760 9.64 15.26 -28.47
CA ALA H 760 10.79 14.38 -28.52
C ALA H 760 10.53 13.06 -27.79
N PHE H 761 9.86 13.13 -26.64
CA PHE H 761 9.52 11.90 -25.92
C PHE H 761 8.57 11.04 -26.75
N ALA H 762 7.57 11.66 -27.39
CA ALA H 762 6.71 10.92 -28.30
C ALA H 762 7.54 10.22 -29.37
N GLU H 763 8.53 10.92 -29.92
CA GLU H 763 9.43 10.28 -30.88
C GLU H 763 10.16 9.11 -30.25
N GLU H 764 10.47 9.20 -28.95
CA GLU H 764 11.18 8.11 -28.28
C GLU H 764 10.29 6.88 -28.15
N VAL H 765 9.11 7.05 -27.58
CA VAL H 765 8.20 5.93 -27.33
C VAL H 765 7.33 5.68 -28.55
N MET H 766 7.76 6.19 -29.72
CA MET H 766 7.00 5.98 -30.94
C MET H 766 6.73 4.50 -31.17
N ASP H 767 7.71 3.64 -30.84
CA ASP H 767 7.52 2.21 -31.01
C ASP H 767 6.38 1.70 -30.13
N ASP H 768 6.31 2.19 -28.89
CA ASP H 768 5.21 1.81 -28.02
C ASP H 768 3.88 2.39 -28.51
N ILE H 769 3.93 3.53 -29.21
CA ILE H 769 2.71 4.11 -29.77
C ILE H 769 2.18 3.24 -30.90
N LEU H 770 3.06 2.86 -31.84
CA LEU H 770 2.63 2.02 -32.96
C LEU H 770 2.21 0.64 -32.47
N ASP H 771 2.99 0.05 -31.55
CA ASP H 771 2.64 -1.26 -31.01
C ASP H 771 1.31 -1.21 -30.27
N SER H 772 1.10 -0.16 -29.46
CA SER H 772 -0.17 -0.03 -28.74
C SER H 772 -1.33 0.14 -29.69
N ALA H 773 -1.14 0.93 -30.76
CA ALA H 773 -2.22 1.13 -31.72
C ALA H 773 -2.54 -0.16 -32.47
N ASP H 774 -1.51 -0.88 -32.90
CA ASP H 774 -1.74 -2.09 -33.70
C ASP H 774 -2.34 -3.21 -32.86
N GLN H 775 -1.72 -3.51 -31.72
CA GLN H 775 -2.16 -4.59 -30.82
C GLN H 775 -2.47 -3.98 -29.46
N PRO H 776 -3.62 -3.31 -29.32
CA PRO H 776 -3.94 -2.68 -28.03
C PRO H 776 -4.02 -3.68 -26.89
N LEU H 777 -4.66 -4.83 -27.11
CA LEU H 777 -4.87 -5.83 -26.07
C LEU H 777 -3.91 -7.01 -26.18
N THR H 778 -3.16 -7.13 -27.27
CA THR H 778 -2.25 -8.24 -27.46
C THR H 778 -0.78 -7.85 -27.52
N GLY H 779 -0.47 -6.58 -27.72
CA GLY H 779 0.91 -6.11 -27.79
C GLY H 779 1.48 -5.79 -26.43
N ARG H 780 2.40 -4.81 -26.41
CA ARG H 780 3.01 -4.40 -25.15
C ARG H 780 2.06 -3.60 -24.27
N LYS H 781 0.91 -3.20 -24.79
CA LYS H 781 -0.12 -2.53 -23.98
C LYS H 781 0.45 -1.31 -23.26
N TRP H 782 1.33 -0.58 -23.96
CA TRP H 782 1.91 0.63 -23.39
C TRP H 782 0.83 1.65 -23.08
N TRP H 783 -0.15 1.80 -23.97
CA TRP H 783 -1.20 2.79 -23.76
C TRP H 783 -1.91 2.59 -22.43
N MET H 784 -2.04 1.34 -21.98
CA MET H 784 -2.73 1.08 -20.72
C MET H 784 -2.09 1.78 -19.53
N GLY H 785 -0.81 2.17 -19.66
CA GLY H 785 -0.14 2.86 -18.58
C GLY H 785 -0.32 4.36 -18.54
N ALA H 786 -0.96 4.94 -19.55
CA ALA H 786 -1.13 6.38 -19.61
C ALA H 786 -2.13 6.85 -18.55
N GLU H 787 -2.09 8.16 -18.29
CA GLU H 787 -3.03 8.75 -17.35
C GLU H 787 -4.46 8.66 -17.87
N GLU H 788 -4.65 8.87 -19.17
CA GLU H 788 -5.94 8.70 -19.84
C GLU H 788 -5.76 7.59 -20.86
N PRO H 789 -5.92 6.33 -20.47
CA PRO H 789 -5.50 5.23 -21.35
C PRO H 789 -6.26 5.16 -22.67
N TRP H 790 -7.59 5.33 -22.65
CA TRP H 790 -8.35 5.18 -23.88
C TRP H 790 -8.12 6.35 -24.82
N GLN H 791 -8.11 7.59 -24.30
CA GLN H 791 -7.81 8.73 -25.14
C GLN H 791 -6.40 8.64 -25.70
N THR H 792 -5.43 8.24 -24.88
CA THR H 792 -4.07 8.02 -25.36
C THR H 792 -4.05 6.98 -26.48
N LEU H 793 -4.82 5.90 -26.33
CA LEU H 793 -4.86 4.88 -27.36
C LEU H 793 -5.42 5.43 -28.66
N ALA H 794 -6.54 6.17 -28.57
CA ALA H 794 -7.11 6.79 -29.77
C ALA H 794 -6.09 7.69 -30.44
N CYS H 795 -5.39 8.51 -29.67
CA CYS H 795 -4.36 9.37 -30.25
C CYS H 795 -3.22 8.56 -30.86
N CYS H 796 -2.95 7.37 -30.33
CA CYS H 796 -1.92 6.51 -30.90
C CYS H 796 -2.37 5.95 -32.25
N MET H 797 -3.62 5.53 -32.35
CA MET H 797 -4.14 5.08 -33.64
C MET H 797 -4.14 6.22 -34.65
N GLU H 798 -4.55 7.42 -34.22
CA GLU H 798 -4.56 8.56 -35.12
C GLU H 798 -3.15 8.87 -35.61
N VAL H 799 -2.17 8.89 -34.70
CA VAL H 799 -0.80 9.19 -35.08
C VAL H 799 -0.25 8.11 -36.01
N ALA H 800 -0.63 6.85 -35.77
CA ALA H 800 -0.20 5.77 -36.66
C ALA H 800 -0.76 5.96 -38.06
N ASN H 801 -2.07 6.20 -38.16
CA ASN H 801 -2.68 6.44 -39.47
C ASN H 801 -2.06 7.65 -40.15
N ALA H 802 -1.65 8.66 -39.39
CA ALA H 802 -1.07 9.86 -39.98
C ALA H 802 0.33 9.58 -40.51
N VAL H 803 1.20 9.00 -39.69
CA VAL H 803 2.58 8.77 -40.10
C VAL H 803 2.66 7.74 -41.21
N ARG H 804 1.73 6.77 -41.20
CA ARG H 804 1.75 5.72 -42.22
C ARG H 804 1.11 6.16 -43.54
N ALA H 805 0.56 7.36 -43.60
CA ALA H 805 -0.03 7.86 -44.83
C ALA H 805 1.06 8.28 -45.81
N SER H 806 0.70 8.31 -47.10
CA SER H 806 1.65 8.72 -48.13
C SER H 806 2.20 10.11 -47.84
N ASP H 807 1.34 11.04 -47.43
CA ASP H 807 1.74 12.40 -47.11
C ASP H 807 1.12 12.79 -45.77
N PRO H 808 1.90 12.74 -44.67
CA PRO H 808 1.32 13.07 -43.36
C PRO H 808 0.68 14.46 -43.32
N ALA H 809 1.24 15.43 -44.04
CA ALA H 809 0.70 16.79 -44.02
C ALA H 809 -0.69 16.90 -44.63
N ALA H 810 -1.14 15.88 -45.37
CA ALA H 810 -2.44 15.90 -46.02
C ALA H 810 -3.45 14.96 -45.39
N TYR H 811 -3.06 14.23 -44.34
CA TYR H 811 -3.98 13.30 -43.70
C TYR H 811 -5.12 14.06 -43.04
N VAL H 812 -6.35 13.70 -43.41
CA VAL H 812 -7.55 14.32 -42.83
C VAL H 812 -7.75 13.72 -41.44
N SER H 813 -7.37 14.48 -40.41
CA SER H 813 -7.43 14.00 -39.04
C SER H 813 -8.74 14.41 -38.39
N HIS H 814 -9.38 13.47 -37.70
CA HIS H 814 -10.64 13.71 -37.03
C HIS H 814 -10.53 13.76 -35.51
N LEU H 815 -9.41 13.31 -34.95
CA LEU H 815 -9.28 13.25 -33.50
C LEU H 815 -9.18 14.65 -32.91
N PRO H 816 -10.06 15.04 -31.98
CA PRO H 816 -9.93 16.34 -31.34
C PRO H 816 -8.72 16.39 -30.42
N VAL H 817 -8.08 17.56 -30.37
CA VAL H 817 -6.94 17.81 -29.50
C VAL H 817 -7.37 18.78 -28.42
N HIS H 818 -6.87 18.58 -27.20
CA HIS H 818 -7.28 19.33 -26.03
C HIS H 818 -6.17 20.28 -25.59
N GLN H 819 -6.57 21.48 -25.19
CA GLN H 819 -5.69 22.47 -24.58
C GLN H 819 -6.40 23.03 -23.36
N ASP H 820 -5.84 22.78 -22.18
CA ASP H 820 -6.49 23.10 -20.91
C ASP H 820 -5.72 24.20 -20.19
N GLY H 821 -6.46 25.12 -19.58
CA GLY H 821 -5.86 26.14 -18.75
C GLY H 821 -5.74 25.70 -17.31
N SER H 822 -4.51 25.54 -16.83
CA SER H 822 -4.29 25.08 -15.46
C SER H 822 -4.85 26.09 -14.47
N CYS H 823 -5.87 25.67 -13.71
CA CYS H 823 -6.54 26.53 -12.74
C CYS H 823 -7.03 27.81 -13.41
N ASN H 824 -7.98 27.64 -14.35
CA ASN H 824 -8.51 28.78 -15.08
C ASN H 824 -9.08 29.83 -14.12
N GLY H 825 -9.70 29.38 -13.02
CA GLY H 825 -10.21 30.33 -12.05
C GLY H 825 -9.12 31.21 -11.46
N LEU H 826 -8.04 30.58 -10.98
CA LEU H 826 -6.91 31.35 -10.47
C LEU H 826 -6.30 32.23 -11.55
N GLN H 827 -6.35 31.79 -12.81
CA GLN H 827 -5.91 32.65 -13.90
C GLN H 827 -6.76 33.92 -13.98
N HIS H 828 -8.08 33.75 -13.87
CA HIS H 828 -8.97 34.92 -13.91
C HIS H 828 -8.72 35.83 -12.71
N TYR H 829 -8.52 35.25 -11.52
CA TYR H 829 -8.26 36.06 -10.34
C TYR H 829 -6.95 36.83 -10.48
N ALA H 830 -5.92 36.19 -11.02
CA ALA H 830 -4.65 36.87 -11.24
C ALA H 830 -4.78 37.95 -12.29
N ALA H 831 -5.65 37.76 -13.28
CA ALA H 831 -5.86 38.78 -14.30
C ALA H 831 -6.61 39.98 -13.75
N LEU H 832 -7.63 39.74 -12.93
CA LEU H 832 -8.44 40.84 -12.40
C LEU H 832 -7.61 41.76 -11.51
N GLY H 833 -6.84 41.19 -10.58
CA GLY H 833 -6.04 41.97 -9.67
C GLY H 833 -4.67 42.35 -10.15
N ARG H 834 -4.31 42.00 -11.39
CA ARG H 834 -2.98 42.29 -11.93
C ARG H 834 -1.88 41.81 -10.97
N ASP H 835 -2.13 40.69 -10.31
CA ASP H 835 -1.19 40.13 -9.36
C ASP H 835 -0.03 39.49 -10.11
N SER H 836 1.18 40.01 -9.92
CA SER H 836 2.34 39.46 -10.61
C SER H 836 2.64 38.05 -10.14
N VAL H 837 2.59 37.82 -8.83
CA VAL H 837 2.82 36.49 -8.30
C VAL H 837 1.79 35.51 -8.85
N GLY H 838 0.53 35.93 -8.91
CA GLY H 838 -0.50 35.08 -9.47
C GLY H 838 -0.32 34.86 -10.96
N ALA H 839 -0.09 35.95 -11.70
CA ALA H 839 0.11 35.84 -13.15
C ALA H 839 1.25 34.89 -13.48
N ALA H 840 2.31 34.91 -12.66
CA ALA H 840 3.40 33.97 -12.88
C ALA H 840 3.02 32.55 -12.48
N SER H 841 2.30 32.41 -11.35
CA SER H 841 1.93 31.09 -10.87
C SER H 841 1.05 30.36 -11.88
N VAL H 842 0.11 31.07 -12.51
CA VAL H 842 -0.86 30.43 -13.39
C VAL H 842 -0.51 30.68 -14.85
N ASN H 843 0.79 30.85 -15.13
CA ASN H 843 1.29 30.90 -16.50
C ASN H 843 0.72 32.06 -17.31
N LEU H 844 0.34 33.15 -16.64
CA LEU H 844 -0.02 34.36 -17.38
C LEU H 844 1.21 35.10 -17.86
N GLU H 845 2.25 35.14 -17.04
CA GLU H 845 3.50 35.76 -17.44
C GLU H 845 4.31 34.78 -18.27
N PRO H 846 4.81 35.20 -19.45
CA PRO H 846 5.53 34.26 -20.31
C PRO H 846 6.71 33.61 -19.60
N SER H 847 6.96 32.36 -19.96
CA SER H 847 8.08 31.61 -19.39
C SER H 847 8.40 30.45 -20.31
N ASP H 848 9.67 30.04 -20.29
CA ASP H 848 10.11 28.93 -21.13
C ASP H 848 9.76 27.57 -20.54
N VAL H 849 9.48 27.51 -19.24
CA VAL H 849 9.07 26.27 -18.59
C VAL H 849 7.68 26.46 -18.00
N PRO H 850 6.83 25.43 -17.98
CA PRO H 850 5.47 25.62 -17.45
C PRO H 850 5.50 25.84 -15.94
N GLN H 851 4.71 26.82 -15.51
CA GLN H 851 4.59 27.13 -14.09
C GLN H 851 3.46 26.30 -13.48
N ASP H 852 3.81 25.44 -12.53
CA ASP H 852 2.86 24.54 -11.89
C ASP H 852 2.45 25.14 -10.55
N VAL H 853 1.28 25.78 -10.52
CA VAL H 853 0.80 26.37 -9.27
C VAL H 853 0.48 25.30 -8.24
N TYR H 854 0.18 24.07 -8.68
CA TYR H 854 -0.16 23.02 -7.75
C TYR H 854 1.05 22.62 -6.89
N SER H 855 2.26 22.72 -7.43
CA SER H 855 3.43 22.32 -6.67
C SER H 855 3.76 23.31 -5.57
N GLY H 856 3.70 24.61 -5.86
CA GLY H 856 3.96 25.60 -4.83
C GLY H 856 2.96 25.54 -3.70
N VAL H 857 1.67 25.50 -4.05
CA VAL H 857 0.63 25.37 -3.03
C VAL H 857 0.83 24.08 -2.24
N ALA H 858 1.21 23.00 -2.93
CA ALA H 858 1.50 21.75 -2.23
C ALA H 858 2.64 21.92 -1.23
N ALA H 859 3.63 22.74 -1.57
CA ALA H 859 4.76 22.96 -0.67
C ALA H 859 4.35 23.78 0.54
N GLN H 860 3.70 24.93 0.31
CA GLN H 860 3.24 25.75 1.43
C GLN H 860 2.33 24.96 2.35
N VAL H 861 1.32 24.29 1.79
CA VAL H 861 0.47 23.42 2.59
C VAL H 861 1.29 22.33 3.28
N GLU H 862 2.43 21.97 2.68
CA GLU H 862 3.33 21.01 3.33
C GLU H 862 3.96 21.62 4.58
N VAL H 863 4.30 22.91 4.54
CA VAL H 863 4.87 23.56 5.71
C VAL H 863 3.82 23.71 6.80
N PHE H 864 2.60 24.13 6.42
CA PHE H 864 1.52 24.17 7.40
C PHE H 864 1.30 22.80 8.03
N ARG H 865 1.29 21.75 7.21
CA ARG H 865 1.12 20.41 7.74
C ARG H 865 2.28 20.02 8.65
N ARG H 866 3.48 20.58 8.42
CA ARG H 866 4.59 20.31 9.31
C ARG H 866 4.39 21.01 10.65
N GLN H 867 3.86 22.23 10.63
CA GLN H 867 3.62 22.95 11.87
C GLN H 867 2.53 22.27 12.70
N ASP H 868 1.36 22.03 12.09
CA ASP H 868 0.28 21.39 12.83
C ASP H 868 0.66 19.97 13.25
N ALA H 869 1.33 19.23 12.36
CA ALA H 869 1.76 17.87 12.69
C ALA H 869 2.80 17.85 13.79
N GLN H 870 3.59 18.92 13.94
CA GLN H 870 4.60 18.94 14.98
C GLN H 870 4.01 18.85 16.39
N ARG H 871 2.79 19.35 16.60
CA ARG H 871 2.21 19.30 17.93
C ARG H 871 0.69 19.23 17.86
N GLY H 872 0.13 18.13 18.37
CA GLY H 872 -1.31 18.06 18.57
C GLY H 872 -2.14 17.30 17.56
N MET H 873 -2.38 17.93 16.41
CA MET H 873 -3.32 17.37 15.44
C MET H 873 -2.87 16.02 14.92
N ARG H 874 -3.83 15.10 14.81
CA ARG H 874 -3.56 13.76 14.30
C ARG H 874 -3.52 13.74 12.78
N VAL H 875 -4.47 14.42 12.13
CA VAL H 875 -4.55 14.42 10.67
C VAL H 875 -3.27 15.02 10.08
N ALA H 876 -2.77 16.10 10.68
CA ALA H 876 -1.53 16.69 10.18
C ALA H 876 -0.37 15.71 10.27
N GLN H 877 -0.36 14.85 11.30
CA GLN H 877 0.71 13.86 11.42
C GLN H 877 0.54 12.72 10.42
N VAL H 878 -0.71 12.35 10.12
CA VAL H 878 -0.95 11.24 9.20
C VAL H 878 -0.77 11.67 7.76
N LEU H 879 -0.95 12.95 7.46
CA LEU H 879 -0.82 13.47 6.10
C LEU H 879 0.63 13.70 5.68
N GLU H 880 1.60 13.37 6.52
CA GLU H 880 3.00 13.57 6.15
C GLU H 880 3.37 12.70 4.96
N GLY H 881 3.91 13.34 3.92
CA GLY H 881 4.32 12.62 2.73
C GLY H 881 3.21 12.30 1.75
N PHE H 882 2.02 12.82 1.95
CA PHE H 882 0.89 12.57 1.05
C PHE H 882 0.47 13.78 0.25
N ILE H 883 1.02 14.96 0.53
CA ILE H 883 0.72 16.16 -0.24
C ILE H 883 1.43 16.05 -1.58
N THR H 884 0.67 15.84 -2.65
CA THR H 884 1.22 15.64 -3.98
C THR H 884 0.52 16.56 -4.97
N ARG H 885 1.07 16.63 -6.18
CA ARG H 885 0.51 17.51 -7.20
C ARG H 885 -0.96 17.19 -7.46
N LYS H 886 -1.28 15.92 -7.67
CA LYS H 886 -2.65 15.54 -7.96
C LYS H 886 -3.58 15.89 -6.80
N VAL H 887 -3.16 15.56 -5.58
CA VAL H 887 -3.97 15.88 -4.41
C VAL H 887 -4.18 17.39 -4.31
N VAL H 888 -3.10 18.16 -4.43
CA VAL H 888 -3.22 19.62 -4.33
C VAL H 888 -3.84 20.19 -5.58
N LYS H 889 -3.72 19.51 -6.72
CA LYS H 889 -4.40 19.96 -7.93
C LYS H 889 -5.91 19.90 -7.76
N GLN H 890 -6.42 18.75 -7.35
CA GLN H 890 -7.86 18.62 -7.11
C GLN H 890 -8.32 19.48 -5.94
N THR H 891 -7.46 19.64 -4.92
CA THR H 891 -7.83 20.46 -3.77
C THR H 891 -7.98 21.93 -4.16
N VAL H 892 -6.96 22.49 -4.82
CA VAL H 892 -7.05 23.88 -5.26
C VAL H 892 -8.19 24.04 -6.26
N MET H 893 -8.32 23.11 -7.21
CA MET H 893 -9.47 23.12 -8.09
C MET H 893 -10.77 23.13 -7.31
N THR H 894 -10.77 22.59 -6.09
CA THR H 894 -11.93 22.65 -5.22
C THR H 894 -12.10 24.04 -4.66
N VAL H 895 -11.16 24.48 -3.81
CA VAL H 895 -11.30 25.76 -3.12
C VAL H 895 -11.63 26.88 -4.11
N VAL H 896 -11.06 26.80 -5.31
CA VAL H 896 -11.34 27.82 -6.32
C VAL H 896 -12.78 27.70 -6.80
N TYR H 897 -13.11 26.57 -7.44
CA TYR H 897 -14.46 26.36 -7.96
C TYR H 897 -15.44 25.95 -6.86
N GLY H 898 -14.96 25.47 -5.72
CA GLY H 898 -15.86 25.03 -4.67
C GLY H 898 -15.39 25.25 -3.25
N VAL H 899 -16.18 26.00 -2.48
CA VAL H 899 -15.97 26.17 -1.04
C VAL H 899 -17.28 25.79 -0.38
N THR H 900 -17.32 24.62 0.26
CA THR H 900 -18.55 24.02 0.76
C THR H 900 -19.27 23.37 -0.41
N ARG H 901 -20.36 22.65 -0.14
CA ARG H 901 -20.99 21.85 -1.18
C ARG H 901 -19.95 20.90 -1.74
N TYR H 902 -19.76 19.77 -1.07
CA TYR H 902 -18.58 18.92 -1.24
C TYR H 902 -18.62 18.04 -2.49
N GLY H 903 -19.18 18.55 -3.59
CA GLY H 903 -19.12 17.80 -4.84
C GLY H 903 -17.69 17.43 -5.20
N GLY H 904 -16.80 18.43 -5.23
CA GLY H 904 -15.39 18.15 -5.45
C GLY H 904 -14.69 17.61 -4.23
N ARG H 905 -15.12 18.03 -3.03
CA ARG H 905 -14.53 17.51 -1.80
C ARG H 905 -14.61 15.98 -1.77
N LEU H 906 -15.74 15.42 -2.22
CA LEU H 906 -15.86 13.98 -2.32
C LEU H 906 -14.82 13.39 -3.29
N GLN H 907 -14.58 14.09 -4.40
CA GLN H 907 -13.56 13.63 -5.33
C GLN H 907 -12.18 13.62 -4.68
N ILE H 908 -11.86 14.66 -3.92
CA ILE H 908 -10.58 14.69 -3.21
C ILE H 908 -10.50 13.54 -2.22
N GLU H 909 -11.57 13.32 -1.45
CA GLU H 909 -11.62 12.17 -0.56
C GLU H 909 -11.35 10.87 -1.30
N LYS H 910 -11.86 10.75 -2.52
CA LYS H 910 -11.60 9.57 -3.33
C LYS H 910 -10.11 9.47 -3.67
N ARG H 911 -9.54 10.55 -4.20
CA ARG H 911 -8.13 10.54 -4.58
C ARG H 911 -7.24 10.21 -3.38
N LEU H 912 -7.65 10.59 -2.17
CA LEU H 912 -6.91 10.21 -0.98
C LEU H 912 -7.14 8.75 -0.62
N ARG H 913 -8.36 8.25 -0.83
CA ARG H 913 -8.63 6.85 -0.55
C ARG H 913 -7.85 5.93 -1.48
N GLU H 914 -7.50 6.40 -2.67
CA GLU H 914 -6.71 5.60 -3.61
C GLU H 914 -5.23 5.56 -3.26
N LEU H 915 -4.83 6.15 -2.13
CA LEU H 915 -3.44 6.11 -1.65
C LEU H 915 -3.35 5.02 -0.58
N SER H 916 -3.03 3.80 -1.03
CA SER H 916 -2.98 2.65 -0.12
C SER H 916 -2.34 2.98 1.22
N ASP H 917 -1.15 3.59 1.20
CA ASP H 917 -0.41 3.86 2.42
C ASP H 917 -0.98 5.03 3.22
N PHE H 918 -2.26 5.34 3.04
CA PHE H 918 -2.91 6.43 3.75
C PHE H 918 -4.08 5.89 4.55
N PRO H 919 -4.19 6.20 5.84
CA PRO H 919 -5.34 5.72 6.62
C PRO H 919 -6.65 6.32 6.13
N GLN H 920 -7.49 5.50 5.50
CA GLN H 920 -8.75 5.97 4.95
C GLN H 920 -9.70 6.49 6.03
N GLU H 921 -9.34 6.35 7.32
CA GLU H 921 -10.20 6.80 8.39
C GLU H 921 -10.26 8.32 8.48
N PHE H 922 -9.19 9.01 8.11
CA PHE H 922 -9.12 10.46 8.19
C PHE H 922 -9.48 11.16 6.88
N VAL H 923 -9.87 10.39 5.86
CA VAL H 923 -10.12 10.97 4.54
C VAL H 923 -11.09 12.14 4.62
N TRP H 924 -12.11 12.03 5.46
CA TRP H 924 -13.07 13.12 5.62
C TRP H 924 -12.42 14.32 6.33
N GLU H 925 -11.97 14.11 7.56
CA GLU H 925 -11.28 15.17 8.30
C GLU H 925 -10.07 15.67 7.53
N ALA H 926 -9.39 14.77 6.79
CA ALA H 926 -8.26 15.20 5.99
C ALA H 926 -8.69 16.07 4.82
N SER H 927 -9.87 15.81 4.25
CA SER H 927 -10.37 16.64 3.16
C SER H 927 -10.78 18.02 3.66
N HIS H 928 -11.47 18.08 4.80
CA HIS H 928 -11.82 19.38 5.36
C HIS H 928 -10.57 20.18 5.73
N TYR H 929 -9.66 19.55 6.46
CA TYR H 929 -8.42 20.24 6.84
C TYR H 929 -7.64 20.68 5.61
N LEU H 930 -7.56 19.81 4.60
CA LEU H 930 -6.84 20.16 3.38
C LEU H 930 -7.48 21.36 2.69
N VAL H 931 -8.81 21.39 2.64
CA VAL H 931 -9.48 22.54 2.03
C VAL H 931 -9.18 23.81 2.80
N ARG H 932 -9.24 23.74 4.14
CA ARG H 932 -8.95 24.93 4.95
C ARG H 932 -7.52 25.41 4.71
N GLN H 933 -6.55 24.50 4.71
CA GLN H 933 -5.16 24.89 4.56
C GLN H 933 -4.87 25.42 3.15
N VAL H 934 -5.52 24.85 2.15
CA VAL H 934 -5.36 25.38 0.79
C VAL H 934 -5.95 26.78 0.70
N PHE H 935 -7.12 26.99 1.31
CA PHE H 935 -7.71 28.32 1.39
C PHE H 935 -6.72 29.31 2.00
N LYS H 936 -6.22 29.00 3.19
CA LYS H 936 -5.27 29.88 3.87
C LYS H 936 -4.05 30.16 3.01
N SER H 937 -3.47 29.10 2.44
CA SER H 937 -2.24 29.26 1.65
C SER H 937 -2.49 30.17 0.45
N LEU H 938 -3.53 29.87 -0.33
CA LEU H 938 -3.84 30.71 -1.49
C LEU H 938 -4.07 32.15 -1.07
N GLN H 939 -4.73 32.38 0.06
CA GLN H 939 -4.95 33.74 0.52
C GLN H 939 -3.65 34.40 0.98
N GLU H 940 -2.66 33.62 1.39
CA GLU H 940 -1.38 34.20 1.80
C GLU H 940 -0.53 34.56 0.59
N MET H 941 -0.28 33.60 -0.29
CA MET H 941 0.57 33.85 -1.45
C MET H 941 -0.10 34.73 -2.50
N PHE H 942 -1.42 34.83 -2.49
CA PHE H 942 -2.17 35.64 -3.45
C PHE H 942 -3.04 36.62 -2.68
N SER H 943 -2.40 37.59 -2.04
CA SER H 943 -3.13 38.56 -1.21
C SER H 943 -4.17 39.32 -2.03
N GLY H 944 -3.82 39.73 -3.25
CA GLY H 944 -4.78 40.44 -4.08
C GLY H 944 -6.04 39.64 -4.31
N THR H 945 -5.90 38.37 -4.67
CA THR H 945 -7.06 37.49 -4.80
C THR H 945 -7.91 37.52 -3.55
N ARG H 946 -7.27 37.47 -2.38
CA ARG H 946 -8.00 37.59 -1.13
C ARG H 946 -8.75 38.93 -1.05
N ALA H 947 -8.15 39.99 -1.58
CA ALA H 947 -8.82 41.29 -1.58
C ALA H 947 -10.09 41.26 -2.43
N ILE H 948 -9.99 40.73 -3.65
CA ILE H 948 -11.16 40.68 -4.52
C ILE H 948 -12.24 39.79 -3.91
N GLN H 949 -11.84 38.60 -3.46
CA GLN H 949 -12.81 37.69 -2.87
C GLN H 949 -13.50 38.31 -1.66
N HIS H 950 -12.75 39.00 -0.81
CA HIS H 950 -13.35 39.64 0.36
C HIS H 950 -14.29 40.77 -0.06
N TRP H 951 -13.93 41.51 -1.11
CA TRP H 951 -14.79 42.58 -1.59
C TRP H 951 -16.12 42.02 -2.08
N LEU H 952 -16.07 41.00 -2.95
CA LEU H 952 -17.31 40.41 -3.47
C LEU H 952 -18.12 39.78 -2.35
N THR H 953 -17.46 39.04 -1.46
CA THR H 953 -18.17 38.38 -0.37
C THR H 953 -18.89 39.40 0.51
N GLU H 954 -18.20 40.46 0.91
CA GLU H 954 -18.82 41.47 1.76
C GLU H 954 -19.97 42.15 1.02
N SER H 955 -19.75 42.56 -0.23
CA SER H 955 -20.81 43.20 -0.99
C SER H 955 -22.05 42.31 -1.06
N ALA H 956 -21.86 41.03 -1.36
CA ALA H 956 -22.99 40.11 -1.41
C ALA H 956 -23.67 39.99 -0.05
N ARG H 957 -22.88 39.93 1.03
CA ARG H 957 -23.46 39.87 2.37
C ARG H 957 -24.38 41.06 2.63
N LEU H 958 -23.90 42.27 2.31
CA LEU H 958 -24.71 43.45 2.56
C LEU H 958 -25.94 43.50 1.67
N ILE H 959 -25.79 43.13 0.39
CA ILE H 959 -26.93 43.14 -0.52
C ILE H 959 -28.00 42.17 -0.04
N SER H 960 -27.59 40.95 0.32
CA SER H 960 -28.56 39.96 0.80
C SER H 960 -29.18 40.38 2.13
N HIS H 961 -28.43 41.07 2.98
CA HIS H 961 -28.99 41.50 4.26
C HIS H 961 -30.16 42.45 4.09
N MET H 962 -30.27 43.14 2.95
CA MET H 962 -31.39 44.04 2.69
C MET H 962 -32.59 43.32 2.08
N GLY H 963 -32.57 42.00 2.02
CA GLY H 963 -33.70 41.26 1.48
C GLY H 963 -33.78 41.24 -0.03
N SER H 964 -32.65 41.39 -0.72
CA SER H 964 -32.61 41.36 -2.18
C SER H 964 -31.49 40.43 -2.63
N VAL H 965 -31.79 39.58 -3.60
CA VAL H 965 -30.79 38.65 -4.10
C VAL H 965 -29.75 39.40 -4.92
N VAL H 966 -28.55 38.83 -5.00
CA VAL H 966 -27.45 39.46 -5.73
C VAL H 966 -27.65 39.23 -7.23
N GLU H 967 -27.69 40.32 -7.98
CA GLU H 967 -27.85 40.27 -9.43
C GLU H 967 -26.72 41.06 -10.08
N TRP H 968 -26.26 40.58 -11.24
CA TRP H 968 -25.26 41.32 -12.01
C TRP H 968 -25.43 40.97 -13.48
N VAL H 969 -24.53 41.51 -14.31
CA VAL H 969 -24.56 41.28 -15.75
C VAL H 969 -23.14 40.98 -16.22
N THR H 970 -22.98 39.86 -16.93
CA THR H 970 -21.68 39.51 -17.48
C THR H 970 -21.27 40.53 -18.53
N PRO H 971 -19.98 40.63 -18.83
CA PRO H 971 -19.52 41.56 -19.87
C PRO H 971 -20.13 41.30 -21.24
N LEU H 972 -20.81 40.17 -21.43
CA LEU H 972 -21.42 39.83 -22.71
C LEU H 972 -22.92 40.08 -22.72
N GLY H 973 -23.46 40.73 -21.69
CA GLY H 973 -24.88 41.05 -21.65
C GLY H 973 -25.76 39.95 -21.11
N VAL H 974 -25.21 39.01 -20.35
CA VAL H 974 -25.99 37.91 -19.77
C VAL H 974 -26.31 38.28 -18.33
N PRO H 975 -27.59 38.36 -17.95
CA PRO H 975 -27.94 38.67 -16.56
C PRO H 975 -27.85 37.43 -15.69
N VAL H 976 -27.20 37.57 -14.53
CA VAL H 976 -27.03 36.48 -13.58
C VAL H 976 -27.71 36.87 -12.27
N ILE H 977 -28.51 35.96 -11.74
CA ILE H 977 -29.24 36.17 -10.49
C ILE H 977 -29.05 34.93 -9.61
N GLN H 978 -28.80 35.16 -8.33
CA GLN H 978 -28.62 34.05 -7.41
C GLN H 978 -29.97 33.58 -6.88
N PRO H 979 -30.30 32.29 -6.96
CA PRO H 979 -31.61 31.80 -6.55
C PRO H 979 -31.69 31.37 -5.08
N TYR H 980 -30.59 31.47 -4.34
CA TYR H 980 -30.53 30.97 -2.97
C TYR H 980 -31.51 31.67 -2.05
N ARG H 981 -32.58 30.94 -1.68
CA ARG H 981 -33.57 31.41 -0.73
C ARG H 981 -33.88 30.27 0.22
N LEU H 982 -34.73 30.53 1.22
CA LEU H 982 -34.98 29.54 2.26
C LEU H 982 -36.42 29.61 2.74
N ASP H 983 -36.85 28.52 3.37
CA ASP H 983 -38.12 28.48 4.09
C ASP H 983 -39.30 28.47 3.13
N SER H 984 -39.33 27.51 2.22
CA SER H 984 -40.48 27.29 1.34
C SER H 984 -40.75 25.80 1.26
N LYS H 985 -41.99 25.41 1.58
CA LYS H 985 -42.34 23.99 1.59
C LYS H 985 -43.86 23.86 1.53
N VAL H 986 -44.33 22.83 0.83
CA VAL H 986 -45.75 22.52 0.77
C VAL H 986 -45.90 21.08 0.28
N LYS H 987 -46.93 20.41 0.80
CA LYS H 987 -47.11 18.99 0.55
C LYS H 987 -48.59 18.72 0.25
N GLN H 988 -48.83 17.85 -0.73
CA GLN H 988 -50.18 17.39 -0.98
C GLN H 988 -50.47 16.15 -0.14
N ILE H 989 -51.72 15.71 -0.17
CA ILE H 989 -52.14 14.58 0.66
C ILE H 989 -53.29 13.84 -0.02
N GLY H 990 -53.02 12.62 -0.48
CA GLY H 990 -54.03 11.76 -1.07
C GLY H 990 -54.53 10.70 -0.10
N GLY H 991 -54.38 10.94 1.21
CA GLY H 991 -54.83 10.00 2.23
C GLY H 991 -54.11 8.66 2.10
N SER H 995 -50.91 6.42 -0.87
CA SER H 995 -51.04 7.84 -1.12
C SER H 995 -50.01 8.64 -0.32
N ILE H 996 -48.85 8.85 -0.92
CA ILE H 996 -47.79 9.61 -0.27
C ILE H 996 -48.11 11.10 -0.29
N THR H 997 -47.51 11.83 0.64
CA THR H 997 -47.71 13.27 0.78
C THR H 997 -46.37 13.95 0.55
N TYR H 998 -46.00 14.05 -0.73
CA TYR H 998 -44.72 14.63 -1.11
C TYR H 998 -44.74 16.15 -0.96
N THR H 999 -43.65 16.69 -0.41
CA THR H 999 -43.52 18.13 -0.27
C THR H 999 -43.03 18.74 -1.58
N HIS H 1000 -43.09 20.06 -1.67
CA HIS H 1000 -42.70 20.76 -2.89
C HIS H 1000 -42.18 22.14 -2.55
N ASN H 1001 -41.18 22.58 -3.31
CA ASN H 1001 -40.60 23.92 -3.18
C ASN H 1001 -41.21 24.78 -4.28
N GLY H 1002 -42.20 25.59 -3.91
CA GLY H 1002 -42.93 26.40 -4.88
C GLY H 1002 -42.04 27.48 -5.48
N ASP H 1003 -42.52 28.07 -6.58
CA ASP H 1003 -41.83 29.13 -7.29
C ASP H 1003 -41.98 30.48 -6.61
N ILE H 1004 -42.72 30.55 -5.51
CA ILE H 1004 -42.90 31.79 -4.77
C ILE H 1004 -41.60 32.11 -4.04
N SER H 1005 -41.03 33.28 -4.30
CA SER H 1005 -39.73 33.60 -3.76
C SER H 1005 -39.86 34.04 -2.30
N ARG H 1006 -38.90 33.61 -1.48
CA ARG H 1006 -38.88 33.88 -0.06
C ARG H 1006 -37.86 34.95 0.27
N LYS H 1007 -37.33 34.91 1.46
CA LYS H 1007 -36.24 35.81 1.81
C LYS H 1007 -34.90 35.15 1.46
N PRO H 1008 -33.91 35.95 1.09
CA PRO H 1008 -32.65 35.38 0.62
C PRO H 1008 -31.89 34.68 1.73
N ASN H 1009 -31.03 33.76 1.31
CA ASN H 1009 -30.12 33.03 2.20
C ASN H 1009 -28.80 33.76 2.19
N THR H 1010 -28.58 34.61 3.19
CA THR H 1010 -27.41 35.48 3.18
C THR H 1010 -26.12 34.67 3.07
N ARG H 1011 -26.03 33.56 3.78
CA ARG H 1011 -24.80 32.77 3.76
C ARG H 1011 -24.54 32.20 2.37
N LYS H 1012 -25.51 31.47 1.81
CA LYS H 1012 -25.34 30.90 0.48
C LYS H 1012 -25.07 31.99 -0.55
N GLN H 1013 -25.73 33.14 -0.42
CA GLN H 1013 -25.50 34.23 -1.35
C GLN H 1013 -24.05 34.72 -1.29
N LYS H 1014 -23.57 35.03 -0.08
CA LYS H 1014 -22.22 35.56 0.05
C LYS H 1014 -21.17 34.55 -0.37
N ASN H 1015 -21.32 33.29 0.06
CA ASN H 1015 -20.33 32.28 -0.28
C ASN H 1015 -20.38 31.92 -1.77
N GLY H 1016 -21.53 32.10 -2.41
CA GLY H 1016 -21.68 31.68 -3.79
C GLY H 1016 -21.40 32.77 -4.81
N PHE H 1017 -21.51 34.03 -4.41
CA PHE H 1017 -21.35 35.14 -5.35
C PHE H 1017 -19.99 35.11 -6.05
N PRO H 1018 -18.86 35.08 -5.35
CA PRO H 1018 -17.56 35.12 -6.02
C PRO H 1018 -17.41 33.97 -7.00
N PRO H 1019 -17.62 32.72 -6.56
CA PRO H 1019 -17.47 31.60 -7.49
C PRO H 1019 -18.35 31.71 -8.71
N ASN H 1020 -19.61 32.12 -8.54
CA ASN H 1020 -20.50 32.28 -9.70
C ASN H 1020 -19.96 33.36 -10.64
N PHE H 1021 -19.48 34.48 -10.09
CA PHE H 1021 -18.91 35.51 -10.93
C PHE H 1021 -17.73 34.98 -11.74
N ILE H 1022 -16.85 34.22 -11.08
CA ILE H 1022 -15.73 33.60 -11.80
C ILE H 1022 -16.25 32.71 -12.91
N HIS H 1023 -17.29 31.93 -12.63
CA HIS H 1023 -17.89 31.10 -13.67
C HIS H 1023 -18.34 31.94 -14.86
N SER H 1024 -18.96 33.10 -14.59
CA SER H 1024 -19.38 33.97 -15.68
C SER H 1024 -18.18 34.52 -16.45
N LEU H 1025 -17.05 34.75 -15.77
CA LEU H 1025 -15.87 35.27 -16.46
C LEU H 1025 -15.26 34.22 -17.37
N ASP H 1026 -15.00 33.02 -16.84
CA ASP H 1026 -14.42 31.96 -17.67
C ASP H 1026 -15.37 31.58 -18.79
N SER H 1027 -16.68 31.56 -18.52
CA SER H 1027 -17.64 31.27 -19.57
C SER H 1027 -17.62 32.34 -20.65
N SER H 1028 -17.55 33.60 -20.25
CA SER H 1028 -17.45 34.67 -21.23
C SER H 1028 -16.20 34.52 -22.09
N HIS H 1029 -15.06 34.20 -21.46
CA HIS H 1029 -13.84 33.97 -22.22
C HIS H 1029 -14.01 32.86 -23.22
N MET H 1030 -14.48 31.70 -22.77
CA MET H 1030 -14.70 30.57 -23.68
C MET H 1030 -15.61 30.95 -24.84
N MET H 1031 -16.67 31.71 -24.56
CA MET H 1031 -17.60 32.10 -25.61
C MET H 1031 -16.95 33.02 -26.63
N LEU H 1032 -16.21 34.03 -26.16
CA LEU H 1032 -15.50 34.90 -27.07
C LEU H 1032 -14.54 34.11 -27.95
N THR H 1033 -13.72 33.26 -27.34
CA THR H 1033 -12.80 32.42 -28.10
C THR H 1033 -13.54 31.60 -29.14
N ALA H 1034 -14.68 31.00 -28.76
CA ALA H 1034 -15.45 30.20 -29.70
C ALA H 1034 -15.93 31.04 -30.88
N LEU H 1035 -16.46 32.23 -30.60
CA LEU H 1035 -16.98 33.08 -31.66
C LEU H 1035 -15.88 33.48 -32.63
N HIS H 1036 -14.75 33.96 -32.11
CA HIS H 1036 -13.70 34.44 -33.00
C HIS H 1036 -13.05 33.30 -33.77
N CYS H 1037 -12.87 32.14 -33.13
CA CYS H 1037 -12.37 30.98 -33.85
C CYS H 1037 -13.36 30.56 -34.93
N TYR H 1038 -14.66 30.72 -34.68
CA TYR H 1038 -15.65 30.44 -35.71
C TYR H 1038 -15.52 31.43 -36.86
N ARG H 1039 -15.23 32.70 -36.55
CA ARG H 1039 -14.95 33.68 -37.59
C ARG H 1039 -13.74 33.27 -38.41
N LYS H 1040 -12.76 32.62 -37.78
CA LYS H 1040 -11.58 32.16 -38.48
C LYS H 1040 -11.72 30.74 -39.03
N GLY H 1041 -12.89 30.12 -38.88
CA GLY H 1041 -13.15 28.82 -39.47
C GLY H 1041 -12.66 27.64 -38.66
N LEU H 1042 -12.49 27.79 -37.35
CA LEU H 1042 -12.05 26.70 -36.49
C LEU H 1042 -13.26 26.01 -35.83
N THR H 1043 -13.11 24.70 -35.60
CA THR H 1043 -14.10 23.93 -34.85
C THR H 1043 -13.73 23.99 -33.38
N PHE H 1044 -14.66 24.46 -32.54
CA PHE H 1044 -14.37 24.71 -31.14
C PHE H 1044 -15.42 24.04 -30.26
N VAL H 1045 -14.94 23.26 -29.28
CA VAL H 1045 -15.78 22.71 -28.23
C VAL H 1045 -15.05 22.93 -26.91
N SER H 1046 -15.81 22.90 -25.81
CA SER H 1046 -15.28 23.27 -24.50
C SER H 1046 -15.76 22.31 -23.43
N VAL H 1047 -14.83 21.83 -22.61
CA VAL H 1047 -15.12 21.06 -21.40
C VAL H 1047 -14.53 21.84 -20.24
N HIS H 1048 -15.39 22.30 -19.33
CA HIS H 1048 -14.97 23.23 -18.30
C HIS H 1048 -14.12 24.33 -18.91
N ASP H 1049 -12.84 24.37 -18.54
CA ASP H 1049 -11.89 25.31 -19.11
C ASP H 1049 -11.18 24.77 -20.34
N CYS H 1050 -11.34 23.48 -20.64
CA CYS H 1050 -10.60 22.85 -21.72
C CYS H 1050 -11.19 23.26 -23.06
N TYR H 1051 -10.32 23.59 -24.01
CA TYR H 1051 -10.71 23.93 -25.36
C TYR H 1051 -10.18 22.87 -26.33
N TRP H 1052 -11.06 22.32 -27.16
CA TRP H 1052 -10.70 21.28 -28.11
C TRP H 1052 -10.77 21.84 -29.52
N THR H 1053 -9.88 21.35 -30.39
CA THR H 1053 -9.89 21.75 -31.79
C THR H 1053 -9.01 20.79 -32.58
N HIS H 1054 -8.98 20.97 -33.89
CA HIS H 1054 -8.15 20.12 -34.74
C HIS H 1054 -6.68 20.45 -34.56
N ALA H 1055 -5.83 19.44 -34.74
CA ALA H 1055 -4.40 19.64 -34.60
C ALA H 1055 -3.88 20.70 -35.57
N ALA H 1056 -4.55 20.88 -36.70
CA ALA H 1056 -4.10 21.87 -37.69
C ALA H 1056 -4.33 23.30 -37.24
N ASP H 1057 -5.17 23.53 -36.22
CA ASP H 1057 -5.52 24.89 -35.81
C ASP H 1057 -5.29 25.12 -34.32
N VAL H 1058 -4.47 24.29 -33.67
CA VAL H 1058 -4.21 24.47 -32.24
C VAL H 1058 -3.57 25.84 -32.00
N SER H 1059 -2.58 26.19 -32.81
CA SER H 1059 -1.91 27.48 -32.65
C SER H 1059 -2.91 28.62 -32.80
N VAL H 1060 -3.74 28.59 -33.84
CA VAL H 1060 -4.74 29.64 -34.03
C VAL H 1060 -5.67 29.72 -32.82
N MET H 1061 -6.12 28.57 -32.31
CA MET H 1061 -7.00 28.58 -31.15
C MET H 1061 -6.32 29.23 -29.96
N ASN H 1062 -5.03 28.94 -29.74
CA ASN H 1062 -4.30 29.60 -28.66
C ASN H 1062 -4.23 31.10 -28.88
N GLN H 1063 -3.98 31.53 -30.13
CA GLN H 1063 -3.92 32.95 -30.43
C GLN H 1063 -5.24 33.64 -30.08
N VAL H 1064 -6.35 33.12 -30.61
CA VAL H 1064 -7.65 33.71 -30.31
C VAL H 1064 -7.91 33.71 -28.81
N CYS H 1065 -7.51 32.64 -28.13
CA CYS H 1065 -7.69 32.57 -26.68
C CYS H 1065 -6.98 33.72 -25.99
N ARG H 1066 -5.69 33.90 -26.26
CA ARG H 1066 -4.93 34.95 -25.58
C ARG H 1066 -5.44 36.33 -25.94
N GLU H 1067 -5.67 36.59 -27.24
CA GLU H 1067 -6.17 37.89 -27.66
C GLU H 1067 -7.49 38.23 -26.96
N GLN H 1068 -8.43 37.30 -26.99
CA GLN H 1068 -9.74 37.55 -26.37
C GLN H 1068 -9.63 37.65 -24.85
N PHE H 1069 -8.64 36.98 -24.26
CA PHE H 1069 -8.42 37.12 -22.82
C PHE H 1069 -7.93 38.52 -22.48
N VAL H 1070 -6.89 38.99 -23.16
CA VAL H 1070 -6.35 40.32 -22.91
C VAL H 1070 -7.42 41.38 -23.17
N ARG H 1071 -8.14 41.25 -24.28
CA ARG H 1071 -9.21 42.21 -24.57
C ARG H 1071 -10.30 42.16 -23.50
N LEU H 1072 -10.65 40.95 -23.05
CA LEU H 1072 -11.69 40.82 -22.04
C LEU H 1072 -11.29 41.52 -20.74
N HIS H 1073 -10.16 41.11 -20.15
CA HIS H 1073 -9.75 41.70 -18.87
C HIS H 1073 -9.27 43.13 -19.02
N SER H 1074 -9.06 43.61 -20.25
CA SER H 1074 -8.63 44.99 -20.43
C SER H 1074 -9.71 45.99 -20.01
N GLU H 1075 -10.97 45.58 -20.08
CA GLU H 1075 -12.06 46.44 -19.65
C GLU H 1075 -12.11 46.52 -18.13
N PRO H 1076 -12.76 47.56 -17.59
CA PRO H 1076 -12.85 47.70 -16.12
C PRO H 1076 -13.95 46.84 -15.52
N ILE H 1077 -13.69 45.54 -15.45
CA ILE H 1077 -14.68 44.60 -14.95
C ILE H 1077 -15.07 44.93 -13.51
N LEU H 1078 -14.08 45.15 -12.65
CA LEU H 1078 -14.36 45.46 -11.26
C LEU H 1078 -15.06 46.81 -11.11
N GLN H 1079 -14.61 47.82 -11.88
CA GLN H 1079 -15.26 49.12 -11.82
C GLN H 1079 -16.70 49.04 -12.28
N ASP H 1080 -16.93 48.47 -13.47
CA ASP H 1080 -18.28 48.36 -14.00
C ASP H 1080 -19.18 47.57 -13.06
N LEU H 1081 -18.67 46.48 -12.48
CA LEU H 1081 -19.46 45.71 -11.53
C LEU H 1081 -19.80 46.53 -10.30
N SER H 1082 -18.82 47.27 -9.77
CA SER H 1082 -19.06 48.07 -8.58
C SER H 1082 -20.13 49.12 -8.85
N ARG H 1083 -19.97 49.90 -9.91
CA ARG H 1083 -20.98 50.91 -10.25
C ARG H 1083 -22.34 50.26 -10.50
N PHE H 1084 -22.34 49.06 -11.09
CA PHE H 1084 -23.60 48.36 -11.33
C PHE H 1084 -24.30 48.05 -10.02
N LEU H 1085 -23.59 47.40 -9.08
CA LEU H 1085 -24.19 47.10 -7.79
C LEU H 1085 -24.61 48.37 -7.06
N VAL H 1086 -23.87 49.46 -7.24
CA VAL H 1086 -24.23 50.72 -6.61
C VAL H 1086 -25.56 51.22 -7.14
N LYS H 1087 -25.73 51.22 -8.47
CA LYS H 1087 -26.96 51.70 -9.06
C LYS H 1087 -28.14 50.79 -8.72
N ARG H 1088 -27.91 49.48 -8.74
CA ARG H 1088 -29.01 48.52 -8.59
C ARG H 1088 -29.44 48.35 -7.14
N PHE H 1089 -28.51 48.48 -6.19
CA PHE H 1089 -28.81 48.17 -4.79
C PHE H 1089 -28.69 49.36 -3.85
N CYS H 1090 -28.18 50.50 -4.31
CA CYS H 1090 -28.06 51.70 -3.49
C CYS H 1090 -29.04 52.78 -3.94
N SER H 1091 -30.27 52.39 -4.24
CA SER H 1091 -31.30 53.32 -4.69
C SER H 1091 -32.52 53.39 -3.78
N GLU H 1092 -32.68 52.46 -2.85
CA GLU H 1092 -33.82 52.47 -1.95
C GLU H 1092 -33.88 53.79 -1.20
N PRO H 1093 -34.97 54.55 -1.31
CA PRO H 1093 -35.05 55.83 -0.57
C PRO H 1093 -35.06 55.63 0.94
N GLN H 1094 -35.52 54.47 1.42
CA GLN H 1094 -35.55 54.18 2.84
C GLN H 1094 -35.40 52.68 3.03
N LYS H 1095 -34.41 52.27 3.83
CA LYS H 1095 -33.55 53.22 4.54
C LYS H 1095 -32.35 53.63 3.69
N ILE H 1096 -31.80 54.81 3.98
CA ILE H 1096 -30.63 55.30 3.27
C ILE H 1096 -29.33 54.94 3.97
N LEU H 1097 -29.37 54.56 5.25
CA LEU H 1097 -28.15 54.20 5.96
C LEU H 1097 -27.50 52.96 5.36
N GLU H 1098 -28.30 51.90 5.17
CA GLU H 1098 -27.77 50.68 4.57
C GLU H 1098 -27.28 50.93 3.15
N ALA H 1099 -27.90 51.86 2.43
CA ALA H 1099 -27.41 52.20 1.10
C ALA H 1099 -26.11 52.99 1.16
N SER H 1100 -25.90 53.73 2.26
CA SER H 1100 -24.66 54.49 2.41
C SER H 1100 -23.50 53.60 2.81
N GLN H 1101 -23.74 52.62 3.69
CA GLN H 1101 -22.70 51.65 4.01
C GLN H 1101 -22.45 50.71 2.84
N LEU H 1102 -23.52 50.34 2.12
CA LEU H 1102 -23.37 49.49 0.94
C LEU H 1102 -22.55 50.20 -0.13
N LYS H 1103 -22.87 51.46 -0.41
CA LYS H 1103 -22.06 52.23 -1.34
C LYS H 1103 -20.63 52.37 -0.83
N GLU H 1104 -20.47 52.56 0.50
CA GLU H 1104 -19.14 52.70 1.08
C GLU H 1104 -18.30 51.45 0.83
N THR H 1105 -18.91 50.27 0.90
CA THR H 1105 -18.17 49.04 0.69
C THR H 1105 -17.98 48.74 -0.80
N LEU H 1106 -18.95 49.11 -1.63
CA LEU H 1106 -18.85 48.83 -3.07
C LEU H 1106 -17.78 49.69 -3.71
N GLN H 1107 -17.68 50.97 -3.32
CA GLN H 1107 -16.68 51.84 -3.91
C GLN H 1107 -15.26 51.53 -3.45
N ALA H 1108 -15.08 50.57 -2.55
CA ALA H 1108 -13.75 50.18 -2.08
C ALA H 1108 -13.13 49.10 -2.98
N VAL H 1109 -13.06 49.39 -4.27
CA VAL H 1109 -12.51 48.42 -5.22
C VAL H 1109 -11.01 48.26 -4.99
N PRO H 1110 -10.51 47.04 -4.83
CA PRO H 1110 -9.07 46.86 -4.62
C PRO H 1110 -8.26 47.39 -5.79
N LYS H 1111 -7.13 48.02 -5.47
CA LYS H 1111 -6.27 48.57 -6.50
C LYS H 1111 -5.56 47.46 -7.26
N PRO H 1112 -5.49 47.54 -8.59
CA PRO H 1112 -4.83 46.48 -9.36
C PRO H 1112 -3.32 46.54 -9.22
N GLY H 1113 -2.68 45.43 -9.54
CA GLY H 1113 -1.24 45.31 -9.46
C GLY H 1113 -0.55 45.94 -10.65
N ALA H 1114 0.73 45.61 -10.80
CA ALA H 1114 1.56 46.15 -11.87
C ALA H 1114 1.58 45.28 -13.12
N PHE H 1115 1.28 43.99 -13.00
CA PHE H 1115 1.35 43.07 -14.13
C PHE H 1115 0.72 43.66 -15.38
N ASP H 1116 1.41 43.47 -16.51
CA ASP H 1116 0.95 43.96 -17.80
C ASP H 1116 0.18 42.86 -18.51
N LEU H 1117 -1.15 43.02 -18.58
CA LEU H 1117 -2.00 41.99 -19.16
C LEU H 1117 -1.54 41.57 -20.55
N GLU H 1118 -0.97 42.51 -21.32
CA GLU H 1118 -0.57 42.18 -22.69
C GLU H 1118 0.40 41.01 -22.73
N GLN H 1119 1.18 40.80 -21.66
CA GLN H 1119 2.12 39.69 -21.63
C GLN H 1119 1.43 38.35 -21.86
N VAL H 1120 0.13 38.26 -21.59
CA VAL H 1120 -0.59 37.00 -21.82
C VAL H 1120 -0.51 36.59 -23.28
N LYS H 1121 -0.45 37.55 -24.19
CA LYS H 1121 -0.35 37.22 -25.60
C LYS H 1121 0.94 36.48 -25.92
N ARG H 1122 1.95 36.59 -25.08
CA ARG H 1122 3.23 35.93 -25.30
C ARG H 1122 3.49 34.77 -24.35
N SER H 1123 2.53 34.44 -23.49
CA SER H 1123 2.69 33.35 -22.54
C SER H 1123 2.34 32.04 -23.22
N THR H 1124 3.36 31.20 -23.46
CA THR H 1124 3.13 29.94 -24.16
C THR H 1124 2.29 28.98 -23.32
N TYR H 1125 2.55 28.92 -22.02
CA TYR H 1125 1.90 27.93 -21.16
C TYR H 1125 0.64 28.47 -20.47
N PHE H 1126 0.12 29.61 -20.91
CA PHE H 1126 -1.15 30.08 -20.38
C PHE H 1126 -2.24 29.02 -20.56
N PHE H 1127 -2.40 28.54 -21.79
CA PHE H 1127 -3.28 27.42 -22.10
C PHE H 1127 -2.49 26.41 -22.91
N SER H 1128 -2.20 25.26 -22.30
CA SER H 1128 -1.39 24.24 -22.96
C SER H 1128 -1.76 22.84 -22.45
N LYS I 53 81.47 -18.31 10.39
CA LYS I 53 81.11 -19.73 10.40
C LYS I 53 82.07 -20.53 11.26
N ARG I 54 82.05 -21.85 11.09
CA ARG I 54 82.96 -22.75 11.77
C ARG I 54 84.10 -23.12 10.83
N TYR I 55 85.34 -23.10 11.34
CA TYR I 55 86.50 -23.45 10.56
C TYR I 55 87.46 -24.28 11.39
N VAL I 56 88.05 -25.29 10.77
CA VAL I 56 89.05 -26.13 11.43
C VAL I 56 90.38 -25.39 11.42
N THR I 57 90.83 -24.96 12.60
CA THR I 57 92.07 -24.21 12.72
C THR I 57 93.14 -24.93 13.52
N ASP I 58 92.83 -26.06 14.16
CA ASP I 58 93.82 -26.81 14.92
C ASP I 58 94.46 -27.88 14.04
N ARG I 59 95.79 -27.90 14.01
CA ARG I 59 96.49 -28.87 13.18
C ARG I 59 96.25 -30.30 13.66
N ARG I 60 96.30 -30.52 14.97
CA ARG I 60 96.12 -31.85 15.52
C ARG I 60 94.77 -32.43 15.12
N LEU I 61 93.70 -31.64 15.31
CA LEU I 61 92.37 -32.08 14.90
C LEU I 61 92.33 -32.37 13.40
N ALA I 62 93.06 -31.59 12.60
CA ALA I 62 93.10 -31.81 11.17
C ALA I 62 93.75 -33.16 10.85
N GLU I 63 94.82 -33.51 11.58
CA GLU I 63 95.48 -34.79 11.35
C GLU I 63 94.59 -35.95 11.77
N THR I 64 94.01 -35.86 12.97
CA THR I 64 93.09 -36.91 13.42
C THR I 64 91.96 -37.12 12.42
N LEU I 65 91.33 -36.03 12.00
CA LEU I 65 90.28 -36.13 11.00
C LEU I 65 90.80 -36.77 9.72
N ALA I 66 91.97 -36.34 9.25
CA ALA I 66 92.54 -36.91 8.03
C ALA I 66 92.66 -38.43 8.14
N GLN I 67 93.21 -38.91 9.26
CA GLN I 67 93.35 -40.35 9.44
C GLN I 67 91.99 -41.02 9.52
N ILE I 68 90.98 -40.35 10.09
CA ILE I 68 89.64 -40.93 10.17
C ILE I 68 89.06 -41.11 8.77
N TYR I 69 89.03 -40.03 7.99
CA TYR I 69 88.42 -40.09 6.67
C TYR I 69 89.20 -41.03 5.75
N LEU I 70 90.52 -41.07 5.89
CA LEU I 70 91.30 -42.05 5.14
C LEU I 70 90.91 -43.47 5.53
N GLY I 71 90.77 -43.72 6.83
CA GLY I 71 90.25 -44.98 7.33
C GLY I 71 90.73 -46.22 6.59
N HIS I 78 88.86 -43.52 -2.94
CA HIS I 78 87.61 -42.78 -3.02
C HIS I 78 87.88 -41.27 -3.05
N LEU I 79 86.90 -40.52 -3.52
CA LEU I 79 87.02 -39.07 -3.66
C LEU I 79 86.38 -38.39 -2.44
N LEU I 80 87.00 -37.28 -2.01
CA LEU I 80 86.56 -36.55 -0.84
C LEU I 80 86.16 -35.13 -1.22
N LEU I 81 84.95 -34.74 -0.84
CA LEU I 81 84.47 -33.37 -1.02
C LEU I 81 84.47 -32.67 0.33
N GLU I 82 85.35 -31.69 0.49
CA GLU I 82 85.48 -30.95 1.75
C GLU I 82 84.69 -29.65 1.67
N CYS I 83 83.82 -29.43 2.66
CA CYS I 83 82.95 -28.27 2.71
C CYS I 83 83.58 -27.18 3.57
N ASN I 84 83.61 -25.96 3.05
CA ASN I 84 84.09 -24.79 3.77
C ASN I 84 85.43 -25.06 4.47
N PRO I 85 86.50 -25.33 3.72
CA PRO I 85 87.80 -25.56 4.37
C PRO I 85 88.33 -24.36 5.12
N GLY I 86 87.94 -23.15 4.71
CA GLY I 86 88.40 -21.94 5.36
C GLY I 86 89.90 -21.78 5.26
N PRO I 87 90.57 -21.68 6.41
CA PRO I 87 92.04 -21.53 6.40
C PRO I 87 92.76 -22.66 5.69
N GLY I 88 92.11 -23.81 5.49
CA GLY I 88 92.74 -24.91 4.79
C GLY I 88 93.61 -25.80 5.64
N ILE I 89 93.42 -25.80 6.96
CA ILE I 89 94.21 -26.68 7.82
C ILE I 89 93.85 -28.13 7.56
N LEU I 90 92.56 -28.45 7.57
CA LEU I 90 92.12 -29.81 7.28
C LEU I 90 92.46 -30.20 5.84
N THR I 91 92.36 -29.25 4.91
CA THR I 91 92.72 -29.53 3.53
C THR I 91 94.19 -29.91 3.41
N GLN I 92 95.07 -29.12 4.04
CA GLN I 92 96.50 -29.43 3.99
C GLN I 92 96.80 -30.75 4.69
N ALA I 93 96.08 -31.04 5.78
CA ALA I 93 96.26 -32.32 6.46
C ALA I 93 95.89 -33.48 5.56
N LEU I 94 94.78 -33.36 4.84
CA LEU I 94 94.36 -34.41 3.92
C LEU I 94 95.37 -34.57 2.79
N LEU I 95 95.79 -33.46 2.18
CA LEU I 95 96.75 -33.53 1.08
C LEU I 95 98.04 -34.18 1.54
N GLU I 96 98.57 -33.77 2.70
CA GLU I 96 99.77 -34.42 3.23
C GLU I 96 99.51 -35.89 3.53
N ALA I 97 98.28 -36.24 3.92
CA ALA I 97 97.93 -37.63 4.17
C ALA I 97 97.71 -38.42 2.89
N GLY I 98 97.67 -37.77 1.74
CA GLY I 98 97.51 -38.44 0.46
C GLY I 98 96.11 -38.49 -0.09
N ALA I 99 95.21 -37.61 0.36
CA ALA I 99 93.83 -37.62 -0.09
C ALA I 99 93.67 -36.82 -1.38
N LYS I 100 92.68 -37.22 -2.18
CA LYS I 100 92.27 -36.50 -3.38
C LYS I 100 91.08 -35.64 -3.02
N VAL I 101 91.27 -34.32 -3.02
CA VAL I 101 90.37 -33.39 -2.36
C VAL I 101 89.73 -32.47 -3.39
N VAL I 102 88.41 -32.30 -3.26
CA VAL I 102 87.67 -31.25 -3.97
C VAL I 102 87.06 -30.36 -2.89
N ALA I 103 87.54 -29.12 -2.82
CA ALA I 103 87.11 -28.17 -1.81
C ALA I 103 86.00 -27.28 -2.37
N LEU I 104 84.87 -27.25 -1.67
CA LEU I 104 83.74 -26.41 -2.03
C LEU I 104 83.72 -25.22 -1.07
N GLU I 105 84.34 -24.13 -1.47
CA GLU I 105 84.51 -22.96 -0.61
C GLU I 105 83.42 -21.93 -0.92
N SER I 106 82.67 -21.55 0.10
CA SER I 106 81.63 -20.54 -0.08
C SER I 106 82.18 -19.12 -0.07
N ASP I 107 83.30 -18.90 0.61
CA ASP I 107 83.92 -17.58 0.72
C ASP I 107 85.11 -17.53 -0.23
N LYS I 108 85.03 -16.69 -1.25
CA LYS I 108 86.08 -16.63 -2.26
C LYS I 108 87.41 -16.17 -1.69
N THR I 109 87.41 -15.50 -0.54
CA THR I 109 88.65 -14.99 0.02
C THR I 109 89.60 -16.13 0.42
N PHE I 110 89.05 -17.29 0.74
CA PHE I 110 89.86 -18.44 1.14
C PHE I 110 90.41 -19.22 -0.05
N ILE I 111 89.97 -18.93 -1.26
CA ILE I 111 90.30 -19.74 -2.44
C ILE I 111 91.77 -19.62 -2.79
N PRO I 112 92.34 -18.41 -2.85
CA PRO I 112 93.75 -18.27 -3.26
C PRO I 112 94.68 -19.20 -2.50
N HIS I 113 94.80 -18.99 -1.18
CA HIS I 113 95.70 -19.81 -0.38
C HIS I 113 95.44 -21.30 -0.62
N LEU I 114 94.16 -21.71 -0.58
CA LEU I 114 93.82 -23.09 -0.88
C LEU I 114 94.43 -23.52 -2.21
N GLU I 115 94.13 -22.77 -3.28
CA GLU I 115 94.72 -23.07 -4.58
C GLU I 115 96.25 -23.13 -4.48
N SER I 116 96.84 -22.21 -3.71
CA SER I 116 98.27 -22.25 -3.47
C SER I 116 98.70 -23.64 -3.00
N LEU I 117 98.04 -24.15 -1.95
CA LEU I 117 98.32 -25.50 -1.49
C LEU I 117 98.25 -26.49 -2.65
N GLY I 118 97.20 -26.39 -3.47
CA GLY I 118 97.11 -27.26 -4.64
C GLY I 118 98.31 -27.12 -5.55
N LYS I 119 98.72 -25.88 -5.83
CA LYS I 119 99.90 -25.66 -6.66
C LYS I 119 101.14 -26.22 -5.99
N ASN I 120 101.15 -26.30 -4.65
CA ASN I 120 102.25 -26.98 -3.98
C ASN I 120 102.28 -28.46 -4.32
N LEU I 121 101.10 -29.10 -4.34
CA LEU I 121 101.00 -30.49 -4.75
C LEU I 121 100.86 -30.63 -6.27
N ASP I 122 100.08 -29.74 -6.90
CA ASP I 122 99.90 -29.74 -8.34
C ASP I 122 99.48 -31.11 -8.85
N GLY I 123 98.49 -31.69 -8.18
CA GLY I 123 98.00 -33.00 -8.55
C GLY I 123 96.55 -33.01 -8.98
N LYS I 124 95.70 -33.72 -8.23
CA LYS I 124 94.29 -33.84 -8.56
C LYS I 124 93.39 -33.03 -7.61
N LEU I 125 93.98 -32.22 -6.73
CA LEU I 125 93.18 -31.35 -5.90
C LEU I 125 92.45 -30.33 -6.75
N ARG I 126 91.22 -29.99 -6.35
CA ARG I 126 90.43 -29.05 -7.12
C ARG I 126 89.67 -28.12 -6.19
N VAL I 127 89.74 -26.81 -6.47
CA VAL I 127 89.11 -25.78 -5.66
C VAL I 127 87.95 -25.20 -6.46
N ILE I 128 86.75 -25.21 -5.86
CA ILE I 128 85.54 -24.70 -6.50
C ILE I 128 84.90 -23.69 -5.55
N HIS I 129 84.54 -22.53 -6.09
CA HIS I 129 83.80 -21.50 -5.33
C HIS I 129 82.34 -21.91 -5.31
N CYS I 130 81.96 -22.64 -4.26
CA CYS I 130 80.62 -23.20 -4.16
C CYS I 130 80.20 -23.29 -2.71
N ASP I 131 78.96 -22.90 -2.43
CA ASP I 131 78.35 -23.04 -1.11
C ASP I 131 77.51 -24.31 -1.15
N PHE I 132 78.04 -25.38 -0.53
CA PHE I 132 77.35 -26.67 -0.57
C PHE I 132 75.92 -26.57 -0.07
N PHE I 133 75.69 -25.76 0.96
CA PHE I 133 74.36 -25.65 1.55
C PHE I 133 73.38 -24.86 0.69
N LYS I 134 73.80 -24.33 -0.45
CA LYS I 134 72.93 -23.60 -1.36
C LYS I 134 72.72 -24.33 -2.68
N LEU I 135 73.17 -25.58 -2.79
CA LEU I 135 73.06 -26.31 -4.03
C LEU I 135 71.61 -26.67 -4.34
N ASP I 136 71.24 -26.54 -5.61
CA ASP I 136 69.91 -26.90 -6.10
C ASP I 136 68.81 -26.29 -5.24
N PRO I 137 68.65 -24.97 -5.26
CA PRO I 137 67.60 -24.35 -4.44
C PRO I 137 66.22 -24.81 -4.86
N ARG I 138 65.39 -25.12 -3.87
CA ARG I 138 64.03 -25.57 -4.14
C ARG I 138 63.19 -24.41 -4.67
N SER I 139 62.49 -24.64 -5.77
CA SER I 139 61.69 -23.60 -6.43
C SER I 139 62.56 -22.38 -6.74
N GLY I 140 63.73 -22.64 -7.30
CA GLY I 140 64.66 -21.57 -7.64
C GLY I 140 64.95 -21.49 -9.13
N GLY I 141 65.40 -20.32 -9.58
CA GLY I 141 65.72 -20.10 -10.97
C GLY I 141 67.15 -20.35 -11.37
N VAL I 142 67.98 -20.84 -10.45
CA VAL I 142 69.39 -21.12 -10.74
C VAL I 142 70.07 -19.87 -11.23
N ILE I 143 70.28 -18.91 -10.33
CA ILE I 143 70.89 -17.63 -10.69
C ILE I 143 71.79 -17.14 -9.56
N LYS I 144 72.92 -17.85 -9.36
CA LYS I 144 73.87 -17.47 -8.33
C LYS I 144 75.19 -18.17 -8.56
N PRO I 145 76.33 -17.52 -8.33
CA PRO I 145 77.62 -18.21 -8.47
C PRO I 145 77.82 -19.26 -7.40
N PRO I 146 77.66 -18.91 -6.11
CA PRO I 146 77.85 -19.93 -5.07
C PRO I 146 76.87 -21.08 -5.18
N ALA I 147 75.63 -20.80 -5.57
CA ALA I 147 74.66 -21.86 -5.82
C ALA I 147 74.96 -22.51 -7.17
N MET I 148 74.83 -23.83 -7.22
CA MET I 148 75.20 -24.57 -8.41
C MET I 148 74.27 -25.77 -8.57
N SER I 149 74.52 -26.57 -9.61
CA SER I 149 73.79 -27.79 -9.86
C SER I 149 74.72 -28.99 -9.64
N SER I 150 74.29 -29.92 -8.80
CA SER I 150 75.11 -31.11 -8.55
C SER I 150 75.36 -31.90 -9.82
N ARG I 151 74.41 -31.85 -10.77
CA ARG I 151 74.61 -32.53 -12.05
C ARG I 151 75.79 -31.95 -12.80
N GLY I 152 75.84 -30.61 -12.91
CA GLY I 152 76.94 -29.98 -13.61
C GLY I 152 78.26 -30.11 -12.88
N LEU I 153 78.25 -29.92 -11.56
CA LEU I 153 79.47 -30.04 -10.79
C LEU I 153 80.04 -31.45 -10.88
N PHE I 154 79.21 -32.45 -10.59
CA PHE I 154 79.69 -33.83 -10.69
C PHE I 154 80.10 -34.19 -12.11
N LYS I 155 79.41 -33.62 -13.11
CA LYS I 155 79.81 -33.86 -14.49
C LYS I 155 81.20 -33.31 -14.77
N ASN I 156 81.50 -32.11 -14.27
CA ASN I 156 82.84 -31.56 -14.44
C ASN I 156 83.88 -32.37 -13.70
N LEU I 157 83.55 -32.83 -12.49
CA LEU I 157 84.48 -33.63 -11.69
C LEU I 157 84.57 -35.07 -12.16
N GLY I 158 83.82 -35.45 -13.18
CA GLY I 158 83.87 -36.80 -13.71
C GLY I 158 83.23 -37.85 -12.82
N ILE I 159 82.23 -37.46 -12.04
CA ILE I 159 81.52 -38.39 -11.17
C ILE I 159 80.28 -38.90 -11.89
N GLU I 160 80.15 -40.22 -11.99
CA GLU I 160 79.03 -40.85 -12.66
C GLU I 160 78.10 -41.50 -11.65
N ALA I 161 76.80 -41.41 -11.90
CA ALA I 161 75.81 -41.96 -11.00
C ALA I 161 75.88 -43.49 -10.98
N VAL I 162 75.54 -44.06 -9.84
CA VAL I 162 75.52 -45.52 -9.67
C VAL I 162 74.19 -45.92 -9.06
N PRO I 163 73.78 -47.17 -9.23
CA PRO I 163 72.49 -47.61 -8.69
C PRO I 163 72.44 -47.48 -7.18
N TRP I 164 71.23 -47.28 -6.67
CA TRP I 164 71.05 -47.12 -5.23
C TRP I 164 71.62 -48.31 -4.46
N THR I 165 71.46 -49.52 -4.99
CA THR I 165 71.97 -50.71 -4.31
C THR I 165 73.48 -50.79 -4.33
N ALA I 166 74.14 -50.00 -5.19
CA ALA I 166 75.60 -50.03 -5.26
C ALA I 166 76.22 -49.42 -4.01
N ASP I 167 77.52 -49.61 -3.88
CA ASP I 167 78.25 -49.13 -2.71
C ASP I 167 78.45 -47.62 -2.77
N ILE I 168 78.94 -47.06 -1.67
CA ILE I 168 79.15 -45.62 -1.55
C ILE I 168 80.11 -45.15 -2.64
N PRO I 169 79.66 -44.31 -3.58
CA PRO I 169 80.53 -43.86 -4.66
C PRO I 169 81.43 -42.69 -4.26
N LEU I 170 80.97 -41.87 -3.32
CA LEU I 170 81.68 -40.65 -2.96
C LEU I 170 81.45 -40.35 -1.49
N LYS I 171 82.32 -39.52 -0.93
CA LYS I 171 82.24 -39.14 0.47
C LYS I 171 82.33 -37.62 0.59
N VAL I 172 81.40 -37.04 1.34
CA VAL I 172 81.36 -35.61 1.60
C VAL I 172 81.57 -35.39 3.09
N VAL I 173 82.41 -34.41 3.42
CA VAL I 173 82.76 -34.13 4.81
C VAL I 173 82.71 -32.62 5.03
N GLY I 174 82.37 -32.23 6.26
CA GLY I 174 82.37 -30.82 6.60
C GLY I 174 81.74 -30.59 7.96
N MET I 175 81.25 -29.36 8.15
CA MET I 175 80.66 -28.93 9.41
C MET I 175 79.37 -28.18 9.12
N PHE I 176 78.30 -28.55 9.82
CA PHE I 176 77.04 -27.86 9.63
C PHE I 176 77.18 -26.40 10.05
N PRO I 177 76.41 -25.50 9.44
CA PRO I 177 76.45 -24.10 9.87
C PRO I 177 76.06 -23.95 11.34
N SER I 178 76.74 -23.03 12.02
CA SER I 178 76.52 -22.86 13.45
C SER I 178 75.07 -22.52 13.77
N ARG I 179 74.36 -21.90 12.82
CA ARG I 179 72.97 -21.51 13.02
C ARG I 179 72.06 -22.02 11.91
N GLY I 180 72.46 -23.10 11.22
CA GLY I 180 71.65 -23.66 10.17
C GLY I 180 71.58 -25.18 10.19
N GLU I 181 71.75 -25.78 11.37
CA GLU I 181 71.78 -27.24 11.46
C GLU I 181 70.43 -27.83 11.07
N LYS I 182 69.36 -27.34 11.67
CA LYS I 182 68.03 -27.86 11.34
C LYS I 182 67.71 -27.64 9.86
N ARG I 183 68.01 -26.44 9.35
CA ARG I 183 67.75 -26.16 7.94
C ARG I 183 68.49 -27.14 7.05
N ALA I 184 69.78 -27.35 7.29
CA ALA I 184 70.56 -28.27 6.47
C ALA I 184 70.01 -29.69 6.57
N LEU I 185 69.63 -30.11 7.78
CA LEU I 185 69.09 -31.47 7.94
C LEU I 185 67.79 -31.64 7.17
N TRP I 186 66.92 -30.63 7.18
CA TRP I 186 65.68 -30.72 6.44
C TRP I 186 65.94 -30.76 4.93
N LYS I 187 66.81 -29.88 4.45
CA LYS I 187 67.13 -29.85 3.02
C LYS I 187 67.70 -31.19 2.57
N LEU I 188 68.71 -31.69 3.29
CA LEU I 188 69.29 -32.99 2.95
C LEU I 188 68.25 -34.11 3.04
N ALA I 189 67.31 -34.01 3.98
CA ALA I 189 66.27 -35.02 4.08
C ALA I 189 65.39 -35.02 2.83
N TYR I 190 64.93 -33.83 2.42
CA TYR I 190 64.16 -33.72 1.18
C TYR I 190 64.93 -34.31 0.01
N ASP I 191 66.19 -33.92 -0.14
CA ASP I 191 66.98 -34.42 -1.27
C ASP I 191 67.10 -35.93 -1.24
N LEU I 192 67.38 -36.50 -0.07
CA LEU I 192 67.59 -37.95 0.03
C LEU I 192 66.29 -38.70 -0.26
N TYR I 193 65.22 -38.38 0.45
CA TYR I 193 63.95 -39.07 0.23
C TYR I 193 63.40 -38.86 -1.17
N SER I 194 63.77 -37.75 -1.81
CA SER I 194 63.35 -37.48 -3.18
C SER I 194 64.28 -38.07 -4.23
N CYS I 195 65.42 -38.65 -3.80
CA CYS I 195 66.41 -39.18 -4.73
C CYS I 195 66.89 -38.10 -5.70
N THR I 196 67.11 -36.91 -5.18
CA THR I 196 67.58 -35.76 -5.96
C THR I 196 68.92 -35.30 -5.41
N SER I 197 69.46 -34.26 -6.05
CA SER I 197 70.76 -33.71 -5.65
C SER I 197 71.83 -34.79 -5.68
N ILE I 198 72.72 -34.77 -4.67
CA ILE I 198 73.82 -35.72 -4.63
C ILE I 198 73.30 -37.16 -4.62
N TYR I 199 72.19 -37.40 -3.94
CA TYR I 199 71.65 -38.74 -3.85
C TYR I 199 71.09 -39.25 -5.17
N LYS I 200 71.05 -38.40 -6.20
CA LYS I 200 70.77 -38.89 -7.54
C LYS I 200 71.88 -39.78 -8.08
N PHE I 201 73.06 -39.74 -7.46
CA PHE I 201 74.21 -40.50 -7.92
C PHE I 201 74.49 -41.73 -7.07
N GLY I 202 73.75 -41.93 -5.98
CA GLY I 202 73.90 -43.10 -5.15
C GLY I 202 73.82 -42.74 -3.68
N ARG I 203 74.16 -43.72 -2.84
CA ARG I 203 74.09 -43.56 -1.39
C ARG I 203 75.33 -42.81 -0.92
N ILE I 204 75.26 -41.49 -0.99
CA ILE I 204 76.39 -40.64 -0.64
C ILE I 204 76.60 -40.65 0.86
N GLU I 205 77.83 -40.90 1.29
CA GLU I 205 78.20 -40.85 2.69
C GLU I 205 78.47 -39.40 3.11
N VAL I 206 77.82 -38.96 4.17
CA VAL I 206 77.88 -37.56 4.60
C VAL I 206 78.35 -37.52 6.04
N ASN I 207 79.55 -36.96 6.25
CA ASN I 207 80.13 -36.78 7.58
C ASN I 207 80.14 -35.29 7.89
N MET I 208 79.48 -34.89 8.97
CA MET I 208 79.31 -33.48 9.28
C MET I 208 79.41 -33.23 10.77
N PHE I 209 80.06 -32.12 11.14
CA PHE I 209 80.06 -31.66 12.52
C PHE I 209 78.72 -31.01 12.83
N ILE I 210 78.18 -31.30 14.02
CA ILE I 210 76.88 -30.79 14.42
C ILE I 210 76.91 -30.42 15.90
N GLY I 211 76.06 -29.47 16.27
CA GLY I 211 75.97 -29.08 17.66
C GLY I 211 75.45 -30.20 18.53
N GLU I 212 75.67 -30.06 19.83
CA GLU I 212 75.29 -31.11 20.77
C GLU I 212 73.78 -31.23 20.88
N LYS I 213 73.07 -30.11 20.92
CA LYS I 213 71.62 -30.15 21.02
C LYS I 213 71.00 -30.88 19.83
N GLU I 214 71.30 -30.42 18.62
CA GLU I 214 70.73 -31.06 17.43
C GLU I 214 71.21 -32.49 17.28
N PHE I 215 72.40 -32.81 17.79
CA PHE I 215 72.86 -34.20 17.77
C PHE I 215 71.98 -35.07 18.67
N GLN I 216 71.75 -34.62 19.91
CA GLN I 216 70.92 -35.40 20.83
C GLN I 216 69.49 -35.52 20.30
N LYS I 217 68.92 -34.43 19.80
CA LYS I 217 67.58 -34.49 19.24
C LYS I 217 67.53 -35.43 18.04
N LEU I 218 68.58 -35.40 17.20
CA LEU I 218 68.60 -36.28 16.03
C LEU I 218 68.69 -37.74 16.43
N MET I 219 69.46 -38.05 17.47
CA MET I 219 69.65 -39.42 17.90
C MET I 219 68.63 -39.88 18.95
N ALA I 220 67.69 -39.01 19.32
CA ALA I 220 66.70 -39.36 20.32
C ALA I 220 65.70 -40.39 19.78
N ASP I 221 64.96 -41.00 20.69
CA ASP I 221 63.95 -42.00 20.35
C ASP I 221 62.99 -42.16 21.52
N PRO I 222 62.05 -43.12 21.46
CA PRO I 222 61.15 -43.31 22.61
C PRO I 222 61.85 -43.47 23.94
N GLY I 223 63.10 -43.95 23.95
CA GLY I 223 63.83 -44.04 25.21
C GLY I 223 64.10 -42.70 25.85
N ASN I 224 64.13 -41.63 25.04
CA ASN I 224 64.28 -40.27 25.53
C ASN I 224 63.21 -39.43 24.83
N PRO I 225 61.97 -39.52 25.30
CA PRO I 225 60.85 -38.93 24.52
C PRO I 225 60.92 -37.43 24.37
N ASP I 226 61.55 -36.72 25.31
CA ASP I 226 61.51 -35.26 25.28
C ASP I 226 62.19 -34.69 24.04
N LEU I 227 63.13 -35.43 23.44
CA LEU I 227 63.86 -34.98 22.27
C LEU I 227 63.44 -35.68 20.98
N TYR I 228 62.56 -36.67 21.06
CA TYR I 228 62.12 -37.41 19.89
C TYR I 228 61.32 -36.49 18.97
N HIS I 229 61.68 -36.43 17.69
CA HIS I 229 60.97 -35.56 16.77
C HIS I 229 61.11 -36.07 15.33
N VAL I 230 60.53 -35.29 14.42
CA VAL I 230 60.38 -35.72 13.02
C VAL I 230 61.74 -35.99 12.40
N LEU I 231 62.69 -35.06 12.59
CA LEU I 231 64.02 -35.27 12.03
C LEU I 231 64.66 -36.53 12.60
N SER I 232 64.41 -36.81 13.88
CA SER I 232 64.90 -38.06 14.46
C SER I 232 64.35 -39.26 13.71
N VAL I 233 63.03 -39.30 13.49
CA VAL I 233 62.45 -40.43 12.77
C VAL I 233 63.00 -40.53 11.36
N ILE I 234 62.98 -39.41 10.63
CA ILE I 234 63.37 -39.41 9.22
C ILE I 234 64.81 -39.88 9.05
N TRP I 235 65.73 -39.31 9.84
CA TRP I 235 67.14 -39.63 9.65
C TRP I 235 67.48 -41.01 10.21
N GLN I 236 66.86 -41.39 11.32
CA GLN I 236 67.09 -42.73 11.85
C GLN I 236 66.58 -43.81 10.90
N LEU I 237 65.52 -43.51 10.14
CA LEU I 237 65.06 -44.44 9.13
C LEU I 237 65.88 -44.36 7.84
N ALA I 238 66.47 -43.20 7.56
CA ALA I 238 67.13 -42.99 6.28
C ALA I 238 68.57 -43.50 6.29
N CYS I 239 69.32 -43.21 7.34
CA CYS I 239 70.75 -43.49 7.37
C CYS I 239 71.13 -44.15 8.68
N GLU I 240 72.27 -44.84 8.65
CA GLU I 240 72.88 -45.41 9.85
C GLU I 240 73.88 -44.40 10.39
N ILE I 241 73.49 -43.66 11.43
CA ILE I 241 74.29 -42.57 11.95
C ILE I 241 75.26 -43.12 12.99
N LYS I 242 76.53 -42.69 12.90
CA LYS I 242 77.54 -43.12 13.87
C LYS I 242 78.43 -41.96 14.25
N VAL I 243 78.77 -41.87 15.53
CA VAL I 243 79.65 -40.81 16.03
C VAL I 243 81.09 -41.19 15.71
N LEU I 244 81.76 -40.35 14.93
CA LEU I 244 83.15 -40.58 14.56
C LEU I 244 84.13 -39.80 15.41
N HIS I 245 83.71 -38.68 15.99
CA HIS I 245 84.56 -37.86 16.83
C HIS I 245 83.70 -36.82 17.54
N MET I 246 84.14 -36.41 18.72
CA MET I 246 83.44 -35.40 19.52
C MET I 246 84.43 -34.31 19.89
N GLU I 247 84.15 -33.09 19.43
CA GLU I 247 85.03 -31.96 19.69
C GLU I 247 84.32 -30.97 20.60
N PRO I 248 84.80 -30.74 21.83
CA PRO I 248 84.19 -29.78 22.75
C PRO I 248 84.56 -28.33 22.43
N LYS I 276 80.06 -28.54 22.81
CA LYS I 276 80.48 -29.81 22.22
C LYS I 276 79.95 -29.99 20.81
N LEU I 277 80.82 -30.45 19.91
CA LEU I 277 80.45 -30.75 18.53
C LEU I 277 80.66 -32.22 18.26
N TYR I 278 79.69 -32.85 17.61
CA TYR I 278 79.75 -34.27 17.27
C TYR I 278 79.87 -34.42 15.77
N LEU I 279 80.91 -35.11 15.33
CA LEU I 279 81.08 -35.46 13.92
C LEU I 279 80.26 -36.71 13.63
N ILE I 280 79.12 -36.54 12.96
CA ILE I 280 78.20 -37.64 12.71
C ILE I 280 78.38 -38.12 11.28
N GLN I 281 78.38 -39.44 11.13
CA GLN I 281 78.45 -40.10 9.83
C GLN I 281 77.06 -40.62 9.49
N MET I 282 76.55 -40.20 8.34
CA MET I 282 75.22 -40.54 7.85
C MET I 282 75.39 -41.27 6.53
N ILE I 283 75.08 -42.55 6.51
CA ILE I 283 75.13 -43.39 5.33
C ILE I 283 73.71 -43.85 5.02
N PRO I 284 73.17 -43.56 3.84
CA PRO I 284 71.81 -44.01 3.52
C PRO I 284 71.71 -45.53 3.54
N ARG I 285 70.60 -46.02 4.09
CA ARG I 285 70.37 -47.45 4.16
C ARG I 285 70.01 -48.00 2.79
N GLN I 286 70.63 -49.12 2.42
CA GLN I 286 70.30 -49.77 1.15
C GLN I 286 68.83 -50.15 1.09
N ASN I 287 68.24 -50.50 2.22
CA ASN I 287 66.86 -51.00 2.29
C ASN I 287 65.87 -49.91 2.68
N LEU I 288 66.23 -48.64 2.52
CA LEU I 288 65.31 -47.56 2.87
C LEU I 288 64.03 -47.64 2.04
N PHE I 289 64.17 -47.71 0.72
CA PHE I 289 63.02 -47.76 -0.17
C PHE I 289 62.52 -49.19 -0.33
N THR I 290 61.20 -49.34 -0.37
CA THR I 290 60.58 -50.66 -0.51
C THR I 290 59.51 -50.62 -1.60
N LYS I 291 58.72 -51.69 -1.71
CA LYS I 291 57.66 -51.74 -2.71
C LYS I 291 56.60 -50.68 -2.44
N ASN I 292 56.38 -50.32 -1.18
CA ASN I 292 55.36 -49.35 -0.82
C ASN I 292 55.92 -48.02 -0.31
N LEU I 293 57.20 -47.95 0.02
CA LEU I 293 57.87 -46.71 0.36
C LEU I 293 58.88 -46.41 -0.75
N THR I 294 58.55 -45.46 -1.60
CA THR I 294 59.32 -45.12 -2.79
C THR I 294 59.53 -43.63 -2.85
N PRO I 295 60.44 -43.17 -3.72
CA PRO I 295 60.63 -41.72 -3.90
C PRO I 295 59.39 -41.04 -4.48
N MET I 296 58.37 -41.83 -4.81
CA MET I 296 57.16 -41.30 -5.42
C MET I 296 56.07 -40.94 -4.41
N ASN I 297 56.13 -41.47 -3.19
CA ASN I 297 55.09 -41.22 -2.20
C ASN I 297 55.63 -40.72 -0.87
N TYR I 298 56.91 -40.35 -0.80
CA TYR I 298 57.48 -39.88 0.47
C TYR I 298 56.76 -38.64 0.99
N ASN I 299 56.23 -37.82 0.08
CA ASN I 299 55.54 -36.60 0.50
C ASN I 299 54.37 -36.91 1.44
N ILE I 300 53.61 -37.96 1.13
CA ILE I 300 52.50 -38.33 2.00
C ILE I 300 53.01 -38.71 3.38
N PHE I 301 54.15 -39.40 3.45
CA PHE I 301 54.72 -39.77 4.73
C PHE I 301 55.14 -38.54 5.52
N PHE I 302 55.82 -37.59 4.87
CA PHE I 302 56.16 -36.34 5.55
C PHE I 302 54.91 -35.67 6.10
N HIS I 303 53.86 -35.59 5.28
CA HIS I 303 52.60 -35.01 5.75
C HIS I 303 52.11 -35.73 6.99
N LEU I 304 52.17 -37.06 7.00
CA LEU I 304 51.75 -37.82 8.17
C LEU I 304 52.59 -37.48 9.39
N LEU I 305 53.91 -37.39 9.23
CA LEU I 305 54.79 -37.11 10.36
C LEU I 305 54.49 -35.74 10.95
N LYS I 306 54.54 -34.69 10.11
CA LYS I 306 54.22 -33.36 10.61
C LYS I 306 52.85 -33.33 11.27
N HIS I 307 51.88 -34.02 10.67
CA HIS I 307 50.53 -34.04 11.22
C HIS I 307 50.51 -34.63 12.62
N CYS I 308 51.12 -35.80 12.79
CA CYS I 308 51.14 -36.45 14.10
C CYS I 308 51.88 -35.59 15.12
N PHE I 309 53.04 -35.05 14.75
CA PHE I 309 53.80 -34.24 15.69
C PHE I 309 53.18 -32.87 15.92
N GLY I 310 52.11 -32.52 15.20
CA GLY I 310 51.39 -31.29 15.52
C GLY I 310 50.79 -31.31 16.91
N ARG I 311 50.35 -32.49 17.36
CA ARG I 311 49.81 -32.69 18.72
C ARG I 311 50.45 -33.95 19.29
N ARG I 312 51.66 -33.80 19.81
CA ARG I 312 52.45 -34.95 20.24
C ARG I 312 51.84 -35.70 21.42
N SER I 313 51.00 -35.04 22.22
CA SER I 313 50.42 -35.69 23.39
C SER I 313 49.23 -36.58 23.05
N ALA I 314 48.62 -36.40 21.88
CA ALA I 314 47.42 -37.14 21.54
C ALA I 314 47.77 -38.59 21.20
N THR I 315 46.73 -39.41 21.04
CA THR I 315 46.89 -40.80 20.68
C THR I 315 47.09 -40.95 19.17
N VAL I 316 47.75 -42.04 18.78
CA VAL I 316 48.02 -42.27 17.37
C VAL I 316 46.71 -42.41 16.58
N ILE I 317 45.72 -43.09 17.18
CA ILE I 317 44.46 -43.29 16.48
C ILE I 317 43.76 -41.95 16.22
N ASP I 318 43.89 -41.01 17.16
CA ASP I 318 43.30 -39.69 16.98
C ASP I 318 43.83 -39.03 15.71
N HIS I 319 45.16 -39.05 15.51
CA HIS I 319 45.73 -38.48 14.29
C HIS I 319 45.33 -39.29 13.07
N LEU I 320 45.36 -40.62 13.17
CA LEU I 320 45.01 -41.45 12.02
C LEU I 320 43.60 -41.15 11.53
N ARG I 321 42.67 -40.88 12.44
CA ARG I 321 41.31 -40.56 12.04
C ARG I 321 41.24 -39.31 11.18
N SER I 322 42.29 -38.49 11.19
CA SER I 322 42.38 -37.29 10.36
C SER I 322 43.34 -37.46 9.19
N LEU I 323 43.88 -38.66 8.99
CA LEU I 323 44.86 -38.90 7.93
C LEU I 323 44.40 -39.91 6.88
N THR I 324 43.54 -40.86 7.23
CA THR I 324 43.13 -41.89 6.29
C THR I 324 41.67 -42.24 6.52
N PRO I 325 40.95 -42.62 5.48
CA PRO I 325 39.58 -43.12 5.65
C PRO I 325 39.51 -44.55 6.17
N LEU I 326 40.63 -45.26 6.19
CA LEU I 326 40.65 -46.62 6.69
C LEU I 326 40.37 -46.66 8.18
N ASP I 327 40.04 -47.85 8.68
CA ASP I 327 39.80 -48.05 10.10
C ASP I 327 41.10 -47.86 10.85
N ALA I 328 41.21 -46.76 11.61
CA ALA I 328 42.46 -46.47 12.32
C ALA I 328 42.78 -47.58 13.31
N ARG I 329 41.79 -48.00 14.11
CA ARG I 329 42.00 -49.13 15.01
C ARG I 329 42.49 -50.36 14.25
N ASP I 330 41.89 -50.63 13.10
CA ASP I 330 42.32 -51.78 12.30
C ASP I 330 43.78 -51.65 11.90
N ILE I 331 44.21 -50.47 11.44
CA ILE I 331 45.59 -50.29 11.02
C ILE I 331 46.54 -50.47 12.21
N LEU I 332 46.31 -49.71 13.28
CA LEU I 332 47.14 -49.83 14.47
C LEU I 332 47.25 -51.29 14.92
N MET I 333 46.14 -52.02 14.86
CA MET I 333 46.18 -53.44 15.17
C MET I 333 47.05 -54.21 14.18
N GLN I 334 47.00 -53.81 12.91
CA GLN I 334 47.86 -54.44 11.91
C GLN I 334 49.33 -54.25 12.26
N ILE I 335 49.69 -53.10 12.84
CA ILE I 335 51.07 -52.83 13.18
C ILE I 335 51.35 -53.31 14.59
N GLY I 336 50.43 -54.08 15.15
CA GLY I 336 50.63 -54.70 16.45
C GLY I 336 50.63 -53.76 17.64
N LYS I 337 49.91 -52.64 17.55
CA LYS I 337 49.82 -51.69 18.65
C LYS I 337 48.41 -51.68 19.22
N GLN I 338 48.32 -51.43 20.52
CA GLN I 338 47.03 -51.35 21.20
C GLN I 338 46.38 -49.99 20.97
N GLU I 339 45.09 -49.92 21.28
CA GLU I 339 44.35 -48.67 21.08
C GLU I 339 44.93 -47.53 21.92
N ASP I 340 45.43 -47.84 23.11
CA ASP I 340 45.98 -46.82 24.01
C ASP I 340 47.43 -46.45 23.67
N GLU I 341 47.96 -46.96 22.57
CA GLU I 341 49.33 -46.65 22.19
C GLU I 341 49.51 -45.14 22.00
N LYS I 342 50.57 -44.59 22.57
CA LYS I 342 50.86 -43.17 22.48
C LYS I 342 51.83 -42.89 21.32
N VAL I 343 51.74 -41.66 20.80
CA VAL I 343 52.60 -41.28 19.68
C VAL I 343 54.08 -41.37 20.08
N VAL I 344 54.42 -40.81 21.23
CA VAL I 344 55.82 -40.80 21.67
C VAL I 344 56.33 -42.21 21.92
N ASN I 345 55.44 -43.19 22.06
CA ASN I 345 55.84 -44.58 22.27
C ASN I 345 56.10 -45.33 20.96
N MET I 346 55.83 -44.69 19.83
CA MET I 346 56.03 -45.34 18.53
C MET I 346 57.48 -45.20 18.09
N HIS I 347 58.10 -46.33 17.74
CA HIS I 347 59.46 -46.30 17.22
C HIS I 347 59.45 -45.90 15.75
N PRO I 348 60.59 -45.39 15.25
CA PRO I 348 60.66 -45.04 13.83
C PRO I 348 60.23 -46.18 12.92
N GLN I 349 60.72 -47.39 13.18
CA GLN I 349 60.29 -48.54 12.39
C GLN I 349 58.80 -48.79 12.56
N ASP I 350 58.23 -48.42 13.71
CA ASP I 350 56.78 -48.52 13.89
C ASP I 350 56.06 -47.55 12.96
N PHE I 351 56.57 -46.32 12.85
CA PHE I 351 55.97 -45.37 11.90
C PHE I 351 56.10 -45.87 10.47
N LYS I 352 57.29 -46.36 10.10
CA LYS I 352 57.49 -46.86 8.74
C LYS I 352 56.53 -48.00 8.43
N THR I 353 56.44 -48.98 9.32
CA THR I 353 55.51 -50.08 9.11
C THR I 353 54.07 -49.59 9.08
N LEU I 354 53.78 -48.50 9.80
CA LEU I 354 52.45 -47.90 9.74
C LEU I 354 52.16 -47.37 8.33
N PHE I 355 53.05 -46.52 7.82
CA PHE I 355 52.84 -45.96 6.48
C PHE I 355 52.76 -47.05 5.42
N GLU I 356 53.72 -47.97 5.42
CA GLU I 356 53.69 -49.06 4.44
C GLU I 356 52.43 -49.90 4.59
N THR I 357 51.96 -50.09 5.81
CA THR I 357 50.73 -50.85 6.03
C THR I 357 49.54 -50.12 5.43
N ILE I 358 49.46 -48.80 5.59
CA ILE I 358 48.36 -48.04 5.02
C ILE I 358 48.42 -48.07 3.49
N GLU I 359 49.60 -47.88 2.92
CA GLU I 359 49.73 -47.98 1.47
C GLU I 359 49.38 -49.38 0.97
N ARG I 360 49.61 -50.40 1.80
CA ARG I 360 49.35 -51.78 1.40
C ARG I 360 47.86 -52.10 1.35
N SER I 361 47.03 -51.36 2.07
CA SER I 361 45.60 -51.66 2.12
C SER I 361 45.05 -51.88 0.72
N LYS I 362 44.23 -52.92 0.58
CA LYS I 362 43.76 -53.39 -0.72
C LYS I 362 42.31 -53.00 -1.01
N ASP I 363 41.41 -53.24 -0.07
CA ASP I 363 39.97 -53.11 -0.33
C ASP I 363 39.47 -51.75 0.16
N CYS I 364 39.90 -50.72 -0.57
CA CYS I 364 39.44 -49.35 -0.31
C CYS I 364 39.59 -48.54 -1.58
N ALA I 365 38.58 -47.71 -1.86
CA ALA I 365 38.64 -46.85 -3.04
C ALA I 365 39.75 -45.81 -2.93
N TYR I 366 40.22 -45.51 -1.72
CA TYR I 366 41.26 -44.52 -1.52
C TYR I 366 41.87 -44.71 -0.15
N LYS I 367 43.13 -44.31 -0.01
CA LYS I 367 43.88 -44.56 1.21
C LYS I 367 44.33 -43.30 1.94
N TRP I 368 44.57 -42.20 1.24
CA TRP I 368 45.09 -40.99 1.87
C TRP I 368 44.18 -39.79 1.62
N LEU I 369 44.34 -38.79 2.49
CA LEU I 369 43.59 -37.55 2.46
C LEU I 369 44.49 -36.35 2.23
N TYR I 370 45.58 -36.53 1.50
CA TYR I 370 46.59 -35.49 1.32
C TYR I 370 46.21 -34.57 0.17
N ASP I 371 46.03 -33.28 0.49
CA ASP I 371 45.64 -32.21 -0.45
C ASP I 371 46.19 -30.90 0.11
N GLU I 372 47.46 -30.63 -0.20
CA GLU I 372 48.12 -29.41 0.25
C GLU I 372 49.11 -28.95 -0.80
N THR I 373 49.27 -27.64 -0.90
CA THR I 373 50.21 -27.05 -1.85
C THR I 373 51.61 -26.97 -1.26
N LYS J 53 -25.50 19.06 33.03
CA LYS J 53 -26.19 17.78 33.06
C LYS J 53 -26.91 17.57 34.38
N ARG J 54 -27.30 16.33 34.65
CA ARG J 54 -27.90 15.94 35.92
C ARG J 54 -26.85 15.29 36.79
N TYR J 55 -26.83 15.68 38.07
CA TYR J 55 -25.87 15.13 39.02
C TYR J 55 -26.55 14.88 40.36
N VAL J 56 -26.19 13.77 40.99
CA VAL J 56 -26.71 13.43 42.31
C VAL J 56 -25.94 14.24 43.35
N THR J 57 -26.61 15.19 43.99
CA THR J 57 -25.98 16.06 44.97
C THR J 57 -26.53 15.89 46.38
N ASP J 58 -27.60 15.12 46.56
CA ASP J 58 -28.18 14.89 47.87
C ASP J 58 -27.58 13.64 48.50
N ARG J 59 -27.11 13.76 49.73
CA ARG J 59 -26.48 12.63 50.41
C ARG J 59 -27.49 11.50 50.64
N ARG J 60 -28.71 11.83 51.06
CA ARG J 60 -29.71 10.80 51.34
C ARG J 60 -30.00 9.98 50.10
N LEU J 61 -30.23 10.65 48.97
CA LEU J 61 -30.47 9.93 47.72
C LEU J 61 -29.28 9.05 47.35
N ALA J 62 -28.06 9.52 47.63
CA ALA J 62 -26.87 8.72 47.34
C ALA J 62 -26.85 7.46 48.20
N GLU J 63 -27.25 7.57 49.47
CA GLU J 63 -27.27 6.40 50.34
C GLU J 63 -28.34 5.41 49.90
N THR J 64 -29.56 5.91 49.64
CA THR J 64 -30.62 5.04 49.16
C THR J 64 -30.19 4.31 47.88
N LEU J 65 -29.64 5.06 46.92
CA LEU J 65 -29.16 4.45 45.69
C LEU J 65 -28.12 3.37 45.97
N ALA J 66 -27.15 3.68 46.85
CA ALA J 66 -26.12 2.71 47.19
C ALA J 66 -26.74 1.43 47.71
N GLN J 67 -27.70 1.55 48.64
CA GLN J 67 -28.36 0.36 49.18
C GLN J 67 -29.13 -0.39 48.11
N ILE J 68 -29.70 0.33 47.14
CA ILE J 68 -30.43 -0.33 46.06
C ILE J 68 -29.48 -1.14 45.19
N TYR J 69 -28.42 -0.49 44.68
CA TYR J 69 -27.51 -1.17 43.76
C TYR J 69 -26.79 -2.32 44.44
N LEU J 70 -26.40 -2.16 45.70
CA LEU J 70 -25.81 -3.28 46.43
C LEU J 70 -26.85 -4.39 46.62
N GLY J 71 -28.06 -4.02 47.00
CA GLY J 71 -29.18 -4.95 47.07
C GLY J 71 -28.85 -6.32 47.61
N HIS J 78 -20.35 -8.28 42.72
CA HIS J 78 -20.50 -7.81 41.35
C HIS J 78 -19.86 -6.44 41.19
N LEU J 79 -19.55 -6.07 39.94
CA LEU J 79 -18.90 -4.81 39.63
C LEU J 79 -19.93 -3.78 39.22
N LEU J 80 -19.71 -2.53 39.63
CA LEU J 80 -20.62 -1.42 39.35
C LEU J 80 -19.89 -0.36 38.54
N LEU J 81 -20.48 0.03 37.42
CA LEU J 81 -19.99 1.12 36.59
C LEU J 81 -20.92 2.32 36.77
N GLU J 82 -20.41 3.37 37.38
CA GLU J 82 -21.19 4.58 37.65
C GLU J 82 -20.92 5.60 36.56
N CYS J 83 -22.00 6.11 35.95
CA CYS J 83 -21.89 7.06 34.85
C CYS J 83 -22.01 8.48 35.39
N ASN J 84 -21.09 9.34 34.97
CA ASN J 84 -21.10 10.76 35.32
C ASN J 84 -21.36 10.99 36.80
N PRO J 85 -20.45 10.55 37.68
CA PRO J 85 -20.65 10.78 39.12
C PRO J 85 -20.66 12.25 39.50
N GLY J 86 -20.01 13.10 38.71
CA GLY J 86 -19.97 14.52 39.00
C GLY J 86 -19.29 14.83 40.33
N PRO J 87 -20.01 15.49 41.23
CA PRO J 87 -19.43 15.82 42.54
C PRO J 87 -18.96 14.60 43.31
N GLY J 88 -19.39 13.40 42.95
CA GLY J 88 -18.96 12.20 43.62
C GLY J 88 -19.72 11.86 44.88
N ILE J 89 -20.94 12.38 45.05
CA ILE J 89 -21.75 12.03 46.21
C ILE J 89 -22.17 10.57 46.15
N LEU J 90 -22.69 10.15 45.00
CA LEU J 90 -23.08 8.75 44.84
C LEU J 90 -21.87 7.83 44.90
N THR J 91 -20.74 8.27 44.34
CA THR J 91 -19.52 7.47 44.42
C THR J 91 -19.09 7.27 45.86
N GLN J 92 -19.06 8.36 46.65
CA GLN J 92 -18.69 8.25 48.06
C GLN J 92 -19.67 7.39 48.83
N ALA J 93 -20.97 7.49 48.49
CA ALA J 93 -21.96 6.66 49.17
C ALA J 93 -21.74 5.18 48.87
N LEU J 94 -21.46 4.85 47.61
CA LEU J 94 -21.20 3.46 47.25
C LEU J 94 -19.94 2.94 47.94
N LEU J 95 -18.86 3.73 47.88
CA LEU J 95 -17.61 3.30 48.50
C LEU J 95 -17.80 3.08 50.00
N GLU J 96 -18.47 4.02 50.67
CA GLU J 96 -18.77 3.83 52.09
C GLU J 96 -19.64 2.61 52.32
N ALA J 97 -20.52 2.30 51.38
CA ALA J 97 -21.36 1.11 51.48
C ALA J 97 -20.61 -0.17 51.15
N GLY J 98 -19.39 -0.07 50.63
CA GLY J 98 -18.58 -1.24 50.35
C GLY J 98 -18.60 -1.72 48.92
N ALA J 99 -19.00 -0.88 47.97
CA ALA J 99 -19.09 -1.27 46.56
C ALA J 99 -17.75 -1.12 45.87
N LYS J 100 -17.53 -1.95 44.85
CA LYS J 100 -16.38 -1.88 43.98
C LYS J 100 -16.80 -1.09 42.75
N VAL J 101 -16.26 0.13 42.60
CA VAL J 101 -16.82 1.13 41.70
C VAL J 101 -15.81 1.47 40.61
N VAL J 102 -16.30 1.51 39.37
CA VAL J 102 -15.57 2.07 38.24
C VAL J 102 -16.41 3.23 37.72
N ALA J 103 -15.89 4.44 37.86
CA ALA J 103 -16.61 5.65 37.46
C ALA J 103 -16.17 6.07 36.06
N LEU J 104 -17.13 6.22 35.16
CA LEU J 104 -16.89 6.67 33.79
C LEU J 104 -17.34 8.12 33.72
N GLU J 105 -16.40 9.03 33.95
CA GLU J 105 -16.69 10.47 34.02
C GLU J 105 -16.39 11.11 32.68
N SER J 106 -17.38 11.79 32.11
CA SER J 106 -17.19 12.48 30.84
C SER J 106 -16.50 13.82 31.00
N ASP J 107 -16.65 14.46 32.16
CA ASP J 107 -16.06 15.76 32.43
C ASP J 107 -14.82 15.58 33.30
N LYS J 108 -13.66 15.91 32.74
CA LYS J 108 -12.40 15.68 33.44
C LYS J 108 -12.27 16.52 34.70
N THR J 109 -13.04 17.60 34.83
CA THR J 109 -12.89 18.48 36.00
C THR J 109 -13.29 17.77 37.29
N PHE J 110 -14.18 16.78 37.23
CA PHE J 110 -14.60 16.06 38.42
C PHE J 110 -13.66 14.92 38.80
N ILE J 111 -12.67 14.61 37.96
CA ILE J 111 -11.84 13.43 38.15
C ILE J 111 -10.95 13.58 39.38
N PRO J 112 -10.28 14.72 39.59
CA PRO J 112 -9.38 14.85 40.74
C PRO J 112 -10.03 14.43 42.06
N HIS J 113 -11.07 15.16 42.48
CA HIS J 113 -11.75 14.82 43.72
C HIS J 113 -12.12 13.35 43.77
N LEU J 114 -12.72 12.84 42.68
CA LEU J 114 -13.02 11.42 42.60
C LEU J 114 -11.80 10.57 42.92
N GLU J 115 -10.70 10.81 42.18
CA GLU J 115 -9.47 10.09 42.48
C GLU J 115 -9.08 10.26 43.95
N SER J 116 -9.22 11.48 44.47
CA SER J 116 -8.99 11.70 45.89
C SER J 116 -9.78 10.71 46.72
N LEU J 117 -11.10 10.65 46.48
CA LEU J 117 -11.92 9.65 47.17
C LEU J 117 -11.32 8.26 47.02
N GLY J 118 -10.94 7.89 45.79
CA GLY J 118 -10.27 6.61 45.60
C GLY J 118 -9.02 6.49 46.43
N LYS J 119 -8.18 7.53 46.41
CA LYS J 119 -6.98 7.51 47.24
C LYS J 119 -7.33 7.46 48.72
N ASN J 120 -8.51 7.96 49.09
CA ASN J 120 -8.96 7.79 50.47
C ASN J 120 -9.17 6.32 50.79
N LEU J 121 -9.78 5.56 49.87
CA LEU J 121 -9.93 4.12 50.04
C LEU J 121 -8.71 3.35 49.56
N ASP J 122 -8.15 3.77 48.42
CA ASP J 122 -6.95 3.13 47.87
C ASP J 122 -7.16 1.62 47.72
N GLY J 123 -8.30 1.25 47.17
CA GLY J 123 -8.64 -0.14 46.98
C GLY J 123 -8.82 -0.52 45.52
N LYS J 124 -10.03 -0.93 45.14
CA LYS J 124 -10.32 -1.35 43.78
C LYS J 124 -11.16 -0.34 43.02
N LEU J 125 -11.42 0.83 43.59
CA LEU J 125 -12.10 1.88 42.85
C LEU J 125 -11.23 2.35 41.68
N ARG J 126 -11.87 2.66 40.56
CA ARG J 126 -11.12 3.08 39.38
C ARG J 126 -11.88 4.20 38.67
N VAL J 127 -11.17 5.27 38.34
CA VAL J 127 -11.75 6.44 37.69
C VAL J 127 -11.23 6.49 36.26
N ILE J 128 -12.14 6.54 35.30
CA ILE J 128 -11.81 6.59 33.89
C ILE J 128 -12.52 7.79 33.27
N HIS J 129 -11.78 8.60 32.53
CA HIS J 129 -12.36 9.73 31.80
C HIS J 129 -12.99 9.18 30.52
N CYS J 130 -14.27 8.84 30.60
CA CYS J 130 -14.96 8.19 29.49
C CYS J 130 -16.42 8.60 29.52
N ASP J 131 -16.96 8.93 28.34
CA ASP J 131 -18.37 9.24 28.17
C ASP J 131 -19.06 7.96 27.69
N PHE J 132 -19.76 7.30 28.60
CA PHE J 132 -20.40 6.03 28.27
C PHE J 132 -21.33 6.18 27.07
N PHE J 133 -22.01 7.32 26.96
CA PHE J 133 -22.96 7.54 25.88
C PHE J 133 -22.26 7.80 24.54
N LYS J 134 -20.93 7.83 24.52
CA LYS J 134 -20.17 8.03 23.29
C LYS J 134 -19.35 6.80 22.91
N LEU J 135 -19.54 5.68 23.61
CA LEU J 135 -18.78 4.47 23.32
C LEU J 135 -19.19 3.87 21.99
N ASP J 136 -18.19 3.43 21.22
CA ASP J 136 -18.43 2.76 19.95
C ASP J 136 -19.41 3.55 19.10
N PRO J 137 -19.01 4.71 18.59
CA PRO J 137 -19.95 5.51 17.78
C PRO J 137 -20.34 4.77 16.51
N ARG J 138 -21.62 4.81 16.18
CA ARG J 138 -22.12 4.14 15.00
C ARG J 138 -21.64 4.86 13.74
N SER J 139 -21.06 4.08 12.82
CA SER J 139 -20.46 4.65 11.61
C SER J 139 -19.45 5.74 11.96
N GLY J 140 -18.62 5.45 12.96
CA GLY J 140 -17.61 6.39 13.40
C GLY J 140 -16.20 5.87 13.25
N GLY J 141 -15.23 6.77 13.19
CA GLY J 141 -13.84 6.41 13.06
C GLY J 141 -13.08 6.23 14.35
N VAL J 142 -13.75 6.35 15.50
CA VAL J 142 -13.09 6.19 16.79
C VAL J 142 -11.96 7.20 16.90
N ILE J 143 -12.32 8.48 17.02
CA ILE J 143 -11.32 9.55 17.05
C ILE J 143 -11.74 10.62 18.06
N LYS J 144 -11.73 10.26 19.34
CA LYS J 144 -12.06 11.18 20.42
C LYS J 144 -11.62 10.58 21.75
N PRO J 145 -11.13 11.39 22.68
CA PRO J 145 -10.71 10.88 24.00
C PRO J 145 -11.90 10.38 24.81
N PRO J 146 -12.94 11.20 25.00
CA PRO J 146 -14.07 10.72 25.81
C PRO J 146 -14.76 9.51 25.21
N ALA J 147 -14.86 9.46 23.88
CA ALA J 147 -15.39 8.27 23.21
C ALA J 147 -14.33 7.19 23.16
N MET J 148 -14.74 5.95 23.35
CA MET J 148 -13.83 4.82 23.42
C MET J 148 -14.49 3.59 22.82
N SER J 149 -13.80 2.47 22.88
CA SER J 149 -14.30 1.19 22.42
C SER J 149 -14.56 0.30 23.63
N SER J 150 -15.78 -0.26 23.69
CA SER J 150 -16.13 -1.12 24.82
C SER J 150 -15.20 -2.33 24.91
N ARG J 151 -14.65 -2.77 23.77
CA ARG J 151 -13.69 -3.86 23.79
C ARG J 151 -12.43 -3.46 24.56
N GLY J 152 -11.90 -2.28 24.27
CA GLY J 152 -10.71 -1.83 24.97
C GLY J 152 -10.97 -1.52 26.43
N LEU J 153 -12.08 -0.83 26.72
CA LEU J 153 -12.40 -0.51 28.10
C LEU J 153 -12.60 -1.77 28.94
N PHE J 154 -13.48 -2.66 28.49
CA PHE J 154 -13.71 -3.89 29.23
C PHE J 154 -12.46 -4.75 29.30
N LYS J 155 -11.62 -4.72 28.26
CA LYS J 155 -10.35 -5.44 28.32
C LYS J 155 -9.45 -4.88 29.42
N ASN J 156 -9.40 -3.56 29.54
CA ASN J 156 -8.60 -2.95 30.61
C ASN J 156 -9.17 -3.27 31.98
N LEU J 157 -10.50 -3.26 32.12
CA LEU J 157 -11.14 -3.55 33.39
C LEU J 157 -11.18 -5.05 33.72
N GLY J 158 -10.70 -5.90 32.83
CA GLY J 158 -10.70 -7.33 33.12
C GLY J 158 -12.05 -7.99 33.06
N ILE J 159 -12.96 -7.47 32.24
CA ILE J 159 -14.30 -8.04 32.11
C ILE J 159 -14.31 -9.01 30.93
N GLU J 160 -14.77 -10.24 31.18
CA GLU J 160 -14.80 -11.28 30.17
C GLU J 160 -16.24 -11.51 29.72
N ALA J 161 -16.41 -11.74 28.42
CA ALA J 161 -17.73 -11.95 27.86
C ALA J 161 -18.31 -13.29 28.34
N VAL J 162 -19.63 -13.32 28.46
CA VAL J 162 -20.33 -14.54 28.88
C VAL J 162 -21.48 -14.78 27.91
N PRO J 163 -21.94 -16.02 27.80
CA PRO J 163 -23.05 -16.31 26.88
C PRO J 163 -24.30 -15.54 27.26
N TRP J 164 -25.13 -15.25 26.26
CA TRP J 164 -26.36 -14.51 26.52
C TRP J 164 -27.21 -15.19 27.58
N THR J 165 -27.23 -16.53 27.58
CA THR J 165 -28.02 -17.26 28.56
C THR J 165 -27.43 -17.17 29.95
N ALA J 166 -26.18 -16.75 30.08
CA ALA J 166 -25.56 -16.63 31.39
C ALA J 166 -26.17 -15.46 32.17
N ASP J 167 -25.84 -15.41 33.46
CA ASP J 167 -26.40 -14.39 34.33
C ASP J 167 -25.73 -13.04 34.07
N ILE J 168 -26.30 -12.00 34.69
CA ILE J 168 -25.80 -10.63 34.53
C ILE J 168 -24.35 -10.56 35.00
N PRO J 169 -23.41 -10.27 34.11
CA PRO J 169 -22.00 -10.21 34.52
C PRO J 169 -21.62 -8.89 35.17
N LEU J 170 -22.29 -7.81 34.78
CA LEU J 170 -21.93 -6.48 35.24
C LEU J 170 -23.19 -5.62 35.34
N LYS J 171 -23.08 -4.53 36.10
CA LYS J 171 -24.18 -3.59 36.28
C LYS J 171 -23.68 -2.17 36.06
N VAL J 172 -24.40 -1.42 35.24
CA VAL J 172 -24.11 -0.02 34.96
C VAL J 172 -25.28 0.82 35.46
N VAL J 173 -24.96 1.92 36.13
CA VAL J 173 -25.98 2.80 36.71
C VAL J 173 -25.63 4.25 36.41
N GLY J 174 -26.66 5.08 36.30
CA GLY J 174 -26.43 6.49 36.07
C GLY J 174 -27.72 7.21 35.76
N MET J 175 -27.59 8.34 35.07
CA MET J 175 -28.71 9.21 34.71
C MET J 175 -28.58 9.62 33.26
N PHE J 176 -29.67 9.46 32.50
CA PHE J 176 -29.67 9.89 31.11
C PHE J 176 -29.49 11.40 31.02
N PRO J 177 -28.90 11.89 29.92
CA PRO J 177 -28.83 13.35 29.73
C PRO J 177 -30.21 13.96 29.70
N SER J 178 -30.33 15.15 30.28
CA SER J 178 -31.64 15.78 30.42
C SER J 178 -32.30 16.02 29.06
N ARG J 179 -31.51 16.17 28.00
CA ARG J 179 -32.05 16.43 26.67
C ARG J 179 -31.50 15.47 25.63
N GLY J 180 -31.09 14.28 26.04
CA GLY J 180 -30.60 13.28 25.11
C GLY J 180 -31.15 11.90 25.40
N GLU J 181 -32.34 11.86 26.01
CA GLU J 181 -32.93 10.59 26.42
C GLU J 181 -33.25 9.71 25.21
N LYS J 182 -33.97 10.27 24.22
CA LYS J 182 -34.31 9.48 23.05
C LYS J 182 -33.07 9.00 22.31
N ARG J 183 -32.08 9.88 22.12
CA ARG J 183 -30.85 9.49 21.45
C ARG J 183 -30.18 8.33 22.19
N ALA J 184 -30.00 8.47 23.51
CA ALA J 184 -29.34 7.41 24.27
C ALA J 184 -30.13 6.10 24.19
N LEU J 185 -31.46 6.17 24.30
CA LEU J 185 -32.26 4.96 24.25
C LEU J 185 -32.15 4.27 22.89
N TRP J 186 -32.16 5.04 21.80
CA TRP J 186 -32.02 4.45 20.48
C TRP J 186 -30.65 3.82 20.30
N LYS J 187 -29.60 4.55 20.69
CA LYS J 187 -28.24 4.01 20.56
C LYS J 187 -28.11 2.70 21.33
N LEU J 188 -28.50 2.71 22.61
CA LEU J 188 -28.43 1.49 23.41
C LEU J 188 -29.28 0.38 22.81
N ALA J 189 -30.41 0.74 22.19
CA ALA J 189 -31.24 -0.27 21.53
C ALA J 189 -30.48 -0.92 20.38
N TYR J 190 -29.87 -0.10 19.53
CA TYR J 190 -29.04 -0.64 18.45
C TYR J 190 -27.98 -1.58 19.00
N ASP J 191 -27.26 -1.13 20.04
CA ASP J 191 -26.21 -1.98 20.60
C ASP J 191 -26.76 -3.30 21.10
N LEU J 192 -27.91 -3.26 21.80
CA LEU J 192 -28.46 -4.47 22.38
C LEU J 192 -28.92 -5.44 21.30
N TYR J 193 -29.79 -4.98 20.39
CA TYR J 193 -30.29 -5.87 19.34
C TYR J 193 -29.18 -6.35 18.43
N SER J 194 -28.10 -5.58 18.31
CA SER J 194 -26.96 -6.00 17.50
C SER J 194 -25.95 -6.83 18.28
N CYS J 195 -26.13 -6.96 19.59
CA CYS J 195 -25.18 -7.68 20.44
C CYS J 195 -23.76 -7.14 20.28
N THR J 196 -23.65 -5.81 20.23
CA THR J 196 -22.38 -5.13 20.08
C THR J 196 -22.14 -4.24 21.30
N SER J 197 -21.00 -3.54 21.30
CA SER J 197 -20.62 -2.70 22.42
C SER J 197 -20.62 -3.51 23.71
N ILE J 198 -21.12 -2.93 24.80
CA ILE J 198 -21.11 -3.62 26.08
C ILE J 198 -21.88 -4.92 25.97
N TYR J 199 -22.96 -4.94 25.19
CA TYR J 199 -23.78 -6.14 25.07
C TYR J 199 -23.08 -7.27 24.33
N LYS J 200 -21.87 -7.03 23.80
CA LYS J 200 -21.07 -8.13 23.30
C LYS J 200 -20.61 -9.05 24.42
N PHE J 201 -20.68 -8.59 25.68
CA PHE J 201 -20.20 -9.36 26.81
C PHE J 201 -21.31 -10.03 27.62
N GLY J 202 -22.57 -9.79 27.30
CA GLY J 202 -23.67 -10.44 27.96
C GLY J 202 -24.79 -9.47 28.24
N ARG J 203 -25.77 -9.95 29.02
CA ARG J 203 -26.97 -9.17 29.36
C ARG J 203 -26.63 -8.21 30.50
N ILE J 204 -26.09 -7.05 30.13
CA ILE J 204 -25.70 -6.06 31.12
C ILE J 204 -26.93 -5.42 31.72
N GLU J 205 -27.00 -5.40 33.05
CA GLU J 205 -28.11 -4.74 33.75
C GLU J 205 -27.83 -3.24 33.83
N VAL J 206 -28.78 -2.44 33.37
CA VAL J 206 -28.60 -0.99 33.26
C VAL J 206 -29.71 -0.28 34.03
N ASN J 207 -29.33 0.43 35.09
CA ASN J 207 -30.25 1.24 35.88
C ASN J 207 -29.95 2.70 35.62
N MET J 208 -30.95 3.43 35.13
CA MET J 208 -30.74 4.82 34.70
C MET J 208 -31.94 5.68 35.07
N PHE J 209 -31.66 6.91 35.50
CA PHE J 209 -32.71 7.90 35.71
C PHE J 209 -33.19 8.45 34.37
N ILE J 210 -34.50 8.63 34.25
CA ILE J 210 -35.12 9.11 33.02
C ILE J 210 -36.27 10.06 33.37
N GLY J 211 -36.55 10.98 32.46
CA GLY J 211 -37.65 11.90 32.67
C GLY J 211 -38.99 11.20 32.70
N GLU J 212 -39.98 11.90 33.27
CA GLU J 212 -41.30 11.31 33.44
C GLU J 212 -42.00 11.11 32.11
N LYS J 213 -41.91 12.08 31.20
CA LYS J 213 -42.57 11.96 29.91
C LYS J 213 -42.05 10.74 29.14
N GLU J 214 -40.73 10.67 28.94
CA GLU J 214 -40.17 9.53 28.22
C GLU J 214 -40.42 8.23 28.96
N PHE J 215 -40.54 8.28 30.28
CA PHE J 215 -40.90 7.09 31.04
C PHE J 215 -42.29 6.60 30.67
N GLN J 216 -43.27 7.51 30.69
CA GLN J 216 -44.64 7.12 30.36
C GLN J 216 -44.74 6.64 28.92
N LYS J 217 -44.10 7.34 27.98
CA LYS J 217 -44.12 6.89 26.60
C LYS J 217 -43.47 5.51 26.46
N LEU J 218 -42.37 5.28 27.18
CA LEU J 218 -41.69 4.00 27.09
C LEU J 218 -42.54 2.88 27.66
N MET J 219 -43.28 3.14 28.73
CA MET J 219 -44.09 2.14 29.40
C MET J 219 -45.51 2.05 28.85
N ALA J 220 -45.86 2.86 27.85
CA ALA J 220 -47.21 2.83 27.32
C ALA J 220 -47.44 1.55 26.53
N ASP J 221 -48.72 1.27 26.26
CA ASP J 221 -49.13 0.10 25.51
C ASP J 221 -50.55 0.31 24.99
N PRO J 222 -51.18 -0.70 24.39
CA PRO J 222 -52.58 -0.51 23.92
C PRO J 222 -53.51 0.04 25.00
N GLY J 223 -53.21 -0.23 26.27
CA GLY J 223 -54.02 0.36 27.33
C GLY J 223 -53.90 1.87 27.40
N ASN J 224 -52.79 2.41 26.92
CA ASN J 224 -52.58 3.86 26.83
C ASN J 224 -52.06 4.15 25.44
N PRO J 225 -52.93 4.15 24.43
CA PRO J 225 -52.46 4.20 23.04
C PRO J 225 -51.76 5.49 22.67
N ASP J 226 -52.08 6.62 23.33
CA ASP J 226 -51.55 7.90 22.89
C ASP J 226 -50.04 7.97 22.98
N LEU J 227 -49.44 7.19 23.89
CA LEU J 227 -47.99 7.21 24.08
C LEU J 227 -47.28 5.99 23.52
N TYR J 228 -48.02 4.99 23.03
CA TYR J 228 -47.42 3.77 22.51
C TYR J 228 -46.63 4.08 21.24
N HIS J 229 -45.38 3.66 21.18
CA HIS J 229 -44.55 3.94 20.01
C HIS J 229 -43.43 2.91 19.90
N VAL J 230 -42.58 3.14 18.89
CA VAL J 230 -41.58 2.15 18.49
C VAL J 230 -40.64 1.82 19.64
N LEU J 231 -40.12 2.84 20.32
CA LEU J 231 -39.23 2.58 21.43
C LEU J 231 -39.93 1.78 22.52
N SER J 232 -41.21 2.06 22.74
CA SER J 232 -41.99 1.26 23.70
C SER J 232 -41.97 -0.21 23.30
N VAL J 233 -42.30 -0.51 22.04
CA VAL J 233 -42.31 -1.91 21.60
C VAL J 233 -40.92 -2.52 21.75
N ILE J 234 -39.90 -1.84 21.22
CA ILE J 234 -38.55 -2.40 21.18
C ILE J 234 -38.07 -2.73 22.59
N TRP J 235 -38.20 -1.76 23.51
CA TRP J 235 -37.64 -1.96 24.84
C TRP J 235 -38.48 -2.92 25.67
N GLN J 236 -39.81 -2.86 25.54
CA GLN J 236 -40.66 -3.81 26.24
C GLN J 236 -40.41 -5.24 25.78
N LEU J 237 -40.02 -5.41 24.51
CA LEU J 237 -39.63 -6.73 24.03
C LEU J 237 -38.20 -7.09 24.44
N ALA J 238 -37.35 -6.08 24.65
CA ALA J 238 -35.93 -6.34 24.88
C ALA J 238 -35.63 -6.66 26.34
N CYS J 239 -36.19 -5.91 27.28
CA CYS J 239 -35.81 -6.03 28.68
C CYS J 239 -37.04 -6.07 29.56
N GLU J 240 -36.83 -6.60 30.77
CA GLU J 240 -37.84 -6.57 31.83
C GLU J 240 -37.56 -5.34 32.69
N ILE J 241 -38.33 -4.28 32.47
CA ILE J 241 -38.10 -2.99 33.10
C ILE J 241 -38.85 -2.94 34.42
N LYS J 242 -38.17 -2.45 35.47
CA LYS J 242 -38.82 -2.32 36.77
C LYS J 242 -38.41 -0.99 37.39
N VAL J 243 -39.37 -0.33 38.03
CA VAL J 243 -39.12 0.96 38.67
C VAL J 243 -38.44 0.72 40.00
N LEU J 244 -37.21 1.23 40.15
CA LEU J 244 -36.45 1.08 41.38
C LEU J 244 -36.51 2.30 42.29
N HIS J 245 -36.77 3.49 41.74
CA HIS J 245 -36.84 4.70 42.56
C HIS J 245 -37.42 5.83 41.72
N MET J 246 -38.09 6.76 42.39
CA MET J 246 -38.68 7.92 41.74
C MET J 246 -38.22 9.17 42.48
N GLU J 247 -37.51 10.04 41.76
CA GLU J 247 -36.96 11.27 42.34
C GLU J 247 -37.65 12.48 41.73
N PRO J 248 -38.40 13.26 42.52
CA PRO J 248 -39.07 14.48 42.01
C PRO J 248 -38.11 15.65 41.84
N LYS J 276 -40.03 15.28 37.66
CA LYS J 276 -39.92 13.95 38.25
C LYS J 276 -38.96 13.08 37.46
N LEU J 277 -38.08 12.36 38.18
CA LEU J 277 -37.13 11.44 37.58
C LEU J 277 -37.41 10.03 38.08
N TYR J 278 -37.41 9.08 37.15
CA TYR J 278 -37.67 7.68 37.46
C TYR J 278 -36.39 6.87 37.25
N LEU J 279 -35.95 6.18 38.29
CA LEU J 279 -34.82 5.26 38.17
C LEU J 279 -35.32 3.93 37.65
N ILE J 280 -35.05 3.65 36.37
CA ILE J 280 -35.57 2.46 35.71
C ILE J 280 -34.47 1.40 35.66
N GLN J 281 -34.86 0.15 35.93
CA GLN J 281 -33.97 -1.00 35.86
C GLN J 281 -34.30 -1.76 34.57
N MET J 282 -33.29 -1.94 33.73
CA MET J 282 -33.42 -2.60 32.43
C MET J 282 -32.50 -3.82 32.42
N ILE J 283 -33.12 -5.00 32.42
CA ILE J 283 -32.41 -6.27 32.35
C ILE J 283 -32.80 -6.96 31.05
N PRO J 284 -31.86 -7.27 30.17
CA PRO J 284 -32.24 -7.93 28.91
C PRO J 284 -32.90 -9.28 29.16
N ARG J 285 -33.95 -9.56 28.39
CA ARG J 285 -34.64 -10.83 28.52
C ARG J 285 -33.81 -11.96 27.90
N GLN J 286 -33.69 -13.08 28.62
CA GLN J 286 -32.98 -14.23 28.09
C GLN J 286 -33.60 -14.73 26.78
N ASN J 287 -34.92 -14.60 26.65
CA ASN J 287 -35.65 -15.13 25.51
C ASN J 287 -35.93 -14.06 24.45
N LEU J 288 -35.20 -12.95 24.47
CA LEU J 288 -35.41 -11.92 23.46
C LEU J 288 -35.14 -12.45 22.07
N PHE J 289 -33.99 -13.09 21.87
CA PHE J 289 -33.63 -13.62 20.56
C PHE J 289 -34.22 -15.01 20.38
N THR J 290 -34.72 -15.28 19.18
CA THR J 290 -35.32 -16.58 18.88
C THR J 290 -34.78 -17.13 17.56
N LYS J 291 -35.39 -18.21 17.09
CA LYS J 291 -34.98 -18.80 15.81
C LYS J 291 -35.24 -17.84 14.65
N ASN J 292 -36.27 -17.00 14.76
CA ASN J 292 -36.63 -16.09 13.68
C ASN J 292 -36.32 -14.63 13.98
N LEU J 293 -36.08 -14.28 15.24
CA LEU J 293 -35.61 -12.96 15.63
C LEU J 293 -34.19 -13.11 16.16
N THR J 294 -33.21 -12.72 15.36
CA THR J 294 -31.80 -12.92 15.65
C THR J 294 -31.05 -11.62 15.45
N PRO J 295 -29.80 -11.56 15.92
CA PRO J 295 -28.99 -10.35 15.69
C PRO J 295 -28.67 -10.13 14.23
N MET J 296 -29.09 -11.06 13.37
CA MET J 296 -28.81 -10.96 11.94
C MET J 296 -29.94 -10.29 11.17
N ASN J 297 -31.15 -10.25 11.71
CA ASN J 297 -32.29 -9.67 11.02
C ASN J 297 -33.03 -8.63 11.87
N TYR J 298 -32.46 -8.21 12.99
CA TYR J 298 -33.16 -7.25 13.85
C TYR J 298 -33.43 -5.95 13.10
N ASN J 299 -32.57 -5.59 12.16
CA ASN J 299 -32.79 -4.37 11.38
C ASN J 299 -34.12 -4.43 10.64
N ILE J 300 -34.46 -5.59 10.09
CA ILE J 300 -35.74 -5.73 9.39
C ILE J 300 -36.89 -5.50 10.37
N PHE J 301 -36.76 -5.99 11.60
CA PHE J 301 -37.80 -5.78 12.59
C PHE J 301 -37.93 -4.30 12.95
N PHE J 302 -36.81 -3.61 13.17
CA PHE J 302 -36.85 -2.17 13.41
C PHE J 302 -37.57 -1.46 12.25
N HIS J 303 -37.20 -1.81 11.03
CA HIS J 303 -37.87 -1.23 9.86
C HIS J 303 -39.37 -1.47 9.91
N LEU J 304 -39.78 -2.69 10.28
CA LEU J 304 -41.22 -2.97 10.38
C LEU J 304 -41.88 -2.09 11.42
N LEU J 305 -41.26 -1.93 12.58
CA LEU J 305 -41.85 -1.12 13.64
C LEU J 305 -41.99 0.33 13.20
N LYS J 306 -40.89 0.93 12.75
CA LYS J 306 -40.94 2.31 12.25
C LYS J 306 -41.99 2.46 11.16
N HIS J 307 -42.07 1.48 10.26
CA HIS J 307 -43.04 1.55 9.17
C HIS J 307 -44.46 1.58 9.70
N CYS J 308 -44.80 0.65 10.60
CA CYS J 308 -46.17 0.61 11.14
C CYS J 308 -46.49 1.88 11.90
N PHE J 309 -45.57 2.33 12.76
CA PHE J 309 -45.82 3.54 13.53
C PHE J 309 -45.73 4.82 12.70
N GLY J 310 -45.33 4.71 11.42
CA GLY J 310 -45.40 5.87 10.55
C GLY J 310 -46.82 6.36 10.34
N ARG J 311 -47.78 5.44 10.32
CA ARG J 311 -49.20 5.76 10.22
C ARG J 311 -49.91 4.89 11.27
N ARG J 312 -49.86 5.36 12.52
CA ARG J 312 -50.35 4.56 13.64
C ARG J 312 -51.85 4.31 13.58
N SER J 313 -52.60 5.18 12.89
CA SER J 313 -54.05 5.03 12.81
C SER J 313 -54.47 3.99 11.77
N ALA J 314 -53.59 3.63 10.84
CA ALA J 314 -53.95 2.73 9.77
C ALA J 314 -54.05 1.29 10.29
N THR J 315 -54.55 0.40 9.43
CA THR J 315 -54.69 -1.00 9.78
C THR J 315 -53.38 -1.74 9.59
N VAL J 316 -53.23 -2.83 10.33
CA VAL J 316 -52.00 -3.63 10.25
C VAL J 316 -51.85 -4.23 8.86
N ILE J 317 -52.96 -4.68 8.26
CA ILE J 317 -52.88 -5.30 6.94
C ILE J 317 -52.40 -4.30 5.91
N ASP J 318 -52.80 -3.03 6.05
CA ASP J 318 -52.34 -2.01 5.13
C ASP J 318 -50.82 -1.92 5.10
N HIS J 319 -50.19 -1.90 6.29
CA HIS J 319 -48.74 -1.87 6.35
C HIS J 319 -48.14 -3.17 5.84
N LEU J 320 -48.73 -4.31 6.21
CA LEU J 320 -48.19 -5.60 5.78
C LEU J 320 -48.15 -5.70 4.26
N ARG J 321 -49.16 -5.18 3.57
CA ARG J 321 -49.18 -5.21 2.12
C ARG J 321 -48.02 -4.46 1.50
N SER J 322 -47.36 -3.58 2.27
CA SER J 322 -46.21 -2.83 1.79
C SER J 322 -44.90 -3.35 2.37
N LEU J 323 -44.94 -4.45 3.12
CA LEU J 323 -43.75 -4.98 3.78
C LEU J 323 -43.36 -6.38 3.33
N THR J 324 -44.31 -7.19 2.88
CA THR J 324 -44.02 -8.57 2.52
C THR J 324 -44.86 -8.98 1.32
N PRO J 325 -44.35 -9.87 0.47
CA PRO J 325 -45.17 -10.41 -0.63
C PRO J 325 -46.17 -11.46 -0.19
N LEU J 326 -46.08 -11.95 1.04
CA LEU J 326 -47.00 -12.97 1.52
C LEU J 326 -48.40 -12.38 1.67
N ASP J 327 -49.39 -13.27 1.79
CA ASP J 327 -50.77 -12.86 1.99
C ASP J 327 -50.92 -12.20 3.35
N ALA J 328 -51.15 -10.88 3.35
CA ALA J 328 -51.24 -10.16 4.61
C ALA J 328 -52.38 -10.67 5.48
N ARG J 329 -53.57 -10.85 4.88
CA ARG J 329 -54.68 -11.44 5.61
C ARG J 329 -54.29 -12.80 6.18
N ASP J 330 -53.57 -13.60 5.38
CA ASP J 330 -53.14 -14.91 5.85
C ASP J 330 -52.27 -14.78 7.10
N ILE J 331 -51.33 -13.83 7.09
CA ILE J 331 -50.46 -13.64 8.25
C ILE J 331 -51.27 -13.20 9.47
N LEU J 332 -52.04 -12.12 9.31
CA LEU J 332 -52.86 -11.63 10.42
C LEU J 332 -53.69 -12.75 11.01
N MET J 333 -54.24 -13.62 10.17
CA MET J 333 -54.94 -14.80 10.67
C MET J 333 -53.98 -15.72 11.41
N GLN J 334 -52.74 -15.83 10.93
CA GLN J 334 -51.75 -16.67 11.61
C GLN J 334 -51.53 -16.20 13.04
N ILE J 335 -51.52 -14.88 13.25
CA ILE J 335 -51.27 -14.33 14.59
C ILE J 335 -52.59 -14.11 15.32
N GLY J 336 -53.68 -14.62 14.76
CA GLY J 336 -54.96 -14.53 15.44
C GLY J 336 -55.55 -13.14 15.50
N LYS J 337 -55.22 -12.29 14.52
CA LYS J 337 -55.74 -10.93 14.47
C LYS J 337 -56.67 -10.78 13.27
N GLN J 338 -57.67 -9.91 13.43
CA GLN J 338 -58.62 -9.66 12.36
C GLN J 338 -58.02 -8.68 11.35
N GLU J 339 -58.67 -8.61 10.18
CA GLU J 339 -58.19 -7.73 9.12
C GLU J 339 -58.22 -6.27 9.56
N ASP J 340 -59.20 -5.89 10.38
CA ASP J 340 -59.35 -4.52 10.83
C ASP J 340 -58.45 -4.17 12.01
N GLU J 341 -57.53 -5.06 12.38
CA GLU J 341 -56.63 -4.79 13.50
C GLU J 341 -55.81 -3.54 13.21
N LYS J 342 -55.75 -2.65 14.21
CA LYS J 342 -55.01 -1.41 14.08
C LYS J 342 -53.61 -1.55 14.67
N VAL J 343 -52.69 -0.72 14.17
CA VAL J 343 -51.30 -0.78 14.63
C VAL J 343 -51.23 -0.52 16.12
N VAL J 344 -51.89 0.54 16.59
CA VAL J 344 -51.84 0.89 18.01
C VAL J 344 -52.46 -0.20 18.87
N ASN J 345 -53.24 -1.10 18.28
CA ASN J 345 -53.84 -2.20 19.02
C ASN J 345 -52.94 -3.43 19.10
N MET J 346 -51.79 -3.41 18.43
CA MET J 346 -50.89 -4.54 18.44
C MET J 346 -49.98 -4.48 19.67
N HIS J 347 -49.91 -5.57 20.42
CA HIS J 347 -49.02 -5.65 21.56
C HIS J 347 -47.59 -5.90 21.10
N PRO J 348 -46.59 -5.55 21.91
CA PRO J 348 -45.20 -5.82 21.53
C PRO J 348 -44.97 -7.27 21.14
N GLN J 349 -45.45 -8.21 21.95
CA GLN J 349 -45.33 -9.62 21.58
C GLN J 349 -46.12 -9.93 20.32
N ASP J 350 -47.17 -9.16 20.04
CA ASP J 350 -47.87 -9.32 18.77
C ASP J 350 -46.97 -8.95 17.60
N PHE J 351 -46.21 -7.85 17.73
CA PHE J 351 -45.26 -7.50 16.70
C PHE J 351 -44.17 -8.57 16.57
N LYS J 352 -43.64 -9.04 17.70
CA LYS J 352 -42.60 -10.06 17.64
C LYS J 352 -43.08 -11.32 16.95
N THR J 353 -44.26 -11.82 17.36
CA THR J 353 -44.82 -13.01 16.73
C THR J 353 -45.15 -12.77 15.26
N LEU J 354 -45.51 -11.53 14.91
CA LEU J 354 -45.73 -11.20 13.50
C LEU J 354 -44.44 -11.34 12.71
N PHE J 355 -43.37 -10.67 13.15
CA PHE J 355 -42.09 -10.74 12.46
C PHE J 355 -41.60 -12.19 12.36
N GLU J 356 -41.61 -12.90 13.49
CA GLU J 356 -41.16 -14.29 13.48
C GLU J 356 -42.01 -15.14 12.56
N THR J 357 -43.32 -14.88 12.51
CA THR J 357 -44.20 -15.63 11.62
C THR J 357 -43.86 -15.39 10.16
N ILE J 358 -43.57 -14.14 9.80
CA ILE J 358 -43.19 -13.84 8.42
C ILE J 358 -41.84 -14.49 8.09
N GLU J 359 -40.89 -14.40 9.02
CA GLU J 359 -39.60 -15.05 8.81
C GLU J 359 -39.74 -16.56 8.67
N ARG J 360 -40.76 -17.16 9.28
CA ARG J 360 -40.91 -18.61 9.25
C ARG J 360 -41.30 -19.14 7.86
N SER J 361 -41.90 -18.30 7.02
CA SER J 361 -42.35 -18.77 5.70
C SER J 361 -41.25 -19.55 5.00
N LYS J 362 -41.63 -20.66 4.38
CA LYS J 362 -40.68 -21.62 3.84
C LYS J 362 -40.52 -21.53 2.33
N ASP J 363 -41.63 -21.53 1.59
CA ASP J 363 -41.58 -21.66 0.13
C ASP J 363 -41.70 -20.29 -0.53
N CYS J 364 -40.62 -19.51 -0.38
CA CYS J 364 -40.52 -18.22 -1.02
C CYS J 364 -39.05 -17.86 -1.18
N ALA J 365 -38.70 -17.31 -2.34
CA ALA J 365 -37.33 -16.89 -2.58
C ALA J 365 -36.90 -15.77 -1.64
N TYR J 366 -37.86 -15.03 -1.09
CA TYR J 366 -37.56 -13.92 -0.20
C TYR J 366 -38.80 -13.60 0.61
N LYS J 367 -38.59 -13.00 1.78
CA LYS J 367 -39.65 -12.74 2.74
C LYS J 367 -39.89 -11.26 2.98
N TRP J 368 -38.87 -10.42 2.82
CA TRP J 368 -38.97 -9.00 3.10
C TRP J 368 -38.58 -8.21 1.85
N LEU J 369 -38.96 -6.93 1.83
CA LEU J 369 -38.64 -6.07 0.71
C LEU J 369 -37.68 -4.96 1.12
N TYR J 370 -36.92 -5.16 2.19
CA TYR J 370 -36.00 -4.14 2.69
C TYR J 370 -34.59 -4.37 2.16
N ASP J 371 -33.59 -4.02 2.96
CA ASP J 371 -32.17 -4.13 2.65
C ASP J 371 -31.70 -3.05 1.69
N GLU J 372 -32.48 -1.98 1.50
CA GLU J 372 -32.09 -0.91 0.61
C GLU J 372 -31.11 0.03 1.31
N THR J 373 -30.21 0.62 0.52
CA THR J 373 -29.22 1.54 1.05
C THR J 373 -29.79 2.96 1.13
#